data_9JDT
#
_entry.id   9JDT
#
_cell.length_a   65.317
_cell.length_b   121.768
_cell.length_c   276.149
_cell.angle_alpha   90
_cell.angle_beta   93.4
_cell.angle_gamma   90
#
_symmetry.space_group_name_H-M   'P 1 21 1'
#
loop_
_entity.id
_entity.type
_entity.pdbx_description
1 polymer 'Short-chain dehydrogenase/reductase SDR'
2 water water
#
_entity_poly.entity_id   1
_entity_poly.type   'polypeptide(L)'
_entity_poly.pdbx_seq_one_letter_code
;MHHHHHHMTIALNNVVAVVTGAAGGIGRELVKAMKAANAIVIATDMAPSADVEGADHYLQHDVTSEAGWKAVAALAQEKY
GRVDALVHNAGISIVTKFEDTPLSDFHRVNTVNVDSIIIGTQVLLPLLKEGGKARAGGASVVNFSSVAGLRGAAFNAAYC
TSKAAVKMLSKCLGAEFAALGYNIRVNSVHPGGIDTPMLGSLMDKYVELGAAPSREVAQAAMEMRHPIGRMGRPAEMGGG
VVYLCSDAASFVTCTEFVMDGGFSQV
;
_entity_poly.pdbx_strand_id   A,B,C,D,E,F,G,H,I,J,K,L,M,N,O,P
#
# COMPACT_ATOMS: atom_id res chain seq x y z
N ALA A 11 -0.79 -18.69 32.96
CA ALA A 11 0.13 -17.94 33.85
C ALA A 11 -0.61 -16.80 34.56
N LEU A 12 -0.58 -16.87 35.89
CA LEU A 12 -1.12 -15.84 36.74
C LEU A 12 -0.21 -15.70 37.95
N ASN A 13 0.81 -14.83 37.81
CA ASN A 13 1.78 -14.58 38.87
C ASN A 13 1.62 -13.17 39.38
N ASN A 14 1.49 -13.00 40.69
CA ASN A 14 1.47 -11.67 41.29
C ASN A 14 0.09 -11.03 41.08
N VAL A 15 -0.82 -11.70 40.33
CA VAL A 15 -2.00 -11.03 39.82
C VAL A 15 -3.05 -11.03 40.92
N VAL A 16 -3.25 -9.83 41.48
CA VAL A 16 -4.35 -9.58 42.39
C VAL A 16 -5.62 -9.39 41.55
N ALA A 17 -6.63 -10.21 41.82
CA ALA A 17 -7.84 -10.26 41.05
C ALA A 17 -9.08 -10.07 41.90
N VAL A 18 -10.13 -9.55 41.26
CA VAL A 18 -11.47 -9.42 41.85
C VAL A 18 -12.52 -10.15 41.01
N VAL A 19 -13.04 -11.27 41.51
CA VAL A 19 -14.07 -12.06 40.81
C VAL A 19 -15.41 -11.91 41.53
N THR A 20 -16.42 -11.48 40.77
CA THR A 20 -17.78 -11.39 41.29
C THR A 20 -18.52 -12.69 41.03
N GLY A 21 -19.70 -12.79 41.60
CA GLY A 21 -20.57 -13.96 41.47
C GLY A 21 -19.88 -15.26 41.85
N ALA A 22 -18.95 -15.22 42.77
CA ALA A 22 -18.02 -16.31 43.05
C ALA A 22 -18.74 -17.59 43.49
N ALA A 23 -19.78 -17.39 44.34
CA ALA A 23 -20.54 -18.54 44.86
C ALA A 23 -21.55 -19.01 43.85
N GLY A 24 -21.60 -18.34 42.68
CA GLY A 24 -22.28 -18.91 41.49
C GLY A 24 -21.55 -20.14 40.96
N GLY A 25 -22.07 -20.73 39.88
CA GLY A 25 -21.47 -21.95 39.31
C GLY A 25 -20.17 -21.65 38.60
N ILE A 26 -20.28 -20.95 37.47
CA ILE A 26 -19.20 -20.26 36.76
C ILE A 26 -18.40 -19.34 37.74
N GLY A 27 -18.99 -19.07 38.89
CA GLY A 27 -18.36 -18.29 39.93
C GLY A 27 -17.32 -19.17 40.63
N ARG A 28 -17.79 -20.32 41.16
CA ARG A 28 -16.91 -21.23 41.87
C ARG A 28 -15.67 -21.53 40.98
N GLU A 29 -15.99 -21.99 39.77
CA GLU A 29 -15.00 -22.54 38.85
C GLU A 29 -13.90 -21.58 38.38
N LEU A 30 -14.30 -20.34 38.07
CA LEU A 30 -13.32 -19.33 37.71
C LEU A 30 -12.27 -19.23 38.80
N VAL A 31 -12.75 -19.12 40.03
CA VAL A 31 -11.81 -19.00 41.17
C VAL A 31 -10.84 -20.19 41.18
N LYS A 32 -11.39 -21.40 41.05
CA LYS A 32 -10.62 -22.63 41.13
C LYS A 32 -9.45 -22.60 40.16
N ALA A 33 -9.75 -22.25 38.94
CA ALA A 33 -8.75 -22.31 37.85
C ALA A 33 -7.74 -21.15 38.01
N MET A 34 -8.22 -20.00 38.53
CA MET A 34 -7.34 -18.86 38.68
C MET A 34 -6.35 -19.14 39.79
N LYS A 35 -6.83 -19.76 40.87
CA LYS A 35 -5.99 -20.26 41.97
C LYS A 35 -5.14 -21.42 41.48
N ALA A 36 -5.66 -22.18 40.53
CA ALA A 36 -4.94 -23.30 39.94
C ALA A 36 -3.83 -22.77 39.06
N ALA A 37 -3.95 -21.56 38.57
CA ALA A 37 -2.83 -20.84 37.93
C ALA A 37 -2.07 -20.07 38.99
N ASN A 38 -2.70 -19.81 40.13
CA ASN A 38 -2.05 -19.37 41.38
C ASN A 38 -1.90 -17.90 41.32
N ALA A 39 -3.00 -17.19 41.01
CA ALA A 39 -3.12 -15.73 41.18
C ALA A 39 -4.09 -15.38 42.31
N ILE A 40 -3.80 -14.31 43.05
CA ILE A 40 -4.53 -14.01 44.29
C ILE A 40 -5.95 -13.53 43.91
N VAL A 41 -6.86 -14.44 44.08
CA VAL A 41 -8.26 -14.19 43.84
C VAL A 41 -8.71 -13.30 44.98
N ILE A 42 -9.69 -12.40 44.72
CA ILE A 42 -10.47 -11.78 45.75
C ILE A 42 -11.91 -11.98 45.33
N ALA A 43 -12.40 -13.19 45.48
CA ALA A 43 -13.74 -13.58 45.00
C ALA A 43 -14.84 -12.85 45.80
N THR A 44 -15.89 -12.40 45.08
CA THR A 44 -16.94 -11.57 45.67
C THR A 44 -18.32 -12.04 45.20
N ASP A 45 -19.31 -11.95 46.07
CA ASP A 45 -20.70 -12.26 45.75
C ASP A 45 -21.66 -11.62 46.77
N MET A 46 -22.96 -11.62 46.40
CA MET A 46 -24.04 -11.14 47.24
C MET A 46 -24.34 -12.05 48.45
N ALA A 47 -23.76 -13.29 48.36
CA ALA A 47 -23.83 -14.23 49.46
C ALA A 47 -23.23 -13.61 50.72
N PRO A 48 -23.98 -13.57 51.85
CA PRO A 48 -23.48 -13.17 53.16
C PRO A 48 -22.17 -13.82 53.63
N SER A 49 -21.91 -15.10 53.25
CA SER A 49 -20.56 -15.68 53.29
C SER A 49 -20.54 -16.89 52.36
N ALA A 50 -19.36 -17.17 51.73
CA ALA A 50 -19.32 -18.14 50.64
C ALA A 50 -18.14 -19.11 50.71
N ASP A 51 -18.48 -20.41 50.63
CA ASP A 51 -17.53 -21.53 50.61
C ASP A 51 -16.92 -21.75 49.21
N VAL A 52 -15.81 -21.01 48.92
CA VAL A 52 -15.34 -20.97 47.54
C VAL A 52 -13.90 -21.43 47.52
N GLU A 53 -13.65 -22.52 46.86
CA GLU A 53 -12.36 -23.18 46.85
C GLU A 53 -11.29 -22.19 46.46
N GLY A 54 -10.39 -21.91 47.45
CA GLY A 54 -9.13 -21.22 47.23
C GLY A 54 -9.22 -19.71 47.49
N ALA A 55 -10.20 -19.08 46.87
CA ALA A 55 -10.54 -17.68 46.98
C ALA A 55 -9.97 -17.05 48.21
N ASP A 56 -8.84 -16.36 47.97
CA ASP A 56 -8.05 -15.90 49.13
C ASP A 56 -8.85 -14.98 50.03
N HIS A 57 -9.93 -14.40 49.49
CA HIS A 57 -10.75 -13.43 50.17
C HIS A 57 -12.22 -13.77 49.96
N TYR A 58 -13.14 -13.30 50.79
CA TYR A 58 -14.57 -13.28 50.47
C TYR A 58 -15.31 -12.09 51.13
N LEU A 59 -16.19 -11.43 50.38
CA LEU A 59 -16.89 -10.23 50.83
C LEU A 59 -18.34 -10.28 50.31
N GLN A 60 -19.32 -10.13 51.19
CA GLN A 60 -20.68 -9.81 50.80
C GLN A 60 -20.55 -8.52 50.02
N HIS A 61 -20.86 -8.58 48.72
CA HIS A 61 -20.70 -7.45 47.83
C HIS A 61 -21.90 -7.33 46.90
N ASP A 62 -22.74 -6.29 47.09
CA ASP A 62 -23.80 -6.04 46.13
C ASP A 62 -23.13 -5.27 44.99
N VAL A 63 -23.20 -5.85 43.76
CA VAL A 63 -22.37 -5.45 42.65
C VAL A 63 -22.99 -4.25 41.94
N THR A 64 -24.28 -3.93 42.18
CA THR A 64 -24.87 -2.67 41.75
C THR A 64 -24.46 -1.52 42.68
N SER A 65 -24.17 -1.88 43.94
CA SER A 65 -23.90 -0.95 45.01
C SER A 65 -22.47 -0.38 44.92
N GLU A 66 -22.41 0.95 45.04
CA GLU A 66 -21.12 1.64 45.08
C GLU A 66 -20.43 1.27 46.40
N ALA A 67 -21.17 1.54 47.50
CA ALA A 67 -20.78 1.10 48.83
C ALA A 67 -20.18 -0.29 48.79
N GLY A 68 -20.63 -1.08 47.80
CA GLY A 68 -20.09 -2.39 47.56
C GLY A 68 -18.62 -2.22 47.19
N TRP A 69 -18.38 -1.73 45.98
CA TRP A 69 -17.07 -1.74 45.33
C TRP A 69 -16.02 -0.96 46.12
N LYS A 70 -16.50 0.11 46.76
CA LYS A 70 -15.83 0.69 47.94
C LYS A 70 -15.12 -0.39 48.75
N ALA A 71 -15.89 -1.20 49.47
CA ALA A 71 -15.45 -2.26 50.36
C ALA A 71 -14.57 -3.27 49.66
N VAL A 72 -14.89 -3.58 48.37
CA VAL A 72 -14.02 -4.41 47.57
C VAL A 72 -12.67 -3.71 47.68
N ALA A 73 -12.65 -2.43 47.28
CA ALA A 73 -11.43 -1.69 47.03
C ALA A 73 -10.60 -1.53 48.29
N ALA A 74 -11.26 -1.35 49.44
CA ALA A 74 -10.62 -1.23 50.73
C ALA A 74 -9.56 -2.30 50.84
N LEU A 75 -10.01 -3.56 50.83
CA LEU A 75 -9.13 -4.74 50.84
C LEU A 75 -8.07 -4.66 49.76
N ALA A 76 -8.48 -4.58 48.50
CA ALA A 76 -7.58 -4.63 47.34
C ALA A 76 -6.47 -3.56 47.39
N GLN A 77 -6.79 -2.42 48.00
CA GLN A 77 -5.79 -1.41 48.38
C GLN A 77 -4.96 -1.92 49.56
N GLU A 78 -5.63 -2.06 50.71
CA GLU A 78 -4.98 -2.41 51.97
C GLU A 78 -4.21 -3.71 51.77
N LYS A 79 -4.85 -4.70 51.15
CA LYS A 79 -4.32 -6.05 51.07
C LYS A 79 -3.37 -6.17 49.88
N TYR A 80 -3.44 -5.32 48.86
CA TYR A 80 -2.55 -5.43 47.70
C TYR A 80 -2.33 -4.12 47.00
N GLY A 81 -3.21 -3.12 47.23
CA GLY A 81 -2.96 -1.76 46.75
C GLY A 81 -2.91 -1.71 45.23
N ARG A 82 -3.81 -2.53 44.61
CA ARG A 82 -3.82 -2.74 43.16
C ARG A 82 -4.89 -3.80 42.88
N VAL A 83 -5.37 -3.81 41.66
CA VAL A 83 -6.11 -4.92 41.09
C VAL A 83 -5.50 -5.24 39.73
N ASP A 84 -5.26 -6.53 39.47
CA ASP A 84 -4.57 -6.97 38.27
C ASP A 84 -5.52 -7.64 37.29
N ALA A 85 -6.68 -8.08 37.77
CA ALA A 85 -7.67 -8.75 36.97
C ALA A 85 -9.07 -8.59 37.50
N LEU A 86 -9.80 -7.61 37.04
CA LEU A 86 -11.19 -7.35 37.40
C LEU A 86 -12.11 -8.30 36.65
N VAL A 87 -12.98 -9.02 37.42
CA VAL A 87 -13.80 -10.07 36.82
C VAL A 87 -15.27 -9.86 37.17
N HIS A 88 -15.99 -9.15 36.29
CA HIS A 88 -17.41 -9.02 36.41
C HIS A 88 -18.03 -10.29 35.83
N ASN A 89 -18.43 -11.19 36.71
CA ASN A 89 -19.17 -12.39 36.34
C ASN A 89 -20.64 -12.29 36.80
N ALA A 90 -20.92 -11.25 37.57
CA ALA A 90 -22.18 -11.08 38.28
C ALA A 90 -23.30 -10.82 37.31
N GLY A 91 -24.23 -11.77 37.23
CA GLY A 91 -25.26 -11.78 36.18
C GLY A 91 -26.62 -12.21 36.70
N ILE A 92 -27.66 -11.66 36.07
CA ILE A 92 -29.04 -12.12 36.27
C ILE A 92 -29.59 -12.36 34.87
N SER A 93 -30.70 -13.11 34.74
CA SER A 93 -31.31 -13.29 33.41
C SER A 93 -32.84 -13.23 33.41
N ILE A 94 -33.46 -12.45 32.55
CA ILE A 94 -34.91 -12.22 32.61
C ILE A 94 -35.61 -12.62 31.28
N VAL A 95 -36.58 -13.52 31.48
CA VAL A 95 -37.13 -14.27 30.35
C VAL A 95 -38.62 -13.98 30.25
N THR A 96 -39.09 -13.28 29.26
CA THR A 96 -40.34 -12.54 29.30
C THR A 96 -40.63 -11.89 27.96
N LYS A 97 -41.96 -11.79 27.66
CA LYS A 97 -42.42 -11.12 26.44
C LYS A 97 -42.33 -9.61 26.62
N PHE A 98 -41.61 -8.98 25.64
CA PHE A 98 -41.41 -7.56 25.59
C PHE A 98 -42.69 -6.79 25.88
N GLU A 99 -43.79 -7.25 25.29
CA GLU A 99 -45.11 -6.61 25.42
C GLU A 99 -45.57 -6.61 26.89
N ASP A 100 -45.10 -7.60 27.66
CA ASP A 100 -45.52 -7.76 29.04
C ASP A 100 -44.42 -7.30 30.00
N THR A 101 -43.15 -7.24 29.49
CA THR A 101 -41.99 -6.89 30.30
C THR A 101 -42.13 -5.44 30.78
N PRO A 102 -42.25 -5.22 32.11
CA PRO A 102 -42.39 -3.87 32.66
C PRO A 102 -41.18 -3.08 32.26
N LEU A 103 -41.30 -1.74 32.30
CA LEU A 103 -40.13 -0.95 31.94
C LEU A 103 -38.98 -1.22 32.95
N SER A 104 -39.36 -1.36 34.23
CA SER A 104 -38.36 -1.47 35.29
C SER A 104 -37.64 -2.80 35.21
N ASP A 105 -38.30 -3.84 34.68
CA ASP A 105 -37.68 -5.15 34.55
C ASP A 105 -36.44 -5.09 33.65
N PHE A 106 -36.62 -4.41 32.54
CA PHE A 106 -35.49 -4.00 31.67
C PHE A 106 -34.39 -3.37 32.53
N HIS A 107 -34.80 -2.38 33.35
CA HIS A 107 -33.89 -1.51 34.08
C HIS A 107 -33.25 -2.30 35.22
N ARG A 108 -33.96 -3.25 35.84
CA ARG A 108 -33.37 -4.03 36.91
C ARG A 108 -32.19 -4.86 36.35
N VAL A 109 -32.38 -5.41 35.13
CA VAL A 109 -31.38 -6.21 34.48
C VAL A 109 -30.19 -5.34 34.19
N ASN A 110 -30.32 -4.37 33.26
CA ASN A 110 -29.18 -3.58 32.82
C ASN A 110 -28.43 -3.18 34.07
N THR A 111 -29.16 -2.75 35.14
CA THR A 111 -28.53 -2.20 36.34
C THR A 111 -27.46 -3.15 36.91
N VAL A 112 -27.85 -4.43 37.02
CA VAL A 112 -27.07 -5.48 37.66
C VAL A 112 -25.96 -6.00 36.75
N ASN A 113 -26.10 -5.88 35.43
CA ASN A 113 -25.20 -6.56 34.49
C ASN A 113 -24.36 -5.53 33.75
N VAL A 114 -24.81 -4.26 33.67
CA VAL A 114 -24.06 -3.15 33.05
C VAL A 114 -23.63 -2.14 34.14
N ASP A 115 -24.60 -1.62 34.91
CA ASP A 115 -24.30 -0.68 35.96
C ASP A 115 -23.39 -1.34 37.01
N SER A 116 -23.77 -2.56 37.41
CA SER A 116 -22.89 -3.40 38.23
C SER A 116 -21.44 -3.21 37.82
N ILE A 117 -21.21 -3.36 36.51
CA ILE A 117 -19.87 -3.39 35.92
C ILE A 117 -19.25 -1.97 35.92
N ILE A 118 -20.13 -0.96 35.68
CA ILE A 118 -19.71 0.38 35.44
C ILE A 118 -19.04 0.93 36.69
N ILE A 119 -19.73 0.80 37.84
CA ILE A 119 -19.35 1.42 39.10
C ILE A 119 -17.97 1.05 39.58
N GLY A 120 -17.60 -0.20 39.45
CA GLY A 120 -16.32 -0.72 39.90
C GLY A 120 -15.12 -0.50 38.94
N THR A 121 -15.36 -0.55 37.61
CA THR A 121 -14.36 -0.06 36.69
C THR A 121 -14.21 1.46 36.90
N GLN A 122 -14.95 2.05 37.87
CA GLN A 122 -14.80 3.42 38.28
C GLN A 122 -14.19 3.54 39.68
N VAL A 123 -14.59 2.65 40.63
CA VAL A 123 -14.03 2.62 41.97
C VAL A 123 -12.69 1.86 41.96
N LEU A 124 -12.63 0.70 41.26
CA LEU A 124 -11.43 -0.10 41.26
C LEU A 124 -10.44 0.39 40.18
N LEU A 125 -10.92 1.34 39.34
CA LEU A 125 -10.10 2.01 38.31
C LEU A 125 -8.76 2.53 38.85
N PRO A 126 -8.73 3.19 40.05
CA PRO A 126 -7.48 3.50 40.73
C PRO A 126 -6.60 2.28 40.86
N LEU A 127 -7.18 1.18 41.37
CA LEU A 127 -6.40 0.00 41.72
C LEU A 127 -6.09 -0.78 40.45
N LEU A 128 -6.60 -0.28 39.28
CA LEU A 128 -6.35 -0.86 37.97
C LEU A 128 -5.22 -0.14 37.21
N LYS A 129 -5.01 1.13 37.53
CA LYS A 129 -3.98 1.96 36.94
C LYS A 129 -2.57 1.50 37.32
N GLU A 130 -2.47 0.87 38.51
CA GLU A 130 -1.30 0.16 39.00
C GLU A 130 -1.10 -1.16 38.26
N GLY A 131 -2.19 -1.78 37.82
CA GLY A 131 -2.16 -2.88 36.87
C GLY A 131 -1.48 -2.45 35.58
N GLY A 132 -1.80 -1.20 35.17
CA GLY A 132 -1.05 -0.49 34.14
C GLY A 132 0.45 -0.47 34.44
N LYS A 133 0.86 -0.85 35.65
CA LYS A 133 2.23 -0.62 36.12
C LYS A 133 2.84 -1.93 36.59
N ALA A 134 2.07 -2.76 37.28
CA ALA A 134 2.59 -3.96 37.90
C ALA A 134 2.84 -5.08 36.89
N ARG A 135 2.07 -5.13 35.79
CA ARG A 135 2.39 -5.95 34.64
C ARG A 135 2.30 -5.08 33.41
N ALA A 136 3.37 -4.95 32.64
CA ALA A 136 3.30 -4.42 31.28
C ALA A 136 2.08 -5.01 30.53
N GLY A 137 1.76 -6.28 30.76
CA GLY A 137 0.70 -6.94 30.01
C GLY A 137 -0.67 -6.51 30.49
N GLY A 138 -0.73 -5.26 31.03
CA GLY A 138 -2.00 -4.60 31.34
C GLY A 138 -2.77 -5.28 32.44
N ALA A 139 -3.83 -4.62 32.88
CA ALA A 139 -4.76 -5.18 33.87
C ALA A 139 -5.94 -5.73 33.11
N SER A 140 -6.41 -6.92 33.52
CA SER A 140 -7.26 -7.72 32.64
C SER A 140 -8.76 -7.59 32.99
N VAL A 141 -9.44 -6.67 32.31
CA VAL A 141 -10.88 -6.54 32.55
C VAL A 141 -11.58 -7.67 31.77
N VAL A 142 -12.49 -8.38 32.48
CA VAL A 142 -13.09 -9.61 31.97
C VAL A 142 -14.62 -9.53 32.04
N ASN A 143 -15.23 -8.83 31.07
CA ASN A 143 -16.65 -8.57 31.07
C ASN A 143 -17.39 -9.77 30.49
N PHE A 144 -18.24 -10.41 31.31
CA PHE A 144 -18.95 -11.59 30.87
C PHE A 144 -20.23 -11.17 30.15
N SER A 145 -20.17 -11.07 28.84
CA SER A 145 -21.37 -10.98 28.02
C SER A 145 -22.02 -12.35 27.88
N SER A 146 -22.50 -12.68 26.68
CA SER A 146 -23.12 -13.96 26.35
C SER A 146 -23.50 -13.98 24.89
N VAL A 147 -24.01 -15.11 24.40
CA VAL A 147 -24.50 -15.17 23.01
C VAL A 147 -25.74 -14.28 22.91
N ALA A 148 -26.40 -14.01 24.03
CA ALA A 148 -27.41 -12.96 24.09
C ALA A 148 -26.76 -11.61 23.70
N GLY A 149 -25.52 -11.41 24.14
CA GLY A 149 -24.77 -10.25 23.72
C GLY A 149 -24.35 -10.32 22.25
N LEU A 150 -24.18 -11.55 21.76
CA LEU A 150 -23.90 -11.77 20.35
C LEU A 150 -25.18 -11.62 19.50
N ARG A 151 -26.09 -12.59 19.62
CA ARG A 151 -27.24 -12.76 18.75
C ARG A 151 -28.52 -12.49 19.53
N GLY A 152 -29.61 -12.39 18.81
CA GLY A 152 -30.93 -12.08 19.33
C GLY A 152 -31.73 -13.33 19.74
N ALA A 153 -32.89 -13.09 20.34
CA ALA A 153 -33.69 -14.16 20.91
C ALA A 153 -35.11 -13.64 21.24
N ALA A 154 -36.08 -14.56 21.09
CA ALA A 154 -37.45 -14.28 21.51
C ALA A 154 -37.59 -14.64 23.00
N PHE A 155 -38.27 -13.77 23.76
CA PHE A 155 -38.45 -13.95 25.19
C PHE A 155 -37.10 -13.71 25.92
N ASN A 156 -36.27 -12.86 25.35
CA ASN A 156 -35.03 -12.41 25.94
C ASN A 156 -34.74 -11.00 25.41
N ALA A 157 -35.62 -10.06 25.77
CA ALA A 157 -35.50 -8.71 25.20
C ALA A 157 -34.42 -7.93 25.96
N ALA A 158 -34.79 -7.47 27.16
CA ALA A 158 -33.92 -6.72 28.04
C ALA A 158 -32.58 -7.43 28.29
N TYR A 159 -32.64 -8.76 28.31
CA TYR A 159 -31.51 -9.61 28.59
C TYR A 159 -30.40 -9.44 27.56
N CYS A 160 -30.72 -9.63 26.29
CA CYS A 160 -29.74 -9.56 25.21
C CYS A 160 -29.25 -8.13 25.07
N THR A 161 -30.17 -7.15 25.23
CA THR A 161 -29.83 -5.75 25.07
C THR A 161 -28.79 -5.41 26.13
N SER A 162 -29.07 -5.89 27.38
CA SER A 162 -28.17 -5.64 28.49
C SER A 162 -26.77 -6.20 28.17
N LYS A 163 -26.75 -7.45 27.64
CA LYS A 163 -25.51 -8.11 27.32
C LYS A 163 -24.75 -7.35 26.22
N ALA A 164 -25.50 -6.77 25.27
CA ALA A 164 -24.87 -6.10 24.16
C ALA A 164 -24.35 -4.71 24.56
N ALA A 165 -24.79 -4.16 25.71
CA ALA A 165 -24.14 -3.01 26.30
C ALA A 165 -22.78 -3.42 26.89
N VAL A 166 -22.81 -4.46 27.72
CA VAL A 166 -21.59 -5.12 28.19
C VAL A 166 -20.64 -5.36 27.02
N LYS A 167 -21.17 -6.00 25.96
CA LYS A 167 -20.45 -6.28 24.73
C LYS A 167 -19.74 -5.03 24.27
N MET A 168 -20.49 -3.92 24.17
CA MET A 168 -20.00 -2.72 23.53
C MET A 168 -19.18 -1.90 24.55
N LEU A 169 -19.69 -1.79 25.78
CA LEU A 169 -18.96 -1.08 26.80
C LEU A 169 -17.49 -1.56 26.73
N SER A 170 -17.31 -2.85 26.54
CA SER A 170 -15.99 -3.43 26.58
C SER A 170 -15.12 -2.61 25.64
N LYS A 171 -15.48 -2.57 24.36
CA LYS A 171 -14.61 -2.08 23.25
C LYS A 171 -14.42 -0.57 23.36
N CYS A 172 -15.41 0.15 23.91
CA CYS A 172 -15.27 1.49 24.37
C CYS A 172 -14.08 1.60 25.36
N LEU A 173 -14.03 0.66 26.34
CA LEU A 173 -13.01 0.68 27.36
C LEU A 173 -11.68 0.12 26.87
N GLY A 174 -11.75 -0.80 25.88
CA GLY A 174 -10.59 -1.28 25.13
C GLY A 174 -9.87 -0.18 24.42
N ALA A 175 -10.60 0.82 23.95
CA ALA A 175 -10.07 1.86 23.05
C ALA A 175 -9.73 3.14 23.82
N GLU A 176 -10.53 3.49 24.83
CA GLU A 176 -10.24 4.63 25.68
C GLU A 176 -8.99 4.40 26.56
N PHE A 177 -9.13 3.44 27.48
CA PHE A 177 -8.13 3.09 28.46
C PHE A 177 -6.80 2.80 27.80
N ALA A 178 -6.78 2.79 26.45
CA ALA A 178 -5.56 2.38 25.74
C ALA A 178 -4.69 3.59 25.35
N ALA A 179 -5.14 4.41 24.39
CA ALA A 179 -4.53 5.60 23.94
C ALA A 179 -4.85 6.74 24.92
N LEU A 180 -5.00 6.42 26.16
CA LEU A 180 -4.88 7.35 27.31
C LEU A 180 -3.69 6.88 28.16
N GLY A 181 -2.89 5.93 27.70
CA GLY A 181 -1.67 5.55 28.37
C GLY A 181 -1.88 4.53 29.48
N TYR A 182 -2.97 4.73 30.21
CA TYR A 182 -3.45 3.72 31.16
C TYR A 182 -3.13 2.40 30.49
N ASN A 183 -2.54 1.45 31.22
CA ASN A 183 -2.39 0.16 30.57
C ASN A 183 -3.46 -0.71 31.15
N ILE A 184 -4.49 -1.02 30.31
CA ILE A 184 -5.58 -1.88 30.71
C ILE A 184 -6.21 -2.45 29.43
N ARG A 185 -6.23 -3.79 29.32
CA ARG A 185 -7.00 -4.50 28.34
C ARG A 185 -8.40 -4.80 28.87
N VAL A 186 -9.44 -4.55 27.99
CA VAL A 186 -10.78 -4.92 28.36
C VAL A 186 -11.28 -5.98 27.41
N ASN A 187 -11.57 -7.15 27.99
CA ASN A 187 -11.96 -8.29 27.14
C ASN A 187 -13.41 -8.70 27.47
N SER A 188 -14.13 -9.11 26.42
CA SER A 188 -15.51 -9.51 26.58
C SER A 188 -15.65 -11.00 26.26
N VAL A 189 -16.00 -11.76 27.31
CA VAL A 189 -16.32 -13.18 27.18
C VAL A 189 -17.81 -13.28 26.90
N HIS A 190 -18.15 -14.06 25.85
CA HIS A 190 -19.54 -14.29 25.47
C HIS A 190 -19.80 -15.79 25.59
N PRO A 191 -20.11 -16.30 26.81
CA PRO A 191 -20.46 -17.70 26.98
C PRO A 191 -21.74 -18.19 26.30
N GLY A 192 -21.63 -19.37 25.66
CA GLY A 192 -22.74 -20.07 25.10
C GLY A 192 -23.48 -20.83 26.19
N GLY A 193 -24.37 -21.77 25.76
CA GLY A 193 -25.11 -22.60 26.70
C GLY A 193 -24.11 -23.30 27.67
N ILE A 194 -24.29 -22.85 28.93
CA ILE A 194 -23.46 -23.35 30.03
C ILE A 194 -24.36 -23.94 31.10
N ASP A 195 -24.01 -25.14 31.56
CA ASP A 195 -24.80 -25.94 32.48
C ASP A 195 -24.66 -25.42 33.93
N THR A 196 -25.73 -24.84 34.39
CA THR A 196 -25.93 -24.45 35.78
C THR A 196 -27.41 -24.61 36.06
N PRO A 197 -27.81 -24.82 37.36
CA PRO A 197 -29.16 -24.52 37.82
C PRO A 197 -29.55 -23.05 37.56
N MET A 198 -28.78 -22.31 36.74
CA MET A 198 -29.21 -21.09 36.07
C MET A 198 -29.85 -21.45 34.72
N LEU A 199 -29.03 -22.04 33.83
CA LEU A 199 -29.47 -22.42 32.50
C LEU A 199 -30.38 -23.65 32.59
N GLY A 200 -30.09 -24.52 33.59
CA GLY A 200 -30.89 -25.70 33.85
C GLY A 200 -32.27 -25.31 34.38
N SER A 201 -32.60 -24.01 34.39
CA SER A 201 -33.88 -23.53 34.87
C SER A 201 -34.36 -22.29 34.11
N LEU A 202 -33.50 -21.68 33.25
CA LEU A 202 -33.89 -20.57 32.43
C LEU A 202 -34.83 -21.05 31.32
N MET A 203 -34.84 -22.38 31.06
CA MET A 203 -35.74 -22.91 30.04
C MET A 203 -37.13 -23.08 30.62
N ASP A 204 -37.21 -23.53 31.87
CA ASP A 204 -38.47 -23.64 32.59
C ASP A 204 -39.43 -22.54 32.07
N LYS A 205 -38.87 -21.33 31.99
CA LYS A 205 -39.59 -20.11 31.72
C LYS A 205 -40.27 -20.21 30.36
N TYR A 206 -39.49 -20.61 29.34
CA TYR A 206 -40.01 -20.79 27.99
C TYR A 206 -41.20 -21.76 28.02
N VAL A 207 -41.07 -22.81 28.85
CA VAL A 207 -42.13 -23.79 29.06
C VAL A 207 -43.17 -23.20 30.00
N GLU A 208 -42.76 -22.45 31.03
CA GLU A 208 -43.65 -21.67 31.91
C GLU A 208 -44.55 -20.75 31.05
N LEU A 209 -43.92 -20.10 30.08
CA LEU A 209 -44.62 -19.36 29.02
C LEU A 209 -45.41 -20.36 28.17
N GLY A 210 -44.77 -21.47 27.82
CA GLY A 210 -45.38 -22.56 27.08
C GLY A 210 -44.79 -22.71 25.68
N ALA A 211 -43.91 -21.79 25.27
CA ALA A 211 -43.18 -21.89 24.02
C ALA A 211 -42.82 -23.35 23.67
N ALA A 212 -42.28 -24.06 24.65
CA ALA A 212 -41.99 -25.48 24.51
C ALA A 212 -42.95 -26.27 25.39
N PRO A 213 -43.53 -27.38 24.84
CA PRO A 213 -44.28 -28.35 25.63
C PRO A 213 -43.69 -28.80 26.94
N SER A 214 -42.43 -29.27 26.89
CA SER A 214 -41.79 -29.86 28.09
C SER A 214 -40.39 -29.26 28.32
N ARG A 215 -39.89 -29.50 29.52
CA ARG A 215 -38.56 -29.06 29.90
C ARG A 215 -37.44 -29.94 29.28
N GLU A 216 -37.85 -31.14 28.84
CA GLU A 216 -37.03 -31.98 27.98
C GLU A 216 -36.80 -31.26 26.64
N VAL A 217 -37.91 -30.73 26.08
CA VAL A 217 -37.91 -30.05 24.80
C VAL A 217 -37.30 -28.67 24.95
N ALA A 218 -37.40 -28.12 26.16
CA ALA A 218 -36.72 -26.88 26.53
C ALA A 218 -35.22 -27.05 26.36
N GLN A 219 -34.73 -28.26 26.64
CA GLN A 219 -33.31 -28.56 26.61
C GLN A 219 -32.91 -29.06 25.22
N ALA A 220 -33.88 -29.35 24.36
CA ALA A 220 -33.65 -30.10 23.14
C ALA A 220 -32.90 -29.26 22.08
N ALA A 221 -33.65 -28.30 21.49
CA ALA A 221 -33.09 -27.38 20.54
C ALA A 221 -32.01 -26.51 21.20
N MET A 222 -32.03 -26.39 22.52
CA MET A 222 -31.02 -25.74 23.32
C MET A 222 -29.69 -26.30 22.96
N GLU A 223 -29.57 -27.60 23.04
CA GLU A 223 -28.25 -28.25 22.90
C GLU A 223 -27.90 -28.27 21.44
N MET A 224 -28.91 -28.53 20.57
CA MET A 224 -28.70 -28.75 19.15
C MET A 224 -28.42 -27.46 18.39
N ARG A 225 -28.62 -26.31 19.04
CA ARG A 225 -28.37 -25.01 18.43
C ARG A 225 -26.89 -24.67 18.50
N HIS A 226 -26.08 -25.58 19.02
CA HIS A 226 -24.63 -25.51 18.99
C HIS A 226 -24.17 -26.64 18.09
N PRO A 227 -23.28 -26.44 17.09
CA PRO A 227 -22.87 -27.52 16.16
C PRO A 227 -22.29 -28.71 16.93
N ILE A 228 -21.63 -28.41 18.03
CA ILE A 228 -21.03 -29.41 18.89
C ILE A 228 -22.12 -30.33 19.41
N GLY A 229 -23.34 -29.76 19.62
CA GLY A 229 -24.53 -30.56 19.89
C GLY A 229 -24.96 -30.57 21.35
N ARG A 230 -24.07 -30.19 22.30
CA ARG A 230 -24.38 -30.15 23.69
C ARG A 230 -24.20 -28.72 24.22
N MET A 231 -24.23 -28.60 25.57
CA MET A 231 -24.05 -27.35 26.28
C MET A 231 -22.68 -27.40 26.89
N GLY A 232 -22.44 -26.47 27.83
CA GLY A 232 -21.09 -26.24 28.36
C GLY A 232 -20.99 -26.58 29.84
N ARG A 233 -19.81 -27.07 30.22
CA ARG A 233 -19.52 -27.26 31.63
C ARG A 233 -19.15 -25.89 32.23
N PRO A 234 -19.53 -25.63 33.51
CA PRO A 234 -18.89 -24.58 34.29
C PRO A 234 -17.36 -24.63 34.22
N ALA A 235 -16.81 -25.84 34.14
CA ALA A 235 -15.37 -26.01 34.03
C ALA A 235 -14.87 -25.53 32.67
N GLU A 236 -15.71 -25.68 31.61
CA GLU A 236 -15.37 -25.35 30.24
C GLU A 236 -15.46 -23.84 30.01
N MET A 237 -15.62 -23.06 31.10
CA MET A 237 -15.54 -21.61 31.08
C MET A 237 -14.28 -21.15 31.86
N GLY A 238 -13.26 -22.03 32.00
CA GLY A 238 -12.17 -21.82 32.94
C GLY A 238 -11.03 -20.89 32.45
N GLY A 239 -10.17 -21.50 31.65
CA GLY A 239 -8.94 -20.91 31.13
C GLY A 239 -9.12 -19.68 30.24
N GLY A 240 -10.32 -19.42 29.69
CA GLY A 240 -10.60 -18.27 28.83
C GLY A 240 -10.50 -16.93 29.57
N VAL A 241 -10.95 -16.97 30.83
CA VAL A 241 -10.70 -15.87 31.75
C VAL A 241 -9.18 -15.86 32.05
N VAL A 242 -8.66 -16.99 32.41
CA VAL A 242 -7.28 -17.16 32.80
C VAL A 242 -6.42 -16.59 31.70
N TYR A 243 -6.79 -16.91 30.43
CA TYR A 243 -6.02 -16.50 29.29
C TYR A 243 -5.98 -14.97 29.21
N LEU A 244 -7.21 -14.40 29.29
CA LEU A 244 -7.36 -12.95 29.25
C LEU A 244 -6.60 -12.29 30.41
N CYS A 245 -6.66 -12.91 31.57
CA CYS A 245 -5.97 -12.42 32.77
C CYS A 245 -4.50 -12.82 32.68
N SER A 246 -4.18 -13.88 31.91
CA SER A 246 -2.80 -14.19 31.63
C SER A 246 -2.25 -13.16 30.63
N ASP A 247 -0.90 -12.85 30.78
CA ASP A 247 -0.26 -11.86 29.98
C ASP A 247 0.08 -12.42 28.59
N ALA A 248 -0.35 -13.65 28.26
CA ALA A 248 -0.04 -14.21 26.95
C ALA A 248 -0.72 -13.46 25.79
N ALA A 249 -1.30 -12.29 26.15
CA ALA A 249 -2.36 -11.56 25.45
C ALA A 249 -2.34 -10.08 25.89
N SER A 250 -1.13 -9.57 26.09
CA SER A 250 -0.86 -8.17 26.38
C SER A 250 -1.44 -7.27 25.28
N PHE A 251 -1.74 -7.87 24.12
CA PHE A 251 -2.11 -7.20 22.89
C PHE A 251 -3.56 -7.58 22.51
N VAL A 252 -4.38 -7.97 23.51
CA VAL A 252 -5.66 -8.57 23.23
C VAL A 252 -6.72 -7.89 24.06
N THR A 253 -7.33 -6.88 23.46
CA THR A 253 -8.37 -6.05 24.04
C THR A 253 -9.38 -5.71 22.94
N CYS A 254 -10.56 -5.26 23.38
CA CYS A 254 -11.74 -4.92 22.58
C CYS A 254 -12.45 -6.17 22.09
N THR A 255 -11.93 -7.34 22.52
CA THR A 255 -12.32 -8.62 21.89
C THR A 255 -13.62 -9.17 22.56
N GLU A 256 -14.53 -9.63 21.74
CA GLU A 256 -15.55 -10.63 22.05
C GLU A 256 -14.90 -12.02 22.09
N PHE A 257 -14.53 -12.50 23.26
CA PHE A 257 -13.93 -13.83 23.39
C PHE A 257 -15.07 -14.85 23.46
N VAL A 258 -15.38 -15.45 22.32
CA VAL A 258 -16.58 -16.25 22.17
C VAL A 258 -16.26 -17.70 22.54
N MET A 259 -16.78 -18.10 23.68
CA MET A 259 -16.75 -19.46 24.23
C MET A 259 -18.20 -19.98 24.35
N ASP A 260 -18.71 -20.42 23.16
CA ASP A 260 -20.08 -20.87 23.06
C ASP A 260 -20.21 -22.22 22.37
N GLY A 261 -19.10 -22.79 21.91
CA GLY A 261 -19.17 -24.05 21.17
C GLY A 261 -19.70 -23.75 19.77
N GLY A 262 -19.03 -22.81 19.06
CA GLY A 262 -19.37 -22.45 17.68
C GLY A 262 -20.81 -21.95 17.45
N PHE A 263 -21.57 -21.90 18.55
CA PHE A 263 -23.02 -21.81 18.51
C PHE A 263 -23.43 -20.63 17.64
N SER A 264 -22.77 -19.50 17.88
CA SER A 264 -23.01 -18.29 17.11
C SER A 264 -22.82 -18.58 15.61
N GLN A 265 -21.61 -19.13 15.31
CA GLN A 265 -20.98 -18.91 14.02
C GLN A 265 -21.68 -19.61 12.85
N VAL A 266 -22.58 -20.54 13.15
CA VAL A 266 -23.20 -21.39 12.12
C VAL A 266 -24.75 -21.26 12.15
N ILE B 10 6.17 21.52 -39.30
CA ILE B 10 6.49 20.23 -39.99
C ILE B 10 5.44 19.21 -39.57
N ALA B 11 5.27 18.23 -40.47
CA ALA B 11 4.05 17.42 -40.47
C ALA B 11 4.03 16.52 -39.25
N LEU B 12 3.09 16.72 -38.28
CA LEU B 12 2.55 15.62 -37.48
C LEU B 12 1.16 15.23 -37.97
N ASN B 13 0.91 15.40 -39.25
CA ASN B 13 -0.35 15.13 -39.90
C ASN B 13 -0.70 13.65 -39.72
N ASN B 14 -1.97 13.37 -39.34
CA ASN B 14 -2.49 12.05 -39.27
C ASN B 14 -1.71 11.17 -38.27
N VAL B 15 -0.97 11.79 -37.34
CA VAL B 15 -0.39 11.09 -36.22
C VAL B 15 -1.45 10.98 -35.10
N VAL B 16 -1.67 9.71 -34.67
CA VAL B 16 -2.47 9.37 -33.52
C VAL B 16 -1.48 9.22 -32.35
N ALA B 17 -1.31 10.30 -31.58
CA ALA B 17 -0.16 10.43 -30.68
C ALA B 17 -0.59 10.35 -29.22
N VAL B 18 0.24 9.69 -28.41
CA VAL B 18 -0.10 9.54 -26.99
C VAL B 18 1.02 10.15 -26.18
N VAL B 19 0.70 11.14 -25.33
CA VAL B 19 1.71 11.89 -24.58
C VAL B 19 1.45 11.60 -23.12
N THR B 20 2.33 10.78 -22.50
CA THR B 20 1.97 10.29 -21.17
C THR B 20 2.13 11.45 -20.18
N GLY B 21 1.44 11.32 -19.03
CA GLY B 21 1.51 12.33 -17.97
C GLY B 21 1.24 13.75 -18.47
N ALA B 22 0.31 13.88 -19.42
CA ALA B 22 0.15 15.06 -20.25
C ALA B 22 -0.75 16.10 -19.61
N ALA B 23 -0.96 15.99 -18.29
CA ALA B 23 -1.51 17.09 -17.48
C ALA B 23 -0.43 17.70 -16.60
N GLY B 24 0.82 17.46 -16.93
CA GLY B 24 1.97 17.98 -16.19
C GLY B 24 2.43 19.33 -16.73
N GLY B 25 3.55 19.81 -16.14
CA GLY B 25 4.19 21.05 -16.55
C GLY B 25 4.77 20.97 -17.93
N ILE B 26 5.54 19.90 -18.23
CA ILE B 26 6.05 19.63 -19.57
C ILE B 26 4.92 19.22 -20.53
N GLY B 27 4.07 18.32 -20.06
CA GLY B 27 3.11 17.58 -20.84
C GLY B 27 2.19 18.50 -21.64
N ARG B 28 1.39 19.30 -20.92
CA ARG B 28 0.40 20.19 -21.58
C ARG B 28 1.11 20.98 -22.73
N GLU B 29 2.41 21.24 -22.56
CA GLU B 29 3.20 21.94 -23.54
C GLU B 29 3.32 21.15 -24.81
N LEU B 30 3.84 19.92 -24.68
CA LEU B 30 4.01 19.05 -25.86
C LEU B 30 2.70 19.05 -26.65
N VAL B 31 1.58 18.95 -25.91
CA VAL B 31 0.28 18.65 -26.48
C VAL B 31 -0.20 19.82 -27.35
N LYS B 32 -0.06 21.05 -26.87
CA LYS B 32 -0.40 22.25 -27.64
C LYS B 32 0.54 22.33 -28.83
N ALA B 33 1.86 22.21 -28.50
CA ALA B 33 2.95 22.29 -29.46
C ALA B 33 2.82 21.21 -30.58
N MET B 34 2.12 20.09 -30.24
CA MET B 34 2.11 18.93 -31.06
C MET B 34 0.79 18.82 -31.82
N LYS B 35 -0.32 19.17 -31.14
CA LYS B 35 -1.62 19.21 -31.82
C LYS B 35 -1.64 20.30 -32.87
N ALA B 36 -0.96 21.39 -32.55
CA ALA B 36 -0.73 22.47 -33.49
C ALA B 36 -0.30 21.98 -34.89
N ALA B 37 0.51 20.93 -34.94
CA ALA B 37 0.99 20.42 -36.22
C ALA B 37 0.03 19.34 -36.72
N ASN B 38 -1.22 19.51 -36.33
CA ASN B 38 -2.40 18.83 -36.94
C ASN B 38 -2.43 17.38 -36.47
N ALA B 39 -2.03 17.16 -35.20
CA ALA B 39 -1.87 15.83 -34.65
C ALA B 39 -3.24 15.25 -34.26
N ILE B 40 -3.21 14.01 -33.76
CA ILE B 40 -4.32 13.42 -33.03
C ILE B 40 -3.78 12.97 -31.69
N VAL B 41 -4.07 13.77 -30.66
CA VAL B 41 -3.31 13.69 -29.41
C VAL B 41 -4.18 13.16 -28.27
N ILE B 42 -3.84 11.95 -27.77
CA ILE B 42 -4.39 11.41 -26.54
C ILE B 42 -3.51 11.93 -25.40
N ALA B 43 -4.13 12.65 -24.48
CA ALA B 43 -3.52 12.99 -23.21
C ALA B 43 -4.08 12.09 -22.10
N THR B 44 -3.18 11.56 -21.25
CA THR B 44 -3.55 10.67 -20.19
C THR B 44 -2.67 11.01 -19.01
N ASP B 45 -3.30 11.13 -17.83
CA ASP B 45 -2.59 11.39 -16.59
C ASP B 45 -3.51 10.91 -15.45
N MET B 46 -2.97 10.89 -14.22
CA MET B 46 -3.60 10.23 -13.09
C MET B 46 -4.96 10.88 -12.74
N ALA B 47 -5.14 12.15 -13.11
CA ALA B 47 -6.41 12.82 -12.83
C ALA B 47 -7.50 12.15 -13.63
N PRO B 48 -8.70 11.90 -13.06
CA PRO B 48 -9.85 11.41 -13.85
C PRO B 48 -10.32 12.42 -14.88
N SER B 49 -10.25 13.73 -14.52
CA SER B 49 -10.58 14.80 -15.45
C SER B 49 -9.45 15.85 -15.52
N ALA B 50 -9.21 16.35 -16.75
CA ALA B 50 -8.08 17.22 -17.02
C ALA B 50 -8.36 18.12 -18.21
N ASP B 51 -7.63 19.27 -18.20
CA ASP B 51 -7.82 20.39 -19.12
C ASP B 51 -6.57 20.43 -19.97
N VAL B 52 -6.54 19.68 -21.07
CA VAL B 52 -5.32 19.49 -21.82
C VAL B 52 -5.54 20.02 -23.21
N GLU B 53 -5.02 21.23 -23.47
CA GLU B 53 -5.26 21.94 -24.72
C GLU B 53 -4.59 21.16 -25.85
N GLY B 54 -5.35 20.79 -26.88
CA GLY B 54 -4.86 19.91 -27.91
C GLY B 54 -5.24 18.43 -27.68
N ALA B 55 -5.52 18.06 -26.42
CA ALA B 55 -5.91 16.70 -26.11
C ALA B 55 -7.30 16.52 -26.68
N ASP B 56 -7.40 15.81 -27.82
CA ASP B 56 -8.70 15.42 -28.34
C ASP B 56 -9.48 14.60 -27.28
N HIS B 57 -8.72 13.77 -26.55
CA HIS B 57 -9.26 12.73 -25.70
C HIS B 57 -8.35 12.59 -24.48
N TYR B 58 -8.97 12.34 -23.32
CA TYR B 58 -8.21 12.23 -22.10
C TYR B 58 -8.53 10.92 -21.41
N LEU B 59 -7.51 10.35 -20.75
CA LEU B 59 -7.67 9.15 -19.91
C LEU B 59 -6.99 9.39 -18.56
N GLN B 60 -7.70 9.20 -17.44
CA GLN B 60 -7.05 8.85 -16.20
C GLN B 60 -6.13 7.66 -16.55
N HIS B 61 -4.81 7.90 -16.39
CA HIS B 61 -3.84 6.88 -16.77
C HIS B 61 -2.61 6.98 -15.91
N ASP B 62 -2.64 6.32 -14.75
CA ASP B 62 -1.44 5.88 -14.00
C ASP B 62 -0.62 5.03 -14.94
N VAL B 63 0.55 5.63 -15.25
CA VAL B 63 1.46 5.19 -16.33
C VAL B 63 2.34 4.04 -15.84
N THR B 64 1.86 3.26 -14.90
CA THR B 64 2.52 2.05 -14.50
C THR B 64 1.57 0.89 -14.70
N SER B 65 0.27 1.17 -14.89
CA SER B 65 -0.79 0.15 -14.85
C SER B 65 -0.94 -0.59 -16.17
N GLU B 66 -0.74 -1.89 -16.18
CA GLU B 66 -0.67 -2.71 -17.39
C GLU B 66 -2.10 -2.81 -17.96
N ALA B 67 -3.13 -2.99 -17.12
CA ALA B 67 -4.50 -2.80 -17.61
C ALA B 67 -4.81 -1.32 -17.86
N GLY B 68 -3.96 -0.43 -17.42
CA GLY B 68 -4.11 0.98 -17.64
C GLY B 68 -3.59 1.37 -19.00
N TRP B 69 -2.51 0.79 -19.48
CA TRP B 69 -2.04 1.00 -20.84
C TRP B 69 -2.91 0.23 -21.81
N LYS B 70 -3.66 -0.75 -21.30
CA LYS B 70 -4.57 -1.58 -22.13
C LYS B 70 -5.67 -0.73 -22.73
N ALA B 71 -6.06 0.30 -21.94
CA ALA B 71 -7.18 1.16 -22.24
C ALA B 71 -6.81 2.16 -23.35
N VAL B 72 -5.55 2.62 -23.34
CA VAL B 72 -5.10 3.60 -24.30
C VAL B 72 -4.77 2.87 -25.58
N ALA B 73 -4.50 1.56 -25.53
CA ALA B 73 -4.61 0.70 -26.70
C ALA B 73 -6.05 0.78 -27.24
N ALA B 74 -6.99 0.74 -26.33
CA ALA B 74 -8.40 0.57 -26.63
C ALA B 74 -8.86 1.73 -27.44
N LEU B 75 -8.80 2.94 -26.92
CA LEU B 75 -9.29 4.14 -27.63
C LEU B 75 -8.46 4.35 -28.88
N ALA B 76 -7.17 4.03 -28.80
CA ALA B 76 -6.35 3.97 -30.01
C ALA B 76 -6.94 3.10 -31.11
N GLN B 77 -7.47 1.97 -30.71
CA GLN B 77 -7.92 0.90 -31.62
C GLN B 77 -9.20 1.36 -32.30
N GLU B 78 -10.32 1.38 -31.53
CA GLU B 78 -11.71 1.55 -31.97
C GLU B 78 -11.83 2.70 -32.98
N LYS B 79 -11.54 3.93 -32.51
CA LYS B 79 -11.62 5.15 -33.29
C LYS B 79 -10.90 5.02 -34.65
N TYR B 80 -9.60 4.64 -34.63
CA TYR B 80 -8.68 4.97 -35.73
C TYR B 80 -8.11 3.69 -36.39
N GLY B 81 -7.58 2.81 -35.53
CA GLY B 81 -7.06 1.51 -35.92
C GLY B 81 -5.53 1.45 -35.93
N ARG B 82 -4.88 2.34 -35.16
CA ARG B 82 -3.44 2.60 -35.32
C ARG B 82 -2.99 3.57 -34.23
N VAL B 83 -1.72 3.45 -33.85
CA VAL B 83 -1.04 4.49 -33.07
C VAL B 83 0.25 4.86 -33.83
N ASP B 84 0.44 6.21 -33.97
CA ASP B 84 1.50 6.73 -34.80
C ASP B 84 2.62 7.31 -33.93
N ALA B 85 2.30 8.20 -33.03
CA ALA B 85 3.29 8.77 -32.13
C ALA B 85 3.07 8.18 -30.77
N LEU B 86 4.07 8.36 -29.93
CA LEU B 86 4.06 7.88 -28.56
C LEU B 86 5.16 8.61 -27.79
N VAL B 87 4.73 9.42 -26.80
CA VAL B 87 5.69 10.18 -26.02
C VAL B 87 5.62 9.68 -24.59
N HIS B 88 6.52 8.75 -24.25
CA HIS B 88 6.68 8.38 -22.85
C HIS B 88 7.27 9.57 -22.09
N ASN B 89 6.44 10.31 -21.34
CA ASN B 89 6.86 11.54 -20.70
C ASN B 89 6.63 11.49 -19.18
N ALA B 90 5.58 10.76 -18.80
CA ALA B 90 5.27 10.57 -17.40
C ALA B 90 6.46 10.03 -16.63
N GLY B 91 6.70 10.67 -15.45
CA GLY B 91 7.84 10.33 -14.61
C GLY B 91 7.85 11.13 -13.31
N ILE B 92 8.86 10.89 -12.46
CA ILE B 92 9.09 11.68 -11.25
C ILE B 92 10.60 11.89 -11.12
N SER B 93 10.92 12.91 -10.30
CA SER B 93 12.30 13.26 -9.98
C SER B 93 12.53 13.26 -8.45
N ILE B 94 13.55 12.56 -7.96
CA ILE B 94 13.77 12.39 -6.54
C ILE B 94 15.19 12.82 -6.15
N VAL B 95 15.21 13.68 -5.11
CA VAL B 95 16.45 14.18 -4.53
C VAL B 95 16.55 13.71 -3.10
N THR B 96 17.54 12.88 -2.76
CA THR B 96 17.66 12.35 -1.41
C THR B 96 19.03 11.69 -1.20
N LYS B 97 19.46 11.66 0.06
CA LYS B 97 20.65 10.99 0.53
C LYS B 97 20.57 9.51 0.22
N PHE B 98 21.73 8.88 -0.01
CA PHE B 98 21.75 7.51 -0.52
C PHE B 98 21.29 6.52 0.55
N GLU B 99 21.90 6.49 1.70
CA GLU B 99 21.60 5.52 2.77
C GLU B 99 20.17 5.68 3.27
N ASP B 100 19.67 6.94 3.34
CA ASP B 100 18.29 7.20 3.79
C ASP B 100 17.27 6.98 2.64
N THR B 101 17.70 6.11 1.68
CA THR B 101 16.82 5.57 0.67
C THR B 101 16.31 4.22 1.18
N PRO B 102 15.01 4.04 1.35
CA PRO B 102 14.44 2.70 1.62
C PRO B 102 14.42 2.12 0.25
N LEU B 103 15.11 1.01 0.00
CA LEU B 103 15.24 0.46 -1.34
C LEU B 103 13.89 0.38 -2.06
N SER B 104 12.82 0.25 -1.27
CA SER B 104 11.47 0.22 -1.83
C SER B 104 11.16 1.48 -2.64
N ASP B 105 11.65 2.61 -2.18
CA ASP B 105 11.56 3.88 -2.88
C ASP B 105 12.33 3.76 -4.20
N PHE B 106 13.47 3.07 -4.14
CA PHE B 106 14.30 2.83 -5.31
C PHE B 106 13.44 2.09 -6.36
N HIS B 107 12.53 1.22 -5.89
CA HIS B 107 11.73 0.37 -6.75
C HIS B 107 10.68 1.18 -7.43
N ARG B 108 9.94 1.95 -6.64
CA ARG B 108 8.90 2.83 -7.13
C ARG B 108 9.39 3.63 -8.37
N VAL B 109 10.70 3.91 -8.39
CA VAL B 109 11.24 4.73 -9.46
C VAL B 109 11.18 3.96 -10.78
N ASN B 110 11.91 2.81 -10.87
CA ASN B 110 11.94 2.04 -12.13
C ASN B 110 10.51 1.87 -12.65
N THR B 111 9.60 1.53 -11.69
CA THR B 111 8.20 1.41 -11.99
C THR B 111 7.74 2.64 -12.77
N VAL B 112 7.94 3.86 -12.21
CA VAL B 112 7.39 5.07 -12.79
C VAL B 112 8.31 5.70 -13.83
N ASN B 113 9.56 5.30 -14.02
CA ASN B 113 10.36 5.98 -15.05
C ASN B 113 10.68 5.06 -16.24
N VAL B 114 10.90 3.76 -15.93
CA VAL B 114 11.56 2.83 -16.84
C VAL B 114 10.58 1.71 -17.19
N ASP B 115 10.07 1.01 -16.15
CA ASP B 115 9.05 -0.01 -16.28
C ASP B 115 7.91 0.51 -17.14
N SER B 116 7.58 1.82 -16.92
CA SER B 116 6.54 2.49 -17.67
C SER B 116 6.75 2.28 -19.17
N ILE B 117 7.94 2.72 -19.62
CA ILE B 117 8.23 2.75 -21.06
C ILE B 117 7.99 1.36 -21.62
N ILE B 118 8.56 0.38 -20.93
CA ILE B 118 8.56 -0.98 -21.38
C ILE B 118 7.12 -1.45 -21.46
N ILE B 119 6.35 -1.31 -20.30
CA ILE B 119 4.94 -1.71 -20.27
C ILE B 119 4.22 -1.06 -21.48
N GLY B 120 4.19 0.28 -21.46
CA GLY B 120 3.51 1.05 -22.47
C GLY B 120 3.86 0.68 -23.89
N THR B 121 5.15 0.63 -24.17
CA THR B 121 5.65 0.30 -25.50
C THR B 121 5.20 -1.12 -25.87
N GLN B 122 5.07 -2.01 -24.83
CA GLN B 122 4.63 -3.35 -25.08
C GLN B 122 3.20 -3.36 -25.62
N VAL B 123 2.29 -2.53 -25.08
CA VAL B 123 0.88 -2.58 -25.41
C VAL B 123 0.64 -1.99 -26.81
N LEU B 124 1.35 -0.93 -27.14
CA LEU B 124 1.11 -0.19 -28.36
C LEU B 124 1.92 -0.74 -29.54
N LEU B 125 2.58 -1.88 -29.36
CA LEU B 125 3.54 -2.34 -30.35
C LEU B 125 2.85 -2.83 -31.63
N PRO B 126 1.84 -3.73 -31.57
CA PRO B 126 1.09 -4.10 -32.75
C PRO B 126 0.45 -2.85 -33.39
N LEU B 127 0.04 -1.93 -32.54
CA LEU B 127 -0.50 -0.65 -32.98
C LEU B 127 0.59 0.23 -33.63
N LEU B 128 1.82 0.10 -33.12
CA LEU B 128 2.97 0.88 -33.63
C LEU B 128 3.46 0.29 -34.95
N LYS B 129 3.51 -1.03 -35.06
CA LYS B 129 3.88 -1.66 -36.35
C LYS B 129 2.93 -1.13 -37.42
N GLU B 130 1.65 -1.01 -37.11
CA GLU B 130 0.64 -0.46 -38.05
C GLU B 130 0.96 1.01 -38.34
N GLY B 131 1.11 1.81 -37.28
CA GLY B 131 1.49 3.21 -37.47
C GLY B 131 2.77 3.25 -38.26
N GLY B 132 3.41 2.08 -38.41
CA GLY B 132 4.63 2.00 -39.22
C GLY B 132 4.29 2.00 -40.68
N LYS B 133 3.23 1.24 -41.02
CA LYS B 133 2.76 1.09 -42.41
C LYS B 133 1.97 2.34 -42.81
N ALA B 134 1.31 2.95 -41.79
CA ALA B 134 0.62 4.22 -41.96
C ALA B 134 1.56 5.36 -42.38
N ARG B 135 2.87 5.19 -42.11
CA ARG B 135 3.85 6.23 -42.18
C ARG B 135 5.06 5.80 -43.02
N ALA B 136 5.87 6.82 -43.35
CA ALA B 136 7.14 6.70 -44.03
C ALA B 136 8.29 6.43 -43.07
N GLY B 137 8.90 7.52 -42.56
CA GLY B 137 10.07 7.36 -41.68
C GLY B 137 9.72 6.72 -40.34
N GLY B 138 8.97 5.63 -40.41
CA GLY B 138 8.52 4.86 -39.25
C GLY B 138 7.50 5.59 -38.36
N ALA B 139 6.61 4.85 -37.73
CA ALA B 139 6.00 5.24 -36.45
C ALA B 139 7.08 5.68 -35.48
N SER B 140 6.77 6.72 -34.63
CA SER B 140 7.84 7.23 -33.78
C SER B 140 7.45 7.33 -32.32
N VAL B 141 8.19 6.64 -31.42
CA VAL B 141 8.09 6.76 -29.98
C VAL B 141 9.25 7.55 -29.41
N VAL B 142 8.96 8.40 -28.41
CA VAL B 142 10.01 9.28 -27.87
C VAL B 142 10.05 9.20 -26.34
N ASN B 143 11.24 9.04 -25.76
CA ASN B 143 11.37 8.74 -24.36
C ASN B 143 12.03 9.85 -23.56
N PHE B 144 11.44 10.18 -22.44
CA PHE B 144 11.95 11.14 -21.48
C PHE B 144 13.06 10.53 -20.59
N SER B 145 14.31 10.71 -21.09
CA SER B 145 15.46 10.75 -20.20
C SER B 145 15.67 12.20 -19.75
N SER B 146 16.93 12.67 -19.71
CA SER B 146 17.31 13.87 -18.99
C SER B 146 18.83 14.00 -18.99
N VAL B 147 19.33 15.20 -18.73
CA VAL B 147 20.75 15.45 -18.48
C VAL B 147 21.26 14.55 -17.38
N ALA B 148 20.35 14.19 -16.49
CA ALA B 148 20.55 13.10 -15.54
C ALA B 148 20.95 11.83 -16.28
N GLY B 149 20.32 11.60 -17.45
CA GLY B 149 20.45 10.34 -18.17
C GLY B 149 21.86 10.11 -18.64
N LEU B 150 22.49 11.18 -19.14
CA LEU B 150 23.83 11.09 -19.71
C LEU B 150 24.92 11.21 -18.63
N ARG B 151 24.66 12.02 -17.60
CA ARG B 151 25.62 12.21 -16.54
C ARG B 151 24.88 12.39 -15.23
N GLY B 152 25.58 12.13 -14.12
CA GLY B 152 24.95 12.02 -12.80
C GLY B 152 25.34 13.17 -11.87
N ALA B 153 24.72 13.18 -10.71
CA ALA B 153 24.85 14.22 -9.75
C ALA B 153 24.71 13.60 -8.34
N ALA B 154 24.89 14.47 -7.32
CA ALA B 154 24.73 14.13 -5.94
C ALA B 154 23.26 14.02 -5.54
N PHE B 155 23.01 13.20 -4.49
CA PHE B 155 21.68 13.00 -3.91
C PHE B 155 20.63 12.74 -5.01
N ASN B 156 21.03 11.86 -5.93
CA ASN B 156 20.29 11.57 -7.15
C ASN B 156 20.64 10.13 -7.57
N ALA B 157 21.14 9.33 -6.62
CA ALA B 157 21.39 7.93 -6.82
C ALA B 157 20.13 7.20 -7.28
N ALA B 158 19.03 7.36 -6.55
CA ALA B 158 17.77 6.75 -6.90
C ALA B 158 17.29 7.25 -8.28
N TYR B 159 17.32 8.60 -8.51
CA TYR B 159 16.63 9.19 -9.64
C TYR B 159 17.41 8.95 -10.94
N CYS B 160 18.63 9.46 -10.99
CA CYS B 160 19.40 9.62 -12.23
C CYS B 160 19.74 8.24 -12.78
N THR B 161 19.93 7.25 -11.87
CA THR B 161 20.06 5.86 -12.24
C THR B 161 18.99 5.45 -13.26
N SER B 162 17.77 5.93 -13.00
CA SER B 162 16.63 5.52 -13.81
C SER B 162 16.67 6.28 -15.14
N LYS B 163 16.57 7.61 -15.10
CA LYS B 163 16.38 8.36 -16.31
C LYS B 163 17.58 8.06 -17.16
N ALA B 164 18.54 7.36 -16.57
CA ALA B 164 19.66 6.78 -17.36
C ALA B 164 19.09 5.56 -18.08
N ALA B 165 18.63 4.53 -17.35
CA ALA B 165 18.13 3.34 -17.97
C ALA B 165 17.41 3.71 -19.31
N VAL B 166 16.56 4.73 -19.27
CA VAL B 166 15.75 5.12 -20.39
C VAL B 166 16.57 5.40 -21.62
N LYS B 167 17.61 6.21 -21.42
CA LYS B 167 18.63 6.49 -22.44
C LYS B 167 19.00 5.21 -23.20
N MET B 168 19.29 4.17 -22.42
CA MET B 168 19.77 2.90 -22.95
C MET B 168 18.59 2.10 -23.53
N LEU B 169 17.47 1.97 -22.75
CA LEU B 169 16.30 1.27 -23.26
C LEU B 169 15.96 1.71 -24.68
N SER B 170 16.15 3.00 -24.92
CA SER B 170 15.96 3.64 -26.20
C SER B 170 16.89 3.04 -27.24
N LYS B 171 18.18 3.08 -26.94
CA LYS B 171 19.23 2.52 -27.82
C LYS B 171 18.78 1.17 -28.36
N CYS B 172 18.20 0.38 -27.44
CA CYS B 172 17.82 -0.99 -27.71
C CYS B 172 16.44 -1.05 -28.28
N LEU B 173 15.50 -0.23 -27.73
CA LEU B 173 14.13 -0.32 -28.18
C LEU B 173 14.03 0.00 -29.67
N GLY B 174 14.86 0.96 -30.10
CA GLY B 174 14.92 1.31 -31.52
C GLY B 174 15.35 0.09 -32.34
N ALA B 175 16.33 -0.64 -31.78
CA ALA B 175 17.11 -1.64 -32.51
C ALA B 175 16.30 -2.90 -32.76
N GLU B 176 15.80 -3.55 -31.70
CA GLU B 176 15.08 -4.82 -31.82
C GLU B 176 14.09 -4.72 -32.99
N PHE B 177 13.45 -3.56 -33.13
CA PHE B 177 12.35 -3.33 -34.04
C PHE B 177 12.83 -3.23 -35.47
N ALA B 178 13.81 -2.37 -35.71
CA ALA B 178 14.49 -2.34 -37.00
C ALA B 178 15.12 -3.70 -37.32
N ALA B 179 15.60 -4.37 -36.28
CA ALA B 179 16.21 -5.67 -36.37
C ALA B 179 15.19 -6.74 -36.76
N LEU B 180 13.99 -6.66 -36.20
CA LEU B 180 12.92 -7.60 -36.52
C LEU B 180 12.15 -7.11 -37.75
N GLY B 181 12.62 -6.05 -38.39
CA GLY B 181 12.04 -5.61 -39.64
C GLY B 181 11.00 -4.53 -39.44
N TYR B 182 10.56 -4.35 -38.20
CA TYR B 182 9.52 -3.38 -37.89
C TYR B 182 10.16 -1.99 -38.06
N ASN B 183 9.33 -1.01 -38.47
CA ASN B 183 9.80 0.35 -38.54
C ASN B 183 9.04 1.12 -37.44
N ILE B 184 9.60 1.01 -36.20
CA ILE B 184 9.09 1.67 -35.04
C ILE B 184 10.27 2.40 -34.36
N ARG B 185 10.50 3.63 -34.81
CA ARG B 185 11.62 4.40 -34.29
C ARG B 185 11.46 4.53 -32.78
N VAL B 186 12.62 4.74 -32.12
CA VAL B 186 12.66 5.03 -30.69
C VAL B 186 13.82 5.99 -30.48
N ASN B 187 13.62 7.06 -29.71
CA ASN B 187 14.76 7.89 -29.21
C ASN B 187 14.68 8.17 -27.70
N SER B 188 15.75 8.69 -27.13
CA SER B 188 15.72 9.31 -25.82
C SER B 188 15.87 10.82 -25.99
N VAL B 189 15.05 11.53 -25.25
CA VAL B 189 15.09 12.97 -25.15
C VAL B 189 15.66 13.34 -23.78
N HIS B 190 16.65 14.25 -23.81
CA HIS B 190 17.46 14.61 -22.68
C HIS B 190 17.32 16.10 -22.38
N PRO B 191 16.22 16.55 -21.72
CA PRO B 191 16.15 17.89 -21.14
C PRO B 191 17.14 18.12 -20.01
N GLY B 192 17.36 19.39 -19.70
CA GLY B 192 18.23 19.86 -18.63
C GLY B 192 17.43 20.08 -17.36
N GLY B 193 17.35 21.34 -16.87
CA GLY B 193 16.66 21.65 -15.63
C GLY B 193 15.45 22.53 -15.90
N ILE B 194 14.29 21.91 -16.18
CA ILE B 194 13.14 22.58 -16.77
C ILE B 194 12.55 23.58 -15.78
N ASP B 195 12.15 24.73 -16.31
CA ASP B 195 11.47 25.76 -15.50
C ASP B 195 10.01 25.40 -15.31
N THR B 196 9.68 24.84 -14.15
CA THR B 196 8.35 24.34 -13.84
C THR B 196 8.15 24.43 -12.33
N PRO B 197 6.89 24.30 -11.83
CA PRO B 197 6.67 24.29 -10.38
C PRO B 197 7.43 23.20 -9.62
N MET B 198 7.56 22.00 -10.23
CA MET B 198 8.14 20.84 -9.54
C MET B 198 9.59 21.13 -9.14
N LEU B 199 10.42 21.54 -10.12
CA LEU B 199 11.87 21.64 -9.96
C LEU B 199 12.22 22.73 -8.93
N GLY B 200 11.37 23.76 -8.80
CA GLY B 200 11.47 24.72 -7.74
C GLY B 200 11.45 24.03 -6.37
N SER B 201 10.47 23.16 -6.18
CA SER B 201 10.25 22.48 -4.90
C SER B 201 11.24 21.33 -4.66
N LEU B 202 11.79 20.77 -5.76
CA LEU B 202 12.84 19.77 -5.69
C LEU B 202 14.07 20.36 -5.00
N MET B 203 14.28 21.66 -5.22
CA MET B 203 15.44 22.34 -4.68
C MET B 203 15.25 22.64 -3.20
N ASP B 204 13.99 22.73 -2.78
CA ASP B 204 13.65 22.89 -1.36
C ASP B 204 14.03 21.63 -0.64
N LYS B 205 14.20 20.50 -1.33
CA LYS B 205 14.64 19.23 -0.77
C LYS B 205 16.15 19.21 -0.58
N TYR B 206 16.88 20.05 -1.26
CA TYR B 206 18.26 20.35 -0.89
C TYR B 206 18.27 21.14 0.42
N VAL B 207 17.18 21.85 0.74
CA VAL B 207 16.98 22.52 2.01
C VAL B 207 16.83 21.49 3.13
N GLU B 208 16.12 20.37 2.86
CA GLU B 208 15.92 19.26 3.77
C GLU B 208 17.10 18.27 3.73
N LEU B 209 18.25 18.68 3.13
CA LEU B 209 19.38 17.83 2.90
C LEU B 209 20.66 18.53 3.34
N GLY B 210 20.79 19.80 2.90
CA GLY B 210 21.99 20.59 3.22
C GLY B 210 23.03 20.67 2.08
N ALA B 211 22.55 21.05 0.89
CA ALA B 211 23.38 21.57 -0.17
C ALA B 211 22.63 22.70 -0.88
N ALA B 212 21.83 23.47 -0.12
CA ALA B 212 21.11 24.63 -0.64
C ALA B 212 20.84 25.63 0.48
N PRO B 213 21.85 26.48 0.86
CA PRO B 213 21.72 27.34 2.02
C PRO B 213 20.67 28.45 1.90
N SER B 214 20.18 28.74 0.70
CA SER B 214 18.83 29.33 0.55
C SER B 214 18.11 28.70 -0.66
N ARG B 215 16.90 29.19 -0.95
CA ARG B 215 16.13 28.73 -2.09
C ARG B 215 16.63 29.36 -3.39
N GLU B 216 17.44 30.43 -3.27
CA GLU B 216 17.84 31.25 -4.41
C GLU B 216 19.22 30.85 -4.90
N VAL B 217 20.06 30.28 -4.01
CA VAL B 217 21.45 29.96 -4.28
C VAL B 217 21.58 28.56 -4.85
N ALA B 218 20.74 27.61 -4.40
CA ALA B 218 20.65 26.32 -5.11
C ALA B 218 20.24 26.52 -6.57
N GLN B 219 19.19 27.31 -6.75
CA GLN B 219 18.65 27.70 -8.06
C GLN B 219 19.69 28.37 -8.96
N ALA B 220 20.41 29.31 -8.40
CA ALA B 220 21.40 30.10 -9.13
C ALA B 220 22.45 29.16 -9.67
N ALA B 221 22.85 28.18 -8.84
CA ALA B 221 23.91 27.26 -9.19
C ALA B 221 23.40 26.16 -10.13
N MET B 222 22.09 25.96 -10.18
CA MET B 222 21.44 25.10 -11.15
C MET B 222 21.52 25.76 -12.53
N GLU B 223 21.38 27.10 -12.55
CA GLU B 223 21.29 27.86 -13.78
C GLU B 223 22.63 27.86 -14.51
N MET B 224 23.73 28.02 -13.76
CA MET B 224 25.05 28.25 -14.35
C MET B 224 25.55 26.98 -15.03
N ARG B 225 25.13 25.81 -14.54
CA ARG B 225 25.45 24.51 -15.12
C ARG B 225 24.89 24.38 -16.55
N HIS B 226 23.98 25.30 -16.91
CA HIS B 226 23.60 25.53 -18.29
C HIS B 226 24.42 26.70 -18.84
N PRO B 227 25.43 26.41 -19.70
CA PRO B 227 26.11 27.47 -20.46
C PRO B 227 25.14 28.52 -21.00
N ILE B 228 24.10 28.04 -21.68
CA ILE B 228 23.07 28.90 -22.23
C ILE B 228 22.61 29.90 -21.18
N GLY B 229 22.78 29.51 -19.89
CA GLY B 229 22.82 30.43 -18.74
C GLY B 229 21.39 30.83 -18.34
N ARG B 230 20.47 29.84 -18.29
CA ARG B 230 19.12 30.15 -17.87
C ARG B 230 18.32 28.88 -17.74
N MET B 231 17.01 29.07 -17.47
CA MET B 231 16.07 27.99 -17.28
C MET B 231 15.09 28.01 -18.45
N GLY B 232 14.93 26.84 -19.11
CA GLY B 232 14.13 26.75 -20.32
C GLY B 232 12.64 26.68 -19.98
N ARG B 233 11.84 27.05 -20.98
CA ARG B 233 10.40 26.80 -20.95
C ARG B 233 10.22 25.33 -21.38
N PRO B 234 9.14 24.68 -20.90
CA PRO B 234 8.63 23.45 -21.49
C PRO B 234 8.26 23.58 -22.95
N ALA B 235 7.92 24.73 -23.46
CA ALA B 235 7.69 24.90 -24.91
C ALA B 235 8.95 24.64 -25.75
N GLU B 236 10.10 25.08 -25.24
CA GLU B 236 11.41 24.93 -25.90
C GLU B 236 11.67 23.44 -26.20
N MET B 237 11.17 22.62 -25.25
CA MET B 237 11.27 21.19 -25.26
C MET B 237 10.28 20.60 -26.28
N GLY B 238 9.27 21.37 -26.66
CA GLY B 238 8.20 20.87 -27.52
C GLY B 238 8.68 20.61 -28.94
N GLY B 239 9.47 21.55 -29.49
CA GLY B 239 9.76 21.57 -30.94
C GLY B 239 10.47 20.31 -31.40
N GLY B 240 11.56 19.94 -30.68
CA GLY B 240 12.40 18.80 -31.03
C GLY B 240 11.68 17.47 -30.80
N VAL B 241 10.76 17.45 -29.80
CA VAL B 241 9.84 16.34 -29.65
C VAL B 241 8.91 16.25 -30.88
N VAL B 242 8.07 17.29 -31.02
CA VAL B 242 7.24 17.46 -32.18
C VAL B 242 8.01 16.98 -33.41
N TYR B 243 9.28 17.38 -33.46
CA TYR B 243 10.18 17.04 -34.53
C TYR B 243 10.15 15.52 -34.68
N LEU B 244 10.56 14.80 -33.61
CA LEU B 244 10.92 13.40 -33.77
C LEU B 244 9.77 12.54 -34.29
N CYS B 245 8.56 13.12 -34.31
CA CYS B 245 7.37 12.39 -34.68
C CYS B 245 6.93 12.68 -36.10
N SER B 246 7.86 13.18 -36.92
CA SER B 246 7.63 13.33 -38.35
C SER B 246 8.69 12.60 -39.18
N ASP B 247 8.50 12.67 -40.49
CA ASP B 247 9.47 12.28 -41.49
C ASP B 247 10.83 13.00 -41.28
N ALA B 248 10.78 14.18 -40.69
CA ALA B 248 11.95 14.98 -40.42
C ALA B 248 12.93 14.22 -39.50
N ALA B 249 12.41 13.23 -38.78
CA ALA B 249 13.27 12.30 -38.05
C ALA B 249 13.16 10.91 -38.69
N SER B 250 13.32 10.84 -40.01
CA SER B 250 13.16 9.62 -40.79
C SER B 250 14.40 8.71 -40.73
N PHE B 251 15.57 9.34 -40.58
CA PHE B 251 16.83 8.63 -40.38
C PHE B 251 17.39 8.97 -39.00
N VAL B 252 16.52 9.27 -38.04
CA VAL B 252 16.95 9.87 -36.79
C VAL B 252 16.42 9.02 -35.65
N THR B 253 17.06 7.88 -35.45
CA THR B 253 16.70 6.93 -34.41
C THR B 253 17.88 6.83 -33.42
N CYS B 254 17.53 6.32 -32.24
CA CYS B 254 18.39 6.12 -31.10
C CYS B 254 19.40 7.25 -31.01
N THR B 255 19.01 8.47 -31.44
CA THR B 255 19.81 9.64 -31.17
C THR B 255 19.77 9.95 -29.66
N GLU B 256 20.97 10.18 -29.05
CA GLU B 256 21.02 10.87 -27.78
C GLU B 256 20.47 12.29 -27.98
N PHE B 257 19.13 12.47 -28.00
CA PHE B 257 18.55 13.74 -28.32
C PHE B 257 18.55 14.65 -27.09
N VAL B 258 19.57 15.56 -27.03
CA VAL B 258 19.75 16.40 -25.84
C VAL B 258 19.12 17.74 -26.18
N MET B 259 18.34 18.27 -25.22
CA MET B 259 17.86 19.63 -25.32
C MET B 259 18.34 20.44 -24.11
N ASP B 260 19.66 20.51 -23.94
CA ASP B 260 20.27 20.85 -22.65
C ASP B 260 20.71 22.30 -22.59
N GLY B 261 20.95 22.94 -23.76
CA GLY B 261 21.47 24.30 -23.75
C GLY B 261 22.89 24.36 -23.23
N GLY B 262 23.44 23.26 -22.74
CA GLY B 262 24.87 23.05 -22.55
C GLY B 262 25.20 22.07 -21.42
N PHE B 263 24.16 21.57 -20.72
CA PHE B 263 24.36 20.92 -19.43
C PHE B 263 25.28 19.73 -19.56
N SER B 264 24.86 18.78 -20.42
CA SER B 264 25.62 17.54 -20.57
C SER B 264 26.95 17.77 -21.28
N GLN B 265 26.96 18.76 -22.18
CA GLN B 265 28.02 18.90 -23.17
C GLN B 265 29.33 19.44 -22.59
N VAL B 266 29.20 20.50 -21.75
CA VAL B 266 30.35 21.24 -21.24
C VAL B 266 30.86 20.59 -19.94
N ASN C 13 48.28 -2.84 -0.52
CA ASN C 13 48.91 -3.31 0.77
C ASN C 13 47.90 -3.07 1.88
N ASN C 14 47.63 -4.10 2.68
CA ASN C 14 46.68 -4.04 3.77
C ASN C 14 45.26 -3.71 3.26
N VAL C 15 44.87 -4.23 2.09
CA VAL C 15 43.62 -3.75 1.47
C VAL C 15 42.50 -4.78 1.56
N VAL C 16 41.45 -4.46 2.34
CA VAL C 16 40.43 -5.41 2.72
C VAL C 16 39.35 -5.47 1.65
N ALA C 17 39.21 -6.59 0.98
CA ALA C 17 38.56 -6.65 -0.34
C ALA C 17 37.47 -7.70 -0.38
N VAL C 18 36.23 -7.25 -0.67
CA VAL C 18 35.10 -8.16 -0.89
C VAL C 18 34.79 -8.16 -2.38
N VAL C 19 34.78 -9.40 -2.98
CA VAL C 19 34.53 -9.52 -4.42
C VAL C 19 33.43 -10.55 -4.65
N THR C 20 32.24 -10.11 -5.07
CA THR C 20 31.07 -10.97 -5.16
C THR C 20 31.11 -11.78 -6.45
N GLY C 21 30.23 -12.79 -6.55
CA GLY C 21 30.17 -13.73 -7.67
C GLY C 21 31.54 -14.18 -8.21
N ALA C 22 32.43 -14.47 -7.26
CA ALA C 22 33.85 -14.62 -7.53
C ALA C 22 34.19 -16.10 -7.75
N ALA C 23 33.18 -16.96 -8.01
CA ALA C 23 33.41 -18.31 -8.49
C ALA C 23 33.17 -18.41 -10.01
N GLY C 24 33.13 -17.26 -10.66
CA GLY C 24 32.93 -17.16 -12.09
C GLY C 24 34.27 -16.94 -12.81
N GLY C 25 34.17 -16.76 -14.14
CA GLY C 25 35.35 -16.74 -15.01
C GLY C 25 36.20 -15.52 -14.73
N ILE C 26 35.54 -14.34 -14.57
CA ILE C 26 36.22 -13.10 -14.25
C ILE C 26 36.35 -13.01 -12.74
N GLY C 27 35.29 -13.40 -12.03
CA GLY C 27 35.30 -13.40 -10.57
C GLY C 27 36.57 -14.02 -9.98
N ARG C 28 36.84 -15.28 -10.36
CA ARG C 28 37.98 -16.02 -9.83
C ARG C 28 39.27 -15.32 -10.22
N GLU C 29 39.36 -14.84 -11.46
CA GLU C 29 40.63 -14.34 -11.99
C GLU C 29 40.98 -13.02 -11.32
N LEU C 30 39.95 -12.12 -11.19
CA LEU C 30 40.14 -10.88 -10.47
C LEU C 30 40.95 -11.18 -9.19
N VAL C 31 40.53 -12.24 -8.50
CA VAL C 31 41.13 -12.65 -7.25
C VAL C 31 42.47 -13.32 -7.53
N LYS C 32 42.50 -14.28 -8.47
CA LYS C 32 43.73 -14.93 -8.86
C LYS C 32 44.71 -13.90 -9.41
N ALA C 33 44.31 -12.62 -9.46
CA ALA C 33 45.20 -11.49 -9.66
C ALA C 33 45.33 -10.68 -8.36
N MET C 34 44.24 -10.53 -7.59
CA MET C 34 44.23 -9.69 -6.41
C MET C 34 45.12 -10.26 -5.29
N LYS C 35 45.28 -11.58 -5.29
CA LYS C 35 46.21 -12.24 -4.37
C LYS C 35 47.52 -12.60 -5.06
N ALA C 36 47.57 -12.36 -6.40
CA ALA C 36 48.82 -12.21 -7.10
C ALA C 36 49.43 -10.84 -6.76
N ALA C 37 48.55 -9.84 -6.55
CA ALA C 37 48.97 -8.55 -6.06
C ALA C 37 48.73 -8.44 -4.56
N ASN C 38 48.52 -9.63 -3.93
CA ASN C 38 48.41 -9.81 -2.49
C ASN C 38 47.61 -8.67 -1.81
N ALA C 39 46.28 -8.76 -1.89
CA ALA C 39 45.35 -7.96 -1.11
C ALA C 39 44.60 -8.86 -0.17
N ILE C 40 43.75 -8.28 0.70
CA ILE C 40 43.02 -8.99 1.75
C ILE C 40 41.60 -9.25 1.24
N VAL C 41 41.38 -10.34 0.54
CA VAL C 41 40.23 -10.52 -0.33
C VAL C 41 39.41 -11.70 0.14
N ILE C 42 38.08 -11.59 0.04
CA ILE C 42 37.12 -12.65 0.30
C ILE C 42 36.39 -13.01 -1.01
N ALA C 43 36.24 -14.32 -1.23
CA ALA C 43 35.57 -14.81 -2.43
C ALA C 43 34.21 -15.39 -2.04
N THR C 44 33.15 -14.82 -2.62
CA THR C 44 31.78 -15.30 -2.43
C THR C 44 31.18 -15.64 -3.78
N ASP C 45 30.36 -16.67 -3.80
CA ASP C 45 29.39 -16.91 -4.88
C ASP C 45 28.06 -17.37 -4.25
N MET C 46 27.29 -18.25 -4.86
CA MET C 46 26.14 -18.83 -4.22
C MET C 46 26.33 -20.34 -3.97
N ALA C 47 27.42 -20.91 -4.44
CA ALA C 47 27.68 -22.33 -4.27
C ALA C 47 28.05 -22.58 -2.79
N PRO C 48 27.62 -23.73 -2.21
CA PRO C 48 28.20 -24.22 -0.94
C PRO C 48 29.66 -24.68 -1.10
N SER C 49 29.94 -25.43 -2.20
CA SER C 49 31.28 -25.91 -2.48
C SER C 49 31.74 -25.51 -3.90
N ALA C 50 32.45 -24.37 -3.98
CA ALA C 50 33.08 -23.93 -5.21
C ALA C 50 34.58 -23.71 -5.00
N ASP C 51 35.33 -23.77 -6.11
CA ASP C 51 36.79 -23.92 -6.10
C ASP C 51 37.44 -22.69 -6.71
N VAL C 52 37.99 -21.82 -5.87
CA VAL C 52 38.57 -20.56 -6.30
C VAL C 52 39.81 -20.33 -5.45
N GLU C 53 40.88 -19.86 -6.10
CA GLU C 53 42.20 -19.73 -5.53
C GLU C 53 42.65 -18.28 -5.45
N GLY C 54 43.25 -17.90 -4.34
CA GLY C 54 43.67 -16.52 -4.08
C GLY C 54 43.10 -15.91 -2.80
N ALA C 55 41.77 -15.93 -2.66
CA ALA C 55 41.07 -15.22 -1.59
C ALA C 55 41.35 -15.79 -0.20
N ASP C 56 40.76 -15.13 0.81
CA ASP C 56 41.07 -15.40 2.23
C ASP C 56 39.92 -16.15 2.91
N HIS C 57 38.67 -15.81 2.59
CA HIS C 57 37.52 -16.51 3.17
C HIS C 57 36.50 -16.84 2.10
N TYR C 58 35.96 -18.08 2.14
CA TYR C 58 34.87 -18.44 1.24
C TYR C 58 33.56 -18.59 2.02
N LEU C 59 32.52 -17.88 1.54
CA LEU C 59 31.25 -17.71 2.25
C LEU C 59 30.10 -18.21 1.39
N GLN C 60 28.88 -17.83 1.77
CA GLN C 60 27.69 -18.23 1.04
C GLN C 60 26.57 -17.21 1.19
N HIS C 61 26.76 -16.08 0.51
CA HIS C 61 25.83 -14.96 0.55
C HIS C 61 25.39 -14.60 -0.86
N ASP C 62 24.08 -14.69 -1.08
CA ASP C 62 23.48 -14.28 -2.31
C ASP C 62 23.50 -12.76 -2.41
N VAL C 63 23.85 -12.30 -3.62
CA VAL C 63 24.01 -10.88 -3.96
C VAL C 63 22.69 -10.14 -3.91
N THR C 64 21.54 -10.86 -3.92
CA THR C 64 20.24 -10.29 -3.67
C THR C 64 19.94 -10.15 -2.17
N SER C 65 20.14 -11.26 -1.41
CA SER C 65 19.83 -11.34 0.02
C SER C 65 20.48 -10.21 0.80
N GLU C 66 19.66 -9.45 1.55
CA GLU C 66 20.21 -8.39 2.38
C GLU C 66 20.76 -8.96 3.67
N ALA C 67 20.30 -10.16 4.06
CA ALA C 67 20.75 -10.80 5.28
C ALA C 67 22.23 -11.15 5.12
N GLY C 68 22.53 -11.85 3.99
CA GLY C 68 23.90 -12.26 3.70
C GLY C 68 24.86 -11.08 3.56
N TRP C 69 24.35 -9.90 3.14
CA TRP C 69 25.12 -8.71 2.94
C TRP C 69 25.66 -8.14 4.25
N LYS C 70 25.09 -8.51 5.39
CA LYS C 70 25.56 -8.08 6.70
C LYS C 70 26.33 -9.19 7.43
N ALA C 71 26.34 -10.38 6.84
CA ALA C 71 27.15 -11.51 7.29
C ALA C 71 28.62 -11.22 6.94
N VAL C 72 28.85 -10.64 5.76
CA VAL C 72 30.17 -10.32 5.25
C VAL C 72 30.72 -9.09 5.97
N ALA C 73 29.82 -8.18 6.32
CA ALA C 73 30.14 -6.97 7.07
C ALA C 73 30.69 -7.35 8.44
N ALA C 74 29.96 -8.27 9.13
CA ALA C 74 30.34 -8.74 10.44
C ALA C 74 31.76 -9.36 10.44
N LEU C 75 32.05 -10.11 9.39
CA LEU C 75 33.29 -10.87 9.25
C LEU C 75 34.46 -9.91 9.04
N ALA C 76 34.20 -8.79 8.36
CA ALA C 76 35.18 -7.73 8.20
C ALA C 76 35.22 -6.87 9.47
N GLN C 77 34.07 -6.67 10.09
CA GLN C 77 33.94 -5.92 11.33
C GLN C 77 34.73 -6.57 12.45
N GLU C 78 34.50 -7.89 12.60
CA GLU C 78 35.26 -8.76 13.49
C GLU C 78 36.76 -8.55 13.17
N LYS C 79 37.19 -9.00 12.01
CA LYS C 79 38.62 -9.20 11.76
C LYS C 79 39.30 -7.85 11.70
N TYR C 80 38.87 -7.00 10.77
CA TYR C 80 39.64 -5.82 10.35
C TYR C 80 39.00 -4.50 10.83
N GLY C 81 37.65 -4.52 10.99
CA GLY C 81 36.89 -3.39 11.47
C GLY C 81 36.50 -2.39 10.38
N ARG C 82 36.93 -2.63 9.13
CA ARG C 82 37.01 -1.61 8.10
C ARG C 82 37.30 -2.25 6.73
N VAL C 83 36.68 -1.69 5.67
CA VAL C 83 36.63 -2.36 4.38
C VAL C 83 37.08 -1.38 3.29
N ASP C 84 37.98 -1.88 2.44
CA ASP C 84 38.65 -1.01 1.49
C ASP C 84 38.07 -1.20 0.07
N ALA C 85 38.43 -2.34 -0.54
CA ALA C 85 38.02 -2.65 -1.88
C ALA C 85 36.66 -3.35 -1.88
N LEU C 86 35.88 -3.07 -2.93
CA LEU C 86 34.53 -3.58 -3.04
C LEU C 86 34.10 -3.70 -4.51
N VAL C 87 34.16 -4.92 -5.04
CA VAL C 87 34.15 -5.16 -6.47
C VAL C 87 32.87 -5.90 -6.85
N HIS C 88 31.81 -5.11 -7.06
CA HIS C 88 30.52 -5.64 -7.48
C HIS C 88 30.67 -6.26 -8.86
N ASN C 89 30.88 -7.59 -8.85
CA ASN C 89 31.22 -8.39 -10.00
C ASN C 89 30.31 -9.60 -10.12
N ALA C 90 28.96 -9.36 -10.01
CA ALA C 90 27.96 -10.41 -9.95
C ALA C 90 26.71 -10.08 -10.77
N GLY C 91 26.50 -10.84 -11.86
CA GLY C 91 25.59 -10.51 -12.97
C GLY C 91 24.93 -11.76 -13.56
N ILE C 92 23.84 -11.52 -14.30
CA ILE C 92 23.05 -12.54 -14.99
C ILE C 92 22.61 -11.91 -16.32
N SER C 93 22.18 -12.77 -17.28
CA SER C 93 22.12 -12.44 -18.71
C SER C 93 21.11 -13.34 -19.45
N ILE C 94 19.80 -13.11 -19.20
CA ILE C 94 18.72 -13.80 -19.89
C ILE C 94 18.44 -13.07 -21.19
N VAL C 95 18.77 -13.77 -22.32
CA VAL C 95 18.57 -13.09 -23.60
C VAL C 95 17.10 -13.29 -23.91
N THR C 96 16.46 -12.36 -24.60
CA THR C 96 15.07 -12.46 -25.01
C THR C 96 14.63 -11.15 -25.72
N LYS C 97 13.68 -11.31 -26.66
CA LYS C 97 13.02 -10.26 -27.39
C LYS C 97 12.10 -9.46 -26.46
N PHE C 98 12.02 -8.14 -26.70
CA PHE C 98 11.29 -7.23 -25.82
C PHE C 98 9.81 -7.61 -25.73
N GLU C 99 9.15 -7.72 -26.89
CA GLU C 99 7.73 -8.08 -26.92
C GLU C 99 7.45 -9.42 -26.30
N ASP C 100 8.47 -10.27 -26.20
CA ASP C 100 8.32 -11.65 -25.75
C ASP C 100 8.86 -11.83 -24.31
N THR C 101 9.43 -10.76 -23.71
CA THR C 101 9.98 -10.85 -22.37
C THR C 101 8.89 -10.46 -21.38
N PRO C 102 8.55 -11.33 -20.39
CA PRO C 102 7.86 -10.92 -19.15
C PRO C 102 8.48 -9.69 -18.48
N LEU C 103 7.66 -8.86 -17.85
CA LEU C 103 8.13 -7.64 -17.24
C LEU C 103 8.97 -7.95 -16.01
N SER C 104 8.57 -9.02 -15.32
CA SER C 104 9.24 -9.47 -14.11
C SER C 104 10.68 -9.88 -14.42
N ASP C 105 10.96 -10.27 -15.66
CA ASP C 105 12.28 -10.67 -16.08
C ASP C 105 13.23 -9.49 -16.01
N PHE C 106 12.73 -8.30 -16.38
CA PHE C 106 13.53 -7.11 -16.33
C PHE C 106 13.90 -6.86 -14.87
N HIS C 107 12.96 -7.17 -13.98
CA HIS C 107 13.09 -6.94 -12.53
C HIS C 107 14.16 -7.86 -11.97
N ARG C 108 14.13 -9.17 -12.33
CA ARG C 108 15.08 -10.13 -11.82
C ARG C 108 16.50 -9.63 -12.12
N VAL C 109 16.71 -9.25 -13.38
CA VAL C 109 18.02 -8.82 -13.85
C VAL C 109 18.43 -7.57 -13.07
N ASN C 110 17.47 -6.71 -12.79
CA ASN C 110 17.66 -5.57 -11.90
C ASN C 110 17.98 -6.09 -10.52
N THR C 111 17.16 -7.03 -10.03
CA THR C 111 17.22 -7.48 -8.63
C THR C 111 18.62 -8.04 -8.31
N VAL C 112 19.23 -8.78 -9.28
CA VAL C 112 20.61 -9.13 -9.10
C VAL C 112 21.48 -7.89 -9.36
N ASN C 113 21.62 -7.48 -10.64
CA ASN C 113 22.77 -6.69 -11.10
C ASN C 113 22.70 -5.25 -10.67
N VAL C 114 21.58 -4.83 -10.07
CA VAL C 114 21.37 -3.47 -9.60
C VAL C 114 21.19 -3.43 -8.07
N ASP C 115 20.29 -4.33 -7.56
CA ASP C 115 20.01 -4.37 -6.13
C ASP C 115 21.26 -4.85 -5.40
N SER C 116 21.87 -5.92 -5.87
CA SER C 116 23.13 -6.31 -5.28
C SER C 116 23.96 -5.06 -4.92
N ILE C 117 24.07 -4.13 -5.91
CA ILE C 117 25.08 -3.07 -5.89
C ILE C 117 24.66 -1.93 -4.94
N ILE C 118 23.39 -1.59 -4.98
CA ILE C 118 22.88 -0.58 -4.07
C ILE C 118 22.92 -1.23 -2.70
N ILE C 119 22.31 -2.47 -2.56
CA ILE C 119 22.11 -3.10 -1.28
C ILE C 119 23.44 -3.17 -0.51
N GLY C 120 24.39 -3.90 -1.11
CA GLY C 120 25.66 -4.10 -0.45
C GLY C 120 26.27 -2.78 0.13
N THR C 121 26.45 -1.83 -0.78
CA THR C 121 27.22 -0.64 -0.57
C THR C 121 26.77 0.14 0.68
N GLN C 122 25.48 0.12 0.98
CA GLN C 122 24.97 0.84 2.15
C GLN C 122 25.38 0.10 3.40
N VAL C 123 25.40 -1.28 3.32
CA VAL C 123 25.69 -2.14 4.46
C VAL C 123 27.15 -2.01 4.81
N LEU C 124 28.02 -1.93 3.76
CA LEU C 124 29.45 -1.92 3.98
C LEU C 124 29.94 -0.51 4.14
N LEU C 125 29.09 0.51 3.98
CA LEU C 125 29.54 1.91 3.98
C LEU C 125 30.08 2.30 5.37
N PRO C 126 29.45 1.89 6.50
CA PRO C 126 30.08 2.01 7.82
C PRO C 126 31.52 1.50 7.85
N LEU C 127 31.76 0.46 7.06
CA LEU C 127 33.08 -0.12 6.90
C LEU C 127 33.86 0.56 5.79
N LEU C 128 33.17 1.23 4.88
CA LEU C 128 33.79 1.98 3.80
C LEU C 128 34.39 3.28 4.36
N LYS C 129 33.60 4.00 5.22
CA LYS C 129 34.09 5.26 5.77
C LYS C 129 35.46 5.06 6.37
N GLU C 130 35.66 3.89 7.02
CA GLU C 130 36.82 3.60 7.83
C GLU C 130 38.02 3.25 6.94
N GLY C 131 37.74 2.58 5.82
CA GLY C 131 38.74 2.30 4.79
C GLY C 131 39.08 3.56 4.00
N GLY C 132 38.13 4.49 3.92
CA GLY C 132 38.39 5.86 3.51
C GLY C 132 38.81 6.74 4.73
N LYS C 133 39.03 6.10 5.90
CA LYS C 133 39.73 6.69 7.02
C LYS C 133 41.16 6.10 7.09
N ALA C 134 41.44 5.02 6.36
CA ALA C 134 42.69 4.33 6.48
C ALA C 134 43.40 3.89 5.21
N ARG C 135 43.19 4.61 4.12
CA ARG C 135 44.04 4.47 2.92
C ARG C 135 43.99 5.85 2.28
N ALA C 136 45.14 6.44 1.95
CA ALA C 136 45.14 7.86 1.51
C ALA C 136 44.20 8.15 0.33
N GLY C 137 44.10 7.21 -0.63
CA GLY C 137 43.20 7.38 -1.78
C GLY C 137 41.74 7.27 -1.38
N GLY C 138 41.40 6.32 -0.50
CA GLY C 138 40.02 6.26 0.02
C GLY C 138 39.37 4.91 -0.10
N ALA C 139 38.06 4.85 0.18
CA ALA C 139 37.31 3.63 0.07
C ALA C 139 37.00 3.40 -1.40
N SER C 140 37.32 2.18 -1.84
CA SER C 140 37.30 1.79 -3.25
C SER C 140 36.04 0.98 -3.55
N VAL C 141 35.23 1.47 -4.51
CA VAL C 141 33.93 0.83 -4.81
C VAL C 141 33.85 0.56 -6.31
N VAL C 142 33.54 -0.70 -6.68
CA VAL C 142 33.73 -1.17 -8.05
C VAL C 142 32.50 -1.93 -8.47
N ASN C 143 32.04 -1.78 -9.71
CA ASN C 143 30.67 -2.15 -10.15
C ASN C 143 30.66 -2.51 -11.62
N PHE C 144 30.66 -3.79 -11.93
CA PHE C 144 30.86 -4.20 -13.30
C PHE C 144 29.65 -3.73 -14.16
N SER C 145 29.85 -2.64 -14.92
CA SER C 145 29.05 -2.39 -16.09
C SER C 145 29.61 -3.15 -17.30
N SER C 146 29.53 -2.53 -18.48
CA SER C 146 29.85 -3.20 -19.73
C SER C 146 29.60 -2.25 -20.87
N VAL C 147 30.02 -2.63 -22.09
CA VAL C 147 29.75 -1.80 -23.27
C VAL C 147 28.25 -1.85 -23.48
N ALA C 148 27.61 -2.97 -23.07
CA ALA C 148 26.18 -3.12 -23.32
C ALA C 148 25.52 -1.91 -22.70
N GLY C 149 26.17 -1.31 -21.66
CA GLY C 149 25.64 -0.12 -21.04
C GLY C 149 26.10 1.19 -21.69
N LEU C 150 26.89 1.10 -22.76
CA LEU C 150 27.41 2.28 -23.49
C LEU C 150 26.73 2.37 -24.90
N ARG C 151 26.43 1.15 -25.40
CA ARG C 151 25.70 1.03 -26.60
C ARG C 151 24.60 0.02 -26.38
N GLY C 152 23.49 0.23 -27.13
CA GLY C 152 22.44 -0.75 -27.38
C GLY C 152 22.99 -1.92 -28.18
N ALA C 153 22.44 -3.10 -27.90
CA ALA C 153 22.41 -4.17 -28.86
C ALA C 153 20.93 -4.60 -29.04
N ALA C 154 20.61 -5.05 -30.30
CA ALA C 154 19.33 -5.69 -30.45
C ALA C 154 19.31 -7.02 -29.71
N PHE C 155 18.24 -7.29 -28.90
CA PHE C 155 18.00 -8.61 -28.33
C PHE C 155 18.68 -8.78 -26.98
N ASN C 156 19.68 -7.97 -26.66
CA ASN C 156 20.12 -7.71 -25.29
C ASN C 156 19.46 -6.44 -24.74
N ALA C 157 18.21 -6.22 -25.21
CA ALA C 157 17.33 -5.21 -24.69
C ALA C 157 17.32 -5.24 -23.14
N ALA C 158 17.31 -6.44 -22.62
CA ALA C 158 17.24 -6.64 -21.18
C ALA C 158 18.59 -6.24 -20.54
N TYR C 159 19.67 -6.72 -21.13
CA TYR C 159 20.97 -6.78 -20.46
C TYR C 159 21.65 -5.41 -20.57
N CYS C 160 21.15 -4.52 -21.42
CA CYS C 160 21.86 -3.27 -21.68
C CYS C 160 21.44 -2.26 -20.65
N THR C 161 20.13 -2.17 -20.41
CA THR C 161 19.57 -1.03 -19.67
C THR C 161 20.13 -0.99 -18.24
N SER C 162 20.37 -2.17 -17.70
CA SER C 162 20.79 -2.38 -16.34
C SER C 162 22.26 -2.06 -16.20
N LYS C 163 23.08 -2.61 -17.15
CA LYS C 163 24.51 -2.38 -17.14
C LYS C 163 24.81 -0.90 -17.34
N ALA C 164 23.99 -0.23 -18.17
CA ALA C 164 23.96 1.22 -18.27
C ALA C 164 23.51 1.82 -16.96
N ALA C 165 22.42 1.28 -16.42
CA ALA C 165 21.82 1.82 -15.21
C ALA C 165 22.67 1.50 -13.99
N VAL C 166 23.76 0.71 -14.14
CA VAL C 166 24.72 0.53 -13.06
C VAL C 166 25.72 1.67 -13.10
N LYS C 167 26.33 1.84 -14.29
CA LYS C 167 27.31 2.89 -14.55
C LYS C 167 26.91 4.21 -13.85
N MET C 168 25.63 4.55 -14.00
CA MET C 168 25.10 5.82 -13.57
C MET C 168 25.02 5.92 -12.06
N LEU C 169 24.72 4.79 -11.39
CA LEU C 169 24.82 4.73 -9.93
C LEU C 169 26.27 5.03 -9.55
N SER C 170 27.21 4.38 -10.27
CA SER C 170 28.63 4.55 -10.09
C SER C 170 28.96 6.03 -10.14
N LYS C 171 28.50 6.69 -11.22
CA LYS C 171 28.71 8.12 -11.40
C LYS C 171 28.17 8.85 -10.17
N CYS C 172 26.93 8.50 -9.79
CA CYS C 172 26.26 9.20 -8.72
C CYS C 172 27.03 9.04 -7.42
N LEU C 173 27.36 7.80 -7.05
CA LEU C 173 27.94 7.50 -5.73
C LEU C 173 29.24 8.27 -5.51
N GLY C 174 30.06 8.45 -6.56
CA GLY C 174 31.32 9.14 -6.47
C GLY C 174 31.14 10.64 -6.22
N ALA C 175 29.99 11.17 -6.66
CA ALA C 175 29.64 12.57 -6.45
C ALA C 175 29.16 12.77 -5.02
N GLU C 176 28.20 11.93 -4.61
CA GLU C 176 27.59 12.06 -3.28
C GLU C 176 28.66 11.85 -2.20
N PHE C 177 29.42 10.76 -2.37
CA PHE C 177 30.39 10.35 -1.36
C PHE C 177 31.36 11.50 -1.10
N ALA C 178 31.88 12.02 -2.19
CA ALA C 178 32.83 13.13 -2.12
C ALA C 178 32.17 14.39 -1.54
N ALA C 179 30.96 14.70 -2.06
CA ALA C 179 30.19 15.84 -1.60
C ALA C 179 30.00 15.80 -0.08
N LEU C 180 29.98 14.58 0.49
CA LEU C 180 29.59 14.36 1.86
C LEU C 180 30.83 14.33 2.77
N GLY C 181 32.03 14.41 2.17
CA GLY C 181 33.24 14.28 2.96
C GLY C 181 33.65 12.83 3.14
N TYR C 182 32.92 11.93 2.48
CA TYR C 182 33.29 10.52 2.40
C TYR C 182 34.53 10.43 1.51
N ASN C 183 35.64 9.98 2.12
CA ASN C 183 36.78 9.61 1.33
C ASN C 183 36.50 8.22 0.74
N ILE C 184 35.65 8.21 -0.30
CA ILE C 184 35.13 7.01 -0.91
C ILE C 184 34.97 7.27 -2.39
N ARG C 185 35.77 6.60 -3.22
CA ARG C 185 35.79 6.75 -4.67
C ARG C 185 34.96 5.65 -5.29
N VAL C 186 34.40 5.92 -6.49
CA VAL C 186 33.58 4.93 -7.19
C VAL C 186 33.94 4.96 -8.67
N ASN C 187 34.45 3.86 -9.20
CA ASN C 187 34.58 3.65 -10.64
C ASN C 187 33.57 2.60 -11.11
N SER C 188 33.49 2.40 -12.42
CA SER C 188 32.60 1.36 -12.95
C SER C 188 33.23 0.71 -14.15
N VAL C 189 33.63 -0.56 -14.02
CA VAL C 189 34.38 -1.21 -15.08
C VAL C 189 33.42 -1.48 -16.21
N HIS C 190 33.86 -1.28 -17.46
CA HIS C 190 33.04 -1.56 -18.62
C HIS C 190 33.80 -2.56 -19.49
N PRO C 191 33.72 -3.88 -19.20
CA PRO C 191 34.31 -4.91 -20.04
C PRO C 191 33.74 -5.04 -21.45
N GLY C 192 34.28 -6.01 -22.17
CA GLY C 192 33.92 -6.33 -23.53
C GLY C 192 33.24 -7.71 -23.56
N GLY C 193 33.29 -8.33 -24.77
CA GLY C 193 32.77 -9.67 -24.98
C GLY C 193 33.75 -10.70 -24.43
N ILE C 194 33.43 -11.22 -23.24
CA ILE C 194 34.35 -12.09 -22.52
C ILE C 194 33.98 -13.52 -22.92
N ASP C 195 35.00 -14.36 -23.20
CA ASP C 195 34.86 -15.80 -23.35
C ASP C 195 34.77 -16.44 -21.96
N THR C 196 33.71 -16.06 -21.21
CA THR C 196 33.21 -16.79 -20.08
C THR C 196 32.02 -17.64 -20.53
N PRO C 197 31.89 -18.92 -20.10
CA PRO C 197 30.83 -19.79 -20.60
C PRO C 197 29.41 -19.29 -20.33
N MET C 198 29.25 -18.13 -19.66
CA MET C 198 28.06 -17.28 -19.80
C MET C 198 27.70 -17.14 -21.29
N LEU C 199 28.68 -16.71 -22.09
CA LEU C 199 28.46 -16.26 -23.45
C LEU C 199 28.33 -17.46 -24.39
N GLY C 200 28.91 -18.61 -24.01
CA GLY C 200 28.89 -19.82 -24.81
C GLY C 200 27.48 -20.38 -24.89
N SER C 201 26.68 -20.22 -23.84
CA SER C 201 25.29 -20.64 -23.81
C SER C 201 24.36 -19.59 -24.44
N LEU C 202 24.82 -18.33 -24.49
CA LEU C 202 24.01 -17.20 -24.88
C LEU C 202 23.87 -17.19 -26.39
N MET C 203 24.85 -17.77 -27.13
CA MET C 203 24.96 -17.50 -28.56
C MET C 203 24.02 -18.40 -29.35
N ASP C 204 23.65 -19.54 -28.77
CA ASP C 204 22.57 -20.36 -29.35
C ASP C 204 21.26 -19.59 -29.20
N LYS C 205 21.14 -18.71 -28.22
CA LYS C 205 19.96 -17.89 -27.97
C LYS C 205 19.90 -16.78 -29.02
N TYR C 206 21.09 -16.25 -29.44
CA TYR C 206 21.17 -15.31 -30.53
C TYR C 206 20.70 -15.93 -31.83
N VAL C 207 21.18 -17.16 -32.07
CA VAL C 207 20.79 -17.98 -33.20
C VAL C 207 19.30 -18.32 -33.08
N GLU C 208 18.87 -18.75 -31.86
CA GLU C 208 17.48 -19.09 -31.61
C GLU C 208 16.58 -18.07 -32.30
N LEU C 209 16.93 -16.81 -32.13
CA LEU C 209 16.09 -15.70 -32.55
C LEU C 209 16.62 -15.15 -33.88
N GLY C 210 17.13 -16.06 -34.72
CA GLY C 210 17.39 -15.82 -36.14
C GLY C 210 18.04 -14.47 -36.39
N ALA C 211 18.87 -14.09 -35.41
CA ALA C 211 19.78 -12.95 -35.50
C ALA C 211 21.03 -13.40 -36.25
N ALA C 212 21.34 -14.69 -36.20
CA ALA C 212 22.39 -15.31 -36.99
C ALA C 212 22.03 -16.77 -37.26
N PRO C 213 22.48 -17.36 -38.37
CA PRO C 213 22.36 -18.81 -38.61
C PRO C 213 22.77 -19.74 -37.46
N SER C 214 24.05 -19.72 -37.10
CA SER C 214 24.60 -20.69 -36.15
C SER C 214 25.54 -20.00 -35.16
N ARG C 215 25.92 -20.73 -34.11
CA ARG C 215 26.80 -20.22 -33.07
C ARG C 215 28.18 -19.84 -33.62
N GLU C 216 28.52 -20.40 -34.78
CA GLU C 216 29.72 -20.09 -35.53
C GLU C 216 29.44 -18.88 -36.44
N VAL C 217 28.31 -18.17 -36.17
CA VAL C 217 27.97 -16.91 -36.81
C VAL C 217 27.95 -15.84 -35.72
N ALA C 218 27.48 -16.22 -34.51
CA ALA C 218 27.51 -15.32 -33.36
C ALA C 218 28.94 -15.07 -32.93
N GLN C 219 29.67 -16.14 -32.64
CA GLN C 219 31.05 -16.06 -32.18
C GLN C 219 31.95 -15.37 -33.21
N ALA C 220 31.97 -15.89 -34.43
CA ALA C 220 32.81 -15.37 -35.48
C ALA C 220 32.51 -13.88 -35.72
N ALA C 221 31.23 -13.49 -35.60
CA ALA C 221 30.86 -12.12 -35.84
C ALA C 221 31.06 -11.30 -34.58
N MET C 222 30.88 -11.92 -33.40
CA MET C 222 31.05 -11.26 -32.12
C MET C 222 32.48 -10.72 -32.01
N GLU C 223 33.44 -11.59 -32.33
CA GLU C 223 34.86 -11.26 -32.37
C GLU C 223 35.14 -10.13 -33.34
N MET C 224 34.56 -10.24 -34.55
CA MET C 224 34.72 -9.28 -35.63
C MET C 224 34.23 -7.88 -35.22
N ARG C 225 33.23 -7.84 -34.31
CA ARG C 225 32.71 -6.58 -33.81
C ARG C 225 33.55 -6.09 -32.65
N HIS C 226 34.68 -6.73 -32.34
CA HIS C 226 35.77 -6.11 -31.62
C HIS C 226 36.89 -5.64 -32.56
N PRO C 227 37.21 -4.33 -32.59
CA PRO C 227 38.33 -3.83 -33.38
C PRO C 227 39.63 -4.61 -33.33
N ILE C 228 39.95 -5.18 -32.15
CA ILE C 228 41.24 -5.86 -32.00
C ILE C 228 41.18 -7.18 -32.74
N GLY C 229 39.97 -7.73 -32.96
CA GLY C 229 39.80 -8.79 -33.98
C GLY C 229 39.22 -10.05 -33.37
N ARG C 230 39.13 -10.03 -32.05
CA ARG C 230 38.72 -11.21 -31.29
C ARG C 230 37.85 -10.71 -30.14
N MET C 231 37.43 -11.65 -29.29
CA MET C 231 36.77 -11.34 -28.02
C MET C 231 37.83 -10.91 -26.99
N GLY C 232 37.57 -11.07 -25.69
CA GLY C 232 38.60 -10.88 -24.69
C GLY C 232 38.71 -12.05 -23.72
N ARG C 233 39.94 -12.47 -23.47
CA ARG C 233 40.24 -13.49 -22.46
C ARG C 233 40.05 -12.85 -21.08
N PRO C 234 39.49 -13.54 -20.09
CA PRO C 234 39.47 -13.07 -18.71
C PRO C 234 40.85 -12.79 -18.15
N ALA C 235 41.93 -13.27 -18.84
CA ALA C 235 43.29 -12.95 -18.50
C ALA C 235 43.74 -11.52 -18.85
N GLU C 236 42.86 -10.73 -19.52
CA GLU C 236 43.11 -9.32 -19.84
C GLU C 236 42.35 -8.38 -18.91
N MET C 237 41.47 -8.93 -18.06
CA MET C 237 40.85 -8.17 -17.00
C MET C 237 41.68 -8.24 -15.71
N GLY C 238 42.91 -8.85 -15.78
CA GLY C 238 43.78 -8.97 -14.63
C GLY C 238 44.09 -7.63 -13.91
N GLY C 239 44.88 -6.74 -14.58
CA GLY C 239 45.50 -5.62 -13.89
C GLY C 239 44.65 -4.35 -13.82
N GLY C 240 43.32 -4.47 -13.71
CA GLY C 240 42.49 -3.35 -14.14
C GLY C 240 41.80 -2.76 -12.92
N VAL C 241 40.96 -3.63 -12.39
CA VAL C 241 40.10 -3.28 -11.24
C VAL C 241 40.97 -3.06 -10.02
N VAL C 242 41.79 -4.04 -9.76
CA VAL C 242 42.91 -3.97 -8.83
C VAL C 242 43.40 -2.53 -8.82
N TYR C 243 43.57 -1.91 -9.99
CA TYR C 243 44.10 -0.57 -10.13
C TYR C 243 43.07 0.43 -9.63
N LEU C 244 41.78 0.16 -9.83
CA LEU C 244 40.72 0.95 -9.18
C LEU C 244 40.71 0.77 -7.64
N CYS C 245 41.46 -0.19 -7.09
CA CYS C 245 41.64 -0.33 -5.68
C CYS C 245 42.96 0.34 -5.18
N SER C 246 43.76 0.82 -6.14
CA SER C 246 45.12 1.25 -5.85
C SER C 246 45.11 2.71 -5.43
N ASP C 247 46.09 3.09 -4.57
CA ASP C 247 46.30 4.51 -4.28
C ASP C 247 46.46 5.24 -5.64
N ALA C 248 46.95 4.53 -6.66
CA ALA C 248 47.26 5.09 -7.95
C ALA C 248 46.01 5.69 -8.57
N ALA C 249 44.91 4.94 -8.43
CA ALA C 249 43.59 5.44 -8.91
C ALA C 249 43.12 6.57 -7.99
N SER C 250 44.07 7.31 -7.42
CA SER C 250 43.76 8.32 -6.42
C SER C 250 42.94 9.40 -7.08
N PHE C 251 43.20 9.65 -8.38
CA PHE C 251 42.46 10.66 -9.12
C PHE C 251 41.56 9.97 -10.13
N VAL C 252 40.83 8.97 -9.65
CA VAL C 252 39.96 8.17 -10.52
C VAL C 252 38.71 7.82 -9.74
N THR C 253 37.59 8.38 -10.18
CA THR C 253 36.29 8.06 -9.60
C THR C 253 35.19 8.58 -10.51
N CYS C 254 33.96 8.11 -10.28
CA CYS C 254 32.80 8.21 -11.18
C CYS C 254 33.11 7.62 -12.57
N THR C 255 34.39 7.22 -12.77
CA THR C 255 34.97 7.20 -14.11
C THR C 255 34.42 5.94 -14.83
N GLU C 256 34.29 6.06 -16.15
CA GLU C 256 34.18 4.93 -17.05
C GLU C 256 35.57 4.33 -17.30
N PHE C 257 35.91 3.35 -16.41
CA PHE C 257 37.18 2.64 -16.53
C PHE C 257 37.04 1.53 -17.58
N VAL C 258 37.45 1.79 -18.81
CA VAL C 258 37.09 1.00 -19.96
C VAL C 258 38.25 0.12 -20.38
N MET C 259 37.90 -1.10 -20.82
CA MET C 259 38.82 -2.06 -21.44
C MET C 259 38.01 -2.85 -22.48
N ASP C 260 37.87 -2.28 -23.70
CA ASP C 260 36.82 -2.73 -24.64
C ASP C 260 37.38 -3.43 -25.88
N GLY C 261 38.68 -3.37 -26.06
CA GLY C 261 39.31 -3.78 -27.32
C GLY C 261 39.06 -2.80 -28.45
N GLY C 262 38.52 -1.62 -28.14
CA GLY C 262 37.99 -0.66 -29.11
C GLY C 262 36.49 -0.85 -29.40
N PHE C 263 35.82 -1.71 -28.61
CA PHE C 263 34.45 -2.07 -28.94
C PHE C 263 33.57 -0.83 -29.02
N SER C 264 33.17 -0.36 -27.84
CA SER C 264 32.26 0.78 -27.74
C SER C 264 32.84 2.02 -28.41
N GLN C 265 34.15 1.95 -28.62
CA GLN C 265 34.90 3.07 -29.18
C GLN C 265 34.73 3.19 -30.67
N VAL C 266 34.45 2.10 -31.36
CA VAL C 266 34.17 2.13 -32.82
C VAL C 266 33.04 1.12 -33.12
N ALA D 11 -43.04 1.13 -2.80
CA ALA D 11 -44.45 0.98 -2.34
C ALA D 11 -44.63 1.49 -0.90
N LEU D 12 -44.67 2.82 -0.73
CA LEU D 12 -45.11 3.51 0.47
C LEU D 12 -46.45 4.16 0.17
N ASN D 13 -47.48 3.32 -0.01
CA ASN D 13 -48.87 3.76 -0.19
C ASN D 13 -49.77 2.97 0.77
N ASN D 14 -50.67 3.70 1.47
CA ASN D 14 -51.50 3.10 2.52
C ASN D 14 -50.60 2.54 3.64
N VAL D 15 -49.74 3.47 4.10
CA VAL D 15 -48.75 3.17 5.13
C VAL D 15 -48.66 4.36 6.05
N VAL D 16 -49.26 4.22 7.25
CA VAL D 16 -49.27 5.26 8.26
C VAL D 16 -48.00 5.15 9.09
N ALA D 17 -47.15 6.17 9.01
CA ALA D 17 -45.94 6.21 9.79
C ALA D 17 -46.12 6.95 11.12
N VAL D 18 -45.10 6.80 11.97
CA VAL D 18 -44.85 7.68 13.11
C VAL D 18 -43.38 8.02 13.07
N VAL D 19 -43.02 9.27 13.42
CA VAL D 19 -41.64 9.75 13.28
C VAL D 19 -41.18 10.57 14.46
N THR D 20 -40.07 10.17 15.12
CA THR D 20 -39.54 10.93 16.24
C THR D 20 -38.28 11.69 15.83
N GLY D 21 -37.73 12.50 16.76
CA GLY D 21 -36.65 13.43 16.49
C GLY D 21 -36.91 14.31 15.29
N ALA D 22 -38.20 14.73 15.13
CA ALA D 22 -38.71 15.23 13.85
C ALA D 22 -38.06 16.54 13.37
N ALA D 23 -37.93 17.48 14.29
CA ALA D 23 -37.28 18.76 13.99
C ALA D 23 -35.77 18.56 13.78
N GLY D 24 -35.25 17.42 14.27
CA GLY D 24 -33.86 17.06 14.03
C GLY D 24 -33.53 17.14 12.54
N GLY D 25 -32.25 17.42 12.23
CA GLY D 25 -31.80 17.72 10.88
C GLY D 25 -31.95 16.55 9.91
N ILE D 26 -31.51 15.34 10.34
CA ILE D 26 -31.79 14.14 9.57
C ILE D 26 -33.31 13.92 9.59
N GLY D 27 -33.88 13.98 10.76
CA GLY D 27 -35.32 13.82 10.97
C GLY D 27 -36.15 14.57 9.90
N ARG D 28 -35.68 15.78 9.51
CA ARG D 28 -36.38 16.59 8.55
C ARG D 28 -36.21 15.98 7.17
N GLU D 29 -34.98 15.60 6.84
CA GLU D 29 -34.71 14.89 5.58
C GLU D 29 -35.61 13.66 5.46
N LEU D 30 -35.72 12.93 6.57
CA LEU D 30 -36.44 11.68 6.62
C LEU D 30 -37.93 11.89 6.33
N VAL D 31 -38.44 13.10 6.62
CA VAL D 31 -39.85 13.39 6.49
C VAL D 31 -40.17 13.63 5.02
N LYS D 32 -39.52 14.66 4.43
CA LYS D 32 -39.73 15.01 3.03
C LYS D 32 -39.69 13.74 2.16
N ALA D 33 -38.61 12.95 2.41
CA ALA D 33 -38.26 11.82 1.62
C ALA D 33 -39.21 10.66 1.84
N MET D 34 -40.30 10.88 2.56
CA MET D 34 -41.28 9.85 2.87
C MET D 34 -42.68 10.34 2.50
N LYS D 35 -42.88 11.66 2.41
CA LYS D 35 -44.13 12.21 1.88
C LYS D 35 -44.05 12.39 0.38
N ALA D 36 -42.83 12.56 -0.14
CA ALA D 36 -42.61 12.50 -1.58
C ALA D 36 -42.59 11.04 -2.03
N ALA D 37 -42.95 10.08 -1.16
CA ALA D 37 -43.22 8.71 -1.47
C ALA D 37 -44.68 8.33 -1.13
N ASN D 38 -45.39 9.30 -0.52
CA ASN D 38 -46.84 9.27 -0.39
C ASN D 38 -47.28 8.30 0.66
N ALA D 39 -46.58 8.28 1.81
CA ALA D 39 -47.00 7.56 3.01
C ALA D 39 -47.50 8.56 4.09
N ILE D 40 -48.34 8.09 4.99
CA ILE D 40 -49.19 8.96 5.82
C ILE D 40 -48.46 9.26 7.13
N VAL D 41 -47.93 10.50 7.26
CA VAL D 41 -46.91 10.81 8.24
C VAL D 41 -47.58 11.32 9.51
N ILE D 42 -47.13 10.79 10.65
CA ILE D 42 -47.33 11.37 11.97
C ILE D 42 -45.95 11.64 12.58
N ALA D 43 -45.52 12.91 12.49
CA ALA D 43 -44.17 13.30 12.87
C ALA D 43 -44.17 13.91 14.26
N THR D 44 -43.19 13.50 15.11
CA THR D 44 -43.20 13.87 16.52
C THR D 44 -41.83 14.30 17.01
N ASP D 45 -41.84 15.25 17.94
CA ASP D 45 -40.62 15.81 18.51
C ASP D 45 -40.98 16.51 19.83
N MET D 46 -39.96 16.86 20.59
CA MET D 46 -40.12 17.60 21.85
C MET D 46 -40.19 19.07 21.55
N ALA D 47 -39.61 19.54 20.43
CA ALA D 47 -39.50 20.96 20.11
C ALA D 47 -40.85 21.66 20.31
N PRO D 48 -40.90 22.87 20.91
CA PRO D 48 -42.17 23.62 20.99
C PRO D 48 -42.85 23.90 19.64
N SER D 49 -42.07 24.35 18.64
CA SER D 49 -42.63 24.72 17.34
C SER D 49 -41.94 24.00 16.17
N ALA D 50 -42.74 23.44 15.23
CA ALA D 50 -42.11 22.76 14.11
C ALA D 50 -42.92 22.84 12.83
N ASP D 51 -42.34 23.48 11.78
CA ASP D 51 -42.82 23.47 10.42
C ASP D 51 -42.08 22.31 9.76
N VAL D 52 -42.71 21.12 9.86
CA VAL D 52 -42.06 19.89 9.41
C VAL D 52 -42.52 19.59 8.00
N GLU D 53 -41.74 20.07 7.02
CA GLU D 53 -42.10 19.93 5.62
C GLU D 53 -42.46 18.48 5.26
N GLY D 54 -43.57 18.31 4.61
CA GLY D 54 -44.07 17.02 4.17
C GLY D 54 -45.00 16.43 5.22
N ALA D 55 -44.57 16.50 6.49
CA ALA D 55 -45.32 15.86 7.56
C ALA D 55 -46.77 16.34 7.59
N ASP D 56 -47.69 15.37 7.66
CA ASP D 56 -49.11 15.68 7.71
C ASP D 56 -49.47 16.36 9.03
N HIS D 57 -48.95 15.79 10.13
CA HIS D 57 -49.20 16.26 11.47
C HIS D 57 -47.88 16.37 12.21
N TYR D 58 -47.71 17.47 12.95
CA TYR D 58 -46.66 17.60 13.97
C TYR D 58 -47.27 17.52 15.37
N LEU D 59 -46.55 16.87 16.30
CA LEU D 59 -46.84 16.86 17.72
C LEU D 59 -45.60 17.24 18.52
N GLN D 60 -45.85 17.66 19.77
CA GLN D 60 -44.79 17.97 20.73
C GLN D 60 -44.78 16.83 21.76
N HIS D 61 -43.81 15.91 21.61
CA HIS D 61 -43.84 14.56 22.17
C HIS D 61 -42.53 14.29 22.90
N ASP D 62 -42.66 13.78 24.13
CA ASP D 62 -41.58 13.27 24.95
C ASP D 62 -41.65 11.74 24.95
N VAL D 63 -40.65 11.11 24.32
CA VAL D 63 -40.58 9.68 24.06
C VAL D 63 -40.16 8.88 25.29
N THR D 64 -39.63 9.58 26.34
CA THR D 64 -39.47 9.03 27.67
C THR D 64 -40.81 9.16 28.41
N SER D 65 -41.90 9.12 27.63
CA SER D 65 -43.24 9.35 28.16
C SER D 65 -44.25 8.55 27.36
N GLU D 66 -44.93 7.63 28.07
CA GLU D 66 -46.14 6.96 27.62
C GLU D 66 -47.25 7.98 27.39
N ALA D 67 -47.26 9.10 28.12
CA ALA D 67 -48.08 10.25 27.82
C ALA D 67 -47.77 10.72 26.41
N GLY D 68 -46.51 11.11 26.19
CA GLY D 68 -46.07 11.53 24.86
C GLY D 68 -46.36 10.45 23.81
N TRP D 69 -46.17 9.18 24.20
CA TRP D 69 -46.39 8.04 23.34
C TRP D 69 -47.87 7.74 23.10
N LYS D 70 -48.73 8.09 24.05
CA LYS D 70 -50.18 7.94 23.91
C LYS D 70 -50.82 9.24 23.42
N ALA D 71 -49.99 10.31 23.24
CA ALA D 71 -50.33 11.48 22.46
C ALA D 71 -50.35 11.12 20.97
N VAL D 72 -49.35 10.32 20.59
CA VAL D 72 -49.24 9.72 19.27
C VAL D 72 -50.42 8.77 19.10
N ALA D 73 -50.64 7.90 20.07
CA ALA D 73 -51.53 6.73 19.94
C ALA D 73 -52.97 7.15 19.61
N ALA D 74 -53.43 8.25 20.23
CA ALA D 74 -54.73 8.78 19.98
C ALA D 74 -54.83 9.30 18.55
N LEU D 75 -53.82 10.04 18.05
CA LEU D 75 -53.85 10.58 16.71
C LEU D 75 -53.89 9.46 15.68
N ALA D 76 -53.22 8.34 15.98
CA ALA D 76 -53.31 7.15 15.17
C ALA D 76 -54.54 6.31 15.57
N GLN D 77 -55.10 6.55 16.76
CA GLN D 77 -56.31 5.91 17.21
C GLN D 77 -57.51 6.57 16.51
N GLU D 78 -57.73 7.87 16.80
CA GLU D 78 -58.83 8.61 16.21
C GLU D 78 -58.70 8.67 14.68
N LYS D 79 -57.66 9.31 14.15
CA LYS D 79 -57.64 9.73 12.76
C LYS D 79 -57.47 8.58 11.78
N TYR D 80 -56.85 7.46 12.19
CA TYR D 80 -56.52 6.40 11.24
C TYR D 80 -57.00 5.05 11.75
N GLY D 81 -56.11 4.30 12.41
CA GLY D 81 -56.48 2.99 12.95
C GLY D 81 -55.38 1.95 12.81
N ARG D 82 -54.13 2.39 12.64
CA ARG D 82 -53.01 1.52 12.41
C ARG D 82 -51.74 2.35 12.38
N VAL D 83 -50.60 1.66 12.63
CA VAL D 83 -49.28 2.24 12.41
C VAL D 83 -48.48 1.23 11.59
N ASP D 84 -48.06 1.61 10.40
CA ASP D 84 -47.41 0.74 9.42
C ASP D 84 -45.89 0.89 9.42
N ALA D 85 -45.44 2.11 9.79
CA ALA D 85 -44.06 2.46 9.84
C ALA D 85 -43.78 3.40 11.01
N LEU D 86 -43.77 2.86 12.25
CA LEU D 86 -43.27 3.62 13.38
C LEU D 86 -41.77 3.87 13.18
N VAL D 87 -41.33 5.10 13.48
CA VAL D 87 -39.90 5.45 13.44
C VAL D 87 -39.52 6.00 14.81
N HIS D 88 -38.32 5.64 15.27
CA HIS D 88 -37.70 6.14 16.48
C HIS D 88 -36.35 6.80 16.09
N ASN D 89 -36.29 8.14 16.00
CA ASN D 89 -35.23 8.86 15.34
C ASN D 89 -34.47 9.81 16.27
N ALA D 90 -35.02 10.01 17.51
CA ALA D 90 -34.39 10.88 18.47
C ALA D 90 -32.94 10.48 18.74
N GLY D 91 -32.04 11.42 18.90
CA GLY D 91 -30.72 10.98 19.41
C GLY D 91 -29.99 12.05 20.28
N ILE D 92 -29.35 11.55 21.36
CA ILE D 92 -28.26 12.32 21.94
C ILE D 92 -26.95 11.60 21.67
N SER D 93 -25.92 12.38 21.41
CA SER D 93 -24.62 11.98 20.89
C SER D 93 -23.57 12.66 21.80
N ILE D 94 -23.41 12.01 22.97
CA ILE D 94 -22.46 12.40 23.97
C ILE D 94 -21.13 11.78 23.59
N VAL D 95 -20.07 12.60 23.76
CA VAL D 95 -18.70 12.17 23.89
C VAL D 95 -18.27 12.46 25.33
N THR D 96 -17.87 11.41 26.08
CA THR D 96 -17.37 11.62 27.43
C THR D 96 -16.16 10.70 27.73
N LYS D 97 -15.20 11.25 28.52
CA LYS D 97 -14.29 10.44 29.32
C LYS D 97 -15.10 9.46 30.17
N PHE D 98 -14.69 8.16 30.07
CA PHE D 98 -15.37 7.11 30.80
C PHE D 98 -15.33 7.42 32.31
N GLU D 99 -14.14 7.79 32.78
CA GLU D 99 -13.81 8.14 34.13
C GLU D 99 -14.25 9.58 34.43
N ASP D 100 -15.10 10.19 33.60
CA ASP D 100 -15.82 11.42 33.93
C ASP D 100 -17.27 11.33 33.38
N THR D 101 -17.82 10.14 33.54
CA THR D 101 -19.26 9.93 33.34
C THR D 101 -19.83 9.48 34.64
N PRO D 102 -20.63 10.32 35.33
CA PRO D 102 -21.58 9.82 36.34
C PRO D 102 -22.56 8.87 35.67
N LEU D 103 -23.12 8.04 36.50
CA LEU D 103 -24.05 6.99 36.07
C LEU D 103 -25.36 7.63 35.65
N SER D 104 -25.65 8.82 36.18
CA SER D 104 -26.77 9.63 35.73
C SER D 104 -26.62 9.96 34.23
N ASP D 105 -25.46 10.51 33.82
CA ASP D 105 -25.18 10.79 32.43
C ASP D 105 -25.17 9.49 31.62
N PHE D 106 -24.98 8.38 32.24
CA PHE D 106 -25.15 7.09 31.58
C PHE D 106 -26.67 6.89 31.35
N HIS D 107 -27.47 7.22 32.37
CA HIS D 107 -28.90 6.96 32.40
C HIS D 107 -29.64 7.92 31.46
N ARG D 108 -29.18 9.17 31.33
CA ARG D 108 -29.84 10.17 30.50
C ARG D 108 -29.84 9.67 29.05
N VAL D 109 -28.74 9.03 28.64
CA VAL D 109 -28.52 8.55 27.29
C VAL D 109 -29.09 7.13 27.11
N ASN D 110 -29.78 6.60 28.12
CA ASN D 110 -30.51 5.36 28.02
C ASN D 110 -31.92 5.69 27.48
N THR D 111 -32.61 6.65 28.11
CA THR D 111 -34.07 6.71 28.07
C THR D 111 -34.51 7.36 26.77
N VAL D 112 -33.86 8.48 26.44
CA VAL D 112 -33.97 9.13 25.13
C VAL D 112 -33.64 8.14 23.97
N ASN D 113 -32.73 7.17 24.19
CA ASN D 113 -32.14 6.43 23.11
C ASN D 113 -32.67 5.00 23.08
N VAL D 114 -32.99 4.41 24.21
CA VAL D 114 -33.32 2.98 24.31
C VAL D 114 -34.73 2.82 24.87
N ASP D 115 -35.09 3.50 25.99
CA ASP D 115 -36.42 3.43 26.56
C ASP D 115 -37.44 4.01 25.59
N SER D 116 -37.03 5.09 24.89
CA SER D 116 -37.84 5.70 23.85
C SER D 116 -38.39 4.65 22.88
N ILE D 117 -37.57 3.62 22.62
CA ILE D 117 -37.95 2.56 21.71
C ILE D 117 -38.89 1.56 22.38
N ILE D 118 -39.02 1.62 23.75
CA ILE D 118 -39.71 0.59 24.51
C ILE D 118 -41.19 0.93 24.58
N ILE D 119 -41.48 2.12 25.08
CA ILE D 119 -42.88 2.56 25.26
C ILE D 119 -43.40 2.98 23.92
N GLY D 120 -42.49 3.36 23.02
CA GLY D 120 -42.78 3.49 21.58
C GLY D 120 -43.36 2.22 21.04
N THR D 121 -42.93 1.05 21.50
CA THR D 121 -43.21 -0.24 20.96
C THR D 121 -44.06 -1.06 21.95
N GLN D 122 -44.23 -0.63 23.22
CA GLN D 122 -45.15 -1.29 24.14
C GLN D 122 -46.61 -0.79 23.96
N VAL D 123 -46.71 0.56 23.91
CA VAL D 123 -47.98 1.28 23.81
C VAL D 123 -48.48 1.23 22.36
N LEU D 124 -47.57 1.38 21.38
CA LEU D 124 -48.02 1.38 19.99
C LEU D 124 -48.19 -0.02 19.43
N LEU D 125 -47.73 -1.05 20.22
CA LEU D 125 -47.87 -2.46 19.89
C LEU D 125 -49.24 -2.84 19.28
N PRO D 126 -50.40 -2.44 19.87
CA PRO D 126 -51.69 -2.70 19.25
C PRO D 126 -51.81 -2.20 17.81
N LEU D 127 -51.41 -0.95 17.59
CA LEU D 127 -51.51 -0.34 16.26
C LEU D 127 -50.42 -0.84 15.30
N LEU D 128 -49.31 -1.30 15.87
CA LEU D 128 -48.27 -1.99 15.10
C LEU D 128 -48.87 -3.30 14.56
N LYS D 129 -49.60 -4.03 15.43
CA LYS D 129 -50.29 -5.21 15.03
C LYS D 129 -51.28 -4.83 13.95
N GLU D 130 -52.13 -3.81 14.24
CA GLU D 130 -53.14 -3.36 13.28
C GLU D 130 -52.45 -2.82 12.02
N GLY D 131 -51.22 -2.35 12.18
CA GLY D 131 -50.41 -1.88 11.06
C GLY D 131 -49.89 -3.04 10.23
N GLY D 132 -49.89 -4.28 10.80
CA GLY D 132 -49.29 -5.43 10.16
C GLY D 132 -50.30 -6.36 9.46
N LYS D 133 -51.58 -5.98 9.48
CA LYS D 133 -52.64 -6.85 8.96
C LYS D 133 -52.98 -6.53 7.48
N ALA D 134 -53.11 -5.27 7.12
CA ALA D 134 -53.37 -4.85 5.78
C ALA D 134 -52.13 -4.99 4.90
N ARG D 135 -50.93 -4.96 5.53
CA ARG D 135 -49.68 -4.89 4.78
C ARG D 135 -48.92 -6.24 4.74
N ALA D 136 -48.40 -6.55 3.53
CA ALA D 136 -48.06 -7.90 3.08
C ALA D 136 -46.98 -8.53 3.95
N GLY D 137 -45.72 -8.15 3.63
CA GLY D 137 -44.56 -8.53 4.45
C GLY D 137 -44.62 -7.96 5.85
N GLY D 138 -45.41 -6.95 5.99
CA GLY D 138 -45.85 -6.50 7.29
C GLY D 138 -45.45 -5.04 7.47
N ALA D 139 -45.68 -4.62 8.74
CA ALA D 139 -45.21 -3.33 9.21
C ALA D 139 -43.74 -3.46 9.55
N SER D 140 -43.07 -2.33 9.78
CA SER D 140 -41.70 -2.33 10.21
C SER D 140 -41.50 -1.29 11.28
N VAL D 141 -40.74 -1.67 12.33
CA VAL D 141 -39.98 -0.70 13.15
C VAL D 141 -38.57 -0.59 12.55
N VAL D 142 -38.18 0.65 12.20
CA VAL D 142 -36.86 0.87 11.60
C VAL D 142 -35.94 1.75 12.47
N ASN D 143 -35.33 1.14 13.50
CA ASN D 143 -34.67 1.86 14.58
C ASN D 143 -33.41 2.53 14.06
N PHE D 144 -32.98 3.51 14.80
CA PHE D 144 -31.77 4.26 14.42
C PHE D 144 -30.71 3.99 15.48
N SER D 145 -29.78 3.07 15.20
CA SER D 145 -28.57 2.96 15.98
C SER D 145 -27.54 3.98 15.47
N SER D 146 -26.33 3.48 15.23
CA SER D 146 -25.19 4.29 14.86
C SER D 146 -24.00 3.36 14.72
N VAL D 147 -23.05 3.70 13.83
CA VAL D 147 -21.73 3.08 13.78
C VAL D 147 -21.34 2.67 15.21
N ALA D 148 -21.43 3.65 16.15
CA ALA D 148 -21.15 3.43 17.53
C ALA D 148 -21.86 2.14 18.01
N GLY D 149 -23.02 1.86 17.43
CA GLY D 149 -23.87 0.76 17.85
C GLY D 149 -23.36 -0.60 17.39
N LEU D 150 -22.35 -0.58 16.47
CA LEU D 150 -21.73 -1.81 16.01
C LEU D 150 -20.28 -1.83 16.49
N ARG D 151 -19.41 -1.05 15.80
CA ARG D 151 -18.01 -0.96 16.20
C ARG D 151 -17.87 0.02 17.37
N GLY D 152 -16.74 -0.01 18.00
CA GLY D 152 -16.43 0.77 19.18
C GLY D 152 -15.62 2.02 18.80
N ALA D 153 -15.47 2.87 19.83
CA ALA D 153 -14.81 4.14 19.68
C ALA D 153 -14.76 4.82 21.01
N ALA D 154 -13.65 5.54 21.25
CA ALA D 154 -13.40 6.13 22.54
C ALA D 154 -14.12 7.48 22.64
N PHE D 155 -14.41 7.79 23.91
CA PHE D 155 -15.21 8.93 24.36
C PHE D 155 -16.65 8.78 23.87
N ASN D 156 -17.10 7.53 23.76
CA ASN D 156 -18.46 7.23 23.32
C ASN D 156 -19.02 6.15 24.21
N ALA D 157 -18.48 6.02 25.43
CA ALA D 157 -18.73 4.88 26.30
C ALA D 157 -20.21 4.60 26.44
N ALA D 158 -20.91 5.62 26.87
CA ALA D 158 -22.32 5.56 27.16
C ALA D 158 -23.15 5.71 25.90
N TYR D 159 -22.51 6.21 24.86
CA TYR D 159 -23.15 6.43 23.56
C TYR D 159 -23.15 5.13 22.75
N CYS D 160 -21.95 4.63 22.39
CA CYS D 160 -21.74 3.41 21.65
C CYS D 160 -22.41 2.19 22.30
N THR D 161 -22.46 2.08 23.65
CA THR D 161 -23.40 1.18 24.28
C THR D 161 -24.83 1.56 23.88
N SER D 162 -25.21 2.84 24.06
CA SER D 162 -26.62 3.23 23.91
C SER D 162 -27.07 2.82 22.53
N LYS D 163 -26.17 2.97 21.55
CA LYS D 163 -26.47 2.59 20.17
C LYS D 163 -26.26 1.10 19.93
N ALA D 164 -25.59 0.40 20.85
CA ALA D 164 -25.54 -1.06 20.83
C ALA D 164 -26.81 -1.61 21.49
N ALA D 165 -27.29 -0.94 22.56
CA ALA D 165 -28.53 -1.35 23.19
C ALA D 165 -29.73 -1.16 22.26
N VAL D 166 -29.54 -0.42 21.14
CA VAL D 166 -30.51 -0.36 20.08
C VAL D 166 -30.37 -1.62 19.26
N LYS D 167 -29.24 -1.72 18.53
CA LYS D 167 -28.88 -2.82 17.65
C LYS D 167 -29.53 -4.13 18.10
N MET D 168 -29.31 -4.48 19.38
CA MET D 168 -29.63 -5.80 19.89
C MET D 168 -31.11 -5.85 20.26
N LEU D 169 -31.61 -4.81 20.97
CA LEU D 169 -32.99 -4.76 21.42
C LEU D 169 -33.88 -5.28 20.30
N SER D 170 -33.51 -4.91 19.07
CA SER D 170 -34.34 -5.04 17.89
C SER D 170 -34.18 -6.45 17.28
N LYS D 171 -33.04 -7.05 17.35
CA LYS D 171 -32.91 -8.50 17.10
C LYS D 171 -33.66 -9.26 18.17
N CYS D 172 -33.97 -8.63 19.27
CA CYS D 172 -34.88 -9.21 20.27
C CYS D 172 -36.29 -9.05 19.76
N LEU D 173 -36.66 -7.81 19.45
CA LEU D 173 -38.02 -7.44 19.08
C LEU D 173 -38.40 -7.99 17.70
N GLY D 174 -37.44 -8.00 16.75
CA GLY D 174 -37.61 -8.69 15.49
C GLY D 174 -38.05 -10.14 15.74
N ALA D 175 -37.31 -10.84 16.54
CA ALA D 175 -37.45 -12.28 16.71
C ALA D 175 -38.66 -12.65 17.59
N GLU D 176 -39.14 -11.74 18.42
CA GLU D 176 -40.15 -12.04 19.42
C GLU D 176 -41.53 -11.89 18.88
N PHE D 177 -41.72 -11.10 17.80
CA PHE D 177 -43.04 -10.82 17.23
C PHE D 177 -43.37 -11.81 16.13
N ALA D 178 -42.37 -12.15 15.31
CA ALA D 178 -42.51 -13.10 14.24
C ALA D 178 -42.87 -14.49 14.80
N ALA D 179 -42.17 -14.87 15.88
CA ALA D 179 -42.50 -16.10 16.61
C ALA D 179 -43.65 -15.88 17.59
N LEU D 180 -44.43 -14.80 17.41
CA LEU D 180 -45.69 -14.55 18.07
C LEU D 180 -46.84 -14.52 17.04
N GLY D 181 -46.54 -14.72 15.76
CA GLY D 181 -47.57 -14.77 14.76
C GLY D 181 -48.17 -13.38 14.54
N TYR D 182 -47.38 -12.33 14.81
CA TYR D 182 -47.75 -11.01 14.31
C TYR D 182 -46.94 -10.77 13.04
N ASN D 183 -47.27 -9.67 12.36
CA ASN D 183 -46.73 -9.33 11.07
C ASN D 183 -46.20 -7.89 11.25
N ILE D 184 -45.24 -7.74 12.19
CA ILE D 184 -44.75 -6.43 12.61
C ILE D 184 -43.23 -6.36 12.71
N ARG D 185 -42.56 -6.17 11.57
CA ARG D 185 -41.12 -6.34 11.42
C ARG D 185 -40.34 -5.30 12.21
N VAL D 186 -39.14 -5.65 12.61
CA VAL D 186 -38.28 -4.77 13.43
C VAL D 186 -36.88 -4.73 12.83
N ASN D 187 -36.42 -3.54 12.47
CA ASN D 187 -35.18 -3.36 11.73
C ASN D 187 -34.41 -2.14 12.28
N SER D 188 -33.18 -1.97 11.84
CA SER D 188 -32.25 -1.02 12.39
C SER D 188 -31.30 -0.54 11.31
N VAL D 189 -30.87 0.72 11.47
CA VAL D 189 -29.84 1.29 10.63
C VAL D 189 -28.71 1.63 11.58
N HIS D 190 -27.49 1.66 11.05
CA HIS D 190 -26.32 2.13 11.77
C HIS D 190 -25.60 3.13 10.86
N PRO D 191 -25.98 4.43 10.92
CA PRO D 191 -25.29 5.45 10.13
C PRO D 191 -23.84 5.76 10.54
N GLY D 192 -23.10 6.38 9.63
CA GLY D 192 -21.71 6.77 9.86
C GLY D 192 -21.64 8.24 10.18
N GLY D 193 -20.61 8.92 9.61
CA GLY D 193 -20.44 10.34 9.89
C GLY D 193 -21.36 11.14 9.01
N ILE D 194 -22.51 11.61 9.59
CA ILE D 194 -23.43 12.48 8.85
C ILE D 194 -23.34 13.92 9.37
N ASP D 195 -22.83 14.84 8.53
CA ASP D 195 -22.66 16.25 8.84
C ASP D 195 -24.02 16.89 9.12
N THR D 196 -24.26 17.17 10.41
CA THR D 196 -25.47 17.83 10.84
C THR D 196 -25.12 18.83 11.94
N PRO D 197 -25.99 19.82 12.23
CA PRO D 197 -25.86 20.58 13.49
C PRO D 197 -26.00 19.71 14.73
N MET D 198 -26.76 18.61 14.61
CA MET D 198 -26.87 17.53 15.59
C MET D 198 -25.49 16.96 15.91
N LEU D 199 -24.73 16.65 14.86
CA LEU D 199 -23.36 16.19 14.97
C LEU D 199 -22.41 17.39 14.94
N GLY D 200 -22.83 18.58 15.38
CA GLY D 200 -22.26 19.89 15.01
C GLY D 200 -20.84 20.19 15.51
N SER D 201 -20.72 20.98 16.57
CA SER D 201 -19.43 21.34 17.18
C SER D 201 -19.03 20.31 18.26
N LEU D 202 -19.46 19.07 18.09
CA LEU D 202 -19.11 17.96 18.98
C LEU D 202 -17.62 17.66 18.78
N MET D 203 -17.05 18.03 17.61
CA MET D 203 -15.63 17.79 17.43
C MET D 203 -14.82 18.77 18.27
N ASP D 204 -15.46 19.84 18.80
CA ASP D 204 -14.80 20.68 19.78
C ASP D 204 -14.39 19.86 20.99
N LYS D 205 -15.27 18.91 21.37
CA LYS D 205 -15.02 18.05 22.52
C LYS D 205 -13.69 17.29 22.36
N TYR D 206 -13.43 16.87 21.12
CA TYR D 206 -12.18 16.24 20.76
C TYR D 206 -11.04 17.24 20.74
N VAL D 207 -11.19 18.34 21.45
CA VAL D 207 -10.13 19.28 21.79
C VAL D 207 -10.20 19.58 23.30
N GLU D 208 -11.41 19.77 23.84
CA GLU D 208 -11.62 20.09 25.26
C GLU D 208 -11.07 18.98 26.16
N LEU D 209 -10.90 17.80 25.56
CA LEU D 209 -10.20 16.67 26.15
C LEU D 209 -8.78 16.59 25.53
N GLY D 210 -8.71 16.62 24.20
CA GLY D 210 -7.44 16.59 23.48
C GLY D 210 -7.28 15.31 22.67
N ALA D 211 -8.19 15.10 21.72
CA ALA D 211 -8.25 13.88 20.92
C ALA D 211 -7.43 14.02 19.64
N ALA D 212 -7.57 15.19 18.99
CA ALA D 212 -6.69 15.64 17.93
C ALA D 212 -6.41 17.13 18.09
N PRO D 213 -5.26 17.64 17.62
CA PRO D 213 -4.88 19.05 17.83
C PRO D 213 -6.00 20.08 17.65
N SER D 214 -6.52 20.20 16.42
CA SER D 214 -7.44 21.25 16.08
C SER D 214 -8.83 20.65 15.79
N ARG D 215 -9.71 21.50 15.24
CA ARG D 215 -11.10 21.18 15.01
C ARG D 215 -11.23 20.60 13.61
N GLU D 216 -10.52 21.20 12.63
CA GLU D 216 -10.67 20.84 11.23
C GLU D 216 -9.81 19.64 10.87
N VAL D 217 -8.81 19.30 11.71
CA VAL D 217 -8.06 18.05 11.57
C VAL D 217 -8.70 16.93 12.40
N ALA D 218 -9.52 17.33 13.39
CA ALA D 218 -10.51 16.43 14.00
C ALA D 218 -11.63 16.17 13.00
N GLN D 219 -11.97 17.21 12.22
CA GLN D 219 -13.01 17.12 11.23
C GLN D 219 -12.58 16.19 10.10
N ALA D 220 -11.33 16.33 9.67
CA ALA D 220 -10.75 15.52 8.62
C ALA D 220 -10.21 14.20 9.18
N ALA D 221 -10.04 14.12 10.50
CA ALA D 221 -9.73 12.85 11.15
C ALA D 221 -10.95 11.93 11.09
N MET D 222 -12.15 12.53 11.26
CA MET D 222 -13.40 11.79 11.14
C MET D 222 -13.57 11.45 9.67
N GLU D 223 -13.21 12.37 8.77
CA GLU D 223 -13.39 12.22 7.33
C GLU D 223 -12.49 11.12 6.82
N MET D 224 -11.21 11.17 7.29
CA MET D 224 -10.21 10.19 6.93
C MET D 224 -10.79 8.75 6.84
N ARG D 225 -11.28 8.27 7.99
CA ARG D 225 -11.55 6.87 8.24
C ARG D 225 -12.27 6.31 7.03
N HIS D 226 -13.28 7.08 6.59
CA HIS D 226 -14.30 6.64 5.64
C HIS D 226 -13.70 6.16 4.34
N PRO D 227 -13.92 4.89 3.93
CA PRO D 227 -13.31 4.37 2.71
C PRO D 227 -13.94 5.14 1.55
N ILE D 228 -15.21 5.49 1.75
CA ILE D 228 -15.93 6.35 0.80
C ILE D 228 -15.20 7.68 0.67
N GLY D 229 -14.52 8.12 1.76
CA GLY D 229 -13.64 9.26 1.73
C GLY D 229 -14.29 10.53 2.30
N ARG D 230 -15.63 10.61 2.28
CA ARG D 230 -16.36 11.84 2.48
C ARG D 230 -17.31 11.71 3.67
N MET D 231 -17.77 12.87 4.18
CA MET D 231 -18.81 12.84 5.20
C MET D 231 -20.17 12.90 4.52
N GLY D 232 -21.04 11.92 4.84
CA GLY D 232 -22.34 11.77 4.26
C GLY D 232 -23.22 13.04 4.37
N ARG D 233 -24.50 12.81 4.08
CA ARG D 233 -25.50 13.86 4.14
C ARG D 233 -26.67 13.40 5.02
N PRO D 234 -27.41 14.35 5.63
CA PRO D 234 -28.61 13.96 6.40
C PRO D 234 -29.58 13.22 5.50
N ALA D 235 -29.73 13.80 4.28
CA ALA D 235 -30.69 13.40 3.28
C ALA D 235 -30.60 11.92 2.88
N GLU D 236 -29.37 11.37 2.94
CA GLU D 236 -29.03 10.08 2.34
C GLU D 236 -29.68 8.92 3.13
N MET D 237 -29.82 9.13 4.42
CA MET D 237 -30.46 8.12 5.26
C MET D 237 -31.82 7.72 4.71
N GLY D 238 -32.62 8.73 4.35
CA GLY D 238 -34.02 8.59 3.97
C GLY D 238 -34.30 7.49 2.94
N GLY D 239 -33.50 7.47 1.85
CA GLY D 239 -33.58 6.44 0.82
C GLY D 239 -33.60 4.99 1.35
N GLY D 240 -32.57 4.67 2.16
CA GLY D 240 -32.50 3.40 2.86
C GLY D 240 -33.45 3.30 4.04
N VAL D 241 -34.34 4.27 4.22
CA VAL D 241 -35.45 4.22 5.15
C VAL D 241 -36.77 4.02 4.38
N VAL D 242 -36.81 4.56 3.16
CA VAL D 242 -37.96 4.47 2.28
C VAL D 242 -38.10 3.06 1.75
N TYR D 243 -36.96 2.34 1.71
CA TYR D 243 -36.90 0.93 1.32
C TYR D 243 -37.44 0.08 2.46
N LEU D 244 -36.84 0.16 3.66
CA LEU D 244 -37.07 -0.82 4.71
C LEU D 244 -38.55 -0.89 5.08
N CYS D 245 -39.23 0.25 4.98
CA CYS D 245 -40.60 0.35 5.45
C CYS D 245 -41.51 -0.34 4.46
N SER D 246 -41.26 -0.10 3.16
CA SER D 246 -42.06 -0.67 2.08
C SER D 246 -42.10 -2.19 2.11
N ASP D 247 -43.16 -2.78 1.56
CA ASP D 247 -43.32 -4.24 1.56
C ASP D 247 -42.40 -4.89 0.51
N ALA D 248 -41.62 -4.09 -0.23
CA ALA D 248 -40.57 -4.63 -1.07
C ALA D 248 -39.30 -4.86 -0.26
N ALA D 249 -39.33 -4.52 1.03
CA ALA D 249 -38.33 -4.92 2.03
C ALA D 249 -39.04 -5.74 3.13
N SER D 250 -39.81 -6.72 2.67
CA SER D 250 -40.68 -7.52 3.52
C SER D 250 -39.88 -8.55 4.33
N PHE D 251 -38.92 -9.21 3.66
CA PHE D 251 -38.18 -10.33 4.23
C PHE D 251 -36.91 -9.85 4.93
N VAL D 252 -36.83 -8.55 5.14
CA VAL D 252 -35.77 -7.90 5.90
C VAL D 252 -36.26 -7.80 7.35
N THR D 253 -35.75 -8.67 8.24
CA THR D 253 -36.12 -8.53 9.64
C THR D 253 -35.01 -9.05 10.53
N CYS D 254 -34.83 -8.33 11.66
CA CYS D 254 -33.83 -8.62 12.69
C CYS D 254 -32.46 -8.06 12.31
N THR D 255 -32.23 -7.94 11.02
CA THR D 255 -30.93 -7.69 10.42
C THR D 255 -30.66 -6.19 10.48
N GLU D 256 -29.37 -5.83 10.34
CA GLU D 256 -28.89 -4.50 10.70
C GLU D 256 -28.61 -3.74 9.43
N PHE D 257 -29.59 -3.00 8.89
CA PHE D 257 -29.35 -2.26 7.64
C PHE D 257 -28.44 -1.02 7.91
N VAL D 258 -27.36 -0.94 7.16
CA VAL D 258 -26.17 -0.17 7.43
C VAL D 258 -26.04 0.90 6.33
N MET D 259 -25.92 2.16 6.74
CA MET D 259 -25.65 3.30 5.87
C MET D 259 -24.60 4.14 6.59
N ASP D 260 -23.33 3.70 6.45
CA ASP D 260 -22.23 4.33 7.13
C ASP D 260 -21.23 4.99 6.18
N GLY D 261 -21.17 4.54 4.92
CA GLY D 261 -20.06 4.96 4.04
C GLY D 261 -18.78 4.18 4.30
N GLY D 262 -18.88 2.82 4.44
CA GLY D 262 -17.72 1.95 4.32
C GLY D 262 -16.87 1.79 5.61
N PHE D 263 -17.21 2.65 6.60
CA PHE D 263 -16.44 2.87 7.81
C PHE D 263 -16.17 1.55 8.51
N SER D 264 -17.27 0.85 8.85
CA SER D 264 -17.21 -0.43 9.55
C SER D 264 -16.49 -1.54 8.77
N GLN D 265 -16.62 -1.48 7.45
CA GLN D 265 -16.35 -2.58 6.56
C GLN D 265 -14.88 -2.75 6.26
N VAL D 266 -14.09 -1.69 6.47
CA VAL D 266 -12.63 -1.77 6.52
C VAL D 266 -12.20 -1.43 7.94
N LEU E 12 -34.60 4.56 -10.50
CA LEU E 12 -33.46 4.08 -11.34
C LEU E 12 -33.61 4.67 -12.73
N ASN E 13 -33.44 5.99 -12.82
CA ASN E 13 -33.71 6.69 -14.07
C ASN E 13 -32.40 6.99 -14.78
N ASN E 14 -32.35 6.65 -16.08
CA ASN E 14 -31.19 6.92 -16.92
C ASN E 14 -29.95 6.24 -16.31
N VAL E 15 -30.11 4.92 -16.17
CA VAL E 15 -29.13 4.03 -15.56
C VAL E 15 -28.98 2.81 -16.50
N VAL E 16 -27.78 2.68 -17.02
CA VAL E 16 -27.39 1.50 -17.77
C VAL E 16 -27.04 0.38 -16.80
N ALA E 17 -27.74 -0.76 -16.86
CA ALA E 17 -27.49 -1.85 -15.95
C ALA E 17 -27.05 -3.11 -16.70
N VAL E 18 -26.65 -4.15 -15.94
CA VAL E 18 -26.56 -5.52 -16.42
C VAL E 18 -26.66 -6.50 -15.26
N VAL E 19 -27.19 -7.70 -15.53
CA VAL E 19 -27.48 -8.74 -14.52
C VAL E 19 -27.19 -10.14 -15.10
N THR E 20 -26.31 -10.91 -14.45
CA THR E 20 -26.07 -12.27 -14.88
C THR E 20 -26.99 -13.24 -14.13
N GLY E 21 -27.19 -14.41 -14.76
CA GLY E 21 -27.90 -15.51 -14.14
C GLY E 21 -29.38 -15.22 -13.98
N ALA E 22 -29.93 -14.32 -14.80
CA ALA E 22 -31.27 -13.78 -14.59
C ALA E 22 -32.33 -14.62 -15.30
N ALA E 23 -32.01 -15.85 -15.65
CA ALA E 23 -32.95 -16.84 -16.16
C ALA E 23 -33.15 -17.94 -15.12
N GLY E 24 -32.50 -17.81 -13.96
CA GLY E 24 -32.83 -18.61 -12.79
C GLY E 24 -33.97 -17.94 -12.01
N GLY E 25 -34.35 -18.56 -10.87
CA GLY E 25 -35.54 -18.13 -10.12
C GLY E 25 -35.46 -16.67 -9.69
N ILE E 26 -34.37 -16.31 -9.00
CA ILE E 26 -34.10 -14.95 -8.54
C ILE E 26 -33.72 -14.11 -9.75
N GLY E 27 -32.85 -14.66 -10.62
CA GLY E 27 -32.39 -13.98 -11.79
C GLY E 27 -33.54 -13.41 -12.61
N ARG E 28 -34.55 -14.24 -13.00
CA ARG E 28 -35.61 -13.83 -13.90
C ARG E 28 -36.31 -12.55 -13.45
N GLU E 29 -36.55 -12.48 -12.14
CA GLU E 29 -37.31 -11.39 -11.53
C GLU E 29 -36.47 -10.13 -11.53
N LEU E 30 -35.17 -10.27 -11.24
CA LEU E 30 -34.29 -9.13 -11.06
C LEU E 30 -34.25 -8.26 -12.32
N VAL E 31 -34.47 -8.87 -13.50
CA VAL E 31 -34.49 -8.11 -14.73
C VAL E 31 -35.80 -7.35 -14.88
N LYS E 32 -36.90 -8.04 -14.63
CA LYS E 32 -38.27 -7.53 -14.83
C LYS E 32 -38.65 -6.51 -13.77
N ALA E 33 -38.14 -6.70 -12.55
CA ALA E 33 -38.28 -5.75 -11.45
C ALA E 33 -37.09 -4.77 -11.44
N MET E 34 -36.27 -4.74 -12.49
CA MET E 34 -35.31 -3.69 -12.75
C MET E 34 -35.75 -2.80 -13.96
N LYS E 35 -36.64 -3.34 -14.79
CA LYS E 35 -37.39 -2.51 -15.73
C LYS E 35 -38.59 -1.89 -15.01
N ALA E 36 -39.15 -2.60 -14.03
CA ALA E 36 -40.05 -2.01 -13.05
C ALA E 36 -39.37 -0.81 -12.36
N ALA E 37 -38.05 -0.89 -12.24
CA ALA E 37 -37.23 0.18 -11.74
C ALA E 37 -36.90 1.18 -12.84
N ASN E 38 -37.15 0.76 -14.09
CA ASN E 38 -36.98 1.61 -15.26
C ASN E 38 -35.49 1.89 -15.50
N ALA E 39 -34.66 0.89 -15.13
CA ALA E 39 -33.26 0.87 -15.52
C ALA E 39 -33.14 0.15 -16.86
N ILE E 40 -32.09 0.48 -17.61
CA ILE E 40 -31.96 0.02 -19.00
C ILE E 40 -31.16 -1.25 -18.97
N VAL E 41 -31.83 -2.34 -18.66
CA VAL E 41 -31.22 -3.61 -18.27
C VAL E 41 -30.59 -4.18 -19.53
N ILE E 42 -29.53 -4.99 -19.32
CA ILE E 42 -29.12 -6.00 -20.29
C ILE E 42 -29.15 -7.33 -19.52
N ALA E 43 -29.80 -8.36 -20.10
CA ALA E 43 -29.86 -9.64 -19.46
C ALA E 43 -28.81 -10.55 -20.04
N THR E 44 -28.47 -11.63 -19.34
CA THR E 44 -27.56 -12.67 -19.76
C THR E 44 -27.97 -14.03 -19.19
N ASP E 45 -27.56 -15.14 -19.82
CA ASP E 45 -27.56 -16.46 -19.22
C ASP E 45 -26.81 -17.44 -20.11
N MET E 46 -26.43 -18.59 -19.53
CA MET E 46 -25.70 -19.69 -20.16
C MET E 46 -26.32 -20.09 -21.50
N ALA E 47 -27.63 -19.75 -21.70
CA ALA E 47 -28.48 -20.34 -22.69
C ALA E 47 -28.52 -19.52 -24.00
N PRO E 48 -28.76 -20.20 -25.16
CA PRO E 48 -29.09 -19.51 -26.42
C PRO E 48 -29.89 -18.24 -26.52
N SER E 49 -31.21 -18.34 -26.52
CA SER E 49 -32.11 -17.19 -26.29
C SER E 49 -33.52 -17.69 -26.06
N ALA E 50 -34.24 -17.09 -25.08
CA ALA E 50 -35.66 -17.40 -24.89
C ALA E 50 -36.46 -16.15 -24.53
N ASP E 51 -37.32 -16.21 -23.49
CA ASP E 51 -38.26 -15.18 -23.07
C ASP E 51 -37.59 -14.25 -22.06
N VAL E 52 -37.35 -13.01 -22.47
CA VAL E 52 -36.84 -11.95 -21.60
C VAL E 52 -37.89 -10.87 -21.57
N GLU E 53 -38.21 -10.41 -20.36
CA GLU E 53 -39.19 -9.38 -20.08
C GLU E 53 -38.45 -8.15 -19.57
N GLY E 54 -38.94 -6.97 -20.03
CA GLY E 54 -38.34 -5.67 -19.80
C GLY E 54 -36.99 -5.47 -20.52
N ALA E 55 -35.99 -6.31 -20.15
CA ALA E 55 -34.62 -6.08 -20.58
C ALA E 55 -34.49 -5.85 -22.06
N ASP E 56 -33.74 -4.88 -22.45
CA ASP E 56 -33.48 -4.53 -23.85
C ASP E 56 -32.70 -5.70 -24.51
N HIS E 57 -31.54 -6.18 -23.93
CA HIS E 57 -30.66 -7.07 -24.65
C HIS E 57 -30.26 -8.26 -23.80
N TYR E 58 -30.02 -9.41 -24.45
CA TYR E 58 -29.60 -10.63 -23.77
C TYR E 58 -28.27 -11.13 -24.36
N LEU E 59 -27.44 -11.76 -23.51
CA LEU E 59 -26.25 -12.49 -23.95
C LEU E 59 -26.13 -13.84 -23.27
N GLN E 60 -26.16 -14.89 -24.07
CA GLN E 60 -25.58 -16.19 -23.74
C GLN E 60 -24.30 -15.95 -22.96
N HIS E 61 -24.36 -16.15 -21.64
CA HIS E 61 -23.27 -15.73 -20.76
C HIS E 61 -22.98 -16.76 -19.68
N ASP E 62 -21.74 -16.96 -19.34
CA ASP E 62 -21.32 -17.74 -18.19
C ASP E 62 -20.17 -16.93 -17.62
N VAL E 63 -20.44 -16.38 -16.39
CA VAL E 63 -19.51 -15.65 -15.55
C VAL E 63 -18.22 -16.39 -15.33
N THR E 64 -17.98 -17.52 -16.02
CA THR E 64 -16.73 -18.25 -15.97
C THR E 64 -16.07 -18.24 -17.34
N SER E 65 -16.41 -17.25 -18.20
CA SER E 65 -15.94 -17.17 -19.57
C SER E 65 -15.45 -15.76 -19.87
N GLU E 66 -14.15 -15.56 -19.74
CA GLU E 66 -13.51 -14.25 -19.94
C GLU E 66 -13.91 -13.64 -21.30
N ALA E 67 -13.70 -14.40 -22.39
CA ALA E 67 -14.12 -13.96 -23.71
C ALA E 67 -15.62 -13.64 -23.72
N GLY E 68 -16.37 -14.50 -23.01
CA GLY E 68 -17.77 -14.24 -22.78
C GLY E 68 -17.86 -12.73 -22.47
N TRP E 69 -17.27 -12.39 -21.30
CA TRP E 69 -17.49 -11.09 -20.65
C TRP E 69 -17.18 -9.91 -21.61
N LYS E 70 -16.15 -10.07 -22.42
CA LYS E 70 -15.75 -8.94 -23.27
C LYS E 70 -16.96 -8.55 -24.08
N ALA E 71 -17.68 -9.56 -24.58
CA ALA E 71 -18.84 -9.34 -25.46
C ALA E 71 -19.86 -8.44 -24.76
N VAL E 72 -19.74 -8.44 -23.43
CA VAL E 72 -20.67 -7.73 -22.54
C VAL E 72 -20.25 -6.27 -22.54
N ALA E 73 -18.93 -6.05 -22.55
CA ALA E 73 -18.33 -4.72 -22.48
C ALA E 73 -18.54 -4.03 -23.78
N ALA E 74 -18.12 -4.68 -24.87
CA ALA E 74 -18.13 -4.11 -26.21
C ALA E 74 -19.55 -3.81 -26.67
N LEU E 75 -20.53 -4.59 -26.18
CA LEU E 75 -21.95 -4.37 -26.43
C LEU E 75 -22.38 -3.09 -25.81
N ALA E 76 -22.41 -3.05 -24.46
CA ALA E 76 -22.79 -1.88 -23.67
C ALA E 76 -22.03 -0.65 -24.13
N GLN E 77 -20.75 -0.86 -24.46
CA GLN E 77 -19.89 0.18 -25.01
C GLN E 77 -20.58 0.93 -26.13
N GLU E 78 -20.93 0.18 -27.20
CA GLU E 78 -21.68 0.73 -28.34
C GLU E 78 -23.06 1.16 -27.82
N LYS E 79 -23.68 0.27 -27.01
CA LYS E 79 -25.08 0.29 -26.75
C LYS E 79 -25.54 1.47 -25.92
N TYR E 80 -24.73 1.87 -24.92
CA TYR E 80 -25.07 2.98 -24.03
C TYR E 80 -23.86 3.83 -23.71
N GLY E 81 -22.63 3.30 -23.82
CA GLY E 81 -21.42 4.10 -23.67
C GLY E 81 -21.06 4.43 -22.20
N ARG E 82 -21.46 3.49 -21.31
CA ARG E 82 -21.40 3.65 -19.87
C ARG E 82 -22.10 2.50 -19.21
N VAL E 83 -21.81 2.26 -17.94
CA VAL E 83 -22.50 1.23 -17.16
C VAL E 83 -22.66 1.76 -15.76
N ASP E 84 -23.89 1.93 -15.30
CA ASP E 84 -24.25 2.59 -14.05
C ASP E 84 -24.78 1.58 -13.03
N ALA E 85 -24.89 0.28 -13.40
CA ALA E 85 -25.19 -0.80 -12.49
C ALA E 85 -24.45 -2.08 -12.88
N LEU E 86 -24.36 -3.03 -11.95
CA LEU E 86 -23.76 -4.33 -12.17
C LEU E 86 -24.21 -5.28 -11.03
N VAL E 87 -24.93 -6.35 -11.36
CA VAL E 87 -25.36 -7.30 -10.36
C VAL E 87 -24.69 -8.64 -10.59
N HIS E 88 -23.54 -8.88 -9.99
CA HIS E 88 -22.87 -10.16 -10.06
C HIS E 88 -23.67 -11.23 -9.33
N ASN E 89 -24.39 -12.05 -10.06
CA ASN E 89 -25.53 -12.77 -9.57
C ASN E 89 -25.36 -14.29 -9.78
N ALA E 90 -24.95 -14.66 -11.00
CA ALA E 90 -24.88 -16.06 -11.38
C ALA E 90 -23.91 -16.82 -10.44
N GLY E 91 -24.48 -17.94 -9.89
CA GLY E 91 -23.73 -18.70 -8.91
C GLY E 91 -24.41 -20.02 -8.55
N ILE E 92 -23.59 -20.95 -8.06
CA ILE E 92 -24.03 -22.34 -7.87
C ILE E 92 -23.88 -22.75 -6.40
N SER E 93 -24.85 -23.55 -5.91
CA SER E 93 -24.88 -23.99 -4.53
C SER E 93 -24.82 -25.52 -4.43
N ILE E 94 -23.95 -26.08 -3.66
CA ILE E 94 -23.65 -27.51 -3.62
C ILE E 94 -23.42 -27.91 -2.16
N VAL E 95 -23.88 -29.11 -1.89
CA VAL E 95 -23.94 -29.77 -0.59
C VAL E 95 -23.38 -31.16 -0.80
N THR E 96 -22.35 -31.56 -0.06
CA THR E 96 -21.70 -32.84 -0.30
C THR E 96 -20.51 -33.08 0.62
N LYS E 97 -20.23 -34.33 0.95
CA LYS E 97 -19.26 -34.78 1.96
C LYS E 97 -17.88 -34.22 1.67
N PHE E 98 -17.28 -33.63 2.68
CA PHE E 98 -16.06 -32.82 2.53
C PHE E 98 -14.88 -33.77 2.33
N GLU E 99 -14.79 -34.79 3.15
CA GLU E 99 -13.84 -35.90 3.02
C GLU E 99 -14.45 -36.88 2.02
N ASP E 100 -14.80 -36.36 0.87
CA ASP E 100 -15.32 -37.02 -0.30
C ASP E 100 -15.34 -36.01 -1.46
N THR E 101 -15.41 -34.69 -1.15
CA THR E 101 -15.31 -33.60 -2.11
C THR E 101 -13.87 -33.44 -2.54
N PRO E 102 -13.60 -33.30 -3.87
CA PRO E 102 -12.28 -32.96 -4.37
C PRO E 102 -12.02 -31.44 -4.26
N LEU E 103 -10.76 -31.09 -4.48
CA LEU E 103 -10.33 -29.71 -4.60
C LEU E 103 -10.95 -29.10 -5.87
N SER E 104 -11.11 -29.94 -6.90
CA SER E 104 -11.63 -29.50 -8.19
C SER E 104 -13.10 -29.12 -8.03
N ASP E 105 -13.84 -29.76 -7.13
CA ASP E 105 -15.21 -29.35 -6.83
C ASP E 105 -15.18 -28.00 -6.16
N PHE E 106 -14.23 -27.83 -5.23
CA PHE E 106 -14.10 -26.62 -4.43
C PHE E 106 -13.92 -25.41 -5.34
N HIS E 107 -13.00 -25.50 -6.33
CA HIS E 107 -12.80 -24.47 -7.35
C HIS E 107 -14.07 -24.28 -8.20
N ARG E 108 -14.69 -25.39 -8.59
CA ARG E 108 -15.84 -25.43 -9.45
C ARG E 108 -16.99 -24.57 -8.88
N VAL E 109 -17.09 -24.53 -7.54
CA VAL E 109 -18.02 -23.62 -6.88
C VAL E 109 -17.53 -22.18 -7.00
N ASN E 110 -16.29 -21.92 -6.55
CA ASN E 110 -15.72 -20.59 -6.58
C ASN E 110 -15.78 -20.05 -7.98
N THR E 111 -15.38 -20.89 -8.94
CA THR E 111 -15.35 -20.51 -10.35
C THR E 111 -16.51 -19.54 -10.65
N VAL E 112 -17.75 -20.02 -10.35
CA VAL E 112 -18.98 -19.42 -10.80
C VAL E 112 -19.44 -18.35 -9.83
N ASN E 113 -19.01 -18.48 -8.58
CA ASN E 113 -19.63 -17.74 -7.47
C ASN E 113 -18.70 -16.56 -7.11
N VAL E 114 -17.35 -16.77 -7.27
CA VAL E 114 -16.30 -15.89 -6.79
C VAL E 114 -15.56 -15.26 -7.95
N ASP E 115 -14.98 -16.13 -8.82
CA ASP E 115 -14.32 -15.71 -10.07
C ASP E 115 -15.39 -15.44 -11.13
N SER E 116 -16.69 -15.48 -10.82
CA SER E 116 -17.72 -14.91 -11.62
C SER E 116 -17.71 -13.40 -11.45
N ILE E 117 -17.28 -12.92 -10.30
CA ILE E 117 -17.40 -11.52 -9.89
C ILE E 117 -16.26 -10.73 -10.48
N ILE E 118 -15.06 -11.34 -10.37
CA ILE E 118 -13.80 -10.69 -10.67
C ILE E 118 -13.67 -10.46 -12.19
N ILE E 119 -13.51 -11.52 -13.01
CA ILE E 119 -13.25 -11.38 -14.45
C ILE E 119 -14.32 -10.50 -15.11
N GLY E 120 -15.52 -10.61 -14.58
CA GLY E 120 -16.60 -9.72 -14.93
C GLY E 120 -16.20 -8.29 -14.76
N THR E 121 -15.96 -7.93 -13.50
CA THR E 121 -15.75 -6.54 -13.12
C THR E 121 -14.40 -6.05 -13.66
N GLN E 122 -13.43 -6.94 -13.87
CA GLN E 122 -12.21 -6.53 -14.59
C GLN E 122 -12.53 -6.10 -16.02
N VAL E 123 -13.35 -6.91 -16.74
CA VAL E 123 -13.75 -6.65 -18.12
C VAL E 123 -14.64 -5.40 -18.25
N LEU E 124 -15.51 -5.21 -17.23
CA LEU E 124 -16.45 -4.12 -17.25
C LEU E 124 -15.87 -2.92 -16.51
N LEU E 125 -14.53 -2.87 -16.34
CA LEU E 125 -13.87 -1.87 -15.49
C LEU E 125 -13.75 -0.54 -16.21
N PRO E 126 -13.18 -0.51 -17.46
CA PRO E 126 -13.24 0.68 -18.32
C PRO E 126 -14.64 1.26 -18.41
N LEU E 127 -15.68 0.40 -18.40
CA LEU E 127 -17.07 0.85 -18.48
C LEU E 127 -17.65 1.40 -17.18
N LEU E 128 -17.56 0.59 -16.13
CA LEU E 128 -18.12 0.97 -14.81
C LEU E 128 -17.40 2.21 -14.26
N LYS E 129 -16.27 2.59 -14.89
CA LYS E 129 -15.75 3.93 -14.72
C LYS E 129 -16.73 5.00 -15.21
N GLU E 130 -17.01 5.04 -16.56
CA GLU E 130 -17.79 6.07 -17.19
C GLU E 130 -19.10 6.26 -16.40
N GLY E 131 -19.67 5.12 -15.93
CA GLY E 131 -20.99 5.11 -15.34
C GLY E 131 -21.01 5.76 -13.97
N GLY E 132 -19.89 5.61 -13.26
CA GLY E 132 -19.72 6.21 -11.94
C GLY E 132 -19.76 7.74 -12.05
N LYS E 133 -19.16 8.25 -13.14
CA LYS E 133 -19.01 9.69 -13.29
C LYS E 133 -20.33 10.44 -13.62
N ALA E 134 -21.13 9.88 -14.52
CA ALA E 134 -22.28 10.61 -15.04
C ALA E 134 -23.48 10.56 -14.09
N ARG E 135 -23.35 9.92 -12.93
CA ARG E 135 -24.34 9.92 -11.87
C ARG E 135 -23.66 10.43 -10.59
N ALA E 136 -24.46 11.12 -9.76
CA ALA E 136 -23.95 11.68 -8.51
C ALA E 136 -23.67 10.54 -7.54
N GLY E 137 -24.65 9.61 -7.42
CA GLY E 137 -24.59 8.50 -6.49
C GLY E 137 -23.43 7.57 -6.84
N GLY E 138 -23.46 7.01 -8.06
CA GLY E 138 -22.30 6.31 -8.59
C GLY E 138 -22.62 5.07 -9.42
N ALA E 139 -21.54 4.43 -9.89
CA ALA E 139 -21.65 3.13 -10.56
C ALA E 139 -21.91 2.04 -9.54
N SER E 140 -23.09 1.45 -9.54
CA SER E 140 -23.45 0.51 -8.47
C SER E 140 -23.05 -0.90 -8.87
N VAL E 141 -22.38 -1.57 -7.92
CA VAL E 141 -21.88 -2.91 -8.12
C VAL E 141 -22.45 -3.79 -7.01
N VAL E 142 -23.14 -4.88 -7.41
CA VAL E 142 -23.86 -5.75 -6.51
C VAL E 142 -23.44 -7.18 -6.73
N ASN E 143 -22.89 -7.79 -5.76
CA ASN E 143 -22.43 -9.18 -5.70
C ASN E 143 -23.44 -9.96 -4.87
N PHE E 144 -23.75 -11.19 -5.30
CA PHE E 144 -24.67 -12.00 -4.53
C PHE E 144 -23.84 -12.97 -3.73
N SER E 145 -23.65 -12.69 -2.43
CA SER E 145 -23.18 -13.64 -1.45
C SER E 145 -24.37 -14.41 -0.91
N SER E 146 -24.65 -14.34 0.41
CA SER E 146 -25.71 -15.12 1.01
C SER E 146 -25.73 -14.89 2.53
N VAL E 147 -26.54 -15.72 3.19
CA VAL E 147 -26.39 -15.97 4.61
C VAL E 147 -25.39 -17.08 4.72
N ALA E 148 -25.29 -17.97 3.71
CA ALA E 148 -24.38 -19.09 3.81
C ALA E 148 -22.90 -18.65 3.62
N GLY E 149 -22.71 -17.39 3.23
CA GLY E 149 -21.40 -16.73 3.30
C GLY E 149 -21.19 -15.94 4.59
N LEU E 150 -22.33 -15.59 5.30
CA LEU E 150 -22.24 -14.98 6.58
C LEU E 150 -21.98 -16.08 7.54
N ARG E 151 -23.00 -16.90 7.80
CA ARG E 151 -22.84 -18.11 8.63
C ARG E 151 -22.63 -19.35 7.72
N GLY E 152 -21.50 -20.04 7.90
CA GLY E 152 -21.26 -21.35 7.33
C GLY E 152 -22.12 -22.45 7.88
N ALA E 153 -22.28 -23.56 7.12
CA ALA E 153 -23.25 -24.60 7.40
C ALA E 153 -22.65 -25.99 7.33
N ALA E 154 -23.33 -26.98 7.93
CA ALA E 154 -22.75 -28.34 8.00
C ALA E 154 -23.09 -29.16 6.74
N PHE E 155 -22.04 -29.79 6.16
CA PHE E 155 -22.12 -30.39 4.84
C PHE E 155 -22.25 -29.29 3.77
N ASN E 156 -21.78 -28.07 4.05
CA ASN E 156 -21.95 -26.94 3.16
C ASN E 156 -20.62 -26.20 2.93
N ALA E 157 -19.52 -26.96 2.91
CA ALA E 157 -18.22 -26.38 3.24
C ALA E 157 -17.82 -25.43 2.14
N ALA E 158 -17.91 -25.87 0.90
CA ALA E 158 -17.40 -25.12 -0.26
C ALA E 158 -18.43 -24.10 -0.75
N TYR E 159 -19.71 -24.32 -0.42
CA TYR E 159 -20.74 -23.34 -0.74
C TYR E 159 -20.69 -22.11 0.15
N CYS E 160 -20.15 -22.24 1.36
CA CYS E 160 -20.09 -21.16 2.36
C CYS E 160 -18.84 -20.29 2.21
N THR E 161 -17.73 -20.94 1.80
CA THR E 161 -16.49 -20.27 1.53
C THR E 161 -16.60 -19.43 0.25
N SER E 162 -17.56 -19.78 -0.63
CA SER E 162 -17.83 -19.01 -1.84
C SER E 162 -18.38 -17.63 -1.48
N LYS E 163 -19.47 -17.66 -0.73
CA LYS E 163 -20.20 -16.44 -0.41
C LYS E 163 -19.44 -15.66 0.68
N ALA E 164 -18.43 -16.26 1.33
CA ALA E 164 -17.57 -15.57 2.26
C ALA E 164 -16.53 -14.71 1.50
N ALA E 165 -16.21 -15.11 0.29
CA ALA E 165 -15.39 -14.30 -0.60
C ALA E 165 -16.26 -13.28 -1.35
N VAL E 166 -17.49 -13.68 -1.68
CA VAL E 166 -18.47 -12.78 -2.25
C VAL E 166 -18.93 -11.77 -1.19
N LYS E 167 -18.73 -12.11 0.07
CA LYS E 167 -18.81 -11.17 1.21
C LYS E 167 -17.66 -10.15 1.14
N MET E 168 -16.41 -10.67 1.05
CA MET E 168 -15.22 -9.92 1.36
C MET E 168 -14.77 -9.17 0.11
N LEU E 169 -14.75 -9.85 -1.06
CA LEU E 169 -14.29 -9.22 -2.29
C LEU E 169 -14.94 -7.84 -2.43
N SER E 170 -16.24 -7.78 -2.08
CA SER E 170 -17.04 -6.57 -2.14
C SER E 170 -16.34 -5.44 -1.41
N LYS E 171 -16.08 -5.68 -0.13
CA LYS E 171 -15.37 -4.68 0.72
C LYS E 171 -14.10 -4.24 -0.02
N CYS E 172 -13.42 -5.20 -0.64
CA CYS E 172 -12.22 -4.94 -1.33
C CYS E 172 -12.51 -4.01 -2.50
N LEU E 173 -13.66 -4.20 -3.15
CA LEU E 173 -13.93 -3.55 -4.42
C LEU E 173 -14.45 -2.12 -4.19
N GLY E 174 -15.13 -1.91 -3.06
CA GLY E 174 -15.69 -0.62 -2.74
C GLY E 174 -14.60 0.34 -2.28
N ALA E 175 -13.79 -0.16 -1.32
CA ALA E 175 -12.75 0.61 -0.68
C ALA E 175 -11.59 0.95 -1.62
N GLU E 176 -11.20 0.01 -2.45
CA GLU E 176 -10.10 0.21 -3.38
C GLU E 176 -10.56 1.13 -4.47
N PHE E 177 -11.74 0.87 -5.04
CA PHE E 177 -12.26 1.69 -6.13
C PHE E 177 -12.43 3.14 -5.65
N ALA E 178 -12.84 3.26 -4.38
CA ALA E 178 -12.86 4.55 -3.70
C ALA E 178 -11.47 5.16 -3.67
N ALA E 179 -10.51 4.33 -3.33
CA ALA E 179 -9.10 4.74 -3.33
C ALA E 179 -8.73 5.34 -4.68
N LEU E 180 -8.92 4.56 -5.70
CA LEU E 180 -8.44 4.94 -7.05
C LEU E 180 -9.32 6.06 -7.63
N GLY E 181 -10.04 6.70 -6.68
CA GLY E 181 -10.79 7.90 -6.97
C GLY E 181 -12.22 7.56 -7.34
N TYR E 182 -12.36 6.46 -8.03
CA TYR E 182 -13.57 6.14 -8.78
C TYR E 182 -14.71 6.31 -7.76
N ASN E 183 -15.89 6.72 -8.31
CA ASN E 183 -17.08 6.66 -7.54
C ASN E 183 -17.80 5.46 -8.15
N ILE E 184 -17.38 4.24 -7.69
CA ILE E 184 -18.13 3.01 -7.93
C ILE E 184 -18.38 2.39 -6.56
N ARG E 185 -19.58 2.62 -6.03
CA ARG E 185 -20.09 1.95 -4.85
C ARG E 185 -20.08 0.44 -5.10
N VAL E 186 -19.56 -0.31 -4.10
CA VAL E 186 -19.66 -1.76 -4.14
C VAL E 186 -20.25 -2.24 -2.83
N ASN E 187 -21.11 -3.31 -2.91
CA ASN E 187 -21.90 -3.77 -1.79
C ASN E 187 -22.25 -5.23 -2.02
N SER E 188 -22.01 -6.12 -1.08
CA SER E 188 -22.31 -7.52 -1.26
C SER E 188 -23.77 -7.69 -0.96
N VAL E 189 -24.28 -8.90 -1.26
CA VAL E 189 -25.68 -9.24 -1.08
C VAL E 189 -25.76 -10.55 -0.27
N HIS E 190 -26.75 -10.60 0.68
CA HIS E 190 -26.86 -11.74 1.58
C HIS E 190 -28.32 -12.18 1.64
N PRO E 191 -28.81 -13.04 0.74
CA PRO E 191 -30.10 -13.71 0.92
C PRO E 191 -30.06 -14.89 1.89
N GLY E 192 -31.20 -15.58 2.02
CA GLY E 192 -31.36 -16.77 2.83
C GLY E 192 -31.70 -18.00 1.98
N GLY E 193 -32.44 -18.97 2.59
CA GLY E 193 -32.83 -20.21 1.95
C GLY E 193 -33.99 -19.97 0.99
N ILE E 194 -33.69 -19.36 -0.15
CA ILE E 194 -34.63 -18.90 -1.15
C ILE E 194 -35.36 -20.12 -1.77
N ASP E 195 -36.68 -19.97 -1.98
CA ASP E 195 -37.50 -20.88 -2.76
C ASP E 195 -37.19 -20.72 -4.27
N THR E 196 -36.13 -21.43 -4.68
CA THR E 196 -35.85 -21.71 -6.07
C THR E 196 -35.76 -23.23 -6.28
N PRO E 197 -36.14 -23.76 -7.47
CA PRO E 197 -35.99 -25.19 -7.74
C PRO E 197 -34.54 -25.71 -7.55
N MET E 198 -33.55 -24.81 -7.52
CA MET E 198 -32.22 -25.16 -7.03
C MET E 198 -32.34 -25.73 -5.61
N LEU E 199 -32.89 -24.92 -4.71
CA LEU E 199 -33.09 -25.32 -3.31
C LEU E 199 -34.23 -26.34 -3.24
N GLY E 200 -35.10 -26.36 -4.26
CA GLY E 200 -36.08 -27.42 -4.48
C GLY E 200 -35.43 -28.81 -4.39
N SER E 201 -34.16 -28.93 -4.83
CA SER E 201 -33.40 -30.16 -4.69
C SER E 201 -32.00 -29.88 -4.10
N LEU E 202 -32.03 -29.25 -2.91
CA LEU E 202 -30.85 -29.07 -2.08
C LEU E 202 -31.12 -29.54 -0.64
N MET E 203 -32.33 -29.29 -0.15
CA MET E 203 -32.84 -30.01 1.03
C MET E 203 -32.84 -31.52 0.77
N ASP E 204 -33.13 -31.84 -0.49
CA ASP E 204 -33.13 -33.19 -1.01
C ASP E 204 -31.74 -33.79 -0.85
N LYS E 205 -30.70 -32.95 -0.81
CA LYS E 205 -29.31 -33.35 -0.72
C LYS E 205 -28.81 -33.37 0.72
N TYR E 206 -29.54 -32.73 1.64
CA TYR E 206 -29.41 -32.99 3.07
C TYR E 206 -29.86 -34.42 3.39
N VAL E 207 -30.82 -34.92 2.60
CA VAL E 207 -31.32 -36.28 2.70
C VAL E 207 -30.21 -37.27 2.37
N GLU E 208 -29.54 -37.07 1.21
CA GLU E 208 -28.55 -38.02 0.71
C GLU E 208 -27.37 -38.16 1.67
N LEU E 209 -27.34 -37.30 2.70
CA LEU E 209 -26.30 -37.29 3.69
C LEU E 209 -26.87 -37.69 5.05
N GLY E 210 -28.14 -38.12 5.10
CA GLY E 210 -28.70 -38.84 6.24
C GLY E 210 -29.39 -37.90 7.21
N ALA E 211 -28.93 -36.63 7.27
CA ALA E 211 -29.45 -35.69 8.24
C ALA E 211 -30.94 -35.51 8.05
N ALA E 212 -31.52 -36.14 7.03
CA ALA E 212 -32.95 -36.02 6.76
C ALA E 212 -33.55 -37.40 6.42
N PRO E 213 -34.49 -37.94 7.23
CA PRO E 213 -35.26 -39.11 6.81
C PRO E 213 -35.99 -38.94 5.45
N SER E 214 -36.67 -37.80 5.31
CA SER E 214 -37.42 -37.48 4.12
C SER E 214 -37.21 -36.00 3.77
N ARG E 215 -37.72 -35.65 2.58
CA ARG E 215 -37.50 -34.33 2.01
C ARG E 215 -38.24 -33.26 2.82
N GLU E 216 -39.21 -33.67 3.63
CA GLU E 216 -40.08 -32.75 4.36
C GLU E 216 -39.55 -32.56 5.77
N VAL E 217 -38.50 -33.30 6.19
CA VAL E 217 -37.93 -33.23 7.53
C VAL E 217 -36.69 -32.34 7.49
N ALA E 218 -36.02 -32.25 6.33
CA ALA E 218 -35.04 -31.20 6.07
C ALA E 218 -35.82 -29.90 5.79
N GLN E 219 -36.94 -30.01 5.07
CA GLN E 219 -37.93 -28.93 5.02
C GLN E 219 -38.73 -28.99 6.33
N ALA E 220 -38.03 -29.24 7.43
CA ALA E 220 -38.50 -28.97 8.78
C ALA E 220 -37.37 -28.28 9.56
N ALA E 221 -36.52 -27.57 8.82
CA ALA E 221 -35.34 -26.95 9.39
C ALA E 221 -35.19 -25.56 8.78
N MET E 222 -35.21 -25.46 7.44
CA MET E 222 -34.74 -24.27 6.74
C MET E 222 -35.67 -23.10 7.01
N GLU E 223 -36.99 -23.39 7.06
CA GLU E 223 -37.99 -22.37 7.30
C GLU E 223 -37.90 -21.89 8.73
N MET E 224 -37.50 -22.77 9.66
CA MET E 224 -37.57 -22.53 11.09
C MET E 224 -36.25 -22.00 11.62
N ARG E 225 -35.13 -22.31 10.97
CA ARG E 225 -33.88 -21.55 11.19
C ARG E 225 -34.13 -20.07 10.84
N HIS E 226 -35.18 -19.81 10.01
CA HIS E 226 -35.75 -18.49 9.87
C HIS E 226 -36.75 -18.25 10.99
N PRO E 227 -36.56 -17.22 11.86
CA PRO E 227 -37.63 -16.81 12.78
C PRO E 227 -38.92 -16.49 12.03
N ILE E 228 -38.70 -15.80 10.87
CA ILE E 228 -39.77 -15.34 10.00
C ILE E 228 -40.51 -16.54 9.40
N GLY E 229 -39.92 -17.77 9.50
CA GLY E 229 -40.64 -19.05 9.56
C GLY E 229 -41.06 -19.58 8.21
N ARG E 230 -40.38 -19.21 7.13
CA ARG E 230 -40.80 -19.66 5.81
C ARG E 230 -39.65 -19.55 4.82
N MET E 231 -39.64 -20.43 3.80
CA MET E 231 -38.69 -20.29 2.69
C MET E 231 -38.88 -18.94 2.00
N GLY E 232 -37.77 -18.27 1.67
CA GLY E 232 -37.86 -16.99 0.97
C GLY E 232 -38.60 -17.14 -0.36
N ARG E 233 -39.01 -16.01 -0.94
CA ARG E 233 -39.53 -16.02 -2.30
C ARG E 233 -38.72 -15.09 -3.20
N PRO E 234 -38.40 -15.49 -4.45
CA PRO E 234 -37.58 -14.69 -5.34
C PRO E 234 -38.18 -13.38 -5.80
N ALA E 235 -39.04 -12.77 -4.98
CA ALA E 235 -39.71 -11.50 -5.34
C ALA E 235 -39.19 -10.34 -4.51
N GLU E 236 -39.00 -10.69 -3.22
CA GLU E 236 -38.63 -9.80 -2.12
C GLU E 236 -37.18 -9.32 -2.28
N MET E 237 -36.44 -9.94 -3.22
CA MET E 237 -35.01 -9.84 -3.35
C MET E 237 -34.65 -8.69 -4.27
N GLY E 238 -35.54 -8.31 -5.20
CA GLY E 238 -35.26 -7.17 -6.08
C GLY E 238 -35.32 -5.80 -5.38
N GLY E 239 -35.94 -5.74 -4.17
CA GLY E 239 -36.40 -4.52 -3.58
C GLY E 239 -35.23 -3.61 -3.22
N GLY E 240 -34.20 -4.23 -2.61
CA GLY E 240 -32.99 -3.50 -2.25
C GLY E 240 -31.91 -3.50 -3.33
N VAL E 241 -32.12 -4.35 -4.36
CA VAL E 241 -31.18 -4.53 -5.44
C VAL E 241 -31.29 -3.30 -6.34
N VAL E 242 -32.51 -2.89 -6.63
CA VAL E 242 -32.74 -1.62 -7.30
C VAL E 242 -32.15 -0.54 -6.39
N TYR E 243 -32.61 -0.52 -5.13
CA TYR E 243 -32.16 0.45 -4.17
C TYR E 243 -30.65 0.69 -4.25
N LEU E 244 -29.88 -0.39 -4.10
CA LEU E 244 -28.42 -0.34 -4.16
C LEU E 244 -27.96 0.32 -5.46
N CYS E 245 -28.59 -0.06 -6.56
CA CYS E 245 -28.18 0.39 -7.87
C CYS E 245 -28.50 1.86 -8.13
N SER E 246 -29.33 2.46 -7.26
CA SER E 246 -29.87 3.79 -7.46
C SER E 246 -29.37 4.79 -6.39
N ASP E 247 -29.28 6.08 -6.81
CA ASP E 247 -28.66 7.11 -5.99
C ASP E 247 -29.30 7.23 -4.59
N ALA E 248 -30.19 6.26 -4.33
CA ALA E 248 -30.75 6.06 -3.01
C ALA E 248 -29.63 5.58 -2.10
N ALA E 249 -28.95 4.53 -2.56
CA ALA E 249 -27.85 3.94 -1.77
C ALA E 249 -26.56 4.60 -2.14
N SER E 250 -26.61 5.93 -2.47
CA SER E 250 -25.47 6.73 -2.88
C SER E 250 -24.32 6.50 -1.91
N PHE E 251 -24.71 6.43 -0.60
CA PHE E 251 -23.74 6.38 0.48
C PHE E 251 -23.59 4.94 0.98
N VAL E 252 -23.81 4.00 0.08
CA VAL E 252 -23.73 2.58 0.44
C VAL E 252 -22.58 1.96 -0.34
N THR E 253 -21.46 1.75 0.39
CA THR E 253 -20.33 1.02 -0.13
C THR E 253 -19.86 -0.03 0.89
N CYS E 254 -19.10 -1.00 0.39
CA CYS E 254 -18.46 -2.06 1.15
C CYS E 254 -19.47 -2.93 1.87
N THR E 255 -20.77 -2.55 1.85
CA THR E 255 -21.74 -2.99 2.81
C THR E 255 -22.00 -4.50 2.75
N GLU E 256 -22.74 -4.97 3.75
CA GLU E 256 -23.38 -6.27 3.80
C GLU E 256 -24.89 -6.07 3.83
N PHE E 257 -25.50 -6.15 2.64
CA PHE E 257 -26.93 -5.94 2.50
C PHE E 257 -27.64 -7.27 2.71
N VAL E 258 -28.36 -7.39 3.84
CA VAL E 258 -28.82 -8.69 4.32
C VAL E 258 -30.34 -8.70 4.39
N MET E 259 -30.92 -9.66 3.66
CA MET E 259 -32.35 -9.93 3.61
C MET E 259 -32.55 -11.44 3.78
N ASP E 260 -32.76 -11.90 5.00
CA ASP E 260 -32.57 -13.30 5.39
C ASP E 260 -33.59 -13.77 6.42
N GLY E 261 -34.67 -13.06 6.60
CA GLY E 261 -35.71 -13.30 7.59
C GLY E 261 -35.22 -13.28 9.04
N GLY E 262 -34.06 -12.65 9.30
CA GLY E 262 -33.45 -12.69 10.65
C GLY E 262 -32.79 -14.06 10.96
N PHE E 263 -32.42 -14.78 9.88
CA PHE E 263 -31.79 -16.08 9.99
C PHE E 263 -30.55 -16.04 10.89
N SER E 264 -29.65 -15.08 10.62
CA SER E 264 -28.31 -15.04 11.18
C SER E 264 -28.26 -14.33 12.51
N GLN E 265 -29.02 -13.23 12.66
CA GLN E 265 -28.96 -12.45 13.91
C GLN E 265 -29.02 -13.42 15.10
N VAL E 266 -30.16 -14.15 15.15
CA VAL E 266 -30.36 -15.26 16.05
C VAL E 266 -29.21 -16.22 15.89
N LEU F 12 56.06 -3.45 -16.41
CA LEU F 12 56.47 -2.86 -17.70
C LEU F 12 57.78 -3.50 -18.17
N ASN F 13 58.21 -4.67 -17.62
CA ASN F 13 59.57 -5.09 -17.81
C ASN F 13 59.80 -5.34 -19.28
N ASN F 14 60.95 -4.85 -19.82
CA ASN F 14 61.35 -5.01 -21.21
C ASN F 14 61.02 -3.75 -22.02
N VAL F 15 59.97 -3.01 -21.62
CA VAL F 15 59.39 -1.97 -22.42
C VAL F 15 60.45 -0.88 -22.74
N VAL F 16 60.56 -0.60 -24.06
CA VAL F 16 61.24 0.57 -24.57
C VAL F 16 60.25 1.74 -24.65
N ALA F 17 60.47 2.77 -23.82
CA ALA F 17 59.52 3.86 -23.73
C ALA F 17 60.10 5.22 -24.11
N VAL F 18 59.38 5.94 -24.98
CA VAL F 18 59.73 7.32 -25.34
C VAL F 18 58.69 8.29 -24.79
N VAL F 19 59.11 9.25 -23.96
CA VAL F 19 58.15 10.15 -23.32
C VAL F 19 58.41 11.61 -23.66
N THR F 20 57.71 12.16 -24.68
CA THR F 20 57.92 13.56 -25.04
C THR F 20 57.47 14.45 -23.91
N GLY F 21 57.77 15.71 -23.95
CA GLY F 21 57.49 16.67 -22.87
C GLY F 21 58.00 16.16 -21.49
N ALA F 22 59.10 15.41 -21.48
CA ALA F 22 59.55 14.77 -20.28
C ALA F 22 59.97 15.81 -19.20
N ALA F 23 60.65 16.87 -19.68
CA ALA F 23 61.07 17.94 -18.79
C ALA F 23 59.88 18.79 -18.30
N GLY F 24 58.69 18.45 -18.77
CA GLY F 24 57.45 19.02 -18.28
C GLY F 24 57.09 18.53 -16.85
N GLY F 25 55.99 19.14 -16.36
CA GLY F 25 55.37 18.74 -15.10
C GLY F 25 55.09 17.24 -14.98
N ILE F 26 54.09 16.76 -15.76
CA ILE F 26 53.66 15.36 -15.62
C ILE F 26 54.74 14.41 -16.18
N GLY F 27 55.48 14.96 -17.21
CA GLY F 27 56.59 14.25 -17.85
C GLY F 27 57.52 13.56 -16.84
N ARG F 28 58.05 14.32 -15.88
CA ARG F 28 58.99 13.81 -14.87
C ARG F 28 58.34 12.69 -14.07
N GLU F 29 57.05 12.84 -13.79
CA GLU F 29 56.30 11.95 -12.90
C GLU F 29 56.02 10.63 -13.61
N LEU F 30 55.63 10.74 -14.90
CA LEU F 30 55.45 9.57 -15.73
C LEU F 30 56.70 8.68 -15.61
N VAL F 31 57.86 9.32 -15.67
CA VAL F 31 59.14 8.65 -15.68
C VAL F 31 59.21 7.80 -14.43
N LYS F 32 59.23 8.45 -13.26
CA LYS F 32 59.41 7.80 -11.96
C LYS F 32 58.33 6.73 -11.78
N ALA F 33 57.08 7.04 -12.26
CA ALA F 33 56.00 6.09 -12.24
C ALA F 33 56.27 4.87 -13.16
N MET F 34 56.74 5.13 -14.42
CA MET F 34 56.96 4.03 -15.33
C MET F 34 58.20 3.24 -14.91
N LYS F 35 59.28 3.93 -14.53
CA LYS F 35 60.57 3.30 -14.24
C LYS F 35 60.46 2.26 -13.12
N ALA F 36 59.52 2.57 -12.18
CA ALA F 36 59.28 1.74 -11.03
C ALA F 36 58.67 0.40 -11.47
N ALA F 37 57.86 0.47 -12.53
CA ALA F 37 57.36 -0.73 -13.19
C ALA F 37 58.43 -1.41 -14.06
N ASN F 38 59.43 -0.59 -14.46
CA ASN F 38 60.70 -1.04 -15.03
C ASN F 38 60.63 -0.91 -16.57
N ALA F 39 60.76 0.35 -17.04
CA ALA F 39 60.78 0.63 -18.45
C ALA F 39 61.99 1.48 -18.81
N ILE F 40 62.73 1.06 -19.86
CA ILE F 40 63.99 1.69 -20.21
C ILE F 40 63.66 2.98 -20.95
N VAL F 41 63.56 4.07 -20.21
CA VAL F 41 62.96 5.31 -20.71
C VAL F 41 63.91 6.00 -21.71
N ILE F 42 63.32 6.81 -22.60
CA ILE F 42 64.09 7.61 -23.54
C ILE F 42 63.44 8.97 -23.61
N ALA F 43 63.97 9.99 -22.91
CA ALA F 43 63.20 11.21 -22.61
C ALA F 43 63.62 12.35 -23.55
N THR F 44 62.68 13.28 -23.79
CA THR F 44 62.95 14.46 -24.58
C THR F 44 62.33 15.66 -23.93
N ASP F 45 62.38 16.79 -24.61
CA ASP F 45 61.64 18.01 -24.35
C ASP F 45 62.44 19.18 -24.92
N MET F 46 61.75 20.11 -25.65
CA MET F 46 62.40 21.22 -26.33
C MET F 46 63.61 21.64 -25.52
N ALA F 47 63.43 21.63 -24.17
CA ALA F 47 64.35 22.22 -23.22
C ALA F 47 65.73 21.53 -23.34
N PRO F 48 66.83 22.33 -23.45
CA PRO F 48 68.14 21.79 -23.77
C PRO F 48 68.71 20.82 -22.72
N SER F 49 68.43 21.07 -21.45
CA SER F 49 68.92 20.26 -20.34
C SER F 49 67.90 20.33 -19.23
N ALA F 50 67.40 19.16 -18.81
CA ALA F 50 66.35 19.14 -17.78
C ALA F 50 66.55 17.92 -16.90
N ASP F 51 66.10 18.10 -15.64
CA ASP F 51 66.31 17.10 -14.58
C ASP F 51 65.13 16.11 -14.62
N VAL F 52 65.41 14.90 -15.18
CA VAL F 52 64.39 13.86 -15.19
C VAL F 52 64.98 12.62 -14.53
N GLU F 53 64.65 12.48 -13.26
CA GLU F 53 64.96 11.31 -12.47
C GLU F 53 64.35 10.09 -13.14
N GLY F 54 65.22 9.20 -13.58
CA GLY F 54 64.83 7.86 -14.02
C GLY F 54 65.00 7.70 -15.52
N ALA F 55 65.40 8.78 -16.25
CA ALA F 55 65.61 8.66 -17.67
C ALA F 55 66.77 7.72 -17.96
N ASP F 56 66.55 6.72 -18.80
CA ASP F 56 67.63 5.93 -19.37
C ASP F 56 68.27 6.68 -20.50
N HIS F 57 67.71 7.76 -20.97
CA HIS F 57 68.30 8.67 -21.95
C HIS F 57 67.59 10.03 -21.84
N TYR F 58 68.23 11.04 -22.44
CA TYR F 58 67.62 12.36 -22.57
C TYR F 58 68.12 12.96 -23.85
N LEU F 59 67.21 13.54 -24.68
CA LEU F 59 67.58 14.11 -25.98
C LEU F 59 66.98 15.49 -26.10
N GLN F 60 67.56 16.32 -26.94
CA GLN F 60 66.96 17.56 -27.44
C GLN F 60 65.96 17.25 -28.57
N HIS F 61 64.74 17.81 -28.51
CA HIS F 61 63.68 17.36 -29.40
C HIS F 61 62.50 18.33 -29.46
N ASP F 62 62.51 19.21 -30.43
CA ASP F 62 61.32 19.99 -30.78
C ASP F 62 60.44 19.04 -31.57
N VAL F 63 59.57 18.33 -30.86
CA VAL F 63 58.69 17.27 -31.34
C VAL F 63 57.86 17.67 -32.56
N THR F 64 57.56 18.97 -32.74
CA THR F 64 56.92 19.45 -33.97
C THR F 64 57.83 19.20 -35.15
N SER F 65 59.16 19.33 -34.90
CA SER F 65 60.24 19.25 -35.90
C SER F 65 60.56 17.76 -36.17
N GLU F 66 60.42 17.42 -37.47
CA GLU F 66 60.42 16.02 -37.90
C GLU F 66 61.82 15.45 -37.79
N ALA F 67 62.84 16.29 -38.08
CA ALA F 67 64.24 15.92 -37.86
C ALA F 67 64.46 15.44 -36.41
N GLY F 68 63.62 15.96 -35.50
CA GLY F 68 63.74 15.65 -34.10
C GLY F 68 63.35 14.22 -33.76
N TRP F 69 62.26 13.76 -34.36
CA TRP F 69 61.73 12.42 -34.07
C TRP F 69 62.60 11.32 -34.72
N LYS F 70 63.31 11.70 -35.82
CA LYS F 70 64.12 10.77 -36.54
C LYS F 70 65.35 10.39 -35.73
N ALA F 71 66.01 11.40 -35.09
CA ALA F 71 67.24 11.17 -34.34
C ALA F 71 66.92 10.43 -33.04
N VAL F 72 65.71 10.67 -32.44
CA VAL F 72 65.24 9.99 -31.26
C VAL F 72 65.28 8.49 -31.49
N ALA F 73 64.51 8.08 -32.53
CA ALA F 73 64.43 6.67 -32.87
C ALA F 73 65.81 6.12 -33.20
N ALA F 74 66.67 6.93 -33.86
CA ALA F 74 67.91 6.45 -34.43
C ALA F 74 68.84 5.82 -33.39
N LEU F 75 68.96 6.49 -32.23
CA LEU F 75 69.65 5.95 -31.07
C LEU F 75 68.73 5.10 -30.17
N ALA F 76 67.48 4.97 -30.59
CA ALA F 76 66.57 3.97 -30.07
C ALA F 76 66.75 2.66 -30.84
N GLN F 77 66.88 2.77 -32.16
CA GLN F 77 67.05 1.64 -33.05
C GLN F 77 68.45 1.09 -32.90
N GLU F 78 69.42 2.02 -32.76
CA GLU F 78 70.84 1.69 -32.72
C GLU F 78 71.15 0.94 -31.45
N LYS F 79 70.53 1.33 -30.34
CA LYS F 79 70.73 0.65 -29.06
C LYS F 79 69.83 -0.58 -29.00
N TYR F 80 68.51 -0.41 -29.30
CA TYR F 80 67.49 -1.38 -28.92
C TYR F 80 66.79 -2.04 -30.13
N GLY F 81 66.34 -1.23 -31.09
CA GLY F 81 65.83 -1.78 -32.35
C GLY F 81 64.34 -2.20 -32.35
N ARG F 82 63.74 -2.11 -31.19
CA ARG F 82 62.33 -2.32 -30.92
C ARG F 82 61.83 -1.17 -30.02
N VAL F 83 60.53 -0.87 -30.17
CA VAL F 83 59.88 0.09 -29.31
C VAL F 83 58.57 -0.56 -28.87
N ASP F 84 58.48 -0.85 -27.58
CA ASP F 84 57.31 -1.44 -26.98
C ASP F 84 56.34 -0.32 -26.69
N ALA F 85 56.82 0.71 -25.98
CA ALA F 85 55.95 1.81 -25.58
C ALA F 85 56.35 3.07 -26.34
N LEU F 86 55.35 3.92 -26.60
CA LEU F 86 55.56 5.31 -27.00
C LEU F 86 54.68 6.23 -26.16
N VAL F 87 55.23 7.20 -25.42
CA VAL F 87 54.45 8.02 -24.51
C VAL F 87 54.56 9.47 -24.92
N HIS F 88 53.87 9.85 -25.94
CA HIS F 88 53.55 11.24 -26.25
C HIS F 88 52.99 11.99 -25.03
N ASN F 89 53.72 13.01 -24.58
CA ASN F 89 53.35 13.83 -23.44
C ASN F 89 53.39 15.32 -23.78
N ALA F 90 54.02 15.67 -24.91
CA ALA F 90 54.26 17.05 -25.28
C ALA F 90 52.94 17.81 -25.50
N GLY F 91 52.82 18.93 -24.77
CA GLY F 91 51.61 19.74 -24.72
C GLY F 91 51.91 21.21 -24.38
N ILE F 92 51.04 22.10 -24.90
CA ILE F 92 51.07 23.53 -24.67
C ILE F 92 49.60 23.96 -24.53
N SER F 93 49.37 25.19 -23.99
CA SER F 93 48.01 25.73 -23.88
C SER F 93 47.86 27.13 -24.53
N ILE F 94 46.79 27.31 -25.29
CA ILE F 94 46.33 28.58 -25.82
C ILE F 94 44.93 28.94 -25.31
N VAL F 95 44.89 29.89 -24.39
CA VAL F 95 43.65 30.37 -23.80
C VAL F 95 43.37 31.76 -24.36
N THR F 96 42.15 31.97 -24.85
CA THR F 96 41.80 33.17 -25.59
C THR F 96 40.30 33.16 -25.91
N LYS F 97 39.71 34.36 -26.02
CA LYS F 97 38.50 34.61 -26.83
C LYS F 97 38.73 34.09 -28.26
N PHE F 98 37.62 33.72 -28.89
CA PHE F 98 37.67 33.29 -30.28
C PHE F 98 38.10 34.43 -31.21
N GLU F 99 37.92 35.67 -30.74
CA GLU F 99 38.18 36.85 -31.63
C GLU F 99 39.59 37.41 -31.42
N ASP F 100 40.35 36.87 -30.47
CA ASP F 100 41.75 37.31 -30.33
C ASP F 100 42.63 36.13 -30.75
N THR F 101 42.07 35.21 -31.55
CA THR F 101 42.81 34.02 -31.99
C THR F 101 43.20 34.17 -33.44
N PRO F 102 44.35 34.76 -33.79
CA PRO F 102 44.75 34.78 -35.18
C PRO F 102 44.61 33.34 -35.59
N LEU F 103 43.94 33.09 -36.72
CA LEU F 103 43.83 31.70 -37.24
C LEU F 103 45.18 31.01 -37.03
N SER F 104 46.23 31.77 -36.75
CA SER F 104 47.57 31.23 -36.64
C SER F 104 47.74 30.55 -35.31
N ASP F 105 47.18 31.12 -34.21
CA ASP F 105 47.24 30.49 -32.89
C ASP F 105 46.83 28.98 -32.94
N PHE F 106 45.92 28.70 -33.88
CA PHE F 106 45.25 27.44 -33.99
C PHE F 106 46.16 26.43 -34.69
N HIS F 107 46.82 26.88 -35.77
CA HIS F 107 47.72 26.02 -36.55
C HIS F 107 48.92 25.65 -35.65
N ARG F 108 49.45 26.63 -34.95
CA ARG F 108 50.57 26.48 -34.08
C ARG F 108 50.26 25.41 -32.99
N VAL F 109 48.99 25.23 -32.64
CA VAL F 109 48.62 24.30 -31.61
C VAL F 109 48.59 22.87 -32.19
N ASN F 110 47.94 22.72 -33.35
CA ASN F 110 47.78 21.40 -33.96
C ASN F 110 49.15 20.77 -34.27
N THR F 111 50.14 21.64 -34.57
CA THR F 111 51.48 21.19 -34.89
C THR F 111 52.08 20.51 -33.65
N VAL F 112 51.86 21.16 -32.50
CA VAL F 112 52.44 20.72 -31.24
C VAL F 112 51.68 19.49 -30.76
N ASN F 113 50.34 19.60 -30.60
CA ASN F 113 49.59 18.54 -29.89
C ASN F 113 49.16 17.36 -30.80
N VAL F 114 49.00 17.66 -32.09
CA VAL F 114 48.59 16.65 -33.08
C VAL F 114 49.81 16.15 -33.87
N ASP F 115 50.43 17.01 -34.71
CA ASP F 115 51.49 16.60 -35.62
C ASP F 115 52.57 15.83 -34.87
N SER F 116 52.93 16.34 -33.67
CA SER F 116 53.65 15.62 -32.64
C SER F 116 53.50 14.09 -32.74
N ILE F 117 52.25 13.67 -32.99
CA ILE F 117 51.87 12.27 -33.12
C ILE F 117 52.07 11.85 -34.57
N ILE F 118 51.54 12.68 -35.49
CA ILE F 118 51.64 12.41 -36.92
C ILE F 118 53.07 12.02 -37.16
N ILE F 119 53.97 12.88 -36.73
CA ILE F 119 55.43 12.66 -36.91
C ILE F 119 55.88 11.45 -36.09
N GLY F 120 55.68 11.58 -34.79
CA GLY F 120 56.20 10.61 -33.82
C GLY F 120 55.78 9.20 -34.20
N THR F 121 54.47 8.98 -34.27
CA THR F 121 53.91 7.66 -34.49
C THR F 121 53.95 7.31 -35.97
N GLN F 122 54.46 8.20 -36.87
CA GLN F 122 54.85 7.80 -38.21
C GLN F 122 56.27 7.22 -38.22
N VAL F 123 57.22 7.93 -37.58
CA VAL F 123 58.63 7.54 -37.61
C VAL F 123 58.86 6.38 -36.60
N LEU F 124 58.06 6.32 -35.52
CA LEU F 124 58.15 5.25 -34.59
C LEU F 124 57.38 4.02 -35.06
N LEU F 125 56.47 4.21 -36.04
CA LEU F 125 55.59 3.16 -36.54
C LEU F 125 56.39 1.88 -36.89
N PRO F 126 57.57 1.98 -37.55
CA PRO F 126 58.38 0.79 -37.80
C PRO F 126 58.74 0.12 -36.51
N LEU F 127 59.41 0.90 -35.63
CA LEU F 127 59.93 0.38 -34.36
C LEU F 127 58.78 -0.18 -33.51
N LEU F 128 57.62 0.47 -33.61
CA LEU F 128 56.44 0.11 -32.85
C LEU F 128 55.96 -1.26 -33.32
N LYS F 129 55.97 -1.48 -34.66
CA LYS F 129 55.66 -2.80 -35.23
C LYS F 129 56.45 -3.91 -34.51
N GLU F 130 57.73 -3.62 -34.25
CA GLU F 130 58.68 -4.57 -33.69
C GLU F 130 58.47 -4.71 -32.18
N GLY F 131 58.09 -3.60 -31.52
CA GLY F 131 57.66 -3.68 -30.13
C GLY F 131 56.51 -4.70 -30.07
N GLY F 132 55.64 -4.59 -31.12
CA GLY F 132 54.39 -5.33 -31.17
C GLY F 132 54.62 -6.83 -31.32
N LYS F 133 55.82 -7.21 -31.76
CA LYS F 133 56.20 -8.61 -31.94
C LYS F 133 56.87 -9.16 -30.65
N ALA F 134 57.57 -8.26 -29.94
CA ALA F 134 58.33 -8.62 -28.77
C ALA F 134 57.46 -8.86 -27.56
N ARG F 135 56.17 -8.48 -27.62
CA ARG F 135 55.21 -8.80 -26.57
C ARG F 135 53.87 -9.09 -27.24
N ALA F 136 53.35 -10.33 -26.92
CA ALA F 136 52.04 -10.80 -27.33
C ALA F 136 51.02 -9.67 -27.23
N GLY F 137 50.98 -9.03 -26.07
CA GLY F 137 49.94 -8.08 -25.73
C GLY F 137 50.22 -6.68 -26.27
N GLY F 138 50.52 -6.61 -27.58
CA GLY F 138 50.39 -5.34 -28.31
C GLY F 138 51.47 -4.34 -27.89
N ALA F 139 51.81 -3.46 -28.82
CA ALA F 139 52.57 -2.25 -28.53
C ALA F 139 51.61 -1.11 -28.22
N SER F 140 51.94 -0.30 -27.21
CA SER F 140 51.01 0.66 -26.61
C SER F 140 51.42 2.10 -26.98
N VAL F 141 50.41 2.95 -27.19
CA VAL F 141 50.62 4.37 -27.51
C VAL F 141 49.72 5.21 -26.62
N VAL F 142 50.31 6.08 -25.78
CA VAL F 142 49.56 6.86 -24.81
C VAL F 142 49.53 8.34 -25.22
N ASN F 143 48.42 8.77 -25.80
CA ASN F 143 48.29 10.12 -26.32
C ASN F 143 47.56 11.00 -25.30
N PHE F 144 48.15 12.17 -24.98
CA PHE F 144 47.63 12.98 -23.89
C PHE F 144 46.50 13.88 -24.39
N SER F 145 45.28 13.36 -24.36
CA SER F 145 44.09 14.15 -24.58
C SER F 145 43.66 14.71 -23.22
N SER F 146 42.40 15.13 -23.09
CA SER F 146 41.99 15.86 -21.89
C SER F 146 40.49 15.81 -21.65
N VAL F 147 40.04 16.29 -20.49
CA VAL F 147 38.64 16.47 -20.17
C VAL F 147 37.99 17.44 -21.15
N ALA F 148 38.84 18.25 -21.78
CA ALA F 148 38.47 19.24 -22.76
C ALA F 148 38.38 18.65 -24.13
N GLY F 149 38.87 17.42 -24.31
CA GLY F 149 38.53 16.56 -25.46
C GLY F 149 37.20 15.77 -25.27
N LEU F 150 36.81 15.57 -24.02
CA LEU F 150 35.53 15.01 -23.66
C LEU F 150 34.43 16.06 -23.65
N ARG F 151 34.29 16.83 -22.53
CA ARG F 151 33.24 17.82 -22.41
C ARG F 151 33.83 19.20 -22.61
N GLY F 152 33.00 20.18 -23.03
CA GLY F 152 33.45 21.48 -23.53
C GLY F 152 33.60 22.54 -22.45
N ALA F 153 34.12 23.71 -22.86
CA ALA F 153 34.59 24.73 -21.87
C ALA F 153 35.13 25.94 -22.60
N ALA F 154 34.73 27.16 -22.16
CA ALA F 154 34.84 28.36 -22.98
C ALA F 154 36.22 29.02 -22.79
N PHE F 155 36.62 29.83 -23.78
CA PHE F 155 37.89 30.53 -23.80
C PHE F 155 39.01 29.60 -24.22
N ASN F 156 38.68 28.42 -24.72
CA ASN F 156 39.66 27.38 -25.04
C ASN F 156 39.56 27.08 -26.51
N ALA F 157 38.92 28.01 -27.29
CA ALA F 157 38.72 27.81 -28.71
C ALA F 157 39.62 26.74 -29.33
N ALA F 158 40.91 26.81 -29.10
CA ALA F 158 41.86 26.02 -29.87
C ALA F 158 42.44 24.87 -29.05
N TYR F 159 42.44 24.99 -27.73
CA TYR F 159 42.99 23.95 -26.88
C TYR F 159 42.00 22.79 -26.81
N CYS F 160 40.73 23.06 -26.40
CA CYS F 160 39.74 21.99 -26.29
C CYS F 160 39.71 21.19 -27.63
N THR F 161 39.80 21.95 -28.76
CA THR F 161 39.58 21.41 -30.06
C THR F 161 40.71 20.45 -30.40
N SER F 162 41.93 20.78 -29.95
CA SER F 162 43.06 19.91 -30.23
C SER F 162 42.93 18.62 -29.42
N LYS F 163 42.44 18.77 -28.17
CA LYS F 163 42.37 17.66 -27.25
C LYS F 163 41.37 16.59 -27.77
N ALA F 164 40.27 17.06 -28.36
CA ALA F 164 39.31 16.17 -29.01
C ALA F 164 39.92 15.45 -30.23
N ALA F 165 40.86 16.12 -30.90
CA ALA F 165 41.51 15.56 -32.06
C ALA F 165 42.43 14.44 -31.62
N VAL F 166 43.14 14.65 -30.51
CA VAL F 166 43.98 13.62 -29.92
C VAL F 166 43.13 12.44 -29.41
N LYS F 167 41.95 12.75 -28.87
CA LYS F 167 40.93 11.77 -28.51
C LYS F 167 40.64 10.84 -29.70
N MET F 168 40.27 11.43 -30.85
CA MET F 168 39.89 10.72 -32.05
C MET F 168 41.12 10.10 -32.72
N LEU F 169 42.30 10.65 -32.48
CA LEU F 169 43.50 10.16 -33.12
C LEU F 169 44.00 8.85 -32.48
N SER F 170 43.67 8.67 -31.19
CA SER F 170 43.87 7.38 -30.53
C SER F 170 42.80 6.36 -30.98
N LYS F 171 41.59 6.79 -31.37
CA LYS F 171 40.56 5.92 -31.80
C LYS F 171 40.97 5.31 -33.13
N CYS F 172 41.14 6.17 -34.09
CA CYS F 172 41.44 5.77 -35.47
C CYS F 172 42.64 4.82 -35.54
N LEU F 173 43.73 5.22 -34.85
CA LEU F 173 45.01 4.51 -34.99
C LEU F 173 44.97 3.12 -34.34
N GLY F 174 44.29 3.00 -33.23
CA GLY F 174 44.11 1.71 -32.61
C GLY F 174 43.46 0.75 -33.61
N ALA F 175 42.45 1.30 -34.30
CA ALA F 175 41.69 0.57 -35.30
C ALA F 175 42.45 0.38 -36.60
N GLU F 176 43.33 1.32 -36.98
CA GLU F 176 44.12 1.21 -38.20
C GLU F 176 45.18 0.13 -37.96
N PHE F 177 45.63 -0.08 -36.72
CA PHE F 177 46.74 -0.97 -36.43
C PHE F 177 46.18 -2.38 -36.29
N ALA F 178 45.25 -2.54 -35.34
CA ALA F 178 44.52 -3.80 -35.21
C ALA F 178 43.74 -4.14 -36.48
N ALA F 179 43.89 -3.31 -37.53
CA ALA F 179 43.45 -3.64 -38.86
C ALA F 179 44.66 -4.09 -39.63
N LEU F 180 45.72 -3.29 -39.64
CA LEU F 180 46.86 -3.50 -40.51
C LEU F 180 47.75 -4.63 -40.02
N GLY F 181 47.16 -5.55 -39.28
CA GLY F 181 47.93 -6.65 -38.72
C GLY F 181 49.08 -6.14 -37.89
N TYR F 182 49.21 -4.80 -37.73
CA TYR F 182 50.23 -4.25 -36.85
C TYR F 182 49.79 -4.46 -35.38
N ASN F 183 50.48 -5.35 -34.67
CA ASN F 183 50.08 -5.64 -33.35
C ASN F 183 50.33 -4.40 -32.54
N ILE F 184 49.45 -3.36 -32.63
CA ILE F 184 49.73 -2.12 -31.90
C ILE F 184 48.42 -1.55 -31.35
N ARG F 185 48.31 -1.43 -30.04
CA ARG F 185 47.20 -0.70 -29.45
C ARG F 185 47.46 0.80 -29.53
N VAL F 186 46.44 1.59 -29.23
CA VAL F 186 46.53 3.02 -29.13
C VAL F 186 45.53 3.44 -28.09
N ASN F 187 45.92 4.48 -27.35
CA ASN F 187 45.15 4.94 -26.20
C ASN F 187 45.40 6.42 -26.07
N SER F 188 44.41 7.14 -25.49
CA SER F 188 44.58 8.55 -25.18
C SER F 188 44.15 8.87 -23.76
N VAL F 189 45.13 9.32 -22.92
CA VAL F 189 44.80 9.62 -21.52
C VAL F 189 44.24 11.03 -21.39
N HIS F 190 43.02 11.12 -20.87
CA HIS F 190 42.28 12.37 -20.72
C HIS F 190 42.26 12.87 -19.25
N PRO F 191 43.23 13.75 -18.87
CA PRO F 191 43.37 14.12 -17.47
C PRO F 191 42.36 15.18 -17.02
N GLY F 192 42.06 15.18 -15.73
CA GLY F 192 41.25 16.25 -15.14
C GLY F 192 42.15 17.44 -14.72
N GLY F 193 42.21 17.68 -13.41
CA GLY F 193 43.05 18.69 -12.82
C GLY F 193 44.52 18.23 -12.75
N ILE F 194 45.38 19.09 -13.33
CA ILE F 194 46.83 18.98 -13.25
C ILE F 194 47.32 20.21 -12.52
N ASP F 195 47.41 20.13 -11.15
CA ASP F 195 47.96 21.24 -10.37
C ASP F 195 49.47 21.28 -10.62
N THR F 196 49.81 21.79 -11.81
CA THR F 196 51.15 22.28 -12.10
C THR F 196 50.99 23.78 -12.24
N PRO F 197 52.00 24.58 -11.81
CA PRO F 197 51.95 26.04 -12.05
C PRO F 197 51.56 26.40 -13.51
N MET F 198 51.70 25.43 -14.47
CA MET F 198 51.26 25.63 -15.82
C MET F 198 49.79 25.98 -15.87
N LEU F 199 48.93 25.02 -15.48
CA LEU F 199 47.47 25.21 -15.46
C LEU F 199 47.12 26.18 -14.32
N GLY F 200 48.13 26.68 -13.58
CA GLY F 200 48.00 27.79 -12.68
C GLY F 200 47.94 29.14 -13.41
N SER F 201 48.51 29.22 -14.62
CA SER F 201 48.72 30.48 -15.32
C SER F 201 47.76 30.63 -16.52
N LEU F 202 46.72 29.80 -16.56
CA LEU F 202 45.58 30.03 -17.45
C LEU F 202 44.63 30.95 -16.75
N MET F 203 44.33 30.65 -15.48
CA MET F 203 43.43 31.38 -14.60
C MET F 203 43.65 32.89 -14.73
N ASP F 204 44.92 33.24 -14.78
CA ASP F 204 45.39 34.60 -14.88
C ASP F 204 44.82 35.22 -16.18
N LYS F 205 44.77 34.37 -17.23
CA LYS F 205 44.24 34.81 -18.51
C LYS F 205 42.75 35.05 -18.38
N TYR F 206 42.08 34.13 -17.69
CA TYR F 206 40.63 34.17 -17.54
C TYR F 206 40.22 35.46 -16.82
N VAL F 207 41.08 35.95 -15.91
CA VAL F 207 40.88 37.25 -15.29
C VAL F 207 40.93 38.34 -16.37
N GLU F 208 41.99 38.33 -17.18
CA GLU F 208 42.27 39.40 -18.12
C GLU F 208 41.05 39.74 -18.96
N LEU F 209 40.08 38.85 -19.01
CA LEU F 209 38.81 39.18 -19.67
C LEU F 209 37.84 39.70 -18.59
N GLY F 210 37.41 38.74 -17.77
CA GLY F 210 36.23 38.87 -16.92
C GLY F 210 35.45 37.55 -16.93
N ALA F 211 36.14 36.42 -17.02
CA ALA F 211 35.57 35.11 -16.82
C ALA F 211 35.30 34.85 -15.32
N ALA F 212 36.23 35.33 -14.49
CA ALA F 212 36.12 35.22 -13.06
C ALA F 212 36.54 36.54 -12.41
N PRO F 213 35.90 36.93 -11.27
CA PRO F 213 36.48 37.94 -10.36
C PRO F 213 37.97 37.84 -10.09
N SER F 214 38.52 36.64 -9.83
CA SER F 214 39.92 36.51 -9.48
C SER F 214 40.54 35.21 -9.99
N ARG F 215 41.87 35.13 -9.92
CA ARG F 215 42.65 33.92 -10.01
C ARG F 215 42.13 32.90 -8.99
N GLU F 216 41.57 33.39 -7.86
CA GLU F 216 41.05 32.53 -6.82
C GLU F 216 39.51 32.51 -6.85
N VAL F 217 38.93 32.92 -7.98
CA VAL F 217 37.52 32.72 -8.28
C VAL F 217 37.39 31.93 -9.58
N ALA F 218 38.47 31.74 -10.28
CA ALA F 218 38.63 30.65 -11.25
C ALA F 218 39.42 29.52 -10.60
N GLN F 219 40.10 29.80 -9.51
CA GLN F 219 40.72 28.77 -8.69
C GLN F 219 39.71 28.33 -7.68
N ALA F 220 38.41 28.51 -7.97
CA ALA F 220 37.36 28.30 -6.99
C ALA F 220 36.31 27.38 -7.59
N ALA F 221 36.02 27.56 -8.89
CA ALA F 221 35.02 26.76 -9.57
C ALA F 221 35.71 25.58 -10.25
N MET F 222 36.96 25.78 -10.71
CA MET F 222 37.66 24.76 -11.47
C MET F 222 37.71 23.50 -10.62
N GLU F 223 38.15 23.68 -9.34
CA GLU F 223 38.23 22.54 -8.44
C GLU F 223 36.84 22.01 -8.10
N MET F 224 35.90 22.94 -7.94
CA MET F 224 34.52 22.62 -7.68
C MET F 224 33.92 21.86 -8.86
N ARG F 225 34.52 21.98 -10.07
CA ARG F 225 34.12 21.20 -11.23
C ARG F 225 34.44 19.72 -11.06
N HIS F 226 35.27 19.40 -10.03
CA HIS F 226 35.64 18.04 -9.74
C HIS F 226 34.88 17.58 -8.51
N PRO F 227 34.60 16.27 -8.37
CA PRO F 227 33.89 15.77 -7.22
C PRO F 227 34.91 15.67 -6.09
N ILE F 228 35.86 14.74 -6.24
CA ILE F 228 36.64 14.25 -5.10
C ILE F 228 37.28 15.42 -4.33
N GLY F 229 37.25 16.63 -4.96
CA GLY F 229 37.41 17.89 -4.21
C GLY F 229 38.88 18.28 -4.11
N ARG F 230 39.49 18.42 -5.29
CA ARG F 230 40.94 18.68 -5.34
C ARG F 230 41.47 18.41 -6.73
N MET F 231 42.43 19.22 -7.17
CA MET F 231 43.06 19.03 -8.46
C MET F 231 43.97 17.82 -8.42
N GLY F 232 44.07 17.09 -9.55
CA GLY F 232 44.87 15.87 -9.57
C GLY F 232 46.36 16.21 -9.43
N ARG F 233 46.99 15.69 -8.35
CA ARG F 233 48.44 15.82 -8.24
C ARG F 233 49.13 15.15 -9.44
N PRO F 234 50.04 15.87 -10.16
CA PRO F 234 50.82 15.32 -11.26
C PRO F 234 51.28 13.88 -11.14
N ALA F 235 51.57 13.50 -9.92
CA ALA F 235 51.95 12.12 -9.57
C ALA F 235 50.87 11.12 -10.02
N GLU F 236 49.62 11.49 -9.70
CA GLU F 236 48.44 10.64 -9.85
C GLU F 236 48.12 10.37 -11.32
N MET F 237 48.84 11.06 -12.24
CA MET F 237 48.83 10.69 -13.65
C MET F 237 49.60 9.38 -13.80
N GLY F 238 50.68 9.25 -13.05
CA GLY F 238 51.68 8.23 -13.26
C GLY F 238 51.16 6.80 -13.54
N GLY F 239 50.11 6.41 -12.79
CA GLY F 239 49.56 5.07 -12.87
C GLY F 239 48.98 4.77 -14.27
N GLY F 240 48.31 5.76 -14.87
CA GLY F 240 47.41 5.56 -15.98
C GLY F 240 48.15 5.31 -17.29
N VAL F 241 49.38 5.90 -17.42
CA VAL F 241 50.18 5.71 -18.61
C VAL F 241 50.74 4.29 -18.63
N VAL F 242 51.22 3.86 -17.48
CA VAL F 242 51.86 2.57 -17.29
C VAL F 242 50.87 1.43 -17.53
N TYR F 243 49.65 1.62 -17.02
CA TYR F 243 48.61 0.63 -17.19
C TYR F 243 48.41 0.34 -18.69
N LEU F 244 48.08 1.40 -19.44
CA LEU F 244 47.92 1.33 -20.87
C LEU F 244 49.15 0.61 -21.48
N CYS F 245 50.35 1.18 -21.21
CA CYS F 245 51.61 0.72 -21.75
C CYS F 245 51.88 -0.76 -21.46
N SER F 246 51.38 -1.24 -20.34
CA SER F 246 51.66 -2.58 -19.85
C SER F 246 50.88 -3.61 -20.66
N ASP F 247 51.01 -4.87 -20.25
CA ASP F 247 50.22 -5.96 -20.82
C ASP F 247 48.83 -6.00 -20.19
N ALA F 248 48.69 -5.42 -19.01
CA ALA F 248 47.34 -5.35 -18.40
C ALA F 248 46.39 -4.67 -19.38
N ALA F 249 46.88 -4.33 -20.58
CA ALA F 249 46.05 -3.55 -21.53
C ALA F 249 45.99 -4.17 -22.93
N SER F 250 46.46 -5.41 -23.12
CA SER F 250 46.51 -6.03 -24.46
C SER F 250 45.12 -6.00 -25.12
N PHE F 251 44.07 -5.75 -24.36
CA PHE F 251 42.71 -5.74 -24.84
C PHE F 251 42.08 -4.39 -24.43
N VAL F 252 42.90 -3.34 -24.49
CA VAL F 252 42.42 -1.97 -24.34
C VAL F 252 43.07 -1.14 -25.44
N THR F 253 42.26 -0.54 -26.31
CA THR F 253 42.76 0.31 -27.38
C THR F 253 41.57 1.04 -27.97
N CYS F 254 41.89 2.11 -28.76
CA CYS F 254 40.89 3.03 -29.35
C CYS F 254 40.11 3.79 -28.28
N THR F 255 40.52 3.64 -27.02
CA THR F 255 39.65 3.81 -25.85
C THR F 255 40.05 5.09 -25.11
N GLU F 256 39.13 5.60 -24.31
CA GLU F 256 39.21 6.84 -23.53
C GLU F 256 39.47 6.46 -22.06
N PHE F 257 40.77 6.35 -21.76
CA PHE F 257 41.27 6.07 -20.44
C PHE F 257 41.18 7.35 -19.56
N VAL F 258 39.99 7.51 -18.97
CA VAL F 258 39.63 8.77 -18.30
C VAL F 258 40.35 8.88 -16.96
N MET F 259 41.18 9.93 -16.81
CA MET F 259 41.97 10.18 -15.60
C MET F 259 41.53 11.48 -14.88
N ASP F 260 40.18 11.61 -14.77
CA ASP F 260 39.58 12.89 -14.40
C ASP F 260 39.22 12.92 -12.91
N GLY F 261 39.01 11.72 -12.29
CA GLY F 261 38.45 11.68 -10.96
C GLY F 261 37.01 12.16 -10.94
N GLY F 262 36.30 12.01 -12.06
CA GLY F 262 34.86 12.25 -12.14
C GLY F 262 34.49 13.57 -12.82
N PHE F 263 35.51 14.37 -13.15
CA PHE F 263 35.33 15.70 -13.70
C PHE F 263 34.38 15.69 -14.88
N SER F 264 34.60 14.74 -15.79
CA SER F 264 33.85 14.64 -17.02
C SER F 264 32.63 13.76 -16.86
N GLN F 265 32.31 13.32 -15.62
CA GLN F 265 31.24 12.39 -15.39
C GLN F 265 30.22 12.89 -14.36
N VAL F 266 30.19 14.19 -14.13
CA VAL F 266 29.15 14.81 -13.32
C VAL F 266 28.97 16.25 -13.81
N LEU G 12 -1.46 -28.68 27.57
CA LEU G 12 -1.23 -29.40 26.28
C LEU G 12 -0.35 -30.62 26.53
N ASN G 13 -0.78 -31.52 27.41
CA ASN G 13 -0.06 -32.74 27.68
C ASN G 13 -0.36 -33.79 26.61
N ASN G 14 0.72 -34.43 26.15
CA ASN G 14 0.61 -35.52 25.18
C ASN G 14 -0.01 -35.00 23.88
N VAL G 15 0.59 -33.90 23.38
CA VAL G 15 0.06 -33.20 22.21
C VAL G 15 1.03 -33.35 21.03
N VAL G 16 0.63 -34.25 20.13
CA VAL G 16 1.26 -34.41 18.83
C VAL G 16 0.66 -33.34 17.91
N ALA G 17 1.48 -32.34 17.61
CA ALA G 17 0.96 -31.11 17.02
C ALA G 17 1.83 -30.70 15.83
N VAL G 18 1.18 -30.04 14.84
CA VAL G 18 1.81 -29.81 13.54
C VAL G 18 1.79 -28.32 13.25
N VAL G 19 2.87 -27.79 12.66
CA VAL G 19 3.19 -26.37 12.60
C VAL G 19 3.81 -26.09 11.22
N THR G 20 2.99 -25.95 10.18
CA THR G 20 3.49 -25.59 8.87
C THR G 20 3.99 -24.17 8.88
N GLY G 21 4.86 -23.85 7.91
CA GLY G 21 5.54 -22.57 7.83
C GLY G 21 6.22 -22.21 9.17
N ALA G 22 6.88 -23.23 9.80
CA ALA G 22 7.46 -23.04 11.10
C ALA G 22 8.61 -22.01 11.09
N ALA G 23 9.08 -21.60 9.91
CA ALA G 23 10.15 -20.63 9.78
C ALA G 23 9.56 -19.24 9.44
N GLY G 24 8.27 -19.09 9.73
CA GLY G 24 7.61 -17.79 9.65
C GLY G 24 7.93 -16.95 10.87
N GLY G 25 7.85 -15.59 10.75
CA GLY G 25 8.06 -14.70 11.90
C GLY G 25 7.28 -15.13 13.13
N ILE G 26 5.98 -15.42 12.94
CA ILE G 26 5.05 -15.97 13.90
C ILE G 26 5.40 -17.44 14.12
N GLY G 27 5.82 -18.15 13.06
CA GLY G 27 5.93 -19.59 13.09
C GLY G 27 6.69 -20.13 14.33
N ARG G 28 8.00 -19.84 14.33
CA ARG G 28 8.95 -20.35 15.31
C ARG G 28 8.48 -20.02 16.74
N GLU G 29 7.81 -18.88 16.93
CA GLU G 29 7.49 -18.39 18.26
C GLU G 29 6.30 -19.11 18.84
N LEU G 30 5.42 -19.68 17.99
CA LEU G 30 4.41 -20.60 18.44
C LEU G 30 5.06 -21.92 18.82
N VAL G 31 6.04 -22.36 18.04
CA VAL G 31 6.80 -23.59 18.27
C VAL G 31 7.46 -23.56 19.65
N LYS G 32 8.05 -22.41 20.01
CA LYS G 32 8.68 -22.18 21.28
C LYS G 32 7.59 -22.20 22.36
N ALA G 33 6.46 -21.51 22.13
CA ALA G 33 5.47 -21.22 23.16
C ALA G 33 4.51 -22.39 23.38
N MET G 34 4.68 -23.52 22.69
CA MET G 34 3.95 -24.73 22.92
C MET G 34 4.79 -25.75 23.73
N LYS G 35 6.07 -25.46 23.95
CA LYS G 35 6.99 -26.35 24.63
C LYS G 35 6.85 -26.17 26.14
N ALA G 36 6.59 -24.94 26.58
CA ALA G 36 6.34 -24.71 28.01
C ALA G 36 5.03 -25.37 28.43
N ALA G 37 4.20 -25.69 27.45
CA ALA G 37 3.00 -26.47 27.62
C ALA G 37 3.27 -27.97 27.52
N ASN G 38 4.43 -28.32 26.99
CA ASN G 38 4.92 -29.69 26.92
C ASN G 38 4.14 -30.47 25.86
N ALA G 39 4.38 -30.07 24.58
CA ALA G 39 3.74 -30.71 23.43
C ALA G 39 4.79 -31.35 22.51
N ILE G 40 4.39 -32.40 21.75
CA ILE G 40 5.27 -32.97 20.74
C ILE G 40 5.08 -32.23 19.42
N VAL G 41 6.09 -31.37 19.06
CA VAL G 41 5.94 -30.51 17.90
C VAL G 41 6.41 -31.21 16.64
N ILE G 42 5.83 -30.81 15.50
CA ILE G 42 6.26 -31.29 14.18
C ILE G 42 6.44 -30.10 13.26
N ALA G 43 7.69 -29.64 13.10
CA ALA G 43 8.01 -28.50 12.24
C ALA G 43 8.06 -28.92 10.79
N THR G 44 7.26 -28.25 9.96
CA THR G 44 7.20 -28.42 8.52
C THR G 44 7.19 -27.05 7.87
N ASP G 45 7.83 -26.95 6.69
CA ASP G 45 8.15 -25.70 6.04
C ASP G 45 8.55 -26.01 4.59
N MET G 46 8.90 -24.97 3.83
CA MET G 46 9.39 -25.11 2.46
C MET G 46 10.90 -25.33 2.44
N ALA G 47 11.61 -24.97 3.53
CA ALA G 47 13.05 -25.00 3.59
C ALA G 47 13.48 -26.45 3.82
N PRO G 48 14.74 -26.81 3.42
CA PRO G 48 15.21 -28.19 3.49
C PRO G 48 15.62 -28.57 4.91
N SER G 49 16.33 -27.72 5.60
CA SER G 49 16.46 -27.88 7.07
C SER G 49 17.11 -26.62 7.62
N ALA G 50 16.49 -26.07 8.70
CA ALA G 50 17.03 -24.94 9.43
C ALA G 50 17.07 -25.28 10.94
N ASP G 51 17.48 -24.31 11.72
CA ASP G 51 17.47 -24.30 13.19
C ASP G 51 16.10 -23.87 13.72
N VAL G 52 15.08 -24.70 13.44
CA VAL G 52 13.70 -24.36 13.80
C VAL G 52 13.53 -24.61 15.31
N GLU G 53 13.70 -23.52 16.08
CA GLU G 53 13.88 -23.59 17.51
C GLU G 53 12.59 -24.13 18.14
N GLY G 54 12.71 -25.28 18.81
CA GLY G 54 11.67 -25.79 19.68
C GLY G 54 11.13 -27.14 19.23
N ALA G 55 11.14 -27.38 17.92
CA ALA G 55 10.43 -28.47 17.29
C ALA G 55 11.14 -29.77 17.63
N ASP G 56 10.40 -30.90 17.42
CA ASP G 56 10.86 -32.23 17.78
C ASP G 56 10.89 -33.16 16.56
N HIS G 57 10.27 -32.79 15.44
CA HIS G 57 10.52 -33.47 14.17
C HIS G 57 10.36 -32.51 13.00
N TYR G 58 11.39 -32.40 12.13
CA TYR G 58 11.40 -31.43 11.05
C TYR G 58 11.18 -32.08 9.67
N LEU G 59 10.38 -31.40 8.84
CA LEU G 59 10.12 -31.83 7.46
C LEU G 59 10.25 -30.64 6.53
N GLN G 60 10.67 -30.92 5.29
CA GLN G 60 10.51 -30.00 4.17
C GLN G 60 9.14 -30.31 3.56
N HIS G 61 8.28 -29.28 3.56
CA HIS G 61 6.85 -29.48 3.41
C HIS G 61 6.27 -28.38 2.54
N ASP G 62 6.02 -28.74 1.26
CA ASP G 62 5.24 -27.90 0.38
C ASP G 62 3.77 -28.07 0.78
N VAL G 63 3.14 -26.91 0.95
CA VAL G 63 1.93 -26.73 1.74
C VAL G 63 0.70 -26.84 0.86
N THR G 64 0.85 -27.02 -0.45
CA THR G 64 -0.23 -27.32 -1.39
C THR G 64 0.08 -28.61 -2.13
N SER G 65 1.30 -29.14 -2.02
CA SER G 65 1.68 -30.43 -2.58
C SER G 65 0.90 -31.53 -1.87
N GLU G 66 0.07 -32.27 -2.63
CA GLU G 66 -0.82 -33.25 -1.98
C GLU G 66 0.00 -34.40 -1.37
N ALA G 67 0.90 -34.94 -2.18
CA ALA G 67 1.78 -36.00 -1.74
C ALA G 67 2.74 -35.48 -0.66
N GLY G 68 2.85 -34.18 -0.46
CA GLY G 68 3.68 -33.62 0.57
C GLY G 68 3.03 -33.73 1.94
N TRP G 69 1.69 -33.63 2.02
CA TRP G 69 0.99 -33.79 3.30
C TRP G 69 0.86 -35.25 3.67
N LYS G 70 1.34 -36.16 2.81
CA LYS G 70 1.40 -37.59 3.01
C LYS G 70 2.76 -38.05 3.56
N ALA G 71 3.77 -37.15 3.57
CA ALA G 71 5.04 -37.37 4.23
C ALA G 71 5.04 -36.80 5.65
N VAL G 72 4.07 -35.93 5.95
CA VAL G 72 3.84 -35.36 7.27
C VAL G 72 2.80 -36.17 8.04
N ALA G 73 1.82 -36.72 7.30
CA ALA G 73 0.90 -37.72 7.85
C ALA G 73 1.64 -39.03 8.15
N ALA G 74 2.76 -39.23 7.46
CA ALA G 74 3.61 -40.39 7.57
C ALA G 74 4.27 -40.41 8.93
N LEU G 75 4.82 -39.28 9.37
CA LEU G 75 5.76 -39.26 10.49
C LEU G 75 4.92 -39.37 11.75
N ALA G 76 3.88 -38.57 11.88
CA ALA G 76 2.97 -38.62 13.02
C ALA G 76 2.33 -40.01 13.15
N GLN G 77 2.06 -40.65 12.04
CA GLN G 77 1.61 -42.02 11.96
C GLN G 77 2.70 -42.96 12.49
N GLU G 78 3.96 -42.68 12.07
CA GLU G 78 5.14 -43.45 12.43
C GLU G 78 5.29 -43.38 13.96
N LYS G 79 5.56 -42.18 14.47
CA LYS G 79 6.06 -41.97 15.81
C LYS G 79 4.95 -42.10 16.85
N TYR G 80 3.70 -41.78 16.50
CA TYR G 80 2.63 -41.60 17.48
C TYR G 80 1.36 -42.38 17.09
N GLY G 81 0.98 -42.28 15.81
CA GLY G 81 -0.25 -42.84 15.29
C GLY G 81 -1.48 -42.02 15.72
N ARG G 82 -1.26 -40.71 15.96
CA ARG G 82 -2.31 -39.79 16.30
C ARG G 82 -1.91 -38.36 15.85
N VAL G 83 -2.94 -37.56 15.55
CA VAL G 83 -2.80 -36.13 15.44
C VAL G 83 -3.84 -35.51 16.37
N ASP G 84 -3.32 -34.72 17.32
CA ASP G 84 -4.20 -34.01 18.23
C ASP G 84 -4.49 -32.62 17.63
N ALA G 85 -3.47 -31.77 17.62
CA ALA G 85 -3.59 -30.46 17.03
C ALA G 85 -3.19 -30.48 15.54
N LEU G 86 -3.83 -29.62 14.76
CA LEU G 86 -3.40 -29.35 13.40
C LEU G 86 -3.40 -27.83 13.11
N VAL G 87 -2.22 -27.22 13.03
CA VAL G 87 -2.06 -25.77 12.87
C VAL G 87 -1.43 -25.45 11.52
N HIS G 88 -2.20 -24.89 10.60
CA HIS G 88 -1.68 -24.38 9.34
C HIS G 88 -1.29 -22.90 9.55
N ASN G 89 -0.49 -22.34 8.66
CA ASN G 89 0.24 -21.11 9.00
C ASN G 89 0.81 -20.52 7.71
N ALA G 90 1.18 -21.40 6.74
CA ALA G 90 1.97 -20.90 5.63
C ALA G 90 1.06 -20.07 4.71
N GLY G 91 0.97 -18.78 4.97
CA GLY G 91 -0.11 -17.95 4.38
C GLY G 91 0.47 -16.71 3.72
N ILE G 92 0.08 -16.46 2.47
CA ILE G 92 0.74 -15.47 1.65
C ILE G 92 -0.15 -14.23 1.52
N SER G 93 0.50 -13.09 1.23
CA SER G 93 -0.17 -11.86 0.93
C SER G 93 0.57 -11.15 -0.21
N ILE G 94 -0.16 -10.92 -1.27
CA ILE G 94 0.16 -10.00 -2.33
C ILE G 94 -0.43 -8.67 -1.91
N VAL G 95 0.30 -7.60 -2.24
CA VAL G 95 -0.28 -6.27 -2.29
C VAL G 95 -0.45 -5.86 -3.75
N THR G 96 -1.68 -5.55 -4.17
CA THR G 96 -1.84 -5.32 -5.58
C THR G 96 -3.04 -4.45 -5.96
N LYS G 97 -2.83 -3.75 -7.09
CA LYS G 97 -3.86 -3.01 -7.82
C LYS G 97 -4.88 -4.01 -8.39
N PHE G 98 -6.15 -3.90 -7.92
CA PHE G 98 -7.15 -4.89 -8.21
C PHE G 98 -7.31 -5.12 -9.74
N GLU G 99 -7.32 -4.00 -10.50
CA GLU G 99 -7.59 -4.15 -11.92
C GLU G 99 -6.36 -4.65 -12.64
N ASP G 100 -5.20 -4.57 -12.01
CA ASP G 100 -3.94 -5.03 -12.64
C ASP G 100 -3.54 -6.43 -12.18
N THR G 101 -4.20 -6.94 -11.13
CA THR G 101 -3.96 -8.26 -10.58
C THR G 101 -4.24 -9.31 -11.60
N PRO G 102 -3.28 -10.22 -11.93
CA PRO G 102 -3.60 -11.46 -12.62
C PRO G 102 -4.64 -12.24 -11.80
N LEU G 103 -5.39 -13.11 -12.51
CA LEU G 103 -6.27 -14.01 -11.77
C LEU G 103 -5.46 -15.19 -11.28
N SER G 104 -4.37 -15.53 -12.04
CA SER G 104 -3.41 -16.54 -11.57
C SER G 104 -3.04 -16.25 -10.13
N ASP G 105 -2.65 -15.00 -9.91
CA ASP G 105 -2.05 -14.56 -8.64
C ASP G 105 -3.13 -14.44 -7.59
N PHE G 106 -4.35 -14.19 -8.02
CA PHE G 106 -5.56 -14.40 -7.22
C PHE G 106 -5.73 -15.90 -6.98
N HIS G 107 -5.46 -16.73 -8.04
CA HIS G 107 -5.56 -18.17 -7.96
C HIS G 107 -4.39 -18.76 -7.20
N ARG G 108 -3.30 -18.02 -7.01
CA ARG G 108 -2.11 -18.50 -6.39
C ARG G 108 -2.23 -18.38 -4.88
N VAL G 109 -3.18 -17.57 -4.35
CA VAL G 109 -3.27 -17.30 -2.94
C VAL G 109 -4.28 -18.22 -2.25
N ASN G 110 -5.49 -18.40 -2.87
CA ASN G 110 -6.44 -19.38 -2.43
C ASN G 110 -5.81 -20.78 -2.32
N THR G 111 -4.73 -21.02 -3.12
CA THR G 111 -4.10 -22.32 -3.20
C THR G 111 -3.17 -22.58 -1.99
N VAL G 112 -2.21 -21.67 -1.73
CA VAL G 112 -1.31 -21.81 -0.57
C VAL G 112 -2.09 -21.76 0.74
N ASN G 113 -3.20 -21.01 0.77
CA ASN G 113 -3.88 -20.67 2.01
C ASN G 113 -5.16 -21.51 2.15
N VAL G 114 -6.23 -21.15 1.43
CA VAL G 114 -7.54 -21.80 1.56
C VAL G 114 -7.47 -23.28 1.17
N ASP G 115 -6.77 -23.56 0.04
CA ASP G 115 -6.69 -24.87 -0.54
C ASP G 115 -5.63 -25.72 0.10
N SER G 116 -4.85 -25.19 1.06
CA SER G 116 -3.92 -26.00 1.83
C SER G 116 -4.65 -26.70 2.94
N ILE G 117 -5.91 -26.33 3.18
CA ILE G 117 -6.73 -26.89 4.27
C ILE G 117 -7.50 -28.07 3.69
N ILE G 118 -8.09 -27.87 2.53
CA ILE G 118 -9.00 -28.81 1.89
C ILE G 118 -8.25 -30.11 1.61
N ILE G 119 -7.00 -29.97 1.12
CA ILE G 119 -6.09 -31.10 0.97
C ILE G 119 -5.68 -31.57 2.38
N GLY G 120 -4.81 -30.77 3.02
CA GLY G 120 -3.98 -31.23 4.11
C GLY G 120 -4.76 -31.91 5.20
N THR G 121 -5.89 -31.31 5.63
CA THR G 121 -6.70 -31.89 6.69
C THR G 121 -7.10 -33.31 6.31
N GLN G 122 -7.53 -33.51 5.06
CA GLN G 122 -7.94 -34.82 4.59
C GLN G 122 -6.86 -35.89 4.80
N VAL G 123 -5.58 -35.51 4.67
CA VAL G 123 -4.45 -36.42 4.77
C VAL G 123 -4.02 -36.55 6.22
N LEU G 124 -4.34 -35.54 7.03
CA LEU G 124 -4.08 -35.61 8.48
C LEU G 124 -5.37 -35.97 9.24
N LEU G 125 -6.47 -36.08 8.50
CA LEU G 125 -7.79 -36.42 9.00
C LEU G 125 -7.76 -37.78 9.69
N PRO G 126 -7.09 -38.83 9.10
CA PRO G 126 -7.03 -40.15 9.71
C PRO G 126 -6.55 -40.12 11.15
N LEU G 127 -5.48 -39.35 11.38
CA LEU G 127 -4.84 -39.25 12.68
C LEU G 127 -5.56 -38.23 13.58
N LEU G 128 -6.50 -37.46 12.99
CA LEU G 128 -7.23 -36.44 13.71
C LEU G 128 -8.41 -37.04 14.48
N LYS G 129 -9.10 -38.00 13.85
CA LYS G 129 -10.20 -38.70 14.51
C LYS G 129 -9.67 -39.56 15.68
N GLU G 130 -8.35 -39.77 15.72
CA GLU G 130 -7.62 -40.42 16.78
C GLU G 130 -7.47 -39.50 17.98
N GLY G 131 -7.28 -38.19 17.71
CA GLY G 131 -6.97 -37.23 18.76
C GLY G 131 -8.10 -37.13 19.80
N GLY G 132 -9.34 -37.03 19.27
CA GLY G 132 -10.53 -36.97 20.09
C GLY G 132 -10.83 -38.29 20.80
N LYS G 133 -10.14 -39.37 20.43
CA LYS G 133 -10.15 -40.63 21.17
C LYS G 133 -9.01 -40.67 22.20
N ALA G 134 -7.84 -40.11 21.85
CA ALA G 134 -6.72 -40.10 22.79
C ALA G 134 -6.84 -39.03 23.84
N ARG G 135 -7.53 -37.93 23.48
CA ARG G 135 -7.79 -36.80 24.37
C ARG G 135 -9.30 -36.57 24.46
N ALA G 136 -9.80 -36.32 25.69
CA ALA G 136 -11.19 -35.98 25.94
C ALA G 136 -11.49 -34.61 25.30
N GLY G 137 -10.63 -33.63 25.60
CA GLY G 137 -10.72 -32.27 25.09
C GLY G 137 -10.58 -32.17 23.56
N GLY G 138 -10.06 -33.20 22.91
CA GLY G 138 -10.35 -33.48 21.51
C GLY G 138 -9.16 -33.22 20.61
N ALA G 139 -9.46 -32.90 19.33
CA ALA G 139 -8.45 -32.58 18.34
C ALA G 139 -8.65 -31.16 17.80
N SER G 140 -7.53 -30.38 17.83
CA SER G 140 -7.53 -28.93 17.69
C SER G 140 -6.95 -28.52 16.34
N VAL G 141 -7.87 -28.03 15.43
CA VAL G 141 -7.41 -27.61 14.11
C VAL G 141 -7.51 -26.08 13.99
N VAL G 142 -6.35 -25.46 13.73
CA VAL G 142 -6.14 -24.03 13.70
C VAL G 142 -5.58 -23.59 12.33
N ASN G 143 -6.51 -23.22 11.44
CA ASN G 143 -6.21 -22.46 10.24
C ASN G 143 -6.06 -20.98 10.71
N PHE G 144 -4.98 -20.37 10.41
CA PHE G 144 -4.82 -18.95 10.63
C PHE G 144 -5.74 -18.25 9.63
N SER G 145 -6.69 -17.45 10.15
CA SER G 145 -7.28 -16.37 9.35
C SER G 145 -6.56 -15.10 9.68
N SER G 146 -7.16 -13.92 9.38
CA SER G 146 -6.58 -12.64 9.85
C SER G 146 -7.59 -11.53 9.76
N VAL G 147 -7.17 -10.33 10.18
CA VAL G 147 -8.13 -9.20 10.23
C VAL G 147 -8.55 -8.85 8.81
N ALA G 148 -7.60 -8.96 7.93
CA ALA G 148 -7.85 -8.64 6.52
C ALA G 148 -8.87 -9.57 5.93
N GLY G 149 -9.00 -10.77 6.47
CA GLY G 149 -10.09 -11.67 6.08
C GLY G 149 -11.35 -11.51 6.94
N LEU G 150 -11.43 -10.36 7.61
CA LEU G 150 -12.60 -9.95 8.40
C LEU G 150 -13.20 -8.71 7.74
N ARG G 151 -12.33 -7.79 7.35
CA ARG G 151 -12.73 -6.46 6.96
C ARG G 151 -11.89 -6.05 5.73
N GLY G 152 -12.59 -5.22 4.90
CA GLY G 152 -12.03 -4.71 3.67
C GLY G 152 -10.76 -3.87 3.81
N ALA G 153 -9.82 -4.10 2.89
CA ALA G 153 -8.58 -3.36 2.90
C ALA G 153 -8.08 -3.22 1.47
N ALA G 154 -8.20 -2.03 0.87
CA ALA G 154 -7.91 -1.90 -0.57
C ALA G 154 -6.47 -2.35 -0.86
N PHE G 155 -6.14 -2.69 -2.07
CA PHE G 155 -4.82 -3.11 -2.45
C PHE G 155 -4.31 -4.26 -1.58
N ASN G 156 -5.16 -4.80 -0.69
CA ASN G 156 -5.06 -6.17 -0.20
C ASN G 156 -6.20 -7.03 -0.83
N ALA G 157 -6.34 -6.82 -2.14
CA ALA G 157 -7.49 -7.21 -2.89
C ALA G 157 -7.46 -8.75 -3.03
N ALA G 158 -6.27 -9.36 -3.24
CA ALA G 158 -6.31 -10.80 -3.42
C ALA G 158 -5.93 -11.60 -2.19
N TYR G 159 -5.85 -10.95 -1.06
CA TYR G 159 -5.28 -11.47 0.17
C TYR G 159 -6.38 -11.66 1.16
N CYS G 160 -7.28 -10.69 1.26
CA CYS G 160 -8.42 -10.70 2.20
C CYS G 160 -9.47 -11.75 1.90
N THR G 161 -9.89 -11.86 0.63
CA THR G 161 -10.81 -12.87 0.20
C THR G 161 -10.34 -14.25 0.64
N SER G 162 -9.04 -14.46 0.59
CA SER G 162 -8.48 -15.77 0.98
C SER G 162 -8.89 -16.12 2.40
N LYS G 163 -8.35 -15.33 3.33
CA LYS G 163 -8.52 -15.61 4.73
C LYS G 163 -10.02 -15.54 5.12
N ALA G 164 -10.84 -14.95 4.25
CA ALA G 164 -12.27 -14.97 4.47
C ALA G 164 -12.80 -16.39 4.41
N ALA G 165 -12.39 -17.13 3.39
CA ALA G 165 -12.77 -18.57 3.30
C ALA G 165 -12.04 -19.36 4.39
N VAL G 166 -10.79 -18.97 4.63
CA VAL G 166 -9.99 -19.48 5.73
C VAL G 166 -10.71 -19.20 7.03
N LYS G 167 -11.46 -18.10 7.09
CA LYS G 167 -12.33 -17.82 8.22
C LYS G 167 -13.53 -18.77 8.20
N MET G 168 -14.18 -18.87 7.04
CA MET G 168 -15.44 -19.54 6.84
C MET G 168 -15.35 -21.08 6.92
N LEU G 169 -14.36 -21.67 6.21
CA LEU G 169 -14.20 -23.11 6.10
C LEU G 169 -14.01 -23.70 7.50
N SER G 170 -13.01 -23.16 8.24
CA SER G 170 -12.80 -23.46 9.65
C SER G 170 -14.12 -23.78 10.34
N LYS G 171 -15.08 -22.89 10.07
CA LYS G 171 -16.41 -22.99 10.62
C LYS G 171 -16.98 -24.25 10.04
N CYS G 172 -17.01 -24.33 8.72
CA CYS G 172 -17.80 -25.35 8.02
C CYS G 172 -17.26 -26.74 8.34
N LEU G 173 -15.94 -26.85 8.36
CA LEU G 173 -15.27 -28.10 8.71
C LEU G 173 -15.66 -28.46 10.13
N GLY G 174 -15.29 -27.57 11.08
CA GLY G 174 -15.53 -27.76 12.49
C GLY G 174 -16.99 -28.18 12.81
N ALA G 175 -17.91 -27.56 12.08
CA ALA G 175 -19.32 -27.81 12.22
C ALA G 175 -19.71 -29.16 11.65
N GLU G 176 -19.17 -29.48 10.48
CA GLU G 176 -19.46 -30.71 9.77
C GLU G 176 -18.91 -31.91 10.54
N PHE G 177 -17.75 -31.73 11.17
CA PHE G 177 -17.06 -32.78 11.91
C PHE G 177 -17.85 -33.09 13.17
N ALA G 178 -18.33 -32.03 13.84
CA ALA G 178 -19.10 -32.17 15.05
C ALA G 178 -20.50 -32.63 14.76
N ALA G 179 -20.99 -32.36 13.55
CA ALA G 179 -22.26 -32.91 13.06
C ALA G 179 -22.11 -34.40 12.71
N LEU G 180 -20.89 -34.82 12.32
CA LEU G 180 -20.55 -36.24 12.17
C LEU G 180 -19.71 -36.73 13.36
N GLY G 181 -19.96 -36.15 14.55
CA GLY G 181 -19.50 -36.67 15.82
C GLY G 181 -17.99 -37.03 15.92
N TYR G 182 -17.16 -36.38 15.10
CA TYR G 182 -15.74 -36.33 15.33
C TYR G 182 -15.49 -35.37 16.54
N ASN G 183 -14.40 -35.68 17.25
CA ASN G 183 -14.14 -34.91 18.45
C ASN G 183 -13.16 -33.83 18.06
N ILE G 184 -13.18 -33.46 16.79
CA ILE G 184 -12.31 -32.43 16.24
C ILE G 184 -13.10 -31.12 16.19
N ARG G 185 -12.47 -30.13 16.78
CA ARG G 185 -12.96 -28.76 16.78
C ARG G 185 -12.05 -28.04 15.79
N VAL G 186 -12.55 -26.96 15.18
CA VAL G 186 -11.73 -26.18 14.27
C VAL G 186 -11.98 -24.71 14.54
N ASN G 187 -10.93 -23.98 14.87
CA ASN G 187 -11.00 -22.57 15.21
C ASN G 187 -10.28 -21.74 14.13
N SER G 188 -9.92 -20.49 14.45
CA SER G 188 -9.32 -19.57 13.52
C SER G 188 -8.68 -18.42 14.31
N VAL G 189 -7.37 -18.23 14.09
CA VAL G 189 -6.62 -17.13 14.68
C VAL G 189 -6.57 -15.97 13.65
N HIS G 190 -6.83 -14.75 14.12
CA HIS G 190 -6.88 -13.56 13.29
C HIS G 190 -5.91 -12.50 13.79
N PRO G 191 -4.57 -12.70 13.70
CA PRO G 191 -3.60 -11.67 14.09
C PRO G 191 -3.72 -10.43 13.20
N GLY G 192 -3.47 -9.23 13.77
CA GLY G 192 -3.44 -8.02 12.99
C GLY G 192 -2.15 -7.87 12.20
N GLY G 193 -1.69 -6.62 12.02
CA GLY G 193 -0.38 -6.36 11.42
C GLY G 193 0.73 -6.75 12.37
N ILE G 194 1.06 -8.06 12.34
CA ILE G 194 2.02 -8.66 13.28
C ILE G 194 3.42 -8.32 12.81
N ASP G 195 4.19 -7.67 13.70
CA ASP G 195 5.63 -7.44 13.52
C ASP G 195 6.22 -8.77 13.01
N THR G 196 5.97 -9.00 11.73
CA THR G 196 6.59 -10.08 10.96
C THR G 196 7.11 -9.45 9.65
N PRO G 197 8.16 -10.07 9.06
CA PRO G 197 8.52 -9.85 7.66
C PRO G 197 7.39 -10.09 6.64
N MET G 198 6.15 -10.14 7.09
CA MET G 198 5.02 -10.15 6.21
C MET G 198 4.37 -8.81 6.33
N LEU G 199 4.02 -8.35 7.58
CA LEU G 199 3.73 -6.94 7.82
C LEU G 199 4.91 -6.02 7.39
N GLY G 200 6.07 -6.60 7.15
CA GLY G 200 7.24 -5.88 6.70
C GLY G 200 7.11 -5.27 5.30
N SER G 201 7.69 -5.98 4.31
CA SER G 201 8.05 -5.43 3.01
C SER G 201 6.87 -5.29 2.05
N LEU G 202 5.66 -5.61 2.53
CA LEU G 202 4.42 -5.28 1.86
C LEU G 202 4.15 -3.79 1.98
N MET G 203 4.72 -3.17 3.04
CA MET G 203 4.79 -1.70 3.13
C MET G 203 5.77 -1.17 2.10
N ASP G 204 6.58 -2.05 1.48
CA ASP G 204 7.37 -1.71 0.32
C ASP G 204 6.50 -1.70 -0.94
N LYS G 205 5.64 -2.72 -1.10
CA LYS G 205 4.67 -2.77 -2.16
C LYS G 205 3.78 -1.53 -2.15
N TYR G 206 3.09 -1.24 -1.05
CA TYR G 206 2.36 -0.02 -0.87
C TYR G 206 3.15 1.17 -1.43
N VAL G 207 4.46 1.16 -1.10
CA VAL G 207 5.38 2.25 -1.41
C VAL G 207 5.62 2.29 -2.92
N GLU G 208 5.92 1.12 -3.47
CA GLU G 208 6.19 0.94 -4.90
C GLU G 208 4.95 1.24 -5.73
N LEU G 209 3.77 0.85 -5.20
CA LEU G 209 2.49 1.32 -5.72
C LEU G 209 2.49 2.86 -5.73
N GLY G 210 3.30 3.47 -4.82
CA GLY G 210 3.28 4.89 -4.52
C GLY G 210 2.00 5.30 -3.75
N ALA G 211 1.56 4.39 -2.88
CA ALA G 211 0.22 4.43 -2.30
C ALA G 211 0.36 4.99 -0.87
N ALA G 212 1.28 4.40 -0.10
CA ALA G 212 1.80 5.10 1.08
C ALA G 212 2.87 6.00 0.50
N PRO G 213 3.07 7.24 1.04
CA PRO G 213 4.39 7.92 0.83
C PRO G 213 5.53 7.01 1.38
N SER G 214 5.82 7.09 2.66
CA SER G 214 6.95 6.41 3.25
C SER G 214 6.49 5.26 4.12
N ARG G 215 7.42 4.39 4.49
CA ARG G 215 7.15 3.34 5.46
C ARG G 215 6.74 3.97 6.81
N GLU G 216 7.38 5.10 7.13
CA GLU G 216 7.04 5.84 8.35
C GLU G 216 5.53 6.18 8.37
N VAL G 217 5.04 6.52 7.17
CA VAL G 217 3.62 6.77 6.99
C VAL G 217 2.92 5.42 7.12
N ALA G 218 3.37 4.47 6.29
CA ALA G 218 2.73 3.16 6.18
C ALA G 218 2.69 2.44 7.55
N GLN G 219 3.78 2.66 8.28
CA GLN G 219 3.91 2.13 9.63
C GLN G 219 2.75 2.64 10.47
N ALA G 220 2.52 3.95 10.40
CA ALA G 220 1.63 4.66 11.31
C ALA G 220 0.18 4.37 10.95
N ALA G 221 -0.09 4.17 9.66
CA ALA G 221 -1.46 3.85 9.24
C ALA G 221 -1.84 2.48 9.80
N MET G 222 -0.90 1.55 9.84
CA MET G 222 -1.09 0.23 10.42
C MET G 222 -0.80 0.25 11.90
N GLU G 223 -0.31 1.35 12.46
CA GLU G 223 -0.06 1.55 13.87
C GLU G 223 -1.30 2.19 14.49
N MET G 224 -1.96 3.10 13.75
CA MET G 224 -3.03 3.93 14.33
C MET G 224 -4.37 3.24 14.20
N ARG G 225 -4.51 2.28 13.26
CA ARG G 225 -5.69 1.43 13.15
C ARG G 225 -5.67 0.41 14.28
N HIS G 226 -4.61 0.41 15.14
CA HIS G 226 -4.61 -0.25 16.44
C HIS G 226 -4.41 0.79 17.55
N PRO G 227 -5.37 1.02 18.48
CA PRO G 227 -5.21 2.06 19.51
C PRO G 227 -4.31 1.56 20.64
N ILE G 228 -3.66 0.41 20.47
CA ILE G 228 -2.62 -0.14 21.30
C ILE G 228 -1.24 0.37 20.85
N GLY G 229 -1.15 0.98 19.65
CA GLY G 229 0.01 1.73 19.19
C GLY G 229 1.15 0.84 18.64
N ARG G 230 1.37 -0.28 19.35
CA ARG G 230 2.35 -1.25 18.93
C ARG G 230 1.75 -2.21 17.91
N MET G 231 2.60 -2.81 17.05
CA MET G 231 2.12 -3.83 16.12
C MET G 231 2.66 -5.22 16.54
N GLY G 232 1.80 -6.26 16.50
CA GLY G 232 1.85 -7.39 17.42
C GLY G 232 3.13 -8.23 17.35
N ARG G 233 3.81 -8.32 18.50
CA ARG G 233 4.93 -9.19 18.69
C ARG G 233 4.51 -10.63 18.45
N PRO G 234 5.37 -11.47 17.80
CA PRO G 234 4.99 -12.82 17.43
C PRO G 234 4.76 -13.73 18.61
N ALA G 235 5.37 -13.45 19.75
CA ALA G 235 5.17 -14.36 20.92
C ALA G 235 3.87 -14.07 21.70
N GLU G 236 3.24 -12.89 21.44
CA GLU G 236 2.00 -12.50 22.05
C GLU G 236 0.82 -13.34 21.55
N MET G 237 1.01 -13.78 20.30
CA MET G 237 0.02 -14.68 19.70
C MET G 237 0.20 -16.09 20.26
N GLY G 238 1.36 -16.35 20.92
CA GLY G 238 1.68 -17.63 21.55
C GLY G 238 0.59 -18.14 22.48
N GLY G 239 0.14 -17.25 23.40
CA GLY G 239 -0.87 -17.60 24.38
C GLY G 239 -2.18 -18.16 23.77
N GLY G 240 -2.67 -17.46 22.73
CA GLY G 240 -3.96 -17.74 22.11
C GLY G 240 -3.94 -19.04 21.30
N VAL G 241 -2.75 -19.35 20.75
CA VAL G 241 -2.58 -20.63 20.05
C VAL G 241 -2.71 -21.74 21.07
N VAL G 242 -1.91 -21.59 22.13
CA VAL G 242 -1.88 -22.61 23.18
C VAL G 242 -3.29 -22.94 23.67
N TYR G 243 -3.98 -21.88 24.16
CA TYR G 243 -5.38 -22.02 24.57
C TYR G 243 -6.18 -22.82 23.55
N LEU G 244 -6.07 -22.46 22.26
CA LEU G 244 -6.82 -23.11 21.21
C LEU G 244 -6.68 -24.64 21.20
N CYS G 245 -5.42 -25.05 21.41
CA CYS G 245 -5.09 -26.47 21.27
C CYS G 245 -5.62 -27.27 22.46
N SER G 246 -5.70 -26.61 23.59
CA SER G 246 -5.88 -27.25 24.87
C SER G 246 -7.33 -27.69 25.04
N ASP G 247 -7.59 -28.32 26.18
CA ASP G 247 -8.88 -28.76 26.63
C ASP G 247 -9.54 -27.63 27.48
N ALA G 248 -8.79 -26.53 27.74
CA ALA G 248 -9.38 -25.29 28.18
C ALA G 248 -10.18 -24.63 27.04
N ALA G 249 -9.87 -24.99 25.78
CA ALA G 249 -10.63 -24.56 24.62
C ALA G 249 -11.51 -25.69 24.06
N SER G 250 -12.06 -26.52 24.94
CA SER G 250 -12.86 -27.65 24.57
C SER G 250 -14.26 -27.20 24.19
N PHE G 251 -14.63 -25.96 24.55
CA PHE G 251 -15.91 -25.37 24.14
C PHE G 251 -15.61 -24.24 23.12
N VAL G 252 -14.36 -24.10 22.69
CA VAL G 252 -13.95 -23.07 21.76
C VAL G 252 -13.75 -23.69 20.37
N THR G 253 -14.90 -23.82 19.67
CA THR G 253 -14.94 -24.31 18.30
C THR G 253 -15.52 -23.20 17.42
N CYS G 254 -15.15 -23.22 16.15
CA CYS G 254 -15.73 -22.34 15.12
C CYS G 254 -15.91 -20.92 15.66
N THR G 255 -14.75 -20.34 16.04
CA THR G 255 -14.72 -19.06 16.75
C THR G 255 -14.03 -17.99 15.91
N GLU G 256 -14.52 -16.76 16.00
CA GLU G 256 -13.79 -15.54 15.65
C GLU G 256 -13.16 -15.08 16.99
N PHE G 257 -12.56 -16.00 17.70
CA PHE G 257 -11.67 -15.71 18.81
C PHE G 257 -10.56 -14.84 18.24
N VAL G 258 -10.39 -13.63 18.81
CA VAL G 258 -9.63 -12.58 18.09
C VAL G 258 -8.27 -12.42 18.73
N MET G 259 -7.29 -11.77 18.07
CA MET G 259 -6.09 -11.22 18.74
C MET G 259 -5.47 -10.03 18.02
N ASP G 260 -6.04 -8.80 18.20
CA ASP G 260 -5.79 -7.73 17.25
C ASP G 260 -5.09 -6.53 17.91
N GLY G 261 -5.33 -6.35 19.19
CA GLY G 261 -4.87 -5.12 19.86
C GLY G 261 -5.77 -3.93 19.60
N GLY G 262 -6.71 -4.04 18.65
CA GLY G 262 -7.79 -3.09 18.46
C GLY G 262 -7.93 -2.67 17.00
N PHE G 263 -7.75 -3.61 16.07
CA PHE G 263 -7.78 -3.30 14.64
C PHE G 263 -9.20 -3.32 14.14
N SER G 264 -10.10 -4.06 14.81
CA SER G 264 -11.36 -4.42 14.23
C SER G 264 -12.56 -3.84 14.94
N GLN G 265 -12.67 -4.16 16.23
CA GLN G 265 -13.87 -3.86 17.01
C GLN G 265 -14.12 -2.36 16.98
N VAL G 266 -13.09 -1.58 16.65
CA VAL G 266 -13.17 -0.16 16.39
C VAL G 266 -12.75 0.11 14.95
N ALA H 11 9.10 26.72 -39.42
CA ALA H 11 9.20 28.06 -40.06
C ALA H 11 10.52 28.70 -39.70
N LEU H 12 11.21 29.19 -40.74
CA LEU H 12 12.41 29.98 -40.54
C LEU H 12 12.15 31.40 -41.04
N ASN H 13 11.08 32.02 -40.52
CA ASN H 13 10.54 33.23 -41.09
C ASN H 13 11.34 34.48 -40.66
N ASN H 14 11.69 35.28 -41.67
CA ASN H 14 12.57 36.44 -41.51
C ASN H 14 13.90 36.03 -40.87
N VAL H 15 14.41 34.90 -41.39
CA VAL H 15 15.69 34.32 -41.03
C VAL H 15 16.53 34.27 -42.32
N VAL H 16 17.63 35.00 -42.27
CA VAL H 16 18.60 35.05 -43.34
C VAL H 16 19.51 33.84 -43.27
N ALA H 17 19.67 33.11 -44.37
CA ALA H 17 20.43 31.87 -44.37
C ALA H 17 21.61 31.91 -45.35
N VAL H 18 22.80 31.52 -44.84
CA VAL H 18 23.93 31.12 -45.67
C VAL H 18 24.23 29.63 -45.46
N VAL H 19 24.48 28.92 -46.55
CA VAL H 19 24.66 27.48 -46.59
C VAL H 19 25.91 27.19 -47.43
N THR H 20 27.02 26.83 -46.77
CA THR H 20 28.25 26.54 -47.44
C THR H 20 28.22 25.11 -47.96
N GLY H 21 29.16 24.79 -48.89
CA GLY H 21 29.10 23.54 -49.65
C GLY H 21 27.75 23.27 -50.32
N ALA H 22 27.01 24.36 -50.63
CA ALA H 22 25.61 24.34 -50.91
C ALA H 22 25.33 24.00 -52.35
N ALA H 23 26.39 23.89 -53.17
CA ALA H 23 26.29 23.28 -54.49
C ALA H 23 26.55 21.77 -54.42
N GLY H 24 26.91 21.29 -53.23
CA GLY H 24 27.06 19.88 -52.96
C GLY H 24 25.70 19.16 -52.89
N GLY H 25 25.75 17.84 -52.78
CA GLY H 25 24.58 16.98 -52.73
C GLY H 25 23.77 17.24 -51.47
N ILE H 26 24.44 17.30 -50.32
CA ILE H 26 23.83 17.64 -49.04
C ILE H 26 23.66 19.16 -49.02
N GLY H 27 24.49 19.90 -49.76
CA GLY H 27 24.34 21.34 -49.90
C GLY H 27 22.98 21.71 -50.49
N ARG H 28 22.64 21.12 -51.67
CA ARG H 28 21.52 21.52 -52.50
C ARG H 28 20.25 20.79 -52.10
N GLU H 29 20.20 20.17 -50.95
CA GLU H 29 19.00 19.65 -50.28
C GLU H 29 18.79 20.38 -48.94
N LEU H 30 19.89 20.74 -48.26
CA LEU H 30 19.92 21.62 -47.14
C LEU H 30 19.14 22.90 -47.42
N VAL H 31 19.22 23.36 -48.67
CA VAL H 31 18.59 24.59 -49.14
C VAL H 31 17.10 24.39 -49.36
N LYS H 32 16.70 23.35 -50.10
CA LYS H 32 15.30 23.02 -50.40
C LYS H 32 14.49 22.81 -49.10
N ALA H 33 15.19 22.38 -48.04
CA ALA H 33 14.69 22.37 -46.68
C ALA H 33 14.31 23.79 -46.17
N MET H 34 15.09 24.77 -46.62
CA MET H 34 15.11 26.10 -46.02
C MET H 34 14.24 27.06 -46.83
N LYS H 35 14.10 26.81 -48.13
CA LYS H 35 13.17 27.57 -48.96
C LYS H 35 11.75 27.07 -48.85
N ALA H 36 11.61 25.77 -48.64
CA ALA H 36 10.32 25.19 -48.24
C ALA H 36 9.89 25.74 -46.89
N ALA H 37 10.85 26.22 -46.12
CA ALA H 37 10.61 26.82 -44.83
C ALA H 37 10.24 28.30 -44.98
N ASN H 38 10.79 28.90 -46.08
CA ASN H 38 10.78 30.33 -46.29
C ASN H 38 11.83 30.94 -45.36
N ALA H 39 13.06 30.50 -45.57
CA ALA H 39 14.26 31.27 -45.22
C ALA H 39 14.89 31.81 -46.51
N ILE H 40 15.73 32.84 -46.36
CA ILE H 40 16.37 33.46 -47.52
C ILE H 40 17.74 32.84 -47.69
N VAL H 41 17.91 32.03 -48.75
CA VAL H 41 19.12 31.26 -48.96
C VAL H 41 20.19 32.14 -49.60
N ILE H 42 21.40 32.07 -48.99
CA ILE H 42 22.60 32.60 -49.61
C ILE H 42 23.59 31.44 -49.73
N ALA H 43 23.55 30.75 -50.88
CA ALA H 43 24.39 29.59 -51.12
C ALA H 43 25.79 30.01 -51.60
N THR H 44 26.82 29.38 -51.00
CA THR H 44 28.20 29.76 -51.30
C THR H 44 29.03 28.50 -51.52
N ASP H 45 29.80 28.48 -52.59
CA ASP H 45 30.63 27.34 -52.91
C ASP H 45 31.76 27.78 -53.84
N MET H 46 32.73 26.87 -54.02
CA MET H 46 33.82 27.09 -54.96
C MET H 46 33.27 27.22 -56.39
N ALA H 47 32.11 26.59 -56.65
CA ALA H 47 31.63 26.33 -57.99
C ALA H 47 31.61 27.60 -58.85
N PRO H 48 31.92 27.49 -60.16
CA PRO H 48 31.84 28.68 -61.05
C PRO H 48 30.45 29.34 -61.06
N SER H 49 29.39 28.57 -61.32
CA SER H 49 28.02 29.03 -61.03
C SER H 49 27.07 27.83 -60.97
N ALA H 50 26.57 27.60 -59.74
CA ALA H 50 25.77 26.45 -59.41
C ALA H 50 24.33 26.67 -59.83
N ASP H 51 23.54 25.56 -59.76
CA ASP H 51 22.09 25.65 -59.90
C ASP H 51 21.35 25.21 -58.65
N VAL H 52 21.54 25.98 -57.56
CA VAL H 52 21.00 25.67 -56.25
C VAL H 52 19.59 26.24 -56.26
N GLU H 53 18.71 25.55 -56.98
CA GLU H 53 17.27 25.74 -56.93
C GLU H 53 16.79 25.86 -55.47
N GLY H 54 16.67 27.11 -55.03
CA GLY H 54 16.39 27.46 -53.65
C GLY H 54 17.22 28.66 -53.23
N ALA H 55 18.45 28.76 -53.76
CA ALA H 55 19.24 29.97 -53.67
C ALA H 55 18.45 31.11 -54.31
N ASP H 56 18.63 32.28 -53.71
CA ASP H 56 18.05 33.52 -54.22
C ASP H 56 19.07 34.24 -55.10
N HIS H 57 20.34 34.10 -54.79
CA HIS H 57 21.46 34.71 -55.49
C HIS H 57 22.60 33.67 -55.49
N TYR H 58 23.69 33.98 -56.21
CA TYR H 58 24.90 33.20 -56.02
C TYR H 58 26.10 34.13 -56.12
N LEU H 59 26.85 34.20 -55.02
CA LEU H 59 28.23 34.67 -55.06
C LEU H 59 29.12 33.56 -54.53
N GLN H 60 29.93 33.09 -55.50
CA GLN H 60 30.98 32.12 -55.33
C GLN H 60 31.88 32.50 -54.17
N HIS H 61 32.42 31.46 -53.53
CA HIS H 61 33.01 31.63 -52.21
C HIS H 61 33.87 30.41 -51.89
N ASP H 62 35.18 30.58 -51.86
CA ASP H 62 36.08 29.60 -51.28
C ASP H 62 35.99 29.80 -49.77
N VAL H 63 35.72 28.68 -49.09
CA VAL H 63 35.56 28.60 -47.63
C VAL H 63 36.93 28.54 -46.95
N THR H 64 37.99 28.14 -47.68
CA THR H 64 39.36 28.22 -47.21
C THR H 64 39.97 29.54 -47.69
N SER H 65 39.22 30.65 -47.48
CA SER H 65 39.58 31.98 -47.94
C SER H 65 38.80 33.06 -47.20
N GLU H 66 39.56 33.96 -46.52
CA GLU H 66 38.96 34.96 -45.65
C GLU H 66 38.19 35.99 -46.48
N ALA H 67 38.87 36.47 -47.54
CA ALA H 67 38.36 37.57 -48.35
C ALA H 67 37.01 37.20 -48.97
N GLY H 68 36.92 35.97 -49.50
CA GLY H 68 35.70 35.47 -50.12
C GLY H 68 34.61 35.14 -49.11
N TRP H 69 34.93 35.08 -47.81
CA TRP H 69 33.96 35.05 -46.75
C TRP H 69 33.42 36.46 -46.53
N LYS H 70 34.35 37.44 -46.35
CA LYS H 70 33.94 38.82 -46.18
C LYS H 70 33.20 39.33 -47.42
N ALA H 71 33.50 38.74 -48.57
CA ALA H 71 32.77 39.02 -49.81
C ALA H 71 31.27 38.78 -49.67
N VAL H 72 30.90 37.58 -49.18
CA VAL H 72 29.49 37.23 -49.00
C VAL H 72 28.94 37.96 -47.78
N ALA H 73 29.82 38.29 -46.80
CA ALA H 73 29.44 39.16 -45.69
C ALA H 73 29.09 40.57 -46.17
N ALA H 74 29.61 40.97 -47.32
CA ALA H 74 29.29 42.22 -47.96
C ALA H 74 27.84 42.21 -48.43
N LEU H 75 27.40 41.13 -49.07
CA LEU H 75 26.07 41.07 -49.64
C LEU H 75 25.01 41.21 -48.54
N ALA H 76 25.02 40.26 -47.60
CA ALA H 76 23.92 40.11 -46.65
C ALA H 76 23.87 41.30 -45.70
N GLN H 77 25.01 41.95 -45.48
CA GLN H 77 25.08 43.22 -44.76
C GLN H 77 24.43 44.31 -45.61
N GLU H 78 24.73 44.29 -46.92
CA GLU H 78 24.26 45.29 -47.87
C GLU H 78 22.80 45.09 -48.24
N LYS H 79 22.23 43.91 -47.96
CA LYS H 79 20.88 43.56 -48.38
C LYS H 79 19.96 43.33 -47.19
N TYR H 80 20.45 42.65 -46.12
CA TYR H 80 19.64 42.25 -44.99
C TYR H 80 20.16 42.78 -43.66
N GLY H 81 21.39 43.27 -43.63
CA GLY H 81 21.99 43.85 -42.45
C GLY H 81 22.23 42.81 -41.33
N ARG H 82 22.30 41.52 -41.73
CA ARG H 82 22.41 40.44 -40.77
C ARG H 82 22.72 39.13 -41.51
N VAL H 83 23.01 38.11 -40.72
CA VAL H 83 22.79 36.70 -41.03
C VAL H 83 21.98 36.11 -39.86
N ASP H 84 20.96 35.34 -40.16
CA ASP H 84 20.28 34.55 -39.14
C ASP H 84 20.94 33.17 -39.05
N ALA H 85 20.77 32.38 -40.10
CA ALA H 85 21.12 30.96 -40.08
C ALA H 85 22.33 30.70 -40.95
N LEU H 86 23.49 30.50 -40.33
CA LEU H 86 24.68 29.99 -40.99
C LEU H 86 24.75 28.46 -40.71
N VAL H 87 24.97 27.70 -41.79
CA VAL H 87 25.07 26.24 -41.76
C VAL H 87 26.32 25.87 -42.55
N HIS H 88 27.42 25.59 -41.84
CA HIS H 88 28.64 25.06 -42.48
C HIS H 88 28.40 23.62 -42.95
N ASN H 89 28.40 23.39 -44.29
CA ASN H 89 28.29 22.07 -44.90
C ASN H 89 29.61 21.65 -45.61
N ALA H 90 30.58 22.56 -45.68
CA ALA H 90 31.74 22.38 -46.52
C ALA H 90 32.65 21.30 -45.95
N GLY H 91 33.14 20.40 -46.83
CA GLY H 91 34.15 19.41 -46.40
C GLY H 91 34.67 18.54 -47.54
N ILE H 92 35.88 18.00 -47.31
CA ILE H 92 36.49 16.96 -48.13
C ILE H 92 36.65 15.69 -47.30
N SER H 93 37.10 14.62 -47.90
CA SER H 93 37.51 13.35 -47.35
C SER H 93 38.58 12.76 -48.25
N ILE H 94 39.56 12.08 -47.63
CA ILE H 94 40.84 11.73 -48.21
C ILE H 94 41.20 10.48 -47.48
N VAL H 95 40.40 9.44 -47.68
CA VAL H 95 40.62 8.12 -47.06
C VAL H 95 42.01 7.60 -47.45
N THR H 96 42.90 7.58 -46.44
CA THR H 96 44.26 7.15 -46.65
C THR H 96 44.82 6.42 -45.44
N LYS H 97 45.75 5.48 -45.76
CA LYS H 97 46.52 4.78 -44.74
C LYS H 97 47.41 5.80 -44.04
N PHE H 98 47.27 5.91 -42.68
CA PHE H 98 47.84 7.06 -42.01
C PHE H 98 49.35 7.12 -42.30
N GLU H 99 50.06 6.00 -42.06
CA GLU H 99 51.53 6.02 -42.10
C GLU H 99 52.00 6.84 -43.31
N ASP H 100 51.24 6.77 -44.41
CA ASP H 100 51.61 7.47 -45.62
C ASP H 100 50.91 8.82 -45.70
N THR H 101 49.69 8.94 -45.14
CA THR H 101 49.02 10.25 -45.00
C THR H 101 50.09 11.32 -44.73
N PRO H 102 50.35 12.27 -45.63
CA PRO H 102 51.30 13.32 -45.39
C PRO H 102 50.68 14.28 -44.35
N LEU H 103 51.55 15.12 -43.83
CA LEU H 103 51.26 16.15 -42.88
C LEU H 103 50.45 17.25 -43.56
N SER H 104 50.77 17.53 -44.85
CA SER H 104 50.05 18.57 -45.58
C SER H 104 48.60 18.17 -45.78
N ASP H 105 48.32 16.85 -45.89
CA ASP H 105 46.98 16.33 -46.00
C ASP H 105 46.23 16.62 -44.73
N PHE H 106 46.77 16.26 -43.58
CA PHE H 106 46.15 16.57 -42.31
C PHE H 106 45.69 18.06 -42.32
N HIS H 107 46.64 18.95 -42.66
CA HIS H 107 46.42 20.39 -42.65
C HIS H 107 45.31 20.80 -43.61
N ARG H 108 45.25 20.16 -44.78
CA ARG H 108 44.25 20.49 -45.78
C ARG H 108 42.87 20.16 -45.24
N VAL H 109 42.75 18.96 -44.71
CA VAL H 109 41.51 18.52 -44.06
C VAL H 109 41.28 19.38 -42.79
N ASN H 110 42.41 19.83 -42.19
CA ASN H 110 42.39 20.77 -41.08
C ASN H 110 42.45 22.19 -41.63
N THR H 111 41.88 22.41 -42.82
CA THR H 111 41.51 23.74 -43.32
C THR H 111 40.03 23.73 -43.75
N VAL H 112 39.65 22.68 -44.46
CA VAL H 112 38.31 22.62 -45.06
C VAL H 112 37.24 22.35 -44.01
N ASN H 113 37.47 21.46 -43.03
CA ASN H 113 36.38 21.07 -42.11
C ASN H 113 36.37 21.93 -40.85
N VAL H 114 37.60 22.29 -40.39
CA VAL H 114 37.77 22.90 -39.09
C VAL H 114 38.10 24.38 -39.23
N ASP H 115 39.24 24.75 -39.84
CA ASP H 115 39.64 26.14 -39.97
C ASP H 115 38.47 26.94 -40.57
N SER H 116 37.92 26.36 -41.67
CA SER H 116 36.92 27.09 -42.46
C SER H 116 36.11 28.04 -41.57
N ILE H 117 35.51 27.43 -40.54
CA ILE H 117 34.56 28.09 -39.65
C ILE H 117 35.26 29.28 -39.05
N ILE H 118 36.38 29.06 -38.34
CA ILE H 118 37.13 30.08 -37.67
C ILE H 118 36.88 31.46 -38.32
N ILE H 119 37.45 31.62 -39.52
CA ILE H 119 37.31 32.77 -40.40
C ILE H 119 35.84 33.15 -40.48
N GLY H 120 35.06 32.30 -41.09
CA GLY H 120 33.68 32.59 -41.42
C GLY H 120 32.86 33.08 -40.24
N THR H 121 33.05 32.54 -39.04
CA THR H 121 32.25 32.90 -37.89
C THR H 121 32.74 34.25 -37.35
N GLN H 122 34.06 34.44 -37.34
CA GLN H 122 34.65 35.75 -37.07
C GLN H 122 34.20 36.78 -38.10
N VAL H 123 34.05 36.35 -39.38
CA VAL H 123 33.65 37.18 -40.50
C VAL H 123 32.16 37.26 -40.64
N LEU H 124 31.39 36.54 -39.81
CA LEU H 124 29.95 36.68 -39.77
C LEU H 124 29.47 37.14 -38.39
N LEU H 125 30.34 37.09 -37.35
CA LEU H 125 29.89 37.26 -35.99
C LEU H 125 29.08 38.56 -35.82
N PRO H 126 29.52 39.71 -36.43
CA PRO H 126 28.71 40.93 -36.37
C PRO H 126 27.33 40.69 -36.95
N LEU H 127 27.26 40.27 -38.20
CA LEU H 127 25.99 39.90 -38.82
C LEU H 127 25.21 38.87 -37.95
N LEU H 128 25.98 38.01 -37.24
CA LEU H 128 25.42 37.03 -36.37
C LEU H 128 25.28 37.61 -34.97
N LYS H 129 24.90 38.90 -34.88
CA LYS H 129 24.31 39.50 -33.69
C LYS H 129 23.10 40.36 -34.09
N GLU H 130 23.01 40.70 -35.39
CA GLU H 130 21.91 41.43 -35.99
C GLU H 130 20.88 40.43 -36.49
N GLY H 131 21.26 39.15 -36.57
CA GLY H 131 20.34 38.03 -36.77
C GLY H 131 19.92 37.42 -35.44
N GLY H 132 20.58 37.80 -34.36
CA GLY H 132 20.27 37.35 -33.01
C GLY H 132 19.74 38.49 -32.16
N LYS H 133 19.48 39.66 -32.77
CA LYS H 133 18.83 40.76 -32.08
C LYS H 133 17.33 40.72 -32.39
N ALA H 134 16.98 40.14 -33.55
CA ALA H 134 15.60 40.09 -34.01
C ALA H 134 14.96 38.73 -33.69
N ARG H 135 15.78 37.73 -33.30
CA ARG H 135 15.28 36.43 -32.89
C ARG H 135 15.58 36.14 -31.43
N ALA H 136 14.55 36.07 -30.58
CA ALA H 136 14.71 35.76 -29.17
C ALA H 136 14.92 34.25 -28.99
N GLY H 137 14.55 33.45 -30.00
CA GLY H 137 14.83 32.02 -30.07
C GLY H 137 16.13 31.74 -30.84
N GLY H 138 17.11 32.61 -30.61
CA GLY H 138 18.50 32.37 -30.96
C GLY H 138 18.79 32.53 -32.45
N ALA H 139 20.03 33.02 -32.74
CA ALA H 139 20.65 32.85 -34.03
C ALA H 139 21.54 31.61 -34.05
N SER H 140 21.29 30.72 -35.05
CA SER H 140 21.77 29.35 -34.99
C SER H 140 22.96 29.14 -35.92
N VAL H 141 24.01 28.46 -35.39
CA VAL H 141 25.11 27.96 -36.20
C VAL H 141 25.09 26.42 -36.14
N VAL H 142 25.06 25.81 -37.35
CA VAL H 142 24.85 24.38 -37.51
C VAL H 142 26.05 23.69 -38.14
N ASN H 143 27.10 23.48 -37.34
CA ASN H 143 28.36 22.90 -37.80
C ASN H 143 28.21 21.41 -38.19
N PHE H 144 28.76 21.07 -39.36
CA PHE H 144 28.67 19.71 -39.84
C PHE H 144 29.94 19.01 -39.39
N SER H 145 29.85 18.30 -38.25
CA SER H 145 30.79 17.27 -37.85
C SER H 145 30.48 16.00 -38.65
N SER H 146 30.88 14.83 -38.07
CA SER H 146 30.59 13.53 -38.68
C SER H 146 30.23 12.50 -37.58
N VAL H 147 29.81 11.32 -38.01
CA VAL H 147 29.94 10.13 -37.19
C VAL H 147 31.40 9.68 -37.18
N ALA H 148 32.17 10.07 -38.18
CA ALA H 148 33.62 10.01 -38.04
C ALA H 148 34.06 10.79 -36.77
N GLY H 149 33.24 11.77 -36.34
CA GLY H 149 33.61 12.61 -35.23
C GLY H 149 33.01 12.15 -33.92
N LEU H 150 32.30 10.99 -33.94
CA LEU H 150 31.80 10.39 -32.71
C LEU H 150 32.54 9.11 -32.40
N ARG H 151 32.81 8.33 -33.46
CA ARG H 151 33.52 7.07 -33.31
C ARG H 151 34.60 6.95 -34.36
N GLY H 152 35.65 6.28 -33.99
CA GLY H 152 36.93 6.25 -34.69
C GLY H 152 36.92 5.48 -35.96
N ALA H 153 37.82 5.83 -36.83
CA ALA H 153 37.93 5.23 -38.15
C ALA H 153 39.39 5.12 -38.62
N ALA H 154 39.86 3.89 -38.83
CA ALA H 154 41.12 3.67 -39.51
C ALA H 154 40.99 4.19 -40.93
N PHE H 155 42.12 4.64 -41.52
CA PHE H 155 42.14 5.06 -42.93
C PHE H 155 41.35 6.36 -43.09
N ASN H 156 40.28 6.56 -42.27
CA ASN H 156 39.77 7.90 -41.94
C ASN H 156 40.43 8.53 -40.67
N ALA H 157 41.65 9.01 -40.82
CA ALA H 157 42.34 9.55 -39.64
C ALA H 157 41.96 11.03 -39.41
N ALA H 158 42.58 11.91 -40.18
CA ALA H 158 42.37 13.34 -40.12
C ALA H 158 40.88 13.56 -40.31
N TYR H 159 40.30 12.85 -41.30
CA TYR H 159 38.90 13.10 -41.60
C TYR H 159 38.11 13.06 -40.28
N CYS H 160 38.08 11.89 -39.65
CA CYS H 160 37.61 11.76 -38.27
C CYS H 160 38.11 12.94 -37.44
N THR H 161 39.44 13.04 -37.28
CA THR H 161 39.98 13.91 -36.22
C THR H 161 39.67 15.36 -36.58
N SER H 162 39.48 15.63 -37.90
CA SER H 162 39.03 16.96 -38.34
C SER H 162 37.56 17.16 -37.98
N LYS H 163 36.74 16.21 -38.35
CA LYS H 163 35.36 16.17 -37.90
C LYS H 163 35.25 16.18 -36.36
N ALA H 164 36.14 15.45 -35.71
CA ALA H 164 36.23 15.44 -34.27
C ALA H 164 36.55 16.84 -33.73
N ALA H 165 37.44 17.56 -34.48
CA ALA H 165 37.88 18.89 -34.09
C ALA H 165 36.71 19.88 -34.23
N VAL H 166 36.03 19.79 -35.37
CA VAL H 166 34.90 20.66 -35.64
C VAL H 166 33.88 20.60 -34.51
N LYS H 167 33.51 19.38 -34.13
CA LYS H 167 32.50 19.13 -33.11
C LYS H 167 32.93 19.88 -31.85
N MET H 168 34.23 19.71 -31.48
CA MET H 168 34.76 20.26 -30.26
C MET H 168 34.91 21.76 -30.42
N LEU H 169 34.81 22.23 -31.66
CA LEU H 169 34.75 23.67 -31.95
C LEU H 169 33.32 24.17 -31.81
N SER H 170 32.34 23.28 -31.73
CA SER H 170 30.94 23.66 -31.78
C SER H 170 30.39 23.84 -30.36
N LYS H 171 31.04 23.19 -29.36
CA LYS H 171 30.56 23.20 -27.97
C LYS H 171 30.95 24.56 -27.35
N CYS H 172 32.25 24.86 -27.50
CA CYS H 172 32.86 26.06 -26.95
C CYS H 172 32.16 27.30 -27.47
N LEU H 173 31.99 27.38 -28.79
CA LEU H 173 31.26 28.46 -29.46
C LEU H 173 29.89 28.70 -28.78
N GLY H 174 29.23 27.60 -28.36
CA GLY H 174 28.02 27.67 -27.61
C GLY H 174 28.26 28.27 -26.22
N ALA H 175 29.28 27.72 -25.53
CA ALA H 175 29.64 28.21 -24.20
C ALA H 175 30.12 29.67 -24.24
N GLU H 176 31.04 29.94 -25.15
CA GLU H 176 31.70 31.24 -25.27
C GLU H 176 30.66 32.27 -25.73
N PHE H 177 29.72 31.89 -26.60
CA PHE H 177 28.73 32.82 -27.12
C PHE H 177 27.60 33.04 -26.15
N ALA H 178 27.55 32.28 -25.07
CA ALA H 178 26.58 32.53 -24.01
C ALA H 178 27.22 33.43 -22.97
N ALA H 179 28.52 33.21 -22.65
CA ALA H 179 29.13 33.83 -21.48
C ALA H 179 29.45 35.31 -21.70
N LEU H 180 29.81 35.67 -22.90
CA LEU H 180 30.00 37.05 -23.32
C LEU H 180 28.66 37.76 -23.44
N GLY H 181 27.56 37.01 -23.33
CA GLY H 181 26.22 37.53 -23.42
C GLY H 181 25.75 37.76 -24.86
N TYR H 182 25.69 36.71 -25.69
CA TYR H 182 25.11 36.84 -27.01
C TYR H 182 23.92 35.86 -27.06
N ASN H 183 23.28 35.86 -28.24
CA ASN H 183 22.12 35.09 -28.54
C ASN H 183 22.42 34.21 -29.77
N ILE H 184 23.42 33.34 -29.63
CA ILE H 184 23.88 32.48 -30.74
C ILE H 184 23.96 31.03 -30.28
N ARG H 185 23.21 30.17 -31.00
CA ARG H 185 23.14 28.75 -30.71
C ARG H 185 24.08 28.00 -31.65
N VAL H 186 25.11 27.37 -31.09
CA VAL H 186 26.13 26.74 -31.90
C VAL H 186 26.16 25.26 -31.55
N ASN H 187 25.86 24.46 -32.57
CA ASN H 187 25.74 23.03 -32.42
C ASN H 187 26.63 22.37 -33.46
N SER H 188 26.83 21.05 -33.31
CA SER H 188 27.35 20.22 -34.37
C SER H 188 26.22 19.32 -34.86
N VAL H 189 26.19 19.15 -36.20
CA VAL H 189 25.43 18.07 -36.79
C VAL H 189 26.37 16.88 -37.05
N HIS H 190 25.98 15.70 -36.56
CA HIS H 190 26.67 14.45 -36.85
C HIS H 190 25.80 13.60 -37.80
N PRO H 191 26.10 13.63 -39.10
CA PRO H 191 25.49 12.67 -40.01
C PRO H 191 26.11 11.27 -39.87
N GLY H 192 25.32 10.22 -40.10
CA GLY H 192 25.78 8.94 -40.58
C GLY H 192 25.74 8.90 -42.11
N GLY H 193 25.34 7.76 -42.72
CA GLY H 193 25.41 7.59 -44.15
C GLY H 193 24.48 8.54 -44.91
N ILE H 194 25.08 9.41 -45.75
CA ILE H 194 24.32 10.33 -46.58
C ILE H 194 24.98 10.35 -47.95
N ASP H 195 24.43 9.71 -48.96
CA ASP H 195 25.07 9.46 -50.25
C ASP H 195 25.11 10.63 -51.22
N THR H 196 26.34 10.98 -51.54
CA THR H 196 26.74 12.10 -52.39
C THR H 196 28.09 11.73 -53.02
N PRO H 197 28.68 12.61 -53.88
CA PRO H 197 29.85 12.20 -54.68
C PRO H 197 31.00 11.50 -53.96
N MET H 198 31.60 12.18 -52.99
CA MET H 198 32.78 11.69 -52.26
C MET H 198 32.51 10.38 -51.52
N LEU H 199 31.25 10.09 -51.11
CA LEU H 199 30.94 8.94 -50.30
C LEU H 199 30.75 7.72 -51.19
N GLY H 200 29.93 7.88 -52.26
CA GLY H 200 29.90 6.85 -53.28
C GLY H 200 31.33 6.35 -53.51
N SER H 201 32.29 7.25 -53.25
CA SER H 201 33.70 7.07 -53.53
C SER H 201 34.52 7.06 -52.22
N LEU H 202 33.89 7.19 -51.05
CA LEU H 202 34.53 6.84 -49.79
C LEU H 202 34.89 5.35 -49.78
N MET H 203 34.16 4.58 -50.59
CA MET H 203 34.28 3.13 -50.61
C MET H 203 35.30 2.75 -51.63
N ASP H 204 35.34 3.46 -52.76
CA ASP H 204 36.30 3.14 -53.80
C ASP H 204 37.72 3.37 -53.27
N LYS H 205 37.87 4.30 -52.34
CA LYS H 205 39.13 4.47 -51.60
C LYS H 205 39.31 3.30 -50.66
N TYR H 206 38.23 2.87 -50.01
CA TYR H 206 38.22 1.63 -49.25
C TYR H 206 38.78 0.52 -50.12
N VAL H 207 38.29 0.44 -51.35
CA VAL H 207 38.73 -0.56 -52.31
C VAL H 207 40.21 -0.33 -52.69
N GLU H 208 40.58 0.94 -52.98
CA GLU H 208 41.91 1.28 -53.48
C GLU H 208 42.95 0.99 -52.39
N LEU H 209 42.61 1.30 -51.11
CA LEU H 209 43.54 1.07 -50.06
C LEU H 209 43.59 -0.42 -49.69
N GLY H 210 42.82 -1.21 -50.45
CA GLY H 210 42.88 -2.66 -50.34
C GLY H 210 41.96 -3.16 -49.25
N ALA H 211 41.21 -2.22 -48.62
CA ALA H 211 40.20 -2.59 -47.65
C ALA H 211 39.19 -3.59 -48.28
N ALA H 212 38.43 -3.10 -49.26
CA ALA H 212 37.35 -3.90 -49.86
C ALA H 212 37.74 -4.37 -51.25
N PRO H 213 37.38 -5.61 -51.62
CA PRO H 213 37.49 -6.03 -53.03
C PRO H 213 36.37 -5.64 -54.04
N SER H 214 35.24 -5.18 -53.56
CA SER H 214 34.15 -4.68 -54.42
C SER H 214 33.39 -3.56 -53.66
N ARG H 215 32.78 -2.64 -54.44
CA ARG H 215 32.11 -1.51 -53.87
C ARG H 215 30.80 -1.89 -53.21
N GLU H 216 30.42 -3.18 -53.27
CA GLU H 216 29.18 -3.64 -52.65
C GLU H 216 29.47 -4.18 -51.26
N VAL H 217 30.63 -4.87 -51.08
CA VAL H 217 30.99 -5.41 -49.75
C VAL H 217 31.38 -4.25 -48.81
N ALA H 218 31.94 -3.20 -49.43
CA ALA H 218 32.23 -1.95 -48.77
C ALA H 218 30.91 -1.28 -48.35
N GLN H 219 29.92 -1.29 -49.20
CA GLN H 219 28.71 -0.54 -48.93
C GLN H 219 27.73 -1.46 -48.33
N ALA H 220 28.01 -2.79 -48.27
CA ALA H 220 27.14 -3.74 -47.59
C ALA H 220 27.54 -3.84 -46.10
N ALA H 221 28.75 -3.33 -45.75
CA ALA H 221 29.17 -3.29 -44.38
C ALA H 221 28.74 -1.96 -43.79
N MET H 222 28.93 -0.87 -44.56
CA MET H 222 28.61 0.47 -44.08
C MET H 222 27.10 0.51 -43.78
N GLU H 223 26.24 0.09 -44.73
CA GLU H 223 24.79 0.09 -44.53
C GLU H 223 24.33 -0.76 -43.32
N MET H 224 25.00 -1.93 -43.16
CA MET H 224 24.63 -2.85 -42.12
C MET H 224 24.88 -2.27 -40.74
N ARG H 225 25.84 -1.32 -40.63
CA ARG H 225 26.21 -0.74 -39.36
C ARG H 225 25.20 0.35 -38.95
N HIS H 226 24.12 0.47 -39.76
CA HIS H 226 23.06 1.39 -39.44
C HIS H 226 21.91 0.59 -38.88
N PRO H 227 21.61 0.69 -37.62
CA PRO H 227 20.39 0.06 -37.05
C PRO H 227 19.17 0.10 -37.95
N ILE H 228 18.90 1.29 -38.45
CA ILE H 228 17.74 1.57 -39.28
C ILE H 228 17.80 0.54 -40.40
N GLY H 229 19.03 0.35 -40.97
CA GLY H 229 19.20 -0.59 -42.08
C GLY H 229 19.96 -0.03 -43.27
N ARG H 230 19.79 1.25 -43.63
CA ARG H 230 20.30 1.83 -44.85
C ARG H 230 21.07 3.11 -44.53
N MET H 231 21.61 3.73 -45.57
CA MET H 231 22.14 5.10 -45.50
C MET H 231 21.01 6.10 -45.66
N GLY H 232 21.04 7.08 -44.76
CA GLY H 232 20.24 8.28 -44.84
C GLY H 232 20.43 8.97 -46.19
N ARG H 233 19.39 9.76 -46.56
CA ARG H 233 19.41 10.50 -47.81
C ARG H 233 19.83 11.94 -47.49
N PRO H 234 20.46 12.66 -48.46
CA PRO H 234 20.62 14.12 -48.36
C PRO H 234 19.29 14.81 -48.11
N ALA H 235 18.22 14.11 -48.50
CA ALA H 235 16.84 14.55 -48.29
C ALA H 235 16.50 14.53 -46.79
N GLU H 236 17.09 13.57 -46.03
CA GLU H 236 16.84 13.45 -44.62
C GLU H 236 17.75 14.43 -43.84
N MET H 237 18.42 15.35 -44.56
CA MET H 237 19.34 16.23 -43.91
C MET H 237 18.59 17.43 -43.36
N GLY H 238 17.72 18.04 -44.18
CA GLY H 238 17.24 19.43 -43.94
C GLY H 238 16.64 19.68 -42.52
N GLY H 239 15.74 18.79 -42.14
CA GLY H 239 14.83 18.96 -41.02
C GLY H 239 15.54 19.15 -39.69
N GLY H 240 16.60 18.42 -39.42
CA GLY H 240 17.39 18.63 -38.19
C GLY H 240 18.15 19.99 -38.20
N VAL H 241 18.72 20.32 -39.38
CA VAL H 241 19.43 21.56 -39.57
C VAL H 241 18.47 22.73 -39.47
N VAL H 242 17.25 22.58 -39.95
CA VAL H 242 16.24 23.58 -39.77
C VAL H 242 15.87 23.70 -38.29
N TYR H 243 15.58 22.56 -37.67
CA TYR H 243 15.16 22.50 -36.27
C TYR H 243 16.11 23.31 -35.38
N LEU H 244 17.41 23.17 -35.60
CA LEU H 244 18.40 23.92 -34.86
C LEU H 244 18.33 25.38 -35.31
N CYS H 245 18.31 25.62 -36.64
CA CYS H 245 18.32 26.97 -37.19
C CYS H 245 17.12 27.80 -36.71
N SER H 246 15.99 27.10 -36.53
CA SER H 246 14.76 27.74 -36.13
C SER H 246 14.80 28.14 -34.65
N ASP H 247 13.79 28.94 -34.27
CA ASP H 247 13.71 29.51 -32.93
C ASP H 247 13.09 28.48 -31.96
N ALA H 248 12.89 27.23 -32.44
CA ALA H 248 12.15 26.24 -31.68
C ALA H 248 13.16 25.59 -30.77
N ALA H 249 14.28 25.15 -31.32
CA ALA H 249 15.38 24.63 -30.52
C ALA H 249 16.01 25.76 -29.66
N SER H 250 15.19 26.68 -29.16
CA SER H 250 15.64 27.96 -28.63
C SER H 250 16.49 27.75 -27.37
N PHE H 251 16.34 26.59 -26.71
CA PHE H 251 17.16 26.29 -25.55
C PHE H 251 18.28 25.34 -25.91
N VAL H 252 18.34 24.91 -27.19
CA VAL H 252 19.34 23.94 -27.62
C VAL H 252 20.56 24.72 -28.08
N THR H 253 21.71 24.47 -27.40
CA THR H 253 22.98 24.96 -27.92
C THR H 253 24.10 24.15 -27.30
N CYS H 254 25.07 23.74 -28.12
CA CYS H 254 26.25 22.98 -27.71
C CYS H 254 26.18 21.53 -28.20
N THR H 255 25.03 21.14 -28.77
CA THR H 255 24.68 19.71 -28.79
C THR H 255 25.41 19.07 -29.96
N GLU H 256 25.74 17.80 -29.82
CA GLU H 256 25.99 16.88 -30.95
C GLU H 256 24.64 16.47 -31.50
N PHE H 257 24.11 17.23 -32.48
CA PHE H 257 22.80 16.88 -33.02
C PHE H 257 22.97 15.74 -34.05
N VAL H 258 22.86 14.47 -33.58
CA VAL H 258 23.31 13.31 -34.35
C VAL H 258 22.23 12.89 -35.36
N MET H 259 22.58 12.72 -36.64
CA MET H 259 21.64 12.19 -37.63
C MET H 259 22.19 10.95 -38.36
N ASP H 260 22.16 9.74 -37.74
CA ASP H 260 23.09 8.69 -38.16
C ASP H 260 22.43 7.30 -38.23
N GLY H 261 21.14 7.22 -38.13
CA GLY H 261 20.44 5.91 -38.34
C GLY H 261 20.64 4.93 -37.20
N GLY H 262 20.91 5.43 -35.97
CA GLY H 262 21.29 4.62 -34.84
C GLY H 262 22.82 4.35 -34.74
N PHE H 263 23.55 4.65 -35.83
CA PHE H 263 24.89 4.17 -36.11
C PHE H 263 25.79 4.20 -34.88
N SER H 264 26.01 5.38 -34.40
CA SER H 264 27.04 5.58 -33.41
C SER H 264 26.50 5.22 -32.01
N GLN H 265 25.27 4.76 -31.93
CA GLN H 265 24.61 4.64 -30.65
C GLN H 265 24.26 3.19 -30.36
N VAL H 266 24.86 2.25 -31.08
CA VAL H 266 24.73 0.83 -30.79
C VAL H 266 26.02 0.23 -31.40
N ILE I 10 18.13 -36.51 53.86
CA ILE I 10 16.77 -36.55 53.25
C ILE I 10 15.72 -35.84 54.10
N ALA I 11 15.30 -34.60 53.82
CA ALA I 11 14.76 -33.66 54.82
C ALA I 11 13.29 -33.25 54.60
N LEU I 12 12.82 -32.29 55.39
CA LEU I 12 11.51 -31.71 55.24
C LEU I 12 11.54 -30.17 55.35
N ASN I 13 12.39 -29.53 54.55
CA ASN I 13 12.44 -28.09 54.49
C ASN I 13 11.17 -27.57 53.78
N ASN I 14 10.55 -26.54 54.39
CA ASN I 14 9.42 -25.87 53.78
C ASN I 14 8.29 -26.87 53.59
N VAL I 15 7.80 -27.38 54.71
CA VAL I 15 6.67 -28.34 54.66
C VAL I 15 5.78 -28.03 55.85
N VAL I 16 4.64 -27.38 55.58
CA VAL I 16 3.63 -27.15 56.60
C VAL I 16 2.85 -28.46 56.75
N ALA I 17 2.83 -28.99 57.98
CA ALA I 17 2.40 -30.33 58.22
C ALA I 17 1.16 -30.40 59.12
N VAL I 18 0.31 -31.36 58.81
CA VAL I 18 -0.74 -31.83 59.71
C VAL I 18 -0.31 -33.17 60.26
N VAL I 19 -0.61 -33.41 61.55
CA VAL I 19 -0.44 -34.73 62.18
C VAL I 19 -1.60 -34.90 63.16
N THR I 20 -2.54 -35.81 62.86
CA THR I 20 -3.59 -36.16 63.78
C THR I 20 -3.16 -37.38 64.61
N GLY I 21 -3.84 -37.57 65.74
CA GLY I 21 -3.42 -38.53 66.76
C GLY I 21 -2.00 -38.22 67.26
N ALA I 22 -1.70 -36.93 67.50
CA ALA I 22 -0.43 -36.49 68.06
C ALA I 22 -0.32 -36.78 69.57
N ALA I 23 -1.44 -37.15 70.21
CA ALA I 23 -1.46 -37.59 71.59
C ALA I 23 -1.69 -39.11 71.65
N GLY I 24 -1.68 -39.78 70.48
CA GLY I 24 -1.38 -41.22 70.44
C GLY I 24 0.12 -41.45 70.69
N GLY I 25 0.48 -42.73 70.76
CA GLY I 25 1.84 -43.17 71.09
C GLY I 25 2.89 -42.76 70.06
N ILE I 26 2.66 -43.15 68.83
CA ILE I 26 3.46 -42.75 67.66
C ILE I 26 3.24 -41.27 67.39
N GLY I 27 2.02 -40.77 67.71
CA GLY I 27 1.63 -39.38 67.55
C GLY I 27 2.76 -38.40 67.81
N ARG I 28 3.51 -38.58 68.94
CA ARG I 28 4.59 -37.68 69.27
C ARG I 28 5.79 -38.02 68.39
N GLU I 29 6.17 -39.31 68.37
CA GLU I 29 7.42 -39.79 67.78
C GLU I 29 7.57 -39.34 66.31
N LEU I 30 6.43 -39.35 65.60
CA LEU I 30 6.27 -38.78 64.29
C LEU I 30 6.85 -37.38 64.38
N VAL I 31 6.27 -36.58 65.27
CA VAL I 31 6.49 -35.12 65.25
C VAL I 31 7.95 -34.82 65.60
N LYS I 32 8.42 -35.33 66.73
CA LYS I 32 9.78 -35.10 67.19
C LYS I 32 10.77 -35.44 66.08
N ALA I 33 10.47 -36.49 65.31
CA ALA I 33 11.30 -36.96 64.22
C ALA I 33 10.98 -36.21 62.92
N MET I 34 9.82 -35.58 62.83
CA MET I 34 9.50 -34.71 61.70
C MET I 34 9.97 -33.29 62.03
N LYS I 35 9.68 -32.82 63.25
CA LYS I 35 10.13 -31.48 63.69
C LYS I 35 11.65 -31.39 63.76
N ALA I 36 12.29 -32.56 63.90
CA ALA I 36 13.70 -32.71 63.67
C ALA I 36 14.07 -32.22 62.27
N ALA I 37 13.32 -32.69 61.29
CA ALA I 37 13.56 -32.30 59.89
C ALA I 37 12.81 -30.98 59.59
N ASN I 38 12.54 -30.22 60.67
CA ASN I 38 12.23 -28.80 60.61
C ASN I 38 10.77 -28.58 60.18
N ALA I 39 9.96 -29.66 60.02
CA ALA I 39 8.65 -29.51 59.47
C ALA I 39 7.80 -28.74 60.49
N ILE I 40 6.96 -27.80 59.94
CA ILE I 40 6.08 -27.02 60.78
C ILE I 40 4.80 -27.82 61.10
N VAL I 41 4.66 -28.21 62.39
CA VAL I 41 3.61 -29.12 62.80
C VAL I 41 2.42 -28.31 63.38
N ILE I 42 1.24 -28.62 62.85
CA ILE I 42 -0.01 -28.35 63.59
C ILE I 42 -0.54 -29.69 64.10
N ALA I 43 -0.08 -30.07 65.30
CA ALA I 43 -0.43 -31.37 65.89
C ALA I 43 -1.83 -31.29 66.52
N THR I 44 -2.66 -32.31 66.29
CA THR I 44 -4.10 -32.23 66.59
C THR I 44 -4.57 -33.55 67.18
N ASP I 45 -4.91 -33.54 68.50
CA ASP I 45 -5.58 -34.66 69.11
C ASP I 45 -6.75 -34.15 69.96
N MET I 46 -7.57 -35.07 70.48
CA MET I 46 -8.83 -34.78 71.12
C MET I 46 -8.65 -34.08 72.49
N ALA I 47 -7.40 -33.97 72.96
CA ALA I 47 -7.12 -33.13 74.11
C ALA I 47 -7.23 -31.65 73.74
N PRO I 48 -7.80 -30.78 74.62
CA PRO I 48 -7.56 -29.33 74.56
C PRO I 48 -6.12 -28.95 74.90
N SER I 49 -5.46 -29.74 75.79
CA SER I 49 -4.02 -29.66 75.96
C SER I 49 -3.32 -31.03 75.86
N ALA I 50 -2.20 -31.09 75.13
CA ALA I 50 -1.36 -32.29 75.14
C ALA I 50 0.13 -31.91 74.96
N ASP I 51 1.02 -32.83 75.32
CA ASP I 51 2.44 -32.77 75.01
C ASP I 51 2.68 -33.35 73.62
N VAL I 52 3.08 -32.48 72.69
CA VAL I 52 3.58 -32.93 71.40
C VAL I 52 4.90 -32.26 71.12
N GLU I 53 6.03 -32.97 71.30
CA GLU I 53 7.35 -32.33 71.38
C GLU I 53 7.76 -31.86 69.99
N GLY I 54 7.56 -30.56 69.74
CA GLY I 54 7.84 -29.97 68.45
C GLY I 54 6.63 -29.21 67.91
N ALA I 55 5.43 -29.62 68.31
CA ALA I 55 4.19 -29.06 67.83
C ALA I 55 4.33 -27.54 67.72
N ASP I 56 4.51 -27.02 66.48
CA ASP I 56 4.42 -25.60 66.24
C ASP I 56 2.99 -25.12 66.58
N HIS I 57 1.96 -26.00 66.48
CA HIS I 57 0.61 -25.68 66.89
C HIS I 57 -0.05 -26.92 67.48
N TYR I 58 -1.04 -26.70 68.35
CA TYR I 58 -1.96 -27.75 68.76
C TYR I 58 -3.42 -27.25 68.78
N LEU I 59 -4.34 -28.01 68.17
CA LEU I 59 -5.77 -27.75 68.15
C LEU I 59 -6.51 -28.96 68.68
N GLN I 60 -7.59 -28.69 69.42
CA GLN I 60 -8.43 -29.74 69.98
C GLN I 60 -9.22 -30.34 68.83
N HIS I 61 -8.92 -31.60 68.47
CA HIS I 61 -9.36 -32.09 67.16
C HIS I 61 -10.06 -33.46 67.22
N ASP I 62 -11.35 -33.43 66.96
CA ASP I 62 -12.08 -34.64 66.68
C ASP I 62 -12.00 -34.85 65.19
N VAL I 63 -11.40 -35.98 64.76
CA VAL I 63 -11.08 -36.28 63.38
C VAL I 63 -12.30 -36.87 62.65
N THR I 64 -13.32 -37.34 63.38
CA THR I 64 -14.60 -37.69 62.77
C THR I 64 -15.46 -36.44 62.61
N SER I 65 -15.23 -35.40 63.47
CA SER I 65 -15.92 -34.12 63.37
C SER I 65 -15.51 -33.35 62.10
N GLU I 66 -16.49 -33.17 61.21
CA GLU I 66 -16.35 -32.43 59.96
C GLU I 66 -15.87 -30.97 60.19
N ALA I 67 -16.54 -30.33 61.16
CA ALA I 67 -16.22 -29.01 61.60
C ALA I 67 -14.80 -28.97 62.11
N GLY I 68 -14.42 -30.00 62.88
CA GLY I 68 -13.13 -30.07 63.51
C GLY I 68 -12.02 -29.81 62.50
N TRP I 69 -12.18 -30.46 61.32
CA TRP I 69 -11.18 -30.39 60.25
C TRP I 69 -11.13 -29.00 59.62
N LYS I 70 -12.27 -28.34 59.56
CA LYS I 70 -12.41 -26.97 59.06
C LYS I 70 -11.79 -25.99 60.05
N ALA I 71 -11.89 -26.28 61.35
CA ALA I 71 -11.10 -25.59 62.37
C ALA I 71 -9.59 -25.67 62.05
N VAL I 72 -9.23 -26.74 61.36
CA VAL I 72 -7.87 -26.93 60.86
C VAL I 72 -7.66 -25.92 59.75
N ALA I 73 -8.66 -25.81 58.88
CA ALA I 73 -8.57 -25.04 57.66
C ALA I 73 -8.46 -23.56 57.98
N ALA I 74 -9.14 -23.12 59.07
CA ALA I 74 -8.90 -21.77 59.57
C ALA I 74 -7.38 -21.47 59.68
N LEU I 75 -6.70 -22.18 60.60
CA LEU I 75 -5.33 -21.88 60.93
C LEU I 75 -4.41 -22.15 59.74
N ALA I 76 -4.81 -23.10 58.88
CA ALA I 76 -4.09 -23.39 57.65
C ALA I 76 -4.18 -22.24 56.62
N GLN I 77 -5.40 -21.77 56.37
CA GLN I 77 -5.62 -20.67 55.43
C GLN I 77 -4.98 -19.38 55.93
N GLU I 78 -5.01 -19.16 57.26
CA GLU I 78 -4.54 -17.96 57.94
C GLU I 78 -3.00 -17.89 57.86
N LYS I 79 -2.37 -18.80 58.57
CA LYS I 79 -0.96 -18.67 58.92
C LYS I 79 -0.08 -19.04 57.73
N TYR I 80 -0.29 -20.23 57.21
CA TYR I 80 0.66 -20.80 56.25
C TYR I 80 0.13 -20.68 54.83
N GLY I 81 -1.17 -20.94 54.67
CA GLY I 81 -1.82 -20.81 53.37
C GLY I 81 -1.43 -21.94 52.47
N ARG I 82 -1.20 -23.12 53.04
CA ARG I 82 -0.63 -24.28 52.33
C ARG I 82 -0.63 -25.49 53.27
N VAL I 83 -0.83 -26.70 52.72
CA VAL I 83 -0.69 -27.92 53.48
C VAL I 83 0.11 -28.90 52.66
N ASP I 84 1.37 -29.13 53.02
CA ASP I 84 2.29 -29.97 52.25
C ASP I 84 2.11 -31.45 52.67
N ALA I 85 2.32 -31.71 53.95
CA ALA I 85 2.23 -33.04 54.52
C ALA I 85 0.89 -33.18 55.23
N LEU I 86 0.20 -34.29 54.96
CA LEU I 86 -1.06 -34.53 55.66
C LEU I 86 -1.11 -35.98 56.11
N VAL I 87 -0.92 -36.20 57.43
CA VAL I 87 -0.81 -37.56 57.98
C VAL I 87 -2.01 -37.91 58.84
N HIS I 88 -2.95 -38.72 58.33
CA HIS I 88 -3.95 -39.36 59.19
C HIS I 88 -3.24 -40.45 59.98
N ASN I 89 -3.14 -40.22 61.30
CA ASN I 89 -2.45 -41.11 62.24
C ASN I 89 -3.38 -41.48 63.38
N ALA I 90 -4.68 -41.31 63.20
CA ALA I 90 -5.69 -41.69 64.17
C ALA I 90 -5.99 -43.17 64.00
N GLY I 91 -7.09 -43.57 64.67
CA GLY I 91 -7.71 -44.89 64.52
C GLY I 91 -8.11 -45.44 65.89
N ILE I 92 -9.29 -46.06 65.92
CA ILE I 92 -9.79 -46.72 67.13
C ILE I 92 -9.60 -48.21 66.94
N SER I 93 -9.90 -48.99 67.96
CA SER I 93 -9.76 -50.42 67.94
C SER I 93 -10.88 -51.10 68.73
N ILE I 94 -11.37 -52.23 68.27
CA ILE I 94 -11.98 -53.24 69.12
C ILE I 94 -11.49 -54.60 68.62
N VAL I 95 -11.00 -55.43 69.58
CA VAL I 95 -10.71 -56.82 69.27
C VAL I 95 -11.81 -57.69 69.86
N THR I 96 -12.65 -58.26 68.99
CA THR I 96 -13.91 -58.88 69.38
C THR I 96 -14.34 -59.93 68.36
N LYS I 97 -15.32 -60.75 68.78
CA LYS I 97 -15.85 -61.91 68.09
C LYS I 97 -16.96 -61.49 67.15
N PHE I 98 -17.01 -62.13 65.97
CA PHE I 98 -17.87 -61.69 64.89
C PHE I 98 -19.33 -61.81 65.29
N GLU I 99 -19.86 -63.03 65.37
CA GLU I 99 -21.16 -63.27 65.98
C GLU I 99 -21.36 -62.27 67.12
N ASP I 100 -20.25 -61.79 67.75
CA ASP I 100 -20.32 -60.93 68.90
C ASP I 100 -19.80 -59.51 68.60
N THR I 101 -19.46 -59.22 67.35
CA THR I 101 -19.14 -57.87 66.92
C THR I 101 -20.48 -57.20 66.54
N PRO I 102 -20.84 -56.06 67.18
CA PRO I 102 -21.99 -55.29 66.75
C PRO I 102 -21.71 -54.66 65.40
N LEU I 103 -22.74 -54.56 64.55
CA LEU I 103 -22.70 -53.74 63.34
C LEU I 103 -22.29 -52.31 63.70
N SER I 104 -22.62 -51.89 64.92
CA SER I 104 -22.29 -50.60 65.44
C SER I 104 -20.80 -50.38 65.66
N ASP I 105 -20.11 -51.36 66.28
CA ASP I 105 -18.66 -51.31 66.42
C ASP I 105 -17.98 -51.21 65.07
N PHE I 106 -18.58 -51.90 64.09
CA PHE I 106 -18.13 -51.83 62.71
C PHE I 106 -18.34 -50.43 62.17
N HIS I 107 -19.60 -49.89 62.30
CA HIS I 107 -19.94 -48.51 62.01
C HIS I 107 -18.95 -47.55 62.73
N ARG I 108 -18.86 -47.73 64.04
CA ARG I 108 -18.06 -46.89 64.92
C ARG I 108 -16.59 -46.94 64.49
N VAL I 109 -16.14 -48.14 64.08
CA VAL I 109 -14.80 -48.37 63.61
C VAL I 109 -14.66 -47.78 62.20
N ASN I 110 -15.66 -48.03 61.33
CA ASN I 110 -15.67 -47.46 60.00
C ASN I 110 -15.44 -45.94 60.06
N THR I 111 -16.09 -45.33 61.08
CA THR I 111 -16.17 -43.89 61.20
C THR I 111 -14.80 -43.31 61.53
N VAL I 112 -14.18 -43.70 62.67
CA VAL I 112 -12.94 -43.08 63.09
C VAL I 112 -11.85 -43.37 62.06
N ASN I 113 -11.91 -44.55 61.47
CA ASN I 113 -10.72 -45.13 60.84
C ASN I 113 -10.77 -44.88 59.34
N VAL I 114 -11.99 -44.68 58.76
CA VAL I 114 -12.14 -44.38 57.34
C VAL I 114 -12.57 -42.91 57.14
N ASP I 115 -13.72 -42.50 57.68
CA ASP I 115 -14.29 -41.18 57.43
C ASP I 115 -13.33 -40.07 57.85
N SER I 116 -12.47 -40.36 58.84
CA SER I 116 -11.48 -39.41 59.31
C SER I 116 -10.53 -39.02 58.18
N ILE I 117 -10.59 -39.67 57.02
CA ILE I 117 -9.71 -39.39 55.91
C ILE I 117 -10.49 -38.64 54.86
N ILE I 118 -11.71 -39.15 54.55
CA ILE I 118 -12.57 -38.57 53.53
C ILE I 118 -12.72 -37.06 53.78
N ILE I 119 -13.00 -36.71 55.05
CA ILE I 119 -13.24 -35.33 55.49
C ILE I 119 -11.95 -34.56 55.67
N GLY I 120 -10.96 -35.19 56.30
CA GLY I 120 -9.67 -34.58 56.60
C GLY I 120 -9.05 -34.01 55.34
N THR I 121 -9.01 -34.84 54.27
CA THR I 121 -8.48 -34.38 53.00
C THR I 121 -9.53 -33.44 52.37
N GLN I 122 -10.80 -33.83 52.35
CA GLN I 122 -11.80 -33.07 51.62
C GLN I 122 -11.95 -31.64 52.11
N VAL I 123 -11.77 -31.40 53.41
CA VAL I 123 -11.68 -30.04 53.92
C VAL I 123 -10.42 -29.36 53.36
N LEU I 124 -9.29 -30.03 53.47
CA LEU I 124 -7.97 -29.36 53.39
C LEU I 124 -7.34 -29.57 52.02
N LEU I 125 -8.15 -30.05 51.06
CA LEU I 125 -7.72 -30.43 49.72
C LEU I 125 -7.36 -29.17 48.94
N PRO I 126 -8.16 -28.07 48.97
CA PRO I 126 -7.71 -26.79 48.39
C PRO I 126 -6.32 -26.36 48.87
N LEU I 127 -6.14 -26.42 50.21
CA LEU I 127 -4.88 -26.13 50.86
C LEU I 127 -3.82 -27.16 50.49
N LEU I 128 -4.26 -28.37 50.08
CA LEU I 128 -3.37 -29.44 49.66
C LEU I 128 -2.94 -29.25 48.20
N LYS I 129 -3.88 -28.77 47.37
CA LYS I 129 -3.60 -28.48 45.97
C LYS I 129 -2.54 -27.40 45.85
N GLU I 130 -2.55 -26.45 46.83
CA GLU I 130 -1.52 -25.43 46.95
C GLU I 130 -0.18 -26.10 47.27
N GLY I 131 -0.23 -27.16 48.11
CA GLY I 131 0.93 -27.93 48.48
C GLY I 131 1.67 -28.55 47.30
N GLY I 132 0.91 -28.91 46.24
CA GLY I 132 1.49 -29.57 45.07
C GLY I 132 2.09 -28.56 44.09
N LYS I 133 2.58 -27.42 44.61
CA LYS I 133 3.07 -26.33 43.77
C LYS I 133 4.26 -25.64 44.46
N ALA I 134 4.22 -25.58 45.77
CA ALA I 134 5.29 -25.02 46.61
C ALA I 134 6.53 -25.92 46.64
N ARG I 135 6.34 -27.15 46.13
CA ARG I 135 7.36 -28.21 46.15
C ARG I 135 7.28 -28.87 44.78
N ALA I 136 8.48 -29.04 44.17
CA ALA I 136 8.65 -29.96 43.06
C ALA I 136 8.02 -31.33 43.34
N GLY I 137 8.53 -32.05 44.34
CA GLY I 137 8.07 -33.39 44.65
C GLY I 137 6.56 -33.54 44.79
N GLY I 138 5.95 -32.64 45.58
CA GLY I 138 4.50 -32.47 45.59
C GLY I 138 3.89 -32.51 47.00
N ALA I 139 2.56 -32.61 47.01
CA ALA I 139 1.84 -32.75 48.30
C ALA I 139 1.92 -34.21 48.75
N SER I 140 1.86 -34.40 50.09
CA SER I 140 2.19 -35.69 50.70
C SER I 140 1.08 -36.07 51.68
N VAL I 141 0.40 -37.21 51.36
CA VAL I 141 -0.63 -37.76 52.21
C VAL I 141 -0.17 -39.13 52.69
N VAL I 142 -0.14 -39.33 54.05
CA VAL I 142 0.01 -40.65 54.64
C VAL I 142 -1.22 -41.04 55.46
N ASN I 143 -1.70 -42.25 55.28
CA ASN I 143 -2.81 -42.85 56.00
C ASN I 143 -2.30 -44.17 56.58
N PHE I 144 -2.66 -44.43 57.84
CA PHE I 144 -2.16 -45.56 58.57
C PHE I 144 -3.08 -46.75 58.31
N SER I 145 -2.71 -47.61 57.37
CA SER I 145 -3.19 -48.99 57.33
C SER I 145 -2.66 -49.76 58.55
N SER I 146 -1.66 -50.62 58.31
CA SER I 146 -1.20 -51.74 59.12
C SER I 146 -1.10 -52.96 58.22
N VAL I 147 -0.40 -53.99 58.66
CA VAL I 147 -0.48 -55.32 58.02
C VAL I 147 -1.90 -55.82 58.04
N ALA I 148 -2.74 -55.19 58.88
CA ALA I 148 -4.11 -55.59 59.16
C ALA I 148 -5.06 -55.53 57.94
N GLY I 149 -4.68 -54.74 56.94
CA GLY I 149 -5.43 -54.74 55.68
C GLY I 149 -4.71 -55.47 54.56
N LEU I 150 -3.50 -56.01 54.89
CA LEU I 150 -2.70 -56.69 53.89
C LEU I 150 -2.96 -58.18 54.02
N ARG I 151 -2.85 -58.68 55.27
CA ARG I 151 -3.11 -60.12 55.58
C ARG I 151 -4.20 -60.18 56.66
N GLY I 152 -5.05 -61.22 56.66
CA GLY I 152 -6.19 -61.27 57.56
C GLY I 152 -5.83 -61.81 58.95
N ALA I 153 -6.61 -61.45 59.99
CA ALA I 153 -6.30 -61.85 61.35
C ALA I 153 -7.53 -61.93 62.22
N ALA I 154 -7.88 -63.21 62.61
CA ALA I 154 -9.05 -63.51 63.39
C ALA I 154 -9.24 -62.60 64.60
N PHE I 155 -10.47 -62.50 65.08
CA PHE I 155 -10.90 -61.66 66.21
C PHE I 155 -10.65 -60.16 65.96
N ASN I 156 -10.40 -59.83 64.65
CA ASN I 156 -10.10 -58.52 64.15
C ASN I 156 -10.80 -58.33 62.78
N ALA I 157 -12.13 -58.41 62.84
CA ALA I 157 -12.89 -58.27 61.61
C ALA I 157 -12.79 -56.80 61.22
N ALA I 158 -13.26 -55.93 62.13
CA ALA I 158 -13.51 -54.54 61.82
C ALA I 158 -12.20 -53.81 61.54
N TYR I 159 -11.30 -53.87 62.53
CA TYR I 159 -10.03 -53.15 62.50
C TYR I 159 -9.30 -53.43 61.17
N CYS I 160 -9.28 -54.70 60.82
CA CYS I 160 -8.71 -55.12 59.54
C CYS I 160 -9.47 -54.45 58.38
N THR I 161 -10.79 -54.51 58.38
CA THR I 161 -11.54 -54.12 57.18
C THR I 161 -11.44 -52.61 57.04
N SER I 162 -11.39 -51.90 58.17
CA SER I 162 -11.19 -50.44 58.19
C SER I 162 -9.81 -50.05 57.65
N LYS I 163 -8.82 -50.81 58.02
CA LYS I 163 -7.49 -50.71 57.45
C LYS I 163 -7.42 -51.50 56.15
N ALA I 164 -8.50 -52.14 55.72
CA ALA I 164 -8.64 -52.71 54.39
C ALA I 164 -9.21 -51.66 53.44
N ALA I 165 -9.94 -50.67 54.00
CA ALA I 165 -10.28 -49.48 53.24
C ALA I 165 -9.03 -48.59 53.15
N VAL I 166 -8.51 -48.17 54.30
CA VAL I 166 -7.56 -47.07 54.37
C VAL I 166 -6.36 -47.34 53.48
N LYS I 167 -5.97 -48.63 53.37
CA LYS I 167 -5.00 -49.02 52.37
C LYS I 167 -5.53 -48.64 50.99
N MET I 168 -6.72 -49.12 50.64
CA MET I 168 -7.24 -49.03 49.28
C MET I 168 -7.57 -47.56 48.90
N LEU I 169 -8.04 -46.81 49.91
CA LEU I 169 -8.39 -45.43 49.69
C LEU I 169 -7.15 -44.61 49.30
N SER I 170 -5.97 -45.06 49.75
CA SER I 170 -4.72 -44.42 49.41
C SER I 170 -4.32 -44.69 47.96
N LYS I 171 -4.66 -45.87 47.45
CA LYS I 171 -4.45 -46.25 46.06
C LYS I 171 -5.32 -45.39 45.17
N CYS I 172 -6.60 -45.36 45.52
CA CYS I 172 -7.61 -44.61 44.77
C CYS I 172 -7.26 -43.12 44.69
N LEU I 173 -7.09 -42.47 45.85
CA LEU I 173 -6.82 -41.05 45.94
C LEU I 173 -5.43 -40.75 45.40
N GLY I 174 -4.54 -41.75 45.39
CA GLY I 174 -3.24 -41.66 44.73
C GLY I 174 -3.41 -41.52 43.23
N ALA I 175 -4.45 -42.12 42.67
CA ALA I 175 -4.76 -42.07 41.26
C ALA I 175 -5.41 -40.75 40.91
N GLU I 176 -6.53 -40.47 41.57
CA GLU I 176 -7.42 -39.36 41.23
C GLU I 176 -6.60 -38.06 41.17
N PHE I 177 -5.79 -37.83 42.23
CA PHE I 177 -5.13 -36.54 42.39
C PHE I 177 -4.14 -36.36 41.25
N ALA I 178 -3.34 -37.40 40.99
CA ALA I 178 -2.39 -37.38 39.90
C ALA I 178 -3.11 -37.21 38.54
N ALA I 179 -4.26 -37.88 38.41
CA ALA I 179 -5.03 -37.88 37.17
C ALA I 179 -5.75 -36.55 36.97
N LEU I 180 -5.94 -35.79 38.06
CA LEU I 180 -6.65 -34.53 38.00
C LEU I 180 -5.59 -33.39 38.05
N GLY I 181 -4.42 -33.67 37.47
CA GLY I 181 -3.44 -32.65 37.18
C GLY I 181 -2.86 -31.99 38.43
N TYR I 182 -3.05 -32.64 39.54
CA TYR I 182 -2.53 -32.20 40.82
C TYR I 182 -1.26 -33.01 41.04
N ASN I 183 -0.72 -32.80 42.22
CA ASN I 183 0.64 -33.21 42.58
C ASN I 183 0.51 -33.73 44.02
N ILE I 184 -0.72 -34.17 44.43
CA ILE I 184 -0.97 -34.52 45.82
C ILE I 184 -0.86 -36.05 45.93
N ARG I 185 0.34 -36.50 46.32
CA ARG I 185 0.66 -37.91 46.34
C ARG I 185 -0.15 -38.55 47.45
N VAL I 186 -0.50 -39.84 47.24
CA VAL I 186 -1.18 -40.57 48.30
C VAL I 186 -0.55 -41.94 48.44
N ASN I 187 -0.22 -42.28 49.68
CA ASN I 187 0.43 -43.52 50.04
C ASN I 187 -0.10 -43.97 51.40
N SER I 188 -0.07 -45.29 51.66
CA SER I 188 -0.52 -45.82 52.93
C SER I 188 0.62 -46.55 53.65
N VAL I 189 0.84 -46.17 54.91
CA VAL I 189 1.82 -46.86 55.71
C VAL I 189 1.13 -48.05 56.37
N HIS I 190 1.80 -49.21 56.28
CA HIS I 190 1.33 -50.48 56.81
C HIS I 190 2.28 -50.92 57.94
N PRO I 191 2.19 -50.34 59.14
CA PRO I 191 2.95 -50.83 60.29
C PRO I 191 2.68 -52.27 60.69
N GLY I 192 3.67 -52.87 61.34
CA GLY I 192 3.49 -54.13 62.05
C GLY I 192 3.26 -53.89 63.55
N GLY I 193 3.64 -54.88 64.37
CA GLY I 193 3.61 -54.79 65.80
C GLY I 193 4.60 -53.75 66.37
N ILE I 194 4.15 -52.51 66.38
CA ILE I 194 4.78 -51.40 67.05
C ILE I 194 4.38 -51.45 68.54
N ASP I 195 5.37 -51.16 69.41
CA ASP I 195 5.20 -51.05 70.85
C ASP I 195 4.54 -49.72 71.18
N THR I 196 3.19 -49.76 71.13
CA THR I 196 2.35 -48.67 71.65
C THR I 196 1.41 -49.26 72.70
N PRO I 197 0.99 -48.43 73.71
CA PRO I 197 0.07 -48.92 74.73
C PRO I 197 -1.36 -49.22 74.21
N MET I 198 -1.66 -48.89 72.94
CA MET I 198 -2.87 -49.32 72.26
C MET I 198 -2.86 -50.85 72.14
N LEU I 199 -1.92 -51.33 71.32
CA LEU I 199 -1.81 -52.75 70.97
C LEU I 199 -1.27 -53.54 72.15
N GLY I 200 -0.55 -52.85 73.08
CA GLY I 200 -0.04 -53.47 74.29
C GLY I 200 -1.17 -53.71 75.26
N SER I 201 -2.37 -53.15 75.01
CA SER I 201 -3.60 -53.43 75.75
C SER I 201 -4.68 -54.10 74.85
N LEU I 202 -4.37 -54.32 73.58
CA LEU I 202 -5.21 -55.02 72.64
C LEU I 202 -4.95 -56.51 72.71
N MET I 203 -3.68 -56.87 72.93
CA MET I 203 -3.33 -58.26 73.24
C MET I 203 -4.05 -58.69 74.52
N ASP I 204 -4.27 -57.69 75.42
CA ASP I 204 -4.94 -57.90 76.68
C ASP I 204 -6.45 -57.97 76.48
N LYS I 205 -6.91 -57.80 75.24
CA LYS I 205 -8.31 -58.01 74.87
C LYS I 205 -8.51 -59.45 74.47
N TYR I 206 -7.47 -60.07 73.89
CA TYR I 206 -7.49 -61.50 73.61
C TYR I 206 -7.49 -62.24 74.95
N VAL I 207 -6.71 -61.72 75.93
CA VAL I 207 -6.67 -62.27 77.27
C VAL I 207 -8.12 -62.36 77.76
N GLU I 208 -8.86 -61.22 77.57
CA GLU I 208 -10.21 -61.05 78.06
C GLU I 208 -11.23 -61.46 76.98
N LEU I 209 -10.81 -62.29 76.02
CA LEU I 209 -11.70 -63.00 75.12
C LEU I 209 -11.65 -64.51 75.40
N GLY I 210 -10.85 -64.89 76.43
CA GLY I 210 -10.34 -66.24 76.59
C GLY I 210 -9.52 -66.70 75.38
N ALA I 211 -9.05 -65.76 74.55
CA ALA I 211 -8.37 -66.04 73.31
C ALA I 211 -6.85 -66.18 73.55
N ALA I 212 -6.32 -65.28 74.38
CA ALA I 212 -5.01 -65.46 74.96
C ALA I 212 -5.15 -66.13 76.33
N PRO I 213 -4.42 -67.22 76.59
CA PRO I 213 -4.16 -67.68 77.96
C PRO I 213 -3.66 -66.58 78.86
N SER I 214 -2.72 -65.80 78.32
CA SER I 214 -1.89 -64.84 79.06
C SER I 214 -1.54 -63.69 78.13
N ARG I 215 -1.51 -62.46 78.69
CA ARG I 215 -0.82 -61.34 78.03
C ARG I 215 0.60 -61.77 77.66
N GLU I 216 1.04 -62.93 78.16
CA GLU I 216 2.37 -63.47 77.86
C GLU I 216 2.43 -64.23 76.52
N VAL I 217 1.61 -65.30 76.33
CA VAL I 217 1.93 -66.33 75.33
C VAL I 217 1.64 -65.80 73.92
N ALA I 218 0.76 -64.81 73.83
CA ALA I 218 0.29 -64.23 72.59
C ALA I 218 1.18 -63.05 72.19
N GLN I 219 1.92 -62.55 73.14
CA GLN I 219 2.89 -61.49 72.88
C GLN I 219 4.09 -62.14 72.16
N ALA I 220 4.34 -63.43 72.45
CA ALA I 220 5.36 -64.22 71.78
C ALA I 220 4.79 -65.00 70.60
N ALA I 221 3.44 -64.92 70.43
CA ALA I 221 2.75 -65.42 69.24
C ALA I 221 2.38 -64.26 68.32
N MET I 222 3.16 -63.18 68.44
CA MET I 222 3.11 -62.04 67.53
C MET I 222 4.52 -61.55 67.30
N GLU I 223 5.53 -62.01 68.08
CA GLU I 223 6.93 -61.64 67.90
C GLU I 223 7.65 -62.56 66.90
N MET I 224 7.37 -63.84 67.00
CA MET I 224 7.97 -64.85 66.10
C MET I 224 7.40 -64.77 64.68
N ARG I 225 6.23 -64.12 64.55
CA ARG I 225 5.66 -63.74 63.26
C ARG I 225 6.50 -62.68 62.58
N HIS I 226 7.24 -61.88 63.40
CA HIS I 226 8.19 -60.94 62.82
C HIS I 226 9.52 -61.61 62.52
N PRO I 227 9.86 -61.83 61.22
CA PRO I 227 11.25 -62.10 60.79
C PRO I 227 12.34 -61.36 61.57
N ILE I 228 12.08 -60.07 61.79
CA ILE I 228 13.05 -59.21 62.46
C ILE I 228 13.26 -59.76 63.86
N GLY I 229 12.11 -60.03 64.54
CA GLY I 229 12.14 -60.47 65.95
C GLY I 229 11.27 -59.68 66.93
N ARG I 230 11.73 -58.53 67.38
CA ARG I 230 11.13 -57.84 68.52
C ARG I 230 9.84 -57.23 67.97
N MET I 231 8.95 -56.86 68.88
CA MET I 231 8.00 -55.82 68.59
C MET I 231 8.75 -54.58 68.18
N GLY I 232 8.26 -53.85 67.17
CA GLY I 232 8.70 -52.54 66.77
C GLY I 232 8.52 -51.52 67.90
N ARG I 233 8.98 -50.34 67.60
CA ARG I 233 8.95 -49.19 68.52
C ARG I 233 8.41 -48.00 67.71
N PRO I 234 7.64 -47.09 68.36
CA PRO I 234 7.10 -45.94 67.65
C PRO I 234 8.19 -45.05 67.03
N ALA I 235 9.43 -45.10 67.59
CA ALA I 235 10.56 -44.33 67.10
C ALA I 235 10.88 -44.62 65.61
N GLU I 236 10.76 -45.92 65.26
CA GLU I 236 11.16 -46.43 63.95
C GLU I 236 10.16 -45.97 62.91
N MET I 237 8.89 -46.01 63.32
CA MET I 237 7.76 -45.58 62.47
C MET I 237 7.99 -44.18 61.87
N GLY I 238 8.53 -43.25 62.71
CA GLY I 238 8.80 -41.90 62.26
C GLY I 238 9.81 -41.84 61.11
N GLY I 239 10.82 -42.72 61.15
CA GLY I 239 11.76 -42.93 60.03
C GLY I 239 11.06 -43.19 58.70
N GLY I 240 10.11 -44.10 58.73
CA GLY I 240 9.30 -44.45 57.57
C GLY I 240 8.33 -43.32 57.17
N VAL I 241 7.67 -42.73 58.19
CA VAL I 241 6.69 -41.69 57.94
C VAL I 241 7.33 -40.48 57.24
N VAL I 242 8.36 -39.96 57.89
CA VAL I 242 9.00 -38.72 57.49
C VAL I 242 9.40 -38.80 56.01
N TYR I 243 9.93 -40.00 55.63
CA TYR I 243 10.43 -40.23 54.29
C TYR I 243 9.37 -39.90 53.23
N LEU I 244 8.13 -40.44 53.40
CA LEU I 244 7.12 -40.24 52.37
C LEU I 244 6.77 -38.76 52.23
N CYS I 245 6.59 -38.09 53.38
CA CYS I 245 6.33 -36.66 53.43
C CYS I 245 7.32 -35.81 52.61
N SER I 246 8.55 -36.33 52.37
CA SER I 246 9.63 -35.54 51.80
C SER I 246 9.50 -35.40 50.29
N ASP I 247 10.53 -34.83 49.66
CA ASP I 247 10.68 -34.81 48.22
C ASP I 247 11.32 -36.14 47.72
N ALA I 248 11.99 -36.88 48.61
CA ALA I 248 12.69 -38.07 48.23
C ALA I 248 11.72 -39.21 47.95
N ALA I 249 10.40 -38.96 48.15
CA ALA I 249 9.37 -39.96 47.93
C ALA I 249 8.35 -39.49 46.88
N SER I 250 8.87 -38.85 45.82
CA SER I 250 8.02 -38.15 44.86
C SER I 250 7.35 -39.15 43.91
N PHE I 251 8.19 -39.92 43.20
CA PHE I 251 7.73 -40.98 42.29
C PHE I 251 7.28 -42.19 43.14
N VAL I 252 6.74 -41.86 44.33
CA VAL I 252 6.19 -42.87 45.20
C VAL I 252 4.80 -42.41 45.57
N THR I 253 3.82 -42.96 44.85
CA THR I 253 2.42 -42.61 45.08
C THR I 253 1.58 -43.89 45.05
N CYS I 254 0.56 -43.93 45.94
CA CYS I 254 -0.32 -45.08 46.06
C CYS I 254 0.41 -46.27 46.69
N THR I 255 1.61 -46.03 47.21
CA THR I 255 2.53 -47.10 47.56
C THR I 255 2.13 -47.77 48.86
N GLU I 256 2.55 -49.03 49.05
CA GLU I 256 2.28 -49.78 50.29
C GLU I 256 3.47 -49.71 51.23
N PHE I 257 3.51 -48.68 52.07
CA PHE I 257 4.71 -48.35 52.85
C PHE I 257 4.70 -49.17 54.12
N VAL I 258 5.18 -50.42 54.01
CA VAL I 258 5.09 -51.43 55.05
C VAL I 258 6.36 -51.38 55.91
N MET I 259 6.17 -51.46 57.23
CA MET I 259 7.23 -51.38 58.22
C MET I 259 6.89 -52.30 59.41
N ASP I 260 7.31 -53.56 59.29
CA ASP I 260 6.76 -54.63 60.12
C ASP I 260 7.83 -55.54 60.66
N GLY I 261 9.10 -55.35 60.29
CA GLY I 261 10.14 -56.32 60.63
C GLY I 261 9.87 -57.71 60.01
N GLY I 262 9.12 -57.73 58.91
CA GLY I 262 9.00 -58.89 58.07
C GLY I 262 7.66 -59.58 58.17
N PHE I 263 6.93 -59.38 59.28
CA PHE I 263 5.68 -60.06 59.59
C PHE I 263 4.83 -60.47 58.38
N SER I 264 4.59 -59.50 57.48
CA SER I 264 3.75 -59.70 56.34
C SER I 264 4.47 -60.08 55.10
N GLN I 265 5.63 -59.50 54.87
CA GLN I 265 6.39 -59.70 53.61
C GLN I 265 6.78 -61.14 53.46
N VAL I 266 6.40 -61.95 54.45
CA VAL I 266 6.17 -63.37 54.29
C VAL I 266 4.84 -63.79 54.96
N ALA J 11 -19.77 34.14 -48.97
CA ALA J 11 -19.12 32.84 -48.73
C ALA J 11 -18.85 32.63 -47.23
N LEU J 12 -19.31 31.50 -46.72
CA LEU J 12 -18.96 30.98 -45.42
C LEU J 12 -19.15 29.45 -45.46
N ASN J 13 -18.77 28.81 -46.59
CA ASN J 13 -19.01 27.40 -46.79
C ASN J 13 -18.11 26.57 -45.86
N ASN J 14 -18.73 25.60 -45.16
CA ASN J 14 -17.95 24.68 -44.32
C ASN J 14 -17.47 25.43 -43.08
N VAL J 15 -18.02 26.61 -42.78
CA VAL J 15 -17.73 27.35 -41.59
C VAL J 15 -18.69 26.82 -40.53
N VAL J 16 -18.20 26.74 -39.33
CA VAL J 16 -19.06 26.45 -38.19
C VAL J 16 -18.93 27.64 -37.26
N ALA J 17 -20.06 28.30 -36.96
CA ALA J 17 -20.03 29.58 -36.31
C ALA J 17 -20.93 29.60 -35.06
N VAL J 18 -20.41 30.30 -34.02
CA VAL J 18 -21.12 30.41 -32.76
C VAL J 18 -21.54 31.86 -32.58
N VAL J 19 -22.85 32.11 -32.62
CA VAL J 19 -23.38 33.47 -32.59
C VAL J 19 -24.13 33.66 -31.29
N THR J 20 -23.74 34.68 -30.56
CA THR J 20 -24.25 34.86 -29.20
C THR J 20 -25.24 36.00 -29.19
N GLY J 21 -26.07 36.00 -28.16
CA GLY J 21 -27.27 36.87 -28.06
C GLY J 21 -28.16 36.83 -29.32
N ALA J 22 -28.23 35.64 -29.91
CA ALA J 22 -28.71 35.48 -31.28
C ALA J 22 -30.25 35.44 -31.31
N ALA J 23 -30.90 35.38 -30.13
CA ALA J 23 -32.33 35.25 -29.99
C ALA J 23 -32.95 36.61 -29.59
N GLY J 24 -32.16 37.69 -29.61
CA GLY J 24 -32.66 39.04 -29.43
C GLY J 24 -32.95 39.71 -30.79
N GLY J 25 -32.69 41.05 -30.88
CA GLY J 25 -32.81 41.76 -32.13
C GLY J 25 -31.85 41.31 -33.26
N ILE J 26 -30.64 41.88 -33.24
CA ILE J 26 -29.75 41.82 -34.40
C ILE J 26 -29.18 40.40 -34.56
N GLY J 27 -29.17 39.63 -33.46
CA GLY J 27 -28.73 38.23 -33.48
C GLY J 27 -29.45 37.41 -34.55
N ARG J 28 -30.79 37.30 -34.42
CA ARG J 28 -31.60 36.42 -35.24
C ARG J 28 -31.39 36.67 -36.73
N GLU J 29 -30.80 37.83 -37.07
CA GLU J 29 -30.70 38.32 -38.43
C GLU J 29 -29.32 38.08 -39.05
N LEU J 30 -28.28 38.09 -38.19
CA LEU J 30 -26.97 37.62 -38.57
C LEU J 30 -27.06 36.12 -38.80
N VAL J 31 -27.78 35.41 -37.88
CA VAL J 31 -28.01 33.98 -37.97
C VAL J 31 -28.61 33.63 -39.34
N LYS J 32 -29.78 34.23 -39.69
CA LYS J 32 -30.43 33.95 -40.97
C LYS J 32 -29.46 34.17 -42.12
N ALA J 33 -28.72 35.31 -42.03
CA ALA J 33 -27.89 35.80 -43.11
C ALA J 33 -26.67 34.91 -43.40
N MET J 34 -26.42 33.95 -42.51
CA MET J 34 -25.25 33.11 -42.58
C MET J 34 -25.59 31.76 -43.19
N LYS J 35 -26.86 31.27 -43.05
CA LYS J 35 -27.28 30.09 -43.74
C LYS J 35 -27.34 30.37 -45.23
N ALA J 36 -27.67 31.62 -45.59
CA ALA J 36 -27.75 31.94 -47.01
C ALA J 36 -26.35 32.20 -47.52
N ALA J 37 -25.42 32.47 -46.57
CA ALA J 37 -23.99 32.49 -46.86
C ALA J 37 -23.40 31.08 -46.84
N ASN J 38 -24.07 30.18 -46.16
CA ASN J 38 -23.97 28.72 -46.34
C ASN J 38 -22.95 28.25 -45.36
N ALA J 39 -23.18 28.57 -44.05
CA ALA J 39 -22.39 28.06 -42.96
C ALA J 39 -23.27 27.42 -41.93
N ILE J 40 -22.64 26.76 -40.95
CA ILE J 40 -23.27 25.99 -39.89
C ILE J 40 -23.38 26.77 -38.57
N VAL J 41 -24.59 26.87 -37.99
CA VAL J 41 -24.83 27.82 -36.91
C VAL J 41 -25.10 27.15 -35.55
N ILE J 42 -24.24 27.45 -34.59
CA ILE J 42 -24.58 27.36 -33.17
C ILE J 42 -25.10 28.74 -32.75
N ALA J 43 -26.41 28.96 -32.85
CA ALA J 43 -27.04 30.15 -32.29
C ALA J 43 -27.31 29.96 -30.80
N THR J 44 -27.16 31.02 -29.99
CA THR J 44 -27.34 30.99 -28.54
C THR J 44 -27.93 32.30 -27.97
N ASP J 45 -28.44 32.22 -26.75
CA ASP J 45 -29.04 33.29 -25.98
C ASP J 45 -29.48 32.69 -24.62
N MET J 46 -30.01 33.54 -23.67
CA MET J 46 -30.29 33.13 -22.30
C MET J 46 -31.69 32.52 -22.16
N ALA J 47 -32.55 32.64 -23.19
CA ALA J 47 -33.83 31.94 -23.18
C ALA J 47 -33.62 30.42 -23.29
N PRO J 48 -34.31 29.58 -22.47
CA PRO J 48 -34.03 28.16 -22.38
C PRO J 48 -34.18 27.36 -23.68
N SER J 49 -35.21 27.66 -24.46
CA SER J 49 -35.33 27.11 -25.80
C SER J 49 -35.66 28.24 -26.80
N ALA J 50 -35.44 27.97 -28.07
CA ALA J 50 -35.72 28.93 -29.09
C ALA J 50 -35.70 28.24 -30.46
N ASP J 51 -36.60 28.69 -31.34
CA ASP J 51 -36.42 28.67 -32.77
C ASP J 51 -35.70 30.00 -33.04
N VAL J 52 -34.45 29.90 -33.54
CA VAL J 52 -33.75 31.08 -34.02
C VAL J 52 -33.46 30.77 -35.47
N GLU J 53 -34.55 30.95 -36.25
CA GLU J 53 -34.57 30.78 -37.70
C GLU J 53 -33.16 30.93 -38.22
N GLY J 54 -32.57 29.82 -38.66
CA GLY J 54 -31.28 29.82 -39.36
C GLY J 54 -30.17 29.07 -38.59
N ALA J 55 -30.56 28.62 -37.37
CA ALA J 55 -29.68 27.86 -36.52
C ALA J 55 -29.55 26.42 -37.06
N ASP J 56 -28.38 25.85 -36.89
CA ASP J 56 -28.21 24.40 -36.93
C ASP J 56 -28.48 23.89 -35.52
N HIS J 57 -28.22 24.67 -34.47
CA HIS J 57 -28.44 24.24 -33.10
C HIS J 57 -28.81 25.43 -32.23
N TYR J 58 -29.42 25.21 -31.09
CA TYR J 58 -29.62 26.20 -30.07
C TYR J 58 -29.10 25.70 -28.74
N LEU J 59 -28.52 26.61 -27.95
CA LEU J 59 -28.10 26.37 -26.58
C LEU J 59 -28.39 27.65 -25.82
N GLN J 60 -28.96 27.48 -24.61
CA GLN J 60 -29.01 28.58 -23.66
C GLN J 60 -27.56 29.01 -23.35
N HIS J 61 -27.44 30.25 -22.90
CA HIS J 61 -26.12 30.76 -22.59
C HIS J 61 -26.20 32.04 -21.77
N ASP J 62 -25.88 31.96 -20.49
CA ASP J 62 -25.43 33.13 -19.77
C ASP J 62 -23.98 33.34 -20.12
N VAL J 63 -23.71 34.34 -20.97
CA VAL J 63 -22.35 34.62 -21.46
C VAL J 63 -21.45 35.03 -20.28
N THR J 64 -22.05 35.56 -19.21
CA THR J 64 -21.34 35.91 -17.98
C THR J 64 -20.72 34.66 -17.36
N SER J 65 -21.50 33.58 -17.37
CA SER J 65 -21.06 32.24 -17.00
C SER J 65 -19.89 31.79 -17.88
N GLU J 66 -18.86 31.27 -17.22
CA GLU J 66 -17.77 30.52 -17.86
C GLU J 66 -18.30 29.18 -18.38
N ALA J 67 -18.99 28.46 -17.46
CA ALA J 67 -19.51 27.13 -17.69
C ALA J 67 -20.26 27.05 -19.02
N GLY J 68 -21.03 28.11 -19.27
CA GLY J 68 -21.86 28.18 -20.46
C GLY J 68 -21.05 28.14 -21.75
N TRP J 69 -19.94 28.89 -21.75
CA TRP J 69 -19.02 28.92 -22.87
C TRP J 69 -18.41 27.54 -23.12
N LYS J 70 -18.25 26.76 -22.02
CA LYS J 70 -17.70 25.43 -22.06
C LYS J 70 -18.76 24.39 -22.43
N ALA J 71 -20.00 24.63 -22.01
CA ALA J 71 -21.16 23.85 -22.45
C ALA J 71 -21.33 23.93 -23.98
N VAL J 72 -21.03 25.12 -24.50
CA VAL J 72 -21.04 25.39 -25.92
C VAL J 72 -19.85 24.71 -26.56
N ALA J 73 -18.68 24.98 -25.95
CA ALA J 73 -17.38 24.50 -26.44
C ALA J 73 -17.35 22.98 -26.59
N ALA J 74 -17.87 22.30 -25.55
CA ALA J 74 -18.00 20.86 -25.57
C ALA J 74 -18.84 20.38 -26.77
N LEU J 75 -19.93 21.11 -27.02
CA LEU J 75 -20.96 20.66 -27.93
C LEU J 75 -20.42 20.67 -29.36
N ALA J 76 -19.80 21.79 -29.76
CA ALA J 76 -19.21 21.86 -31.11
C ALA J 76 -18.15 20.75 -31.25
N GLN J 77 -17.44 20.51 -30.14
CA GLN J 77 -16.34 19.58 -30.06
C GLN J 77 -16.72 18.18 -30.59
N GLU J 78 -17.85 17.66 -30.09
CA GLU J 78 -18.42 16.42 -30.65
C GLU J 78 -18.85 16.66 -32.09
N LYS J 79 -19.38 17.90 -32.31
CA LYS J 79 -20.16 18.19 -33.48
C LYS J 79 -19.27 18.47 -34.65
N TYR J 80 -18.20 19.21 -34.47
CA TYR J 80 -17.37 19.67 -35.60
C TYR J 80 -15.92 19.76 -35.18
N GLY J 81 -15.64 20.04 -33.89
CA GLY J 81 -14.28 19.98 -33.35
C GLY J 81 -13.39 21.06 -33.95
N ARG J 82 -13.99 22.20 -34.16
CA ARG J 82 -13.36 23.46 -34.56
C ARG J 82 -14.30 24.59 -34.17
N VAL J 83 -13.95 25.79 -34.58
CA VAL J 83 -14.88 26.91 -34.68
C VAL J 83 -14.32 27.76 -35.78
N ASP J 84 -15.09 27.99 -36.86
CA ASP J 84 -14.62 28.78 -37.99
C ASP J 84 -15.02 30.26 -37.90
N ALA J 85 -15.90 30.57 -36.95
CA ALA J 85 -16.27 31.94 -36.66
C ALA J 85 -16.83 32.01 -35.23
N LEU J 86 -16.38 33.05 -34.49
CA LEU J 86 -17.09 33.39 -33.26
C LEU J 86 -17.68 34.81 -33.41
N VAL J 87 -19.05 34.90 -33.43
CA VAL J 87 -19.73 36.16 -33.43
C VAL J 87 -20.36 36.37 -32.07
N HIS J 88 -19.68 37.22 -31.28
CA HIS J 88 -20.11 37.65 -29.99
C HIS J 88 -21.16 38.70 -30.27
N ASN J 89 -22.28 38.67 -29.63
CA ASN J 89 -23.35 39.63 -29.90
C ASN J 89 -24.26 39.77 -28.74
N ALA J 90 -24.03 39.04 -27.65
CA ALA J 90 -24.61 39.33 -26.33
C ALA J 90 -24.28 40.77 -25.91
N GLY J 91 -25.25 41.47 -25.34
CA GLY J 91 -25.12 42.86 -24.95
C GLY J 91 -26.37 43.40 -24.26
N ILE J 92 -26.18 44.20 -23.21
CA ILE J 92 -27.21 44.93 -22.49
C ILE J 92 -27.03 46.41 -22.78
N SER J 93 -27.88 47.29 -22.22
CA SER J 93 -27.79 48.71 -22.51
C SER J 93 -28.54 49.55 -21.50
N ILE J 94 -27.86 50.54 -20.95
CA ILE J 94 -28.38 51.47 -19.96
C ILE J 94 -28.19 52.90 -20.47
N VAL J 95 -29.25 53.63 -20.36
CA VAL J 95 -29.28 55.07 -20.52
C VAL J 95 -29.43 55.65 -19.14
N THR J 96 -28.50 56.52 -18.70
CA THR J 96 -28.49 56.95 -17.30
C THR J 96 -27.59 58.17 -17.06
N LYS J 97 -28.08 59.04 -16.14
CA LYS J 97 -27.24 60.11 -15.57
C LYS J 97 -26.05 59.51 -14.82
N PHE J 98 -24.84 59.99 -15.10
CA PHE J 98 -23.63 59.40 -14.55
C PHE J 98 -23.61 59.51 -13.03
N GLU J 99 -24.04 60.63 -12.46
CA GLU J 99 -23.79 60.96 -11.07
C GLU J 99 -24.70 60.13 -10.14
N ASP J 100 -25.72 59.41 -10.65
CA ASP J 100 -26.42 58.45 -9.82
C ASP J 100 -25.92 57.00 -10.01
N THR J 101 -25.17 56.77 -11.12
CA THR J 101 -24.74 55.46 -11.54
C THR J 101 -23.98 54.73 -10.43
N PRO J 102 -24.57 53.67 -9.87
CA PRO J 102 -23.83 52.79 -8.96
C PRO J 102 -22.83 51.96 -9.78
N LEU J 103 -21.80 51.49 -9.09
CA LEU J 103 -20.64 50.93 -9.75
C LEU J 103 -20.98 49.55 -10.28
N SER J 104 -21.92 48.84 -9.61
CA SER J 104 -22.28 47.51 -10.06
C SER J 104 -22.99 47.58 -11.41
N ASP J 105 -23.74 48.66 -11.63
CA ASP J 105 -24.43 48.96 -12.88
C ASP J 105 -23.38 49.11 -13.98
N PHE J 106 -22.29 49.79 -13.63
CA PHE J 106 -21.20 50.06 -14.54
C PHE J 106 -20.46 48.76 -14.90
N HIS J 107 -20.33 47.85 -13.90
CA HIS J 107 -19.65 46.58 -14.03
C HIS J 107 -20.48 45.53 -14.80
N ARG J 108 -21.76 45.33 -14.41
CA ARG J 108 -22.58 44.27 -14.95
C ARG J 108 -22.77 44.41 -16.46
N VAL J 109 -22.50 45.57 -17.01
CA VAL J 109 -22.37 45.81 -18.46
C VAL J 109 -21.02 45.35 -19.00
N ASN J 110 -19.91 45.89 -18.42
CA ASN J 110 -18.57 45.43 -18.72
C ASN J 110 -18.46 43.92 -18.48
N THR J 111 -19.23 43.41 -17.51
CA THR J 111 -19.44 41.98 -17.31
C THR J 111 -19.92 41.36 -18.61
N VAL J 112 -21.01 41.93 -19.16
CA VAL J 112 -21.74 41.32 -20.29
C VAL J 112 -21.23 41.79 -21.64
N ASN J 113 -20.47 42.87 -21.73
CA ASN J 113 -20.05 43.44 -22.98
C ASN J 113 -18.58 43.14 -23.23
N VAL J 114 -17.78 42.89 -22.18
CA VAL J 114 -16.32 42.75 -22.28
C VAL J 114 -15.96 41.38 -21.70
N ASP J 115 -16.34 41.16 -20.39
CA ASP J 115 -15.90 39.98 -19.65
C ASP J 115 -16.41 38.72 -20.36
N SER J 116 -17.72 38.75 -20.63
CA SER J 116 -18.40 37.84 -21.58
C SER J 116 -17.47 37.36 -22.66
N ILE J 117 -16.73 38.30 -23.28
CA ILE J 117 -15.90 38.10 -24.47
C ILE J 117 -14.57 37.44 -24.09
N ILE J 118 -13.98 37.98 -23.00
CA ILE J 118 -12.78 37.42 -22.39
C ILE J 118 -12.92 35.93 -22.20
N ILE J 119 -13.88 35.55 -21.33
CA ILE J 119 -14.32 34.16 -21.15
C ILE J 119 -14.46 33.51 -22.55
N GLY J 120 -15.44 33.95 -23.32
CA GLY J 120 -15.77 33.39 -24.59
C GLY J 120 -14.54 32.93 -25.38
N THR J 121 -13.62 33.89 -25.63
CA THR J 121 -12.55 33.57 -26.56
C THR J 121 -11.60 32.57 -25.87
N GLN J 122 -11.32 32.81 -24.58
CA GLN J 122 -10.41 31.91 -23.85
C GLN J 122 -10.97 30.47 -23.79
N VAL J 123 -12.26 30.35 -23.41
CA VAL J 123 -12.94 29.07 -23.37
C VAL J 123 -12.91 28.45 -24.78
N LEU J 124 -13.18 29.26 -25.82
CA LEU J 124 -13.32 28.73 -27.16
C LEU J 124 -11.99 28.83 -27.92
N LEU J 125 -10.89 29.21 -27.24
CA LEU J 125 -9.64 29.44 -27.93
C LEU J 125 -9.22 28.17 -28.71
N PRO J 126 -9.24 26.98 -28.07
CA PRO J 126 -8.79 25.75 -28.72
C PRO J 126 -9.43 25.47 -30.06
N LEU J 127 -10.75 25.51 -30.09
CA LEU J 127 -11.51 25.01 -31.27
C LEU J 127 -11.40 26.01 -32.40
N LEU J 128 -11.13 27.30 -32.08
CA LEU J 128 -10.93 28.31 -33.11
C LEU J 128 -9.61 28.01 -33.85
N LYS J 129 -8.57 27.58 -33.10
CA LYS J 129 -7.26 27.33 -33.67
C LYS J 129 -7.32 26.25 -34.75
N GLU J 130 -8.29 25.35 -34.70
CA GLU J 130 -8.53 24.40 -35.78
C GLU J 130 -9.16 25.12 -36.97
N GLY J 131 -10.04 26.10 -36.68
CA GLY J 131 -10.67 26.92 -37.68
C GLY J 131 -9.70 27.95 -38.28
N GLY J 132 -8.60 28.17 -37.55
CA GLY J 132 -7.46 28.90 -38.11
C GLY J 132 -6.66 28.06 -39.11
N LYS J 133 -6.76 26.73 -38.98
CA LYS J 133 -6.12 25.80 -39.91
C LYS J 133 -7.07 25.44 -41.06
N ALA J 134 -8.30 25.04 -40.75
CA ALA J 134 -9.23 24.54 -41.74
C ALA J 134 -9.45 25.52 -42.89
N ARG J 135 -9.17 26.83 -42.59
CA ARG J 135 -9.26 27.89 -43.59
C ARG J 135 -7.95 28.66 -43.60
N ALA J 136 -7.73 29.42 -44.68
CA ALA J 136 -6.46 30.06 -44.99
C ALA J 136 -6.40 31.44 -44.34
N GLY J 137 -7.39 32.31 -44.58
CA GLY J 137 -7.46 33.61 -43.93
C GLY J 137 -7.59 33.48 -42.40
N GLY J 138 -8.15 32.34 -41.97
CA GLY J 138 -8.32 32.03 -40.58
C GLY J 138 -9.78 32.01 -40.18
N ALA J 139 -10.03 31.80 -38.87
CA ALA J 139 -11.31 31.99 -38.25
C ALA J 139 -11.33 33.40 -37.67
N SER J 140 -12.45 34.15 -37.89
CA SER J 140 -12.61 35.50 -37.39
C SER J 140 -13.49 35.56 -36.15
N VAL J 141 -13.15 36.50 -35.25
CA VAL J 141 -13.92 36.82 -34.07
C VAL J 141 -14.42 38.25 -34.19
N VAL J 142 -15.76 38.40 -34.16
CA VAL J 142 -16.42 39.69 -34.27
C VAL J 142 -17.14 39.98 -32.98
N ASN J 143 -16.77 41.09 -32.33
CA ASN J 143 -17.37 41.48 -31.04
C ASN J 143 -18.00 42.86 -31.19
N PHE J 144 -19.28 42.96 -30.87
CA PHE J 144 -20.02 44.20 -31.10
C PHE J 144 -19.48 45.34 -30.24
N SER J 145 -18.84 46.34 -30.85
CA SER J 145 -18.61 47.59 -30.16
C SER J 145 -19.88 48.44 -30.15
N SER J 146 -19.74 49.76 -30.37
CA SER J 146 -20.88 50.60 -30.70
C SER J 146 -20.39 51.94 -31.19
N VAL J 147 -21.24 52.65 -31.96
CA VAL J 147 -20.98 54.06 -32.24
C VAL J 147 -20.95 54.84 -30.91
N ALA J 148 -21.44 54.20 -29.85
CA ALA J 148 -21.12 54.60 -28.50
C ALA J 148 -19.66 54.32 -28.23
N GLY J 149 -19.18 53.13 -28.65
CA GLY J 149 -17.77 52.77 -28.54
C GLY J 149 -16.83 53.62 -29.42
N LEU J 150 -17.44 54.34 -30.37
CA LEU J 150 -16.75 55.26 -31.23
C LEU J 150 -16.75 56.71 -30.69
N ARG J 151 -17.92 57.34 -30.76
CA ARG J 151 -18.15 58.66 -30.21
C ARG J 151 -19.18 58.47 -29.09
N GLY J 152 -19.02 59.28 -28.07
CA GLY J 152 -19.62 59.05 -26.75
C GLY J 152 -20.61 60.17 -26.48
N ALA J 153 -21.57 59.88 -25.58
CA ALA J 153 -22.76 60.66 -25.39
C ALA J 153 -23.16 60.59 -23.93
N ALA J 154 -24.21 61.35 -23.59
CA ALA J 154 -24.65 61.42 -22.20
C ALA J 154 -25.69 60.35 -21.92
N PHE J 155 -25.91 60.08 -20.65
CA PHE J 155 -26.84 59.04 -20.21
C PHE J 155 -26.50 57.74 -20.97
N ASN J 156 -25.22 57.54 -21.25
CA ASN J 156 -24.73 56.27 -21.76
C ASN J 156 -23.53 55.83 -20.91
N ALA J 157 -23.58 56.14 -19.59
CA ALA J 157 -22.32 56.49 -18.89
C ALA J 157 -21.39 55.31 -18.86
N ALA J 158 -21.96 54.10 -18.76
CA ALA J 158 -21.23 52.85 -18.79
C ALA J 158 -21.45 52.10 -20.12
N TYR J 159 -22.39 52.53 -20.99
CA TYR J 159 -22.62 51.89 -22.25
C TYR J 159 -21.47 52.12 -23.24
N CYS J 160 -21.19 53.40 -23.53
CA CYS J 160 -20.08 53.77 -24.40
C CYS J 160 -18.75 53.19 -23.89
N THR J 161 -18.51 53.36 -22.59
CA THR J 161 -17.23 52.94 -22.04
C THR J 161 -17.24 51.42 -21.94
N SER J 162 -18.35 50.71 -22.24
CA SER J 162 -18.37 49.27 -22.31
C SER J 162 -18.50 48.76 -23.76
N LYS J 163 -18.88 49.60 -24.73
CA LYS J 163 -18.77 49.25 -26.11
C LYS J 163 -17.50 49.79 -26.76
N ALA J 164 -16.68 50.53 -25.98
CA ALA J 164 -15.40 51.05 -26.45
C ALA J 164 -14.23 50.15 -25.99
N ALA J 165 -14.44 49.49 -24.85
CA ALA J 165 -13.56 48.44 -24.38
C ALA J 165 -13.49 47.30 -25.40
N VAL J 166 -14.66 46.81 -25.77
CA VAL J 166 -14.82 45.85 -26.83
C VAL J 166 -14.08 46.33 -28.09
N LYS J 167 -14.29 47.59 -28.52
CA LYS J 167 -13.46 48.17 -29.56
C LYS J 167 -12.00 47.75 -29.36
N MET J 168 -11.48 48.14 -28.19
CA MET J 168 -10.02 48.12 -27.94
C MET J 168 -9.57 46.70 -27.61
N LEU J 169 -10.47 45.90 -27.07
CA LEU J 169 -10.17 44.47 -26.84
C LEU J 169 -9.99 43.80 -28.23
N SER J 170 -11.04 43.92 -29.06
CA SER J 170 -11.02 43.31 -30.39
C SER J 170 -9.72 43.70 -31.11
N LYS J 171 -9.08 44.76 -30.61
CA LYS J 171 -7.85 45.26 -31.17
C LYS J 171 -6.78 44.27 -30.78
N CYS J 172 -6.63 44.09 -29.46
CA CYS J 172 -5.39 43.48 -28.91
C CYS J 172 -5.32 42.02 -29.33
N LEU J 173 -6.41 41.29 -29.17
CA LEU J 173 -6.52 39.89 -29.57
C LEU J 173 -5.89 39.71 -30.93
N GLY J 174 -6.44 40.46 -31.88
CA GLY J 174 -5.93 40.48 -33.27
C GLY J 174 -4.40 40.65 -33.32
N ALA J 175 -3.96 41.64 -32.54
CA ALA J 175 -2.53 41.94 -32.48
C ALA J 175 -1.79 40.76 -31.89
N GLU J 176 -2.25 40.35 -30.68
CA GLU J 176 -1.59 39.25 -29.99
C GLU J 176 -1.70 37.95 -30.80
N PHE J 177 -2.93 37.48 -31.04
CA PHE J 177 -3.14 36.16 -31.58
C PHE J 177 -2.36 36.01 -32.91
N ALA J 178 -2.32 37.11 -33.68
CA ALA J 178 -1.73 37.01 -35.00
C ALA J 178 -0.22 36.83 -34.86
N ALA J 179 0.37 37.61 -33.93
CA ALA J 179 1.83 37.59 -33.77
C ALA J 179 2.22 36.19 -33.26
N LEU J 180 1.29 35.56 -32.49
CA LEU J 180 1.56 34.34 -31.77
C LEU J 180 1.67 33.10 -32.69
N GLY J 181 0.79 33.07 -33.66
CA GLY J 181 0.85 31.99 -34.66
C GLY J 181 -0.51 31.36 -34.90
N TYR J 182 -1.46 31.61 -33.99
CA TYR J 182 -2.87 31.29 -34.20
C TYR J 182 -3.17 31.81 -35.59
N ASN J 183 -4.16 31.25 -36.25
CA ASN J 183 -4.72 31.96 -37.40
C ASN J 183 -6.14 32.38 -37.07
N ILE J 184 -6.29 33.50 -36.36
CA ILE J 184 -7.55 33.97 -35.80
C ILE J 184 -7.57 35.49 -35.95
N ARG J 185 -8.57 35.98 -36.71
CA ARG J 185 -8.76 37.40 -36.93
C ARG J 185 -9.79 38.00 -35.97
N VAL J 186 -9.61 39.25 -35.58
CA VAL J 186 -10.40 39.84 -34.49
C VAL J 186 -10.78 41.28 -34.79
N ASN J 187 -12.05 41.65 -34.70
CA ASN J 187 -12.57 42.95 -35.09
C ASN J 187 -13.77 43.30 -34.20
N SER J 188 -14.01 44.62 -34.07
CA SER J 188 -15.23 45.12 -33.45
C SER J 188 -16.23 45.56 -34.52
N VAL J 189 -17.43 45.80 -34.08
CA VAL J 189 -18.49 46.25 -34.98
C VAL J 189 -19.31 47.35 -34.27
N HIS J 190 -19.57 48.42 -35.06
CA HIS J 190 -20.16 49.64 -34.53
C HIS J 190 -21.37 49.89 -35.43
N PRO J 191 -22.57 49.33 -35.11
CA PRO J 191 -23.82 49.77 -35.72
C PRO J 191 -24.17 51.17 -35.25
N GLY J 192 -24.90 51.95 -36.06
CA GLY J 192 -25.50 53.20 -35.63
C GLY J 192 -26.75 52.97 -34.75
N GLY J 193 -27.56 53.98 -34.54
CA GLY J 193 -28.92 53.83 -34.05
C GLY J 193 -29.74 52.75 -34.76
N ILE J 194 -29.77 51.51 -34.20
CA ILE J 194 -30.45 50.38 -34.79
C ILE J 194 -31.82 50.22 -34.17
N ASP J 195 -32.82 50.07 -35.05
CA ASP J 195 -34.23 49.97 -34.66
C ASP J 195 -34.59 48.58 -34.17
N THR J 196 -33.97 48.16 -33.07
CA THR J 196 -34.29 46.93 -32.35
C THR J 196 -35.43 47.25 -31.38
N PRO J 197 -36.29 46.25 -31.04
CA PRO J 197 -37.16 46.40 -29.86
C PRO J 197 -36.41 46.81 -28.58
N MET J 198 -35.18 46.34 -28.36
CA MET J 198 -34.42 46.74 -27.17
C MET J 198 -34.00 48.21 -27.21
N LEU J 199 -33.76 48.78 -28.40
CA LEU J 199 -33.49 50.19 -28.60
C LEU J 199 -34.80 50.99 -28.47
N GLY J 200 -35.95 50.26 -28.60
CA GLY J 200 -37.24 50.86 -28.68
C GLY J 200 -37.63 51.57 -27.40
N SER J 201 -37.34 50.95 -26.23
CA SER J 201 -37.66 51.57 -24.93
C SER J 201 -36.42 52.19 -24.29
N LEU J 202 -35.24 52.08 -24.95
CA LEU J 202 -34.04 52.81 -24.59
C LEU J 202 -34.25 54.33 -24.73
N MET J 203 -35.40 54.73 -25.27
CA MET J 203 -35.79 56.11 -25.43
C MET J 203 -36.81 56.52 -24.38
N ASP J 204 -37.67 55.57 -24.00
CA ASP J 204 -38.61 55.76 -22.91
C ASP J 204 -37.86 56.04 -21.62
N LYS J 205 -36.66 55.46 -21.54
CA LYS J 205 -35.62 55.87 -20.56
C LYS J 205 -35.35 57.35 -20.72
N TYR J 206 -35.06 57.80 -21.97
CA TYR J 206 -34.83 59.20 -22.24
C TYR J 206 -35.97 59.99 -21.57
N VAL J 207 -37.20 59.55 -21.87
CA VAL J 207 -38.36 60.33 -21.53
C VAL J 207 -38.31 60.63 -20.02
N GLU J 208 -38.10 59.57 -19.20
CA GLU J 208 -38.33 59.64 -17.76
C GLU J 208 -37.27 60.47 -17.05
N LEU J 209 -36.15 60.85 -17.75
CA LEU J 209 -35.00 61.36 -17.08
C LEU J 209 -34.73 62.83 -17.40
N GLY J 210 -35.72 63.51 -18.00
CA GLY J 210 -35.63 64.92 -18.35
C GLY J 210 -34.74 65.22 -19.58
N ALA J 211 -34.53 64.18 -20.42
CA ALA J 211 -33.80 64.32 -21.64
C ALA J 211 -34.76 64.78 -22.75
N ALA J 212 -35.75 63.92 -22.99
CA ALA J 212 -36.82 64.25 -23.92
C ALA J 212 -38.13 64.43 -23.13
N PRO J 213 -38.75 65.63 -23.14
CA PRO J 213 -40.12 65.76 -22.63
C PRO J 213 -41.21 64.98 -23.39
N SER J 214 -40.92 64.31 -24.48
CA SER J 214 -41.77 63.28 -25.05
C SER J 214 -40.94 62.26 -25.84
N ARG J 215 -41.60 61.32 -26.52
CA ARG J 215 -40.88 60.31 -27.29
C ARG J 215 -40.54 60.87 -28.68
N GLU J 216 -41.31 61.85 -29.14
CA GLU J 216 -41.34 62.25 -30.55
C GLU J 216 -40.08 63.01 -31.02
N VAL J 217 -39.66 64.01 -30.23
CA VAL J 217 -38.38 64.70 -30.43
C VAL J 217 -37.21 63.76 -30.11
N ALA J 218 -37.49 62.71 -29.35
CA ALA J 218 -36.48 61.80 -28.87
C ALA J 218 -35.88 61.00 -30.01
N GLN J 219 -36.59 60.93 -31.16
CA GLN J 219 -36.20 60.01 -32.22
C GLN J 219 -35.83 60.76 -33.48
N ALA J 220 -36.65 61.73 -33.85
CA ALA J 220 -36.39 62.60 -34.98
C ALA J 220 -34.92 63.13 -34.88
N ALA J 221 -34.54 63.53 -33.64
CA ALA J 221 -33.18 63.94 -33.40
C ALA J 221 -32.28 62.74 -33.69
N MET J 222 -32.61 61.62 -33.04
CA MET J 222 -31.87 60.37 -33.23
C MET J 222 -31.69 59.99 -34.69
N GLU J 223 -32.63 60.37 -35.53
CA GLU J 223 -32.55 60.07 -36.96
C GLU J 223 -31.96 61.23 -37.76
N MET J 224 -31.95 62.41 -37.10
CA MET J 224 -31.26 63.58 -37.68
C MET J 224 -29.77 63.55 -37.37
N ARG J 225 -29.34 62.70 -36.45
CA ARG J 225 -27.93 62.40 -36.18
C ARG J 225 -27.33 61.59 -37.33
N HIS J 226 -28.21 60.77 -37.95
CA HIS J 226 -27.84 59.97 -39.11
C HIS J 226 -28.03 60.71 -40.45
N PRO J 227 -26.92 61.01 -41.17
CA PRO J 227 -26.99 61.77 -42.43
C PRO J 227 -27.98 61.19 -43.43
N ILE J 228 -27.99 59.85 -43.44
CA ILE J 228 -28.89 59.04 -44.23
C ILE J 228 -30.31 59.41 -43.91
N GLY J 229 -30.53 59.95 -42.68
CA GLY J 229 -31.82 60.54 -42.30
C GLY J 229 -32.70 59.40 -41.82
N ARG J 230 -32.02 58.38 -41.26
CA ARG J 230 -32.70 57.32 -40.54
C ARG J 230 -31.67 56.46 -39.81
N MET J 231 -32.18 55.51 -39.07
CA MET J 231 -31.52 54.42 -38.40
C MET J 231 -31.23 53.27 -39.37
N GLY J 232 -30.82 52.11 -38.82
CA GLY J 232 -30.66 50.91 -39.62
C GLY J 232 -31.68 49.84 -39.32
N ARG J 233 -31.87 48.94 -40.29
CA ARG J 233 -32.79 47.80 -40.18
C ARG J 233 -32.02 46.53 -39.74
N PRO J 234 -32.67 45.57 -39.04
CA PRO J 234 -31.97 44.50 -38.37
C PRO J 234 -31.18 43.61 -39.32
N ALA J 235 -31.68 43.47 -40.54
CA ALA J 235 -31.02 42.68 -41.57
C ALA J 235 -29.87 43.43 -42.21
N GLU J 236 -29.72 44.75 -41.90
CA GLU J 236 -28.74 45.62 -42.55
C GLU J 236 -27.37 45.46 -41.95
N MET J 237 -27.35 45.05 -40.69
CA MET J 237 -26.15 44.61 -39.98
C MET J 237 -25.67 43.25 -40.52
N GLY J 238 -26.45 42.62 -41.43
CA GLY J 238 -26.18 41.29 -41.92
C GLY J 238 -24.88 41.26 -42.70
N GLY J 239 -24.97 41.55 -44.01
CA GLY J 239 -23.91 41.31 -44.99
C GLY J 239 -22.49 41.72 -44.54
N GLY J 240 -22.45 42.76 -43.67
CA GLY J 240 -21.20 43.21 -43.09
C GLY J 240 -20.51 42.06 -42.35
N VAL J 241 -21.28 41.47 -41.41
CA VAL J 241 -20.80 40.29 -40.69
C VAL J 241 -20.54 39.15 -41.67
N VAL J 242 -21.53 38.93 -42.52
CA VAL J 242 -21.46 37.89 -43.54
C VAL J 242 -20.13 37.96 -44.26
N TYR J 243 -19.64 39.17 -44.52
CA TYR J 243 -18.29 39.35 -45.04
C TYR J 243 -17.27 38.90 -44.00
N LEU J 244 -17.36 39.48 -42.80
CA LEU J 244 -16.25 39.49 -41.82
C LEU J 244 -15.60 38.10 -41.64
N CYS J 245 -16.49 37.11 -41.56
CA CYS J 245 -16.13 35.76 -41.14
C CYS J 245 -15.47 35.04 -42.31
N SER J 246 -15.84 35.41 -43.53
CA SER J 246 -15.33 34.74 -44.73
C SER J 246 -13.86 35.11 -44.94
N ASP J 247 -13.18 34.29 -45.72
CA ASP J 247 -11.74 34.45 -45.92
C ASP J 247 -11.50 35.53 -46.99
N ALA J 248 -12.53 36.29 -47.39
CA ALA J 248 -12.31 37.48 -48.21
C ALA J 248 -11.79 38.63 -47.34
N ALA J 249 -12.11 38.56 -46.04
CA ALA J 249 -11.59 39.49 -45.06
C ALA J 249 -10.31 38.94 -44.45
N SER J 250 -9.46 38.38 -45.33
CA SER J 250 -8.24 37.69 -44.91
C SER J 250 -7.13 38.70 -44.69
N PHE J 251 -7.37 39.97 -45.01
CA PHE J 251 -6.47 41.05 -44.63
C PHE J 251 -7.08 41.88 -43.50
N VAL J 252 -8.22 41.43 -42.94
CA VAL J 252 -9.07 42.28 -42.12
C VAL J 252 -9.01 41.74 -40.70
N THR J 253 -8.03 42.25 -39.97
CA THR J 253 -7.94 41.99 -38.53
C THR J 253 -7.58 43.30 -37.78
N CYS J 254 -7.99 43.37 -36.52
CA CYS J 254 -7.87 44.56 -35.64
C CYS J 254 -8.91 45.66 -35.97
N THR J 255 -9.65 45.45 -37.04
CA THR J 255 -10.20 46.53 -37.85
C THR J 255 -11.34 47.26 -37.12
N GLU J 256 -11.69 48.42 -37.65
CA GLU J 256 -12.89 49.18 -37.31
C GLU J 256 -13.87 49.10 -38.49
N PHE J 257 -14.67 48.04 -38.49
CA PHE J 257 -15.76 47.89 -39.41
C PHE J 257 -16.95 48.68 -38.89
N VAL J 258 -17.35 49.70 -39.69
CA VAL J 258 -18.33 50.67 -39.27
C VAL J 258 -19.55 50.55 -40.13
N MET J 259 -20.76 50.54 -39.45
CA MET J 259 -22.07 50.38 -40.13
C MET J 259 -23.14 51.25 -39.48
N ASP J 260 -23.03 52.58 -39.63
CA ASP J 260 -23.94 53.52 -38.97
C ASP J 260 -24.73 54.33 -40.00
N GLY J 261 -24.29 54.42 -41.22
CA GLY J 261 -24.92 55.31 -42.18
C GLY J 261 -24.51 56.77 -41.89
N GLY J 262 -23.32 56.95 -41.35
CA GLY J 262 -22.68 58.25 -41.20
C GLY J 262 -22.59 58.59 -39.73
N PHE J 263 -23.66 58.30 -38.98
CA PHE J 263 -23.88 58.84 -37.65
C PHE J 263 -22.64 59.57 -37.18
N SER J 264 -21.59 58.76 -36.93
CA SER J 264 -20.43 59.27 -36.21
C SER J 264 -19.54 59.97 -37.20
N GLN J 265 -19.35 59.30 -38.33
CA GLN J 265 -18.26 59.59 -39.25
C GLN J 265 -18.03 61.07 -39.48
N VAL J 266 -19.08 61.82 -39.66
CA VAL J 266 -19.07 63.17 -40.16
C VAL J 266 -19.67 64.09 -39.11
N ALA K 11 -19.49 -82.00 41.91
CA ALA K 11 -20.02 -82.95 42.94
C ALA K 11 -20.56 -82.14 44.13
N LEU K 12 -21.31 -81.11 43.74
CA LEU K 12 -22.00 -80.20 44.64
C LEU K 12 -23.37 -80.77 45.02
N ASN K 13 -23.36 -81.90 45.68
CA ASN K 13 -24.60 -82.65 45.90
C ASN K 13 -25.00 -82.44 47.36
N ASN K 14 -26.29 -82.22 47.58
CA ASN K 14 -26.94 -82.23 48.89
C ASN K 14 -26.80 -80.89 49.59
N VAL K 15 -26.50 -79.86 48.80
CA VAL K 15 -26.22 -78.51 49.23
C VAL K 15 -27.53 -77.71 49.41
N VAL K 16 -27.60 -77.04 50.57
CA VAL K 16 -28.58 -75.98 50.76
C VAL K 16 -27.90 -74.63 50.54
N ALA K 17 -28.25 -73.96 49.44
CA ALA K 17 -27.50 -72.82 48.96
C ALA K 17 -28.29 -71.53 49.11
N VAL K 18 -27.63 -70.38 49.03
CA VAL K 18 -28.20 -69.06 48.94
C VAL K 18 -27.33 -68.25 47.98
N VAL K 19 -27.98 -67.34 47.22
CA VAL K 19 -27.29 -66.43 46.30
C VAL K 19 -28.04 -65.13 46.24
N THR K 20 -27.56 -64.09 46.92
CA THR K 20 -28.18 -62.77 46.85
C THR K 20 -27.95 -62.16 45.48
N GLY K 21 -28.61 -61.06 45.18
CA GLY K 21 -28.51 -60.39 43.89
C GLY K 21 -28.75 -61.36 42.71
N ALA K 22 -29.99 -61.91 42.67
CA ALA K 22 -30.32 -63.10 41.88
C ALA K 22 -30.90 -62.77 40.50
N ALA K 23 -31.72 -61.72 40.42
CA ALA K 23 -32.19 -61.21 39.12
C ALA K 23 -31.01 -60.70 38.30
N GLY K 24 -29.79 -60.74 38.88
CA GLY K 24 -28.66 -60.04 38.33
C GLY K 24 -27.95 -60.84 37.24
N GLY K 25 -27.14 -60.11 36.45
CA GLY K 25 -26.51 -60.67 35.24
C GLY K 25 -25.60 -61.83 35.61
N ILE K 26 -24.87 -61.59 36.74
CA ILE K 26 -23.98 -62.56 37.34
C ILE K 26 -24.80 -63.47 38.24
N GLY K 27 -25.92 -63.00 38.74
CA GLY K 27 -26.74 -63.74 39.69
C GLY K 27 -27.24 -65.06 39.08
N ARG K 28 -27.66 -65.09 37.79
CA ARG K 28 -28.38 -66.19 37.19
C ARG K 28 -27.40 -67.23 36.63
N GLU K 29 -26.43 -66.81 35.82
CA GLU K 29 -25.43 -67.70 35.20
C GLU K 29 -24.66 -68.47 36.27
N LEU K 30 -24.69 -67.97 37.52
CA LEU K 30 -24.20 -68.65 38.70
C LEU K 30 -25.27 -69.62 39.16
N VAL K 31 -26.54 -69.16 39.20
CA VAL K 31 -27.66 -70.00 39.59
C VAL K 31 -27.65 -71.28 38.73
N LYS K 32 -27.64 -71.11 37.41
CA LYS K 32 -27.53 -72.25 36.50
C LYS K 32 -26.32 -73.09 36.85
N ALA K 33 -25.22 -72.41 37.28
CA ALA K 33 -23.94 -73.02 37.51
C ALA K 33 -23.88 -73.76 38.88
N MET K 34 -24.58 -73.25 39.87
CA MET K 34 -24.73 -73.93 41.13
C MET K 34 -25.87 -74.97 41.09
N LYS K 35 -26.66 -74.95 39.97
CA LYS K 35 -27.74 -75.88 39.75
C LYS K 35 -27.25 -77.08 39.00
N ALA K 36 -26.45 -76.86 37.99
CA ALA K 36 -25.92 -77.94 37.17
C ALA K 36 -24.91 -78.73 37.96
N ALA K 37 -24.42 -78.14 39.05
CA ALA K 37 -23.51 -78.82 39.97
C ALA K 37 -24.29 -79.67 40.98
N ASN K 38 -25.62 -79.63 40.91
CA ASN K 38 -26.53 -80.64 41.47
C ASN K 38 -26.92 -80.30 42.90
N ALA K 39 -27.43 -79.08 43.10
CA ALA K 39 -27.74 -78.55 44.41
C ALA K 39 -29.09 -77.85 44.40
N ILE K 40 -29.64 -77.60 45.59
CA ILE K 40 -30.84 -76.78 45.74
C ILE K 40 -30.37 -75.34 45.91
N VAL K 41 -31.00 -74.39 45.19
CA VAL K 41 -30.56 -72.98 45.20
C VAL K 41 -31.72 -72.08 45.65
N ILE K 42 -31.53 -71.42 46.79
CA ILE K 42 -32.40 -70.34 47.24
C ILE K 42 -31.79 -69.03 46.73
N ALA K 43 -32.64 -68.04 46.46
CA ALA K 43 -32.24 -66.76 45.92
C ALA K 43 -32.87 -65.63 46.75
N THR K 44 -32.20 -64.46 46.73
CA THR K 44 -32.79 -63.22 47.21
C THR K 44 -32.43 -62.07 46.27
N ASP K 45 -33.33 -61.07 46.22
CA ASP K 45 -33.24 -59.97 45.29
C ASP K 45 -34.26 -58.91 45.72
N MET K 46 -33.91 -57.58 45.70
CA MET K 46 -34.77 -56.61 46.36
C MET K 46 -36.15 -56.51 45.73
N ALA K 47 -36.27 -56.97 44.48
CA ALA K 47 -37.56 -57.06 43.82
C ALA K 47 -38.46 -57.98 44.64
N PRO K 48 -39.81 -57.75 44.64
CA PRO K 48 -40.76 -58.68 45.23
C PRO K 48 -40.75 -60.06 44.57
N SER K 49 -40.46 -60.08 43.25
CA SER K 49 -40.17 -61.32 42.52
C SER K 49 -39.25 -61.03 41.35
N ALA K 50 -38.63 -62.03 40.65
CA ALA K 50 -37.71 -61.70 39.57
C ALA K 50 -37.49 -62.83 38.58
N ASP K 51 -36.77 -62.46 37.51
CA ASP K 51 -36.45 -63.32 36.37
C ASP K 51 -35.32 -64.31 36.72
N VAL K 52 -35.69 -65.35 37.52
CA VAL K 52 -34.64 -66.16 38.14
C VAL K 52 -34.89 -67.62 37.91
N GLU K 53 -34.28 -68.22 36.89
CA GLU K 53 -34.23 -69.64 36.61
C GLU K 53 -33.51 -70.34 37.75
N GLY K 54 -33.65 -71.72 37.77
CA GLY K 54 -32.80 -72.66 38.48
C GLY K 54 -32.94 -72.50 40.00
N ALA K 55 -33.42 -71.31 40.42
CA ALA K 55 -33.36 -70.94 41.83
C ALA K 55 -34.64 -71.46 42.46
N ASP K 56 -34.56 -72.67 43.08
CA ASP K 56 -35.74 -73.21 43.75
C ASP K 56 -36.50 -72.05 44.38
N HIS K 57 -35.89 -71.44 45.45
CA HIS K 57 -36.55 -70.40 46.23
C HIS K 57 -36.04 -68.99 45.80
N TYR K 58 -36.75 -67.98 46.28
CA TYR K 58 -36.48 -66.59 45.92
C TYR K 58 -37.24 -65.67 46.86
N LEU K 59 -36.52 -64.85 47.66
CA LEU K 59 -37.19 -63.99 48.63
C LEU K 59 -36.87 -62.54 48.32
N GLN K 60 -37.84 -61.65 48.45
CA GLN K 60 -37.56 -60.25 48.45
C GLN K 60 -36.81 -60.00 49.72
N HIS K 61 -35.49 -59.74 49.59
CA HIS K 61 -34.66 -59.53 50.77
C HIS K 61 -33.68 -58.37 50.50
N ASP K 62 -33.85 -57.28 51.24
CA ASP K 62 -32.93 -56.17 51.27
C ASP K 62 -31.71 -56.62 52.05
N VAL K 63 -30.58 -56.85 51.33
CA VAL K 63 -29.35 -57.43 51.91
C VAL K 63 -28.70 -56.49 52.94
N THR K 64 -29.33 -55.36 53.21
CA THR K 64 -29.05 -54.51 54.36
C THR K 64 -30.04 -54.89 55.46
N SER K 65 -31.36 -55.03 55.10
CA SER K 65 -32.41 -55.29 56.03
C SER K 65 -32.08 -56.47 56.94
N GLU K 66 -32.02 -56.17 58.25
CA GLU K 66 -31.71 -57.19 59.26
C GLU K 66 -32.79 -58.26 59.27
N ALA K 67 -34.06 -57.80 59.39
CA ALA K 67 -35.25 -58.63 59.25
C ALA K 67 -35.19 -59.42 57.95
N GLY K 68 -34.84 -58.67 56.88
CA GLY K 68 -34.70 -59.27 55.57
C GLY K 68 -33.98 -60.61 55.67
N TRP K 69 -32.78 -60.60 56.31
CA TRP K 69 -31.94 -61.79 56.35
C TRP K 69 -32.56 -62.91 57.22
N LYS K 70 -33.10 -62.49 58.37
CA LYS K 70 -33.81 -63.38 59.28
C LYS K 70 -34.83 -64.19 58.46
N ALA K 71 -35.34 -63.58 57.37
CA ALA K 71 -36.46 -64.07 56.60
C ALA K 71 -36.06 -65.27 55.76
N VAL K 72 -34.88 -65.17 55.16
CA VAL K 72 -34.36 -66.18 54.27
C VAL K 72 -33.91 -67.33 55.17
N ALA K 73 -33.16 -66.99 56.23
CA ALA K 73 -32.42 -67.93 57.04
C ALA K 73 -33.31 -68.98 57.68
N ALA K 74 -34.38 -68.47 58.27
CA ALA K 74 -35.34 -69.29 59.00
C ALA K 74 -36.15 -70.14 58.03
N LEU K 75 -36.44 -69.64 56.81
CA LEU K 75 -37.12 -70.38 55.78
C LEU K 75 -36.30 -71.62 55.42
N ALA K 76 -34.98 -71.44 55.37
CA ALA K 76 -34.06 -72.49 55.05
C ALA K 76 -33.90 -73.41 56.26
N GLN K 77 -33.89 -72.82 57.46
CA GLN K 77 -33.71 -73.53 58.72
C GLN K 77 -34.85 -74.53 58.95
N GLU K 78 -36.03 -74.22 58.38
CA GLU K 78 -37.27 -74.95 58.58
C GLU K 78 -37.50 -75.98 57.48
N LYS K 79 -36.98 -75.74 56.27
CA LYS K 79 -37.07 -76.69 55.17
C LYS K 79 -36.14 -77.90 55.42
N TYR K 80 -34.88 -77.59 55.77
CA TYR K 80 -33.81 -78.58 55.76
C TYR K 80 -33.12 -78.60 57.12
N GLY K 81 -32.70 -77.42 57.53
CA GLY K 81 -31.99 -77.27 58.80
C GLY K 81 -30.48 -77.12 58.62
N ARG K 82 -30.03 -76.98 57.36
CA ARG K 82 -28.62 -76.83 57.03
C ARG K 82 -28.42 -75.76 55.95
N VAL K 83 -27.33 -74.97 56.05
CA VAL K 83 -27.02 -73.98 55.06
C VAL K 83 -25.54 -74.13 54.75
N ASP K 84 -25.28 -74.55 53.49
CA ASP K 84 -23.99 -75.02 53.06
C ASP K 84 -23.32 -73.89 52.30
N ALA K 85 -23.97 -73.49 51.21
CA ALA K 85 -23.51 -72.32 50.49
C ALA K 85 -24.23 -71.08 51.09
N LEU K 86 -23.52 -69.96 51.04
CA LEU K 86 -24.12 -68.65 51.03
C LEU K 86 -23.31 -67.79 50.05
N VAL K 87 -23.92 -67.44 48.92
CA VAL K 87 -23.30 -66.56 47.94
C VAL K 87 -23.89 -65.16 48.11
N HIS K 88 -23.18 -64.33 48.91
CA HIS K 88 -23.36 -62.91 48.96
C HIS K 88 -23.06 -62.30 47.60
N ASN K 89 -24.12 -61.98 46.82
CA ASN K 89 -23.93 -61.50 45.45
C ASN K 89 -24.79 -60.30 45.16
N ALA K 90 -25.32 -59.65 46.19
CA ALA K 90 -25.95 -58.34 46.05
C ALA K 90 -24.88 -57.28 46.32
N GLY K 91 -25.07 -56.09 45.76
CA GLY K 91 -24.22 -54.94 45.89
C GLY K 91 -24.71 -53.80 45.01
N ILE K 92 -24.10 -52.59 45.11
CA ILE K 92 -24.19 -51.56 44.07
C ILE K 92 -22.79 -51.04 43.74
N SER K 93 -22.69 -50.06 42.84
CA SER K 93 -21.42 -49.58 42.30
C SER K 93 -21.55 -48.10 41.94
N ILE K 94 -20.56 -47.27 42.23
CA ILE K 94 -20.62 -45.80 42.17
C ILE K 94 -19.26 -45.24 41.69
N VAL K 95 -19.30 -44.49 40.58
CA VAL K 95 -18.21 -43.66 40.10
C VAL K 95 -18.43 -42.23 40.53
N THR K 96 -17.40 -41.56 40.99
CA THR K 96 -17.56 -40.26 41.66
C THR K 96 -16.23 -39.59 41.97
N LYS K 97 -16.07 -38.34 41.50
CA LYS K 97 -15.07 -37.38 41.97
C LYS K 97 -15.08 -37.29 43.49
N PHE K 98 -13.96 -37.70 44.10
CA PHE K 98 -13.93 -37.88 45.54
C PHE K 98 -14.41 -36.57 46.19
N GLU K 99 -14.00 -35.42 45.58
CA GLU K 99 -14.21 -34.12 46.20
C GLU K 99 -15.61 -33.61 45.94
N ASP K 100 -16.50 -34.41 45.42
CA ASP K 100 -17.91 -34.07 45.24
C ASP K 100 -18.80 -35.20 45.77
N THR K 101 -18.18 -36.26 46.31
CA THR K 101 -18.87 -37.45 46.80
C THR K 101 -19.41 -37.14 48.19
N PRO K 102 -20.74 -37.37 48.44
CA PRO K 102 -21.26 -37.39 49.80
C PRO K 102 -20.67 -38.56 50.58
N LEU K 103 -20.19 -38.22 51.82
CA LEU K 103 -19.76 -39.23 52.75
C LEU K 103 -20.99 -40.06 53.19
N SER K 104 -22.13 -39.39 53.26
CA SER K 104 -23.39 -40.09 53.35
C SER K 104 -23.41 -41.15 52.27
N ASP K 105 -23.11 -40.77 51.02
CA ASP K 105 -23.28 -41.65 49.86
C ASP K 105 -22.22 -42.72 49.86
N PHE K 106 -21.00 -42.36 50.30
CA PHE K 106 -19.96 -43.33 50.62
C PHE K 106 -20.51 -44.48 51.50
N HIS K 107 -21.29 -44.14 52.54
CA HIS K 107 -21.86 -45.11 53.47
C HIS K 107 -22.83 -46.02 52.74
N ARG K 108 -23.58 -45.43 51.80
CA ARG K 108 -24.56 -46.16 51.02
C ARG K 108 -23.90 -47.34 50.31
N VAL K 109 -22.76 -47.10 49.70
CA VAL K 109 -22.02 -48.14 49.01
C VAL K 109 -21.56 -49.18 50.03
N ASN K 110 -21.11 -48.74 51.19
CA ASN K 110 -20.63 -49.62 52.22
C ASN K 110 -21.77 -50.58 52.57
N THR K 111 -22.96 -50.01 52.74
CA THR K 111 -24.11 -50.69 53.34
C THR K 111 -24.57 -51.86 52.46
N VAL K 112 -24.34 -51.71 51.14
CA VAL K 112 -24.76 -52.65 50.11
C VAL K 112 -23.74 -53.77 49.91
N ASN K 113 -22.47 -53.48 50.07
CA ASN K 113 -21.37 -54.39 49.72
C ASN K 113 -20.70 -54.99 50.94
N VAL K 114 -20.63 -54.24 52.02
CA VAL K 114 -19.83 -54.64 53.19
C VAL K 114 -20.77 -55.13 54.33
N ASP K 115 -21.59 -54.19 54.88
CA ASP K 115 -22.50 -54.53 55.97
C ASP K 115 -23.32 -55.75 55.59
N SER K 116 -23.71 -55.80 54.31
CA SER K 116 -24.52 -56.88 53.76
C SER K 116 -24.00 -58.29 54.16
N ILE K 117 -22.69 -58.36 54.47
CA ILE K 117 -22.04 -59.59 54.85
C ILE K 117 -22.11 -59.71 56.37
N ILE K 118 -21.88 -58.63 57.10
CA ILE K 118 -21.83 -58.61 58.54
C ILE K 118 -23.13 -59.22 59.03
N ILE K 119 -24.26 -58.63 58.64
CA ILE K 119 -25.58 -59.04 59.11
C ILE K 119 -25.91 -60.45 58.63
N GLY K 120 -25.96 -60.57 57.32
CA GLY K 120 -26.34 -61.79 56.63
C GLY K 120 -25.67 -63.02 57.17
N THR K 121 -24.33 -63.00 57.23
CA THR K 121 -23.55 -64.12 57.72
C THR K 121 -23.91 -64.33 59.21
N GLN K 122 -24.09 -63.21 59.96
CA GLN K 122 -24.40 -63.34 61.35
C GLN K 122 -25.80 -63.90 61.55
N VAL K 123 -26.63 -63.88 60.47
CA VAL K 123 -27.97 -64.44 60.48
C VAL K 123 -27.92 -65.90 60.07
N LEU K 124 -27.02 -66.25 59.17
CA LEU K 124 -26.93 -67.62 58.66
C LEU K 124 -25.90 -68.41 59.43
N LEU K 125 -25.18 -67.79 60.39
CA LEU K 125 -24.01 -68.42 60.98
C LEU K 125 -24.36 -69.68 61.74
N PRO K 126 -25.33 -69.67 62.72
CA PRO K 126 -25.80 -70.92 63.34
C PRO K 126 -26.69 -71.80 62.44
N LEU K 127 -26.66 -71.57 61.10
CA LEU K 127 -26.96 -72.59 60.11
C LEU K 127 -25.71 -72.97 59.31
N LEU K 128 -24.87 -71.99 59.03
CA LEU K 128 -23.56 -72.23 58.45
C LEU K 128 -22.74 -73.14 59.36
N LYS K 129 -23.09 -73.16 60.65
CA LYS K 129 -22.55 -74.12 61.60
C LYS K 129 -23.16 -75.49 61.33
N GLU K 130 -24.45 -75.54 60.98
CA GLU K 130 -25.14 -76.77 60.61
C GLU K 130 -24.56 -77.32 59.30
N GLY K 131 -24.32 -76.44 58.34
CA GLY K 131 -23.65 -76.78 57.10
C GLY K 131 -22.23 -77.31 57.34
N GLY K 132 -21.58 -76.79 58.40
CA GLY K 132 -20.26 -77.25 58.79
C GLY K 132 -20.31 -78.68 59.37
N LYS K 133 -21.51 -79.20 59.64
CA LYS K 133 -21.72 -80.49 60.24
C LYS K 133 -22.12 -81.50 59.16
N ALA K 134 -22.27 -81.05 57.91
CA ALA K 134 -22.84 -81.84 56.85
C ALA K 134 -21.93 -81.84 55.61
N ARG K 135 -20.62 -81.54 55.78
CA ARG K 135 -19.71 -81.66 54.65
C ARG K 135 -18.26 -81.75 55.11
N ALA K 136 -17.56 -82.87 54.79
CA ALA K 136 -16.15 -83.06 55.09
C ALA K 136 -15.31 -82.04 54.31
N GLY K 137 -15.68 -81.78 53.03
CA GLY K 137 -15.17 -80.61 52.33
C GLY K 137 -15.54 -79.28 53.02
N GLY K 138 -16.60 -79.30 53.82
CA GLY K 138 -17.02 -78.17 54.62
C GLY K 138 -17.86 -77.18 53.83
N ALA K 139 -18.66 -76.37 54.54
CA ALA K 139 -19.44 -75.29 53.96
C ALA K 139 -18.55 -74.17 53.46
N SER K 140 -19.09 -73.26 52.69
CA SER K 140 -18.29 -72.32 51.89
C SER K 140 -18.96 -70.95 51.87
N VAL K 141 -18.15 -69.90 51.92
CA VAL K 141 -18.59 -68.52 51.86
C VAL K 141 -17.76 -67.77 50.81
N VAL K 142 -18.43 -66.85 50.15
CA VAL K 142 -17.96 -66.11 49.00
C VAL K 142 -18.54 -64.72 49.09
N ASN K 143 -17.72 -63.69 48.94
CA ASN K 143 -18.09 -62.29 49.02
C ASN K 143 -17.52 -61.55 47.81
N PHE K 144 -18.38 -60.99 46.98
CA PHE K 144 -17.95 -60.59 45.64
C PHE K 144 -17.18 -59.31 45.71
N SER K 145 -15.91 -59.39 45.93
CA SER K 145 -15.01 -58.21 45.93
C SER K 145 -14.91 -57.64 44.53
N SER K 146 -13.73 -57.82 43.88
CA SER K 146 -13.53 -57.76 42.43
C SER K 146 -12.07 -57.49 42.14
N VAL K 147 -11.66 -57.27 40.89
CA VAL K 147 -10.36 -56.66 40.67
C VAL K 147 -10.43 -55.26 41.29
N ALA K 148 -11.64 -54.72 41.42
CA ALA K 148 -11.88 -53.50 42.14
C ALA K 148 -11.25 -53.55 43.54
N GLY K 149 -11.01 -54.74 44.06
CA GLY K 149 -10.58 -54.91 45.44
C GLY K 149 -9.21 -55.57 45.51
N LEU K 150 -8.44 -55.48 44.40
CA LEU K 150 -6.99 -55.68 44.45
C LEU K 150 -6.43 -54.30 44.36
N ARG K 151 -6.53 -53.71 43.18
CA ARG K 151 -5.99 -52.38 42.87
C ARG K 151 -7.16 -51.41 42.81
N GLY K 152 -6.87 -50.15 43.12
CA GLY K 152 -7.86 -49.10 43.11
C GLY K 152 -7.93 -48.35 41.76
N ALA K 153 -8.93 -47.43 41.70
CA ALA K 153 -9.12 -46.60 40.52
C ALA K 153 -9.57 -45.20 40.96
N ALA K 154 -9.32 -44.24 40.07
CA ALA K 154 -9.81 -42.89 40.18
C ALA K 154 -11.31 -42.88 39.89
N PHE K 155 -12.00 -41.99 40.66
CA PHE K 155 -13.45 -41.86 40.58
C PHE K 155 -14.11 -43.06 41.26
N ASN K 156 -13.43 -44.21 41.27
CA ASN K 156 -13.88 -45.42 41.94
C ASN K 156 -13.42 -45.47 43.40
N ALA K 157 -13.56 -44.35 44.09
CA ALA K 157 -13.10 -44.32 45.48
C ALA K 157 -14.05 -45.22 46.32
N ALA K 158 -15.31 -44.84 46.42
CA ALA K 158 -16.24 -45.39 47.37
C ALA K 158 -16.49 -46.86 47.06
N TYR K 159 -16.55 -47.24 45.75
CA TYR K 159 -16.77 -48.62 45.39
C TYR K 159 -15.66 -49.50 45.99
N CYS K 160 -14.42 -49.11 45.63
CA CYS K 160 -13.23 -49.75 46.17
C CYS K 160 -13.32 -50.06 47.69
N THR K 161 -13.53 -49.05 48.54
CA THR K 161 -13.41 -49.23 49.96
C THR K 161 -14.58 -50.08 50.46
N SER K 162 -15.38 -50.70 49.55
CA SER K 162 -16.32 -51.76 49.90
C SER K 162 -15.81 -53.13 49.45
N LYS K 163 -15.28 -53.15 48.24
CA LYS K 163 -14.72 -54.37 47.67
C LYS K 163 -13.39 -54.75 48.36
N ALA K 164 -12.56 -53.75 48.62
CA ALA K 164 -11.37 -53.83 49.47
C ALA K 164 -11.70 -53.89 50.98
N ALA K 165 -12.75 -53.22 51.40
CA ALA K 165 -13.43 -53.56 52.66
C ALA K 165 -13.88 -55.03 52.68
N VAL K 166 -14.56 -55.43 51.60
CA VAL K 166 -14.93 -56.81 51.40
C VAL K 166 -13.66 -57.65 51.61
N LYS K 167 -12.69 -57.37 50.77
CA LYS K 167 -11.49 -58.19 50.58
C LYS K 167 -10.96 -58.67 51.94
N MET K 168 -10.78 -57.73 52.89
CA MET K 168 -10.18 -58.07 54.16
C MET K 168 -11.17 -58.79 55.12
N LEU K 169 -12.49 -58.56 54.99
CA LEU K 169 -13.45 -59.17 55.90
C LEU K 169 -13.42 -60.67 55.67
N SER K 170 -13.25 -61.02 54.37
CA SER K 170 -13.18 -62.42 53.93
C SER K 170 -11.88 -63.10 54.34
N LYS K 171 -10.92 -62.37 54.92
CA LYS K 171 -9.70 -62.86 55.56
C LYS K 171 -9.75 -62.80 57.11
N CYS K 172 -10.82 -62.21 57.67
CA CYS K 172 -11.05 -62.13 59.07
C CYS K 172 -12.10 -63.15 59.49
N LEU K 173 -13.24 -63.22 58.76
CA LEU K 173 -14.27 -64.20 59.05
C LEU K 173 -13.80 -65.63 58.87
N GLY K 174 -13.10 -65.90 57.76
CA GLY K 174 -12.59 -67.23 57.47
C GLY K 174 -11.48 -67.66 58.45
N ALA K 175 -10.65 -66.70 58.85
CA ALA K 175 -9.56 -66.94 59.79
C ALA K 175 -10.08 -67.07 61.22
N GLU K 176 -11.21 -66.45 61.55
CA GLU K 176 -11.89 -66.65 62.82
C GLU K 176 -12.66 -67.98 62.79
N PHE K 177 -13.32 -68.30 61.67
CA PHE K 177 -14.13 -69.51 61.59
C PHE K 177 -13.20 -70.72 61.70
N ALA K 178 -12.08 -70.67 60.98
CA ALA K 178 -11.05 -71.71 61.07
C ALA K 178 -10.38 -71.76 62.46
N ALA K 179 -10.35 -70.58 63.11
CA ALA K 179 -9.84 -70.43 64.43
C ALA K 179 -10.76 -71.11 65.48
N LEU K 180 -12.08 -71.14 65.17
CA LEU K 180 -13.05 -71.53 66.15
C LEU K 180 -13.65 -72.87 65.77
N GLY K 181 -13.02 -73.58 64.83
CA GLY K 181 -13.45 -74.97 64.58
C GLY K 181 -14.68 -75.07 63.67
N TYR K 182 -15.29 -73.89 63.37
CA TYR K 182 -16.33 -73.80 62.39
C TYR K 182 -15.71 -74.24 61.05
N ASN K 183 -16.47 -75.10 60.37
CA ASN K 183 -15.97 -75.70 59.15
C ASN K 183 -16.41 -74.82 57.97
N ILE K 184 -16.06 -73.51 58.04
CA ILE K 184 -16.66 -72.53 57.16
C ILE K 184 -15.61 -71.91 56.26
N ARG K 185 -15.64 -72.25 54.99
CA ARG K 185 -14.65 -71.77 54.02
C ARG K 185 -15.12 -70.43 53.43
N VAL K 186 -14.32 -69.38 53.61
CA VAL K 186 -14.70 -68.03 53.24
C VAL K 186 -13.64 -67.47 52.29
N ASN K 187 -14.03 -67.17 51.09
CA ASN K 187 -13.19 -66.55 50.08
C ASN K 187 -13.90 -65.32 49.50
N SER K 188 -13.32 -64.66 48.52
CA SER K 188 -13.93 -63.51 47.93
C SER K 188 -13.63 -63.47 46.45
N VAL K 189 -14.64 -63.51 45.57
CA VAL K 189 -14.32 -63.64 44.16
C VAL K 189 -13.84 -62.28 43.71
N HIS K 190 -12.91 -62.30 42.74
CA HIS K 190 -12.36 -61.10 42.15
C HIS K 190 -12.63 -61.10 40.66
N PRO K 191 -13.86 -60.73 40.20
CA PRO K 191 -14.07 -60.44 38.77
C PRO K 191 -13.28 -59.26 38.25
N GLY K 192 -12.82 -59.32 37.01
CA GLY K 192 -12.24 -58.18 36.32
C GLY K 192 -13.30 -57.15 35.83
N GLY K 193 -13.21 -56.67 34.56
CA GLY K 193 -14.34 -56.10 33.88
C GLY K 193 -15.37 -57.14 33.36
N ILE K 194 -16.64 -56.83 33.55
CA ILE K 194 -17.74 -57.71 33.22
C ILE K 194 -18.79 -56.86 32.52
N ASP K 195 -19.52 -57.45 31.55
CA ASP K 195 -20.26 -56.74 30.49
C ASP K 195 -21.73 -56.83 30.84
N THR K 196 -22.21 -56.01 31.75
CA THR K 196 -23.53 -56.26 32.37
C THR K 196 -24.44 -55.10 31.98
N PRO K 197 -25.43 -54.71 32.80
CA PRO K 197 -25.96 -53.33 32.67
C PRO K 197 -25.11 -52.30 33.42
N MET K 198 -23.99 -52.71 34.05
CA MET K 198 -23.36 -51.97 35.13
C MET K 198 -22.22 -51.15 34.53
N LEU K 199 -21.13 -51.83 34.16
CA LEU K 199 -19.84 -51.19 33.87
C LEU K 199 -19.94 -50.44 32.54
N GLY K 200 -20.62 -51.06 31.57
CA GLY K 200 -20.95 -50.43 30.28
C GLY K 200 -21.41 -48.99 30.47
N SER K 201 -22.51 -48.81 31.19
CA SER K 201 -23.08 -47.46 31.35
C SER K 201 -22.34 -46.67 32.43
N LEU K 202 -21.59 -47.35 33.34
CA LEU K 202 -20.73 -46.62 34.27
C LEU K 202 -19.85 -45.64 33.49
N MET K 203 -19.63 -45.98 32.21
CA MET K 203 -18.69 -45.29 31.34
C MET K 203 -19.29 -43.98 30.84
N ASP K 204 -20.60 -43.93 30.76
CA ASP K 204 -21.33 -42.69 30.47
C ASP K 204 -21.09 -41.73 31.65
N LYS K 205 -20.87 -42.26 32.87
CA LYS K 205 -20.39 -41.46 33.98
C LYS K 205 -19.00 -40.95 33.62
N TYR K 206 -18.11 -41.86 33.30
CA TYR K 206 -16.73 -41.48 33.02
C TYR K 206 -16.72 -40.28 32.07
N VAL K 207 -17.68 -40.26 31.10
CA VAL K 207 -17.77 -39.18 30.14
C VAL K 207 -18.17 -37.88 30.83
N GLU K 208 -19.16 -37.94 31.74
CA GLU K 208 -19.95 -36.76 32.12
C GLU K 208 -19.03 -35.62 32.56
N LEU K 209 -17.99 -35.96 33.35
CA LEU K 209 -17.19 -34.94 33.98
C LEU K 209 -15.78 -34.95 33.38
N GLY K 210 -15.76 -34.87 32.04
CA GLY K 210 -14.57 -34.55 31.25
C GLY K 210 -13.44 -35.56 31.45
N ALA K 211 -13.78 -36.80 31.83
CA ALA K 211 -12.78 -37.83 32.07
C ALA K 211 -12.45 -38.53 30.75
N ALA K 212 -13.52 -38.95 30.04
CA ALA K 212 -13.37 -39.75 28.82
C ALA K 212 -14.33 -39.22 27.75
N PRO K 213 -13.92 -39.22 26.46
CA PRO K 213 -14.78 -38.77 25.36
C PRO K 213 -16.19 -39.40 25.34
N SER K 214 -16.26 -40.72 25.17
CA SER K 214 -17.52 -41.37 24.85
C SER K 214 -17.56 -42.76 25.45
N ARG K 215 -18.75 -43.37 25.37
CA ARG K 215 -19.02 -44.68 25.94
C ARG K 215 -18.18 -45.77 25.27
N GLU K 216 -17.65 -45.46 24.09
CA GLU K 216 -16.90 -46.39 23.25
C GLU K 216 -15.41 -46.34 23.52
N VAL K 217 -14.71 -45.25 23.17
CA VAL K 217 -13.28 -45.08 23.38
C VAL K 217 -13.07 -44.80 24.87
N ALA K 218 -13.38 -45.83 25.64
CA ALA K 218 -13.31 -45.88 27.11
C ALA K 218 -13.90 -47.21 27.59
N GLN K 219 -14.90 -47.74 26.87
CA GLN K 219 -15.20 -49.17 26.84
C GLN K 219 -14.03 -49.92 26.15
N ALA K 220 -13.36 -49.25 25.20
CA ALA K 220 -12.25 -49.83 24.49
C ALA K 220 -11.04 -49.95 25.41
N ALA K 221 -10.65 -48.81 26.00
CA ALA K 221 -9.52 -48.77 26.92
C ALA K 221 -9.72 -49.84 27.98
N MET K 222 -10.93 -49.81 28.59
CA MET K 222 -11.37 -50.77 29.58
C MET K 222 -10.81 -52.13 29.16
N GLU K 223 -11.11 -52.53 27.90
CA GLU K 223 -11.03 -53.93 27.50
C GLU K 223 -9.56 -54.28 27.41
N MET K 224 -8.79 -53.42 26.75
CA MET K 224 -7.43 -53.73 26.34
C MET K 224 -6.61 -54.14 27.56
N ARG K 225 -7.03 -53.67 28.77
CA ARG K 225 -6.20 -53.69 29.97
C ARG K 225 -6.12 -55.10 30.52
N HIS K 226 -7.26 -55.78 30.46
CA HIS K 226 -7.29 -57.22 30.70
C HIS K 226 -6.38 -57.85 29.62
N PRO K 227 -5.37 -58.69 30.03
CA PRO K 227 -4.65 -59.51 29.04
C PRO K 227 -5.55 -60.27 28.05
N ILE K 228 -6.63 -60.83 28.61
CA ILE K 228 -7.62 -61.61 27.90
C ILE K 228 -8.18 -60.78 26.74
N GLY K 229 -8.20 -59.45 26.91
CA GLY K 229 -8.46 -58.54 25.80
C GLY K 229 -9.97 -58.27 25.67
N ARG K 230 -10.59 -58.04 26.85
CA ARG K 230 -12.01 -57.77 26.82
C ARG K 230 -12.52 -57.58 28.23
N MET K 231 -13.84 -57.61 28.35
CA MET K 231 -14.49 -57.92 29.60
C MET K 231 -14.94 -59.37 29.60
N GLY K 232 -14.42 -60.15 30.59
CA GLY K 232 -14.93 -61.49 30.86
C GLY K 232 -16.45 -61.43 31.01
N ARG K 233 -17.16 -62.11 30.11
CA ARG K 233 -18.60 -62.11 30.16
C ARG K 233 -19.04 -62.79 31.47
N PRO K 234 -20.22 -62.43 31.98
CA PRO K 234 -20.61 -62.76 33.36
C PRO K 234 -20.73 -64.24 33.59
N ALA K 235 -21.19 -64.91 32.53
CA ALA K 235 -21.31 -66.35 32.44
C ALA K 235 -20.13 -67.10 33.08
N GLU K 236 -18.97 -66.43 33.06
CA GLU K 236 -17.67 -67.06 33.29
C GLU K 236 -17.35 -67.13 34.78
N MET K 237 -18.04 -66.33 35.59
CA MET K 237 -18.10 -66.44 37.03
C MET K 237 -18.41 -67.86 37.48
N GLY K 238 -19.20 -68.58 36.69
CA GLY K 238 -19.94 -69.75 37.08
C GLY K 238 -19.12 -70.79 37.85
N GLY K 239 -18.03 -71.23 37.22
CA GLY K 239 -17.33 -72.44 37.71
C GLY K 239 -16.74 -72.21 39.10
N GLY K 240 -15.96 -71.11 39.23
CA GLY K 240 -15.08 -70.91 40.38
C GLY K 240 -15.86 -70.76 41.68
N VAL K 241 -17.04 -70.10 41.54
CA VAL K 241 -17.96 -69.91 42.66
C VAL K 241 -18.40 -71.26 43.21
N VAL K 242 -18.94 -72.05 42.31
CA VAL K 242 -19.33 -73.43 42.53
C VAL K 242 -18.17 -74.22 43.08
N TYR K 243 -16.96 -73.93 42.58
CA TYR K 243 -15.72 -74.56 43.00
C TYR K 243 -15.46 -74.31 44.46
N LEU K 244 -15.72 -73.08 44.93
CA LEU K 244 -15.61 -72.75 46.35
C LEU K 244 -16.64 -73.58 47.12
N CYS K 245 -17.87 -73.58 46.63
CA CYS K 245 -18.98 -74.21 47.31
C CYS K 245 -18.83 -75.73 47.29
N SER K 246 -18.17 -76.31 46.28
CA SER K 246 -17.90 -77.72 46.26
C SER K 246 -16.81 -78.05 47.26
N ASP K 247 -16.79 -79.34 47.65
CA ASP K 247 -15.86 -79.81 48.66
C ASP K 247 -14.42 -79.70 48.13
N ALA K 248 -14.25 -79.66 46.79
CA ALA K 248 -12.94 -79.76 46.18
C ALA K 248 -12.02 -78.59 46.57
N ALA K 249 -12.66 -77.57 47.20
CA ALA K 249 -11.98 -76.50 47.92
C ALA K 249 -12.14 -76.71 49.43
N SER K 250 -11.60 -77.82 49.92
CA SER K 250 -11.72 -78.20 51.33
C SER K 250 -10.63 -77.53 52.18
N PHE K 251 -9.54 -77.19 51.49
CA PHE K 251 -8.35 -76.66 52.12
C PHE K 251 -8.11 -75.21 51.71
N VAL K 252 -9.22 -74.48 51.57
CA VAL K 252 -9.26 -73.17 50.90
C VAL K 252 -10.13 -72.23 51.75
N THR K 253 -9.53 -71.14 52.17
CA THR K 253 -10.21 -70.11 52.92
C THR K 253 -9.28 -68.88 52.94
N CYS K 254 -9.88 -67.69 53.15
CA CYS K 254 -9.22 -66.39 53.15
C CYS K 254 -8.75 -65.99 51.73
N THR K 255 -8.88 -66.92 50.75
CA THR K 255 -8.22 -66.81 49.49
C THR K 255 -8.87 -65.69 48.64
N GLU K 256 -8.08 -65.15 47.73
CA GLU K 256 -8.50 -64.23 46.68
C GLU K 256 -8.49 -65.03 45.37
N PHE K 257 -9.71 -65.36 44.91
CA PHE K 257 -9.85 -66.09 43.69
C PHE K 257 -10.00 -65.04 42.60
N VAL K 258 -8.97 -65.00 41.73
CA VAL K 258 -8.89 -63.97 40.71
C VAL K 258 -9.45 -64.55 39.41
N MET K 259 -10.67 -64.10 39.05
CA MET K 259 -11.28 -64.36 37.75
C MET K 259 -11.40 -63.04 36.94
N ASP K 260 -10.24 -62.56 36.46
CA ASP K 260 -10.11 -61.16 36.07
C ASP K 260 -9.47 -60.96 34.71
N GLY K 261 -9.39 -62.03 33.91
CA GLY K 261 -8.67 -62.05 32.65
C GLY K 261 -7.18 -61.72 32.82
N GLY K 262 -6.68 -61.75 34.06
CA GLY K 262 -5.35 -61.34 34.39
C GLY K 262 -5.21 -59.83 34.57
N PHE K 263 -6.20 -59.21 35.19
CA PHE K 263 -6.26 -57.75 35.27
C PHE K 263 -5.01 -57.17 35.93
N SER K 264 -4.91 -57.29 37.26
CA SER K 264 -3.91 -56.54 38.02
C SER K 264 -2.50 -57.14 37.84
N GLN K 265 -2.48 -58.41 37.46
CA GLN K 265 -1.26 -59.12 37.15
C GLN K 265 -0.50 -58.21 36.14
N VAL K 266 -1.15 -57.94 34.98
CA VAL K 266 -0.56 -57.06 34.02
C VAL K 266 -1.05 -55.68 34.32
N ALA L 11 -1.56 80.65 -16.27
CA ALA L 11 -2.42 81.15 -15.15
C ALA L 11 -3.05 79.91 -14.57
N LEU L 12 -2.50 79.38 -13.46
CA LEU L 12 -3.25 78.45 -12.65
C LEU L 12 -3.41 78.96 -11.22
N ASN L 13 -4.05 80.10 -11.10
CA ASN L 13 -4.24 80.76 -9.84
C ASN L 13 -5.67 80.57 -9.38
N ASN L 14 -5.86 80.33 -8.09
CA ASN L 14 -7.18 80.10 -7.51
C ASN L 14 -7.76 78.76 -7.95
N VAL L 15 -6.88 77.85 -8.41
CA VAL L 15 -7.32 76.59 -9.00
C VAL L 15 -6.72 75.48 -8.15
N VAL L 16 -7.61 74.82 -7.44
CA VAL L 16 -7.29 73.71 -6.56
C VAL L 16 -7.36 72.41 -7.38
N ALA L 17 -6.49 71.45 -7.12
CA ALA L 17 -6.39 70.22 -7.81
C ALA L 17 -6.18 69.04 -6.89
N VAL L 18 -6.63 67.86 -7.28
CA VAL L 18 -6.40 66.64 -6.55
C VAL L 18 -5.72 65.69 -7.54
N VAL L 19 -4.41 65.52 -7.29
CA VAL L 19 -3.55 64.70 -8.15
C VAL L 19 -3.48 63.32 -7.52
N THR L 20 -4.23 62.36 -8.11
CA THR L 20 -4.22 61.01 -7.57
C THR L 20 -3.15 60.20 -8.31
N GLY L 21 -2.55 59.25 -7.56
CA GLY L 21 -1.32 58.60 -8.02
C GLY L 21 -0.15 59.59 -8.15
N ALA L 22 0.10 60.39 -7.09
CA ALA L 22 1.07 61.48 -7.14
C ALA L 22 2.50 61.02 -6.75
N ALA L 23 2.74 59.68 -6.80
CA ALA L 23 3.90 59.09 -6.19
C ALA L 23 4.74 58.34 -7.18
N GLY L 24 4.28 58.24 -8.46
CA GLY L 24 5.14 57.64 -9.49
C GLY L 24 6.35 58.58 -9.75
N GLY L 25 7.01 58.41 -10.90
CA GLY L 25 7.72 59.50 -11.56
C GLY L 25 6.82 60.73 -11.78
N ILE L 26 5.86 60.57 -12.71
CA ILE L 26 5.05 61.68 -13.25
C ILE L 26 4.14 62.27 -12.16
N GLY L 27 3.44 61.36 -11.44
CA GLY L 27 2.59 61.76 -10.32
C GLY L 27 3.36 62.65 -9.32
N ARG L 28 4.65 62.27 -8.95
CA ARG L 28 5.49 63.19 -8.25
C ARG L 28 5.63 64.45 -9.12
N GLU L 29 6.07 64.28 -10.35
CA GLU L 29 6.38 65.38 -11.26
C GLU L 29 5.18 66.31 -11.49
N LEU L 30 3.98 65.76 -11.50
CA LEU L 30 2.77 66.53 -11.87
C LEU L 30 2.55 67.70 -10.90
N VAL L 31 2.89 67.43 -9.66
CA VAL L 31 2.60 68.31 -8.54
C VAL L 31 3.46 69.57 -8.66
N LYS L 32 4.79 69.40 -8.89
CA LYS L 32 5.71 70.50 -8.98
C LYS L 32 5.31 71.44 -10.13
N ALA L 33 4.94 70.84 -11.28
CA ALA L 33 4.47 71.57 -12.44
C ALA L 33 3.23 72.45 -12.15
N MET L 34 2.28 71.90 -11.40
CA MET L 34 1.07 72.64 -11.07
C MET L 34 1.38 73.76 -10.05
N LYS L 35 2.22 73.45 -9.04
CA LYS L 35 2.64 74.45 -8.05
C LYS L 35 3.46 75.57 -8.66
N ALA L 36 4.21 75.22 -9.74
CA ALA L 36 5.04 76.18 -10.44
C ALA L 36 4.19 77.28 -11.08
N ALA L 37 2.97 76.91 -11.46
CA ALA L 37 1.94 77.86 -11.88
C ALA L 37 1.12 78.27 -10.66
N ASN L 38 1.70 78.11 -9.45
CA ASN L 38 1.12 78.46 -8.19
C ASN L 38 -0.31 77.93 -8.09
N ALA L 39 -0.42 76.62 -8.27
CA ALA L 39 -1.73 75.95 -8.38
C ALA L 39 -1.90 74.98 -7.22
N ILE L 40 -3.08 75.02 -6.64
CA ILE L 40 -3.32 74.41 -5.35
C ILE L 40 -3.47 72.92 -5.58
N VAL L 41 -2.65 72.12 -4.85
CA VAL L 41 -2.56 70.69 -5.08
C VAL L 41 -2.99 69.96 -3.82
N ILE L 42 -3.71 68.85 -3.95
CA ILE L 42 -4.04 67.91 -2.89
C ILE L 42 -3.62 66.50 -3.39
N ALA L 43 -2.41 66.08 -2.99
CA ALA L 43 -1.87 64.79 -3.37
C ALA L 43 -2.51 63.69 -2.55
N THR L 44 -2.76 62.55 -3.21
CA THR L 44 -3.17 61.35 -2.52
C THR L 44 -2.34 60.19 -3.08
N ASP L 45 -1.78 59.37 -2.20
CA ASP L 45 -1.15 58.14 -2.69
C ASP L 45 -1.03 57.14 -1.56
N MET L 46 -0.60 55.94 -1.92
CA MET L 46 -0.63 54.78 -1.03
C MET L 46 0.46 54.87 0.02
N ALA L 47 1.59 55.52 -0.30
CA ALA L 47 2.58 55.86 0.71
C ALA L 47 1.89 56.56 1.89
N PRO L 48 2.11 56.15 3.18
CA PRO L 48 1.39 56.74 4.31
C PRO L 48 1.91 58.19 4.51
N SER L 49 3.21 58.39 4.24
CA SER L 49 3.76 59.71 3.97
C SER L 49 4.62 59.64 2.69
N ALA L 50 4.71 60.78 2.02
CA ALA L 50 5.73 61.07 1.04
C ALA L 50 5.98 62.58 1.10
N ASP L 51 7.28 62.92 1.34
CA ASP L 51 7.77 64.28 1.25
C ASP L 51 7.55 64.69 -0.21
N VAL L 52 6.34 65.18 -0.48
CA VAL L 52 6.02 65.78 -1.77
C VAL L 52 6.52 67.23 -1.72
N GLU L 53 7.46 67.58 -2.63
CA GLU L 53 8.03 68.91 -2.71
C GLU L 53 7.05 69.72 -3.54
N GLY L 54 6.27 70.58 -2.83
CA GLY L 54 5.12 71.27 -3.39
C GLY L 54 3.78 70.80 -2.79
N ALA L 55 3.85 69.89 -1.80
CA ALA L 55 2.69 69.40 -1.12
C ALA L 55 1.98 70.58 -0.45
N ASP L 56 0.63 70.63 -0.60
CA ASP L 56 -0.20 71.38 0.35
C ASP L 56 -0.91 70.39 1.29
N HIS L 57 -1.35 69.23 0.77
CA HIS L 57 -1.88 68.17 1.64
C HIS L 57 -1.59 66.82 1.06
N TYR L 58 -1.35 65.80 1.90
CA TYR L 58 -1.04 64.46 1.42
C TYR L 58 -1.98 63.46 2.08
N LEU L 59 -2.46 62.47 1.31
CA LEU L 59 -3.58 61.67 1.80
C LEU L 59 -3.50 60.25 1.31
N GLN L 60 -3.65 59.34 2.29
CA GLN L 60 -3.61 57.90 2.11
C GLN L 60 -4.76 57.54 1.17
N HIS L 61 -4.40 57.23 -0.08
CA HIS L 61 -5.41 57.02 -1.10
C HIS L 61 -5.22 55.73 -1.92
N ASP L 62 -5.76 54.62 -1.40
CA ASP L 62 -6.12 53.50 -2.25
C ASP L 62 -7.34 53.98 -3.02
N VAL L 63 -7.10 54.36 -4.31
CA VAL L 63 -8.06 55.14 -5.09
C VAL L 63 -9.26 54.28 -5.48
N THR L 64 -9.14 52.94 -5.45
CA THR L 64 -10.23 52.01 -5.63
C THR L 64 -11.34 52.31 -4.61
N SER L 65 -10.94 52.46 -3.35
CA SER L 65 -11.87 52.57 -2.22
C SER L 65 -12.62 53.87 -2.32
N GLU L 66 -13.96 53.81 -2.17
CA GLU L 66 -14.81 55.01 -2.16
C GLU L 66 -14.35 55.99 -1.08
N ALA L 67 -13.80 55.40 0.02
CA ALA L 67 -13.40 56.10 1.20
C ALA L 67 -12.27 57.05 0.87
N GLY L 68 -11.49 56.79 -0.19
CA GLY L 68 -10.44 57.71 -0.63
C GLY L 68 -10.91 59.06 -1.13
N TRP L 69 -12.17 59.17 -1.54
CA TRP L 69 -12.75 60.37 -2.14
C TRP L 69 -13.58 61.12 -1.14
N LYS L 70 -14.28 60.38 -0.30
CA LYS L 70 -14.94 60.92 0.89
C LYS L 70 -13.89 61.65 1.72
N ALA L 71 -12.68 61.07 1.80
CA ALA L 71 -11.58 61.66 2.55
C ALA L 71 -11.05 62.87 1.80
N VAL L 72 -10.93 62.75 0.47
CA VAL L 72 -10.47 63.87 -0.33
C VAL L 72 -11.47 65.01 -0.16
N ALA L 73 -12.76 64.69 -0.40
CA ALA L 73 -13.83 65.67 -0.43
C ALA L 73 -13.94 66.43 0.89
N ALA L 74 -13.66 65.72 2.00
CA ALA L 74 -13.72 66.28 3.33
C ALA L 74 -12.62 67.32 3.56
N LEU L 75 -11.40 67.11 3.03
CA LEU L 75 -10.35 68.10 3.18
C LEU L 75 -10.66 69.29 2.28
N ALA L 76 -10.75 69.04 0.96
CA ALA L 76 -10.89 70.11 -0.04
C ALA L 76 -11.98 71.09 0.40
N GLN L 77 -13.06 70.51 0.95
CA GLN L 77 -14.21 71.28 1.41
C GLN L 77 -13.80 72.26 2.52
N GLU L 78 -13.35 71.69 3.65
CA GLU L 78 -13.18 72.42 4.92
C GLU L 78 -12.21 73.59 4.72
N LYS L 79 -11.17 73.34 3.93
CA LYS L 79 -10.09 74.28 3.73
C LYS L 79 -10.44 75.23 2.60
N TYR L 80 -11.13 74.78 1.53
CA TYR L 80 -11.25 75.55 0.31
C TYR L 80 -12.72 75.72 -0.10
N GLY L 81 -13.47 74.61 -0.07
CA GLY L 81 -14.85 74.58 -0.52
C GLY L 81 -14.99 74.51 -2.03
N ARG L 82 -13.85 74.50 -2.76
CA ARG L 82 -13.84 74.47 -4.21
C ARG L 82 -12.79 73.49 -4.71
N VAL L 83 -13.17 72.80 -5.80
CA VAL L 83 -12.27 71.94 -6.53
C VAL L 83 -12.30 72.40 -7.98
N ASP L 84 -11.10 72.56 -8.57
CA ASP L 84 -10.98 73.28 -9.85
C ASP L 84 -10.42 72.34 -10.90
N ALA L 85 -9.14 71.99 -10.75
CA ALA L 85 -8.53 70.94 -11.56
C ALA L 85 -8.58 69.60 -10.87
N LEU L 86 -8.95 68.55 -11.59
CA LEU L 86 -9.10 67.21 -11.02
C LEU L 86 -8.43 66.17 -11.95
N VAL L 87 -7.34 65.53 -11.48
CA VAL L 87 -6.48 64.72 -12.34
C VAL L 87 -6.35 63.34 -11.74
N HIS L 88 -6.58 62.34 -12.60
CA HIS L 88 -6.35 60.94 -12.29
C HIS L 88 -5.15 60.42 -13.09
N ASN L 89 -3.95 60.64 -12.49
CA ASN L 89 -2.72 60.03 -13.01
C ASN L 89 -2.78 58.52 -12.89
N ALA L 90 -3.60 58.07 -11.93
CA ALA L 90 -3.54 56.72 -11.38
C ALA L 90 -3.84 55.73 -12.45
N GLY L 91 -2.90 54.73 -12.55
CA GLY L 91 -2.86 53.81 -13.68
C GLY L 91 -1.89 52.72 -13.31
N ILE L 92 -2.38 51.50 -13.02
CA ILE L 92 -1.50 50.32 -13.04
C ILE L 92 -1.42 49.84 -14.52
N SER L 93 -0.43 49.00 -14.80
CA SER L 93 0.02 48.80 -16.19
C SER L 93 0.64 47.38 -16.34
N ILE L 94 -0.07 46.46 -16.91
CA ILE L 94 0.30 45.08 -17.07
C ILE L 94 0.73 44.81 -18.51
N VAL L 95 1.56 43.76 -18.64
CA VAL L 95 1.90 43.10 -19.88
C VAL L 95 1.73 41.60 -19.66
N THR L 96 0.94 40.89 -20.48
CA THR L 96 0.61 39.51 -20.18
C THR L 96 -0.15 38.83 -21.32
N LYS L 97 0.26 37.53 -21.52
CA LYS L 97 -0.31 36.65 -22.52
C LYS L 97 -1.81 36.49 -22.28
N PHE L 98 -2.57 36.61 -23.39
CA PHE L 98 -4.00 36.73 -23.27
C PHE L 98 -4.59 35.49 -22.60
N GLU L 99 -4.32 34.32 -23.22
CA GLU L 99 -4.89 33.07 -22.74
C GLU L 99 -4.38 32.76 -21.31
N ASP L 100 -3.24 33.36 -20.87
CA ASP L 100 -2.69 33.05 -19.56
C ASP L 100 -3.01 34.13 -18.52
N THR L 101 -3.83 35.12 -18.91
CA THR L 101 -4.24 36.19 -17.97
C THR L 101 -5.66 35.98 -17.45
N PRO L 102 -5.85 35.53 -16.18
CA PRO L 102 -7.18 35.21 -15.68
C PRO L 102 -8.02 36.49 -15.63
N LEU L 103 -9.33 36.30 -15.55
CA LEU L 103 -10.28 37.38 -15.46
C LEU L 103 -9.91 38.33 -14.31
N SER L 104 -9.13 37.83 -13.36
CA SER L 104 -8.93 38.53 -12.10
C SER L 104 -8.08 39.76 -12.37
N ASP L 105 -7.00 39.59 -13.17
CA ASP L 105 -6.07 40.69 -13.45
C ASP L 105 -6.68 41.59 -14.50
N PHE L 106 -7.97 41.54 -14.72
CA PHE L 106 -8.72 42.50 -15.51
C PHE L 106 -9.50 43.42 -14.55
N HIS L 107 -10.32 42.84 -13.69
CA HIS L 107 -11.13 43.60 -12.73
C HIS L 107 -10.24 44.51 -11.87
N ARG L 108 -9.11 43.97 -11.45
CA ARG L 108 -8.25 44.66 -10.47
C ARG L 108 -7.67 45.91 -11.11
N VAL L 109 -7.48 45.89 -12.42
CA VAL L 109 -7.16 47.07 -13.21
C VAL L 109 -8.37 48.00 -13.22
N ASN L 110 -9.51 47.51 -13.71
CA ASN L 110 -10.74 48.29 -13.82
C ASN L 110 -11.20 48.79 -12.44
N THR L 111 -10.75 48.13 -11.36
CA THR L 111 -11.08 48.56 -10.02
C THR L 111 -10.22 49.76 -9.66
N VAL L 112 -8.98 49.81 -10.17
CA VAL L 112 -8.03 50.88 -9.89
C VAL L 112 -8.12 51.98 -10.96
N ASN L 113 -8.01 51.62 -12.26
CA ASN L 113 -7.82 52.55 -13.36
C ASN L 113 -9.16 53.17 -13.81
N VAL L 114 -10.29 52.51 -13.45
CA VAL L 114 -11.60 52.88 -13.93
C VAL L 114 -12.53 53.21 -12.76
N ASP L 115 -12.76 52.24 -11.89
CA ASP L 115 -13.74 52.34 -10.79
C ASP L 115 -13.33 53.43 -9.79
N SER L 116 -12.03 53.71 -9.67
CA SER L 116 -11.55 54.84 -8.91
C SER L 116 -12.04 56.14 -9.50
N ILE L 117 -12.17 56.23 -10.82
CA ILE L 117 -12.44 57.49 -11.53
C ILE L 117 -13.92 57.85 -11.34
N ILE L 118 -14.81 56.87 -11.62
CA ILE L 118 -16.22 57.06 -11.42
C ILE L 118 -16.43 57.60 -10.00
N ILE L 119 -15.91 56.86 -9.04
CA ILE L 119 -16.02 57.18 -7.63
C ILE L 119 -15.34 58.52 -7.34
N GLY L 120 -14.20 58.77 -7.99
CA GLY L 120 -13.48 60.02 -7.85
C GLY L 120 -14.33 61.15 -8.39
N THR L 121 -15.12 60.88 -9.45
CA THR L 121 -15.83 61.88 -10.18
C THR L 121 -17.31 61.88 -9.78
N GLN L 122 -17.77 60.94 -8.90
CA GLN L 122 -19.09 61.03 -8.32
C GLN L 122 -19.11 61.74 -6.96
N VAL L 123 -18.20 61.39 -6.05
CA VAL L 123 -18.21 61.84 -4.66
C VAL L 123 -17.84 63.31 -4.54
N LEU L 124 -16.88 63.75 -5.36
CA LEU L 124 -16.38 65.11 -5.36
C LEU L 124 -17.28 66.02 -6.19
N LEU L 125 -18.37 65.45 -6.76
CA LEU L 125 -19.17 66.06 -7.85
C LEU L 125 -19.71 67.40 -7.37
N PRO L 126 -20.27 67.49 -6.13
CA PRO L 126 -20.81 68.76 -5.65
C PRO L 126 -19.75 69.84 -5.61
N LEU L 127 -18.46 69.45 -5.54
CA LEU L 127 -17.36 70.34 -5.29
C LEU L 127 -16.76 70.81 -6.59
N LEU L 128 -16.77 69.97 -7.62
CA LEU L 128 -16.31 70.36 -8.96
C LEU L 128 -17.25 71.43 -9.53
N LYS L 129 -18.55 71.21 -9.33
CA LYS L 129 -19.62 72.09 -9.79
C LYS L 129 -19.36 73.52 -9.32
N GLU L 130 -18.95 73.63 -8.03
CA GLU L 130 -18.60 74.88 -7.39
C GLU L 130 -17.44 75.59 -8.15
N GLY L 131 -16.47 74.76 -8.59
CA GLY L 131 -15.41 75.22 -9.46
C GLY L 131 -15.98 75.66 -10.80
N GLY L 132 -17.04 74.92 -11.23
CA GLY L 132 -17.76 75.28 -12.44
C GLY L 132 -18.44 76.64 -12.31
N LYS L 133 -18.66 77.10 -11.06
CA LYS L 133 -19.44 78.28 -10.75
C LYS L 133 -18.53 79.38 -10.20
N ALA L 134 -17.23 79.12 -10.07
CA ALA L 134 -16.29 80.13 -9.63
C ALA L 134 -15.23 80.46 -10.69
N ARG L 135 -15.34 79.84 -11.88
CA ARG L 135 -14.28 79.93 -12.88
C ARG L 135 -14.89 80.07 -14.27
N ALA L 136 -14.54 81.13 -15.04
CA ALA L 136 -15.21 81.45 -16.28
C ALA L 136 -15.25 80.21 -17.22
N GLY L 137 -14.23 79.38 -17.12
CA GLY L 137 -14.13 78.16 -17.90
C GLY L 137 -14.49 76.94 -17.09
N GLY L 138 -14.98 77.16 -15.89
CA GLY L 138 -15.45 76.08 -15.05
C GLY L 138 -14.37 75.02 -14.77
N ALA L 139 -14.81 73.98 -14.06
CA ALA L 139 -13.91 73.00 -13.50
C ALA L 139 -13.37 72.07 -14.58
N SER L 140 -12.22 71.45 -14.28
CA SER L 140 -11.48 70.67 -15.23
C SER L 140 -11.10 69.35 -14.57
N VAL L 141 -11.73 68.27 -15.05
CA VAL L 141 -11.39 66.92 -14.62
C VAL L 141 -10.47 66.31 -15.65
N VAL L 142 -9.15 66.46 -15.43
CA VAL L 142 -8.14 65.99 -16.37
C VAL L 142 -7.74 64.57 -16.00
N ASN L 143 -8.02 63.64 -16.88
CA ASN L 143 -7.86 62.22 -16.64
C ASN L 143 -6.75 61.70 -17.56
N PHE L 144 -5.97 60.75 -17.04
CA PHE L 144 -4.89 60.20 -17.80
C PHE L 144 -5.35 58.97 -18.55
N SER L 145 -5.21 58.99 -19.87
CA SER L 145 -5.18 57.78 -20.65
C SER L 145 -3.72 57.50 -21.01
N SER L 146 -3.46 57.22 -22.33
CA SER L 146 -2.24 56.62 -22.81
C SER L 146 -2.49 56.07 -24.21
N VAL L 147 -1.38 55.67 -24.91
CA VAL L 147 -1.44 55.13 -26.23
C VAL L 147 -1.80 53.62 -26.14
N ALA L 148 -1.84 53.07 -24.95
CA ALA L 148 -2.50 51.81 -24.74
C ALA L 148 -3.98 51.93 -25.02
N GLY L 149 -4.54 53.14 -24.92
CA GLY L 149 -5.95 53.41 -25.13
C GLY L 149 -6.26 53.90 -26.56
N LEU L 150 -5.19 54.28 -27.33
CA LEU L 150 -5.33 54.93 -28.61
C LEU L 150 -4.85 54.05 -29.78
N ARG L 151 -4.45 52.83 -29.43
CA ARG L 151 -4.01 51.81 -30.36
C ARG L 151 -3.77 50.53 -29.57
N GLY L 152 -3.93 49.39 -30.24
CA GLY L 152 -3.75 48.10 -29.60
C GLY L 152 -2.34 47.58 -29.85
N ALA L 153 -2.07 46.41 -29.28
CA ALA L 153 -0.79 45.75 -29.38
C ALA L 153 -0.93 44.36 -28.79
N ALA L 154 0.02 43.48 -29.14
CA ALA L 154 0.14 42.20 -28.45
C ALA L 154 0.66 42.40 -27.01
N PHE L 155 0.20 41.57 -26.09
CA PHE L 155 0.72 41.56 -24.72
C PHE L 155 0.59 42.93 -24.03
N ASN L 156 -0.60 43.50 -24.14
CA ASN L 156 -0.95 44.74 -23.47
C ASN L 156 -2.45 44.76 -23.11
N ALA L 157 -3.10 43.60 -23.04
CA ALA L 157 -4.53 43.56 -23.36
C ALA L 157 -5.34 44.26 -22.27
N ALA L 158 -5.02 43.96 -21.00
CA ALA L 158 -5.79 44.50 -19.89
C ALA L 158 -5.59 46.00 -19.84
N TYR L 159 -4.32 46.42 -19.92
CA TYR L 159 -3.92 47.81 -19.81
C TYR L 159 -4.44 48.63 -21.00
N CYS L 160 -4.43 48.02 -22.19
CA CYS L 160 -4.88 48.71 -23.41
C CYS L 160 -6.38 48.99 -23.35
N THR L 161 -7.18 47.96 -23.00
CA THR L 161 -8.62 48.08 -22.98
C THR L 161 -9.00 49.09 -21.92
N SER L 162 -8.36 48.95 -20.73
CA SER L 162 -8.67 49.77 -19.58
C SER L 162 -8.60 51.23 -19.98
N LYS L 163 -7.51 51.56 -20.67
CA LYS L 163 -7.13 52.94 -20.85
C LYS L 163 -8.10 53.62 -21.81
N ALA L 164 -8.22 53.00 -22.99
CA ALA L 164 -9.23 53.44 -23.95
C ALA L 164 -10.48 53.85 -23.16
N ALA L 165 -10.91 53.00 -22.23
CA ALA L 165 -12.20 53.16 -21.57
C ALA L 165 -12.21 54.47 -20.74
N VAL L 166 -11.05 54.87 -20.25
CA VAL L 166 -10.91 56.12 -19.53
C VAL L 166 -11.04 57.26 -20.52
N LYS L 167 -10.23 57.19 -21.60
CA LYS L 167 -10.37 58.10 -22.74
C LYS L 167 -11.85 58.38 -22.99
N MET L 168 -12.59 57.31 -23.29
CA MET L 168 -14.01 57.38 -23.67
C MET L 168 -14.89 57.88 -22.52
N LEU L 169 -14.44 57.58 -21.30
CA LEU L 169 -15.14 58.03 -20.12
C LEU L 169 -15.16 59.55 -20.03
N SER L 170 -13.97 60.13 -20.22
CA SER L 170 -13.82 61.58 -20.31
C SER L 170 -14.91 62.18 -21.20
N LYS L 171 -14.82 61.85 -22.53
CA LYS L 171 -15.69 62.39 -23.56
C LYS L 171 -17.11 62.55 -23.02
N CYS L 172 -17.53 61.51 -22.31
CA CYS L 172 -18.90 61.35 -21.86
C CYS L 172 -19.13 62.25 -20.65
N LEU L 173 -18.19 62.18 -19.68
CA LEU L 173 -18.24 63.08 -18.53
C LEU L 173 -18.04 64.53 -18.96
N GLY L 174 -17.31 64.71 -20.09
CA GLY L 174 -17.11 66.01 -20.69
C GLY L 174 -18.38 66.46 -21.37
N ALA L 175 -19.03 65.53 -22.09
CA ALA L 175 -20.30 65.83 -22.76
C ALA L 175 -21.46 65.91 -21.76
N GLU L 176 -21.67 64.84 -20.96
CA GLU L 176 -22.77 64.78 -20.03
C GLU L 176 -22.90 66.07 -19.20
N PHE L 177 -21.79 66.43 -18.55
CA PHE L 177 -21.70 67.68 -17.82
C PHE L 177 -22.01 68.92 -18.67
N ALA L 178 -21.24 69.12 -19.69
CA ALA L 178 -21.37 70.28 -20.58
C ALA L 178 -22.86 70.54 -20.80
N ALA L 179 -23.54 69.46 -21.28
CA ALA L 179 -24.94 69.54 -21.64
C ALA L 179 -25.73 69.88 -20.37
N LEU L 180 -25.43 69.18 -19.27
CA LEU L 180 -26.30 69.27 -18.12
C LEU L 180 -25.83 70.44 -17.25
N GLY L 181 -25.23 71.46 -17.83
CA GLY L 181 -25.26 72.79 -17.21
C GLY L 181 -24.04 73.05 -16.35
N TYR L 182 -23.62 71.97 -15.67
CA TYR L 182 -22.39 71.92 -14.86
C TYR L 182 -21.26 72.49 -15.69
N ASN L 183 -20.49 73.41 -15.14
CA ASN L 183 -19.45 73.99 -16.03
C ASN L 183 -18.13 73.30 -15.73
N ILE L 184 -17.97 72.09 -16.22
CA ILE L 184 -16.82 71.25 -15.91
C ILE L 184 -16.38 70.47 -17.16
N ARG L 185 -15.32 71.00 -17.81
CA ARG L 185 -14.75 70.35 -18.96
C ARG L 185 -14.10 69.07 -18.47
N VAL L 186 -14.13 68.04 -19.33
CA VAL L 186 -13.42 66.79 -19.09
C VAL L 186 -12.55 66.51 -20.31
N ASN L 187 -11.32 67.08 -20.27
CA ASN L 187 -10.27 66.69 -21.20
C ASN L 187 -9.42 65.52 -20.64
N SER L 188 -8.85 64.79 -21.62
CA SER L 188 -8.00 63.68 -21.28
C SER L 188 -6.64 63.86 -21.96
N VAL L 189 -5.61 63.44 -21.23
CA VAL L 189 -4.24 63.41 -21.66
C VAL L 189 -3.83 61.98 -21.93
N HIS L 190 -3.05 61.76 -22.99
CA HIS L 190 -2.80 60.43 -23.55
C HIS L 190 -1.29 60.29 -23.75
N PRO L 191 -0.51 60.09 -22.67
CA PRO L 191 0.95 60.03 -22.77
C PRO L 191 1.53 58.89 -23.62
N GLY L 192 2.81 59.04 -23.96
CA GLY L 192 3.62 57.96 -24.50
C GLY L 192 4.41 57.24 -23.41
N GLY L 193 5.49 56.53 -23.77
CA GLY L 193 6.15 55.63 -22.84
C GLY L 193 7.07 56.41 -21.90
N ILE L 194 6.69 56.72 -20.64
CA ILE L 194 7.35 57.82 -19.92
C ILE L 194 8.37 57.31 -18.90
N ASP L 195 9.42 58.09 -18.69
CA ASP L 195 10.62 57.77 -17.91
C ASP L 195 10.33 57.78 -16.41
N THR L 196 9.90 56.63 -15.91
CA THR L 196 9.43 56.53 -14.54
C THR L 196 9.91 55.22 -13.90
N PRO L 197 9.85 55.07 -12.57
CA PRO L 197 10.37 53.84 -11.94
C PRO L 197 9.55 52.59 -12.23
N MET L 198 8.24 52.64 -11.86
CA MET L 198 7.22 51.63 -12.15
C MET L 198 7.55 50.85 -13.44
N LEU L 199 7.86 51.65 -14.46
CA LEU L 199 8.06 51.20 -15.83
C LEU L 199 9.32 50.36 -15.94
N GLY L 200 10.34 50.69 -15.11
CA GLY L 200 11.63 50.04 -15.16
C GLY L 200 11.50 48.54 -15.44
N SER L 201 10.71 47.89 -14.58
CA SER L 201 10.44 46.46 -14.71
C SER L 201 9.61 46.11 -15.94
N LEU L 202 8.57 46.93 -16.22
CA LEU L 202 7.51 46.59 -17.18
C LEU L 202 8.07 46.08 -18.49
N MET L 203 9.29 46.54 -18.82
CA MET L 203 9.92 46.15 -20.06
C MET L 203 10.43 44.70 -19.97
N ASP L 204 10.78 44.26 -18.74
CA ASP L 204 11.30 42.93 -18.54
C ASP L 204 10.32 41.86 -19.05
N LYS L 205 8.99 42.17 -18.98
CA LYS L 205 7.96 41.20 -19.29
C LYS L 205 7.95 40.86 -20.78
N TYR L 206 8.50 41.76 -21.64
CA TYR L 206 8.49 41.46 -23.06
C TYR L 206 9.47 40.32 -23.35
N VAL L 207 10.69 40.48 -22.84
CA VAL L 207 11.68 39.39 -22.88
C VAL L 207 11.07 38.18 -22.18
N GLU L 208 10.54 38.44 -20.94
CA GLU L 208 9.91 37.44 -20.10
C GLU L 208 8.65 36.89 -20.75
N LEU L 209 8.25 37.39 -21.93
CA LEU L 209 7.16 36.86 -22.71
C LEU L 209 7.65 36.46 -24.10
N GLY L 210 8.95 36.15 -24.20
CA GLY L 210 9.56 35.66 -25.43
C GLY L 210 9.70 36.77 -26.50
N ALA L 211 8.92 37.86 -26.33
CA ALA L 211 8.83 38.89 -27.33
C ALA L 211 10.22 39.46 -27.68
N ALA L 212 10.93 39.91 -26.64
CA ALA L 212 12.21 40.60 -26.81
C ALA L 212 13.37 39.65 -26.48
N PRO L 213 14.45 39.65 -27.28
CA PRO L 213 15.65 38.89 -26.95
C PRO L 213 16.38 39.57 -25.80
N SER L 214 16.19 40.87 -25.65
CA SER L 214 16.80 41.55 -24.50
C SER L 214 15.95 42.73 -24.07
N ARG L 215 16.21 43.17 -22.84
CA ARG L 215 15.55 44.34 -22.26
C ARG L 215 16.03 45.59 -22.98
N GLU L 216 17.27 45.59 -23.43
CA GLU L 216 17.87 46.73 -24.11
C GLU L 216 17.38 46.75 -25.56
N VAL L 217 17.12 45.54 -26.09
CA VAL L 217 16.42 45.34 -27.37
C VAL L 217 14.94 45.22 -27.00
N ALA L 218 14.46 46.28 -26.35
CA ALA L 218 13.06 46.46 -26.04
C ALA L 218 12.78 47.91 -25.73
N GLN L 219 13.79 48.80 -25.86
CA GLN L 219 13.67 50.21 -25.54
C GLN L 219 13.86 50.96 -26.84
N ALA L 220 14.75 50.47 -27.71
CA ALA L 220 15.32 51.26 -28.80
C ALA L 220 14.34 51.31 -29.97
N ALA L 221 13.60 50.22 -30.17
CA ALA L 221 12.55 50.20 -31.17
C ALA L 221 11.22 50.60 -30.54
N MET L 222 11.14 50.49 -29.22
CA MET L 222 9.93 51.04 -28.57
C MET L 222 10.15 52.55 -28.61
N GLU L 223 11.43 52.97 -28.74
CA GLU L 223 11.77 54.40 -28.88
C GLU L 223 11.83 54.73 -30.36
N MET L 224 11.98 53.73 -31.23
CA MET L 224 11.89 54.00 -32.69
C MET L 224 10.40 54.23 -33.00
N ARG L 225 9.54 54.02 -32.01
CA ARG L 225 8.13 54.32 -32.13
C ARG L 225 7.89 55.83 -31.93
N HIS L 226 8.98 56.59 -31.95
CA HIS L 226 8.90 58.03 -31.84
C HIS L 226 9.92 58.65 -32.79
N PRO L 227 9.47 59.45 -33.81
CA PRO L 227 10.40 60.10 -34.74
C PRO L 227 11.50 60.92 -34.11
N ILE L 228 11.23 61.49 -32.92
CA ILE L 228 12.27 62.20 -32.13
C ILE L 228 13.29 61.14 -31.74
N GLY L 229 12.88 59.87 -31.74
CA GLY L 229 13.81 58.75 -31.52
C GLY L 229 13.87 58.27 -30.09
N ARG L 230 13.54 59.13 -29.12
CA ARG L 230 13.75 58.70 -27.72
C ARG L 230 12.45 58.80 -26.91
N MET L 231 12.51 58.45 -25.63
CA MET L 231 11.33 58.41 -24.79
C MET L 231 10.88 59.82 -24.30
N GLY L 232 9.94 59.81 -23.38
CA GLY L 232 9.40 61.02 -22.79
C GLY L 232 9.68 61.06 -21.30
N ARG L 233 9.39 62.21 -20.68
CA ARG L 233 9.81 62.54 -19.32
C ARG L 233 8.53 63.03 -18.56
N PRO L 234 8.46 62.76 -17.21
CA PRO L 234 7.26 63.00 -16.47
C PRO L 234 6.89 64.50 -16.36
N ALA L 235 7.93 65.35 -16.34
CA ALA L 235 7.69 66.80 -16.21
C ALA L 235 6.98 67.35 -17.45
N GLU L 236 7.43 66.89 -18.64
CA GLU L 236 6.87 67.34 -19.92
C GLU L 236 5.35 67.10 -19.95
N MET L 237 4.96 65.99 -19.33
CA MET L 237 3.55 65.66 -19.10
C MET L 237 2.91 66.73 -18.19
N GLY L 238 3.69 67.30 -17.27
CA GLY L 238 3.27 68.38 -16.39
C GLY L 238 3.14 69.77 -17.06
N GLY L 239 3.73 69.89 -18.24
CA GLY L 239 3.58 71.08 -19.07
C GLY L 239 2.17 71.17 -19.64
N GLY L 240 1.56 70.01 -19.89
CA GLY L 240 0.33 69.90 -20.66
C GLY L 240 -0.93 69.95 -19.78
N VAL L 241 -0.84 69.39 -18.56
CA VAL L 241 -2.00 69.22 -17.71
C VAL L 241 -2.45 70.58 -17.21
N VAL L 242 -1.47 71.40 -16.77
CA VAL L 242 -1.79 72.73 -16.27
C VAL L 242 -2.55 73.47 -17.37
N TYR L 243 -2.01 73.48 -18.60
CA TYR L 243 -2.73 74.11 -19.70
C TYR L 243 -4.17 73.59 -19.72
N LEU L 244 -4.32 72.27 -19.58
CA LEU L 244 -5.64 71.64 -19.51
C LEU L 244 -6.42 72.11 -18.30
N CYS L 245 -5.71 72.65 -17.29
CA CYS L 245 -6.33 73.16 -16.08
C CYS L 245 -6.35 74.68 -16.09
N SER L 246 -5.53 75.34 -16.95
CA SER L 246 -5.64 76.75 -17.18
C SER L 246 -7.03 77.11 -17.81
N ASP L 247 -7.17 78.42 -18.07
CA ASP L 247 -8.37 78.96 -18.67
C ASP L 247 -8.21 78.99 -20.20
N ALA L 248 -6.98 78.86 -20.71
CA ALA L 248 -6.78 78.93 -22.14
C ALA L 248 -7.47 77.73 -22.83
N ALA L 249 -7.57 76.63 -22.06
CA ALA L 249 -8.22 75.43 -22.55
C ALA L 249 -9.71 75.50 -22.32
N SER L 250 -10.27 76.70 -21.95
CA SER L 250 -11.64 76.81 -21.47
C SER L 250 -12.65 76.32 -22.51
N PHE L 251 -12.20 76.24 -23.77
CA PHE L 251 -12.98 75.80 -24.91
C PHE L 251 -12.46 74.46 -25.39
N VAL L 252 -11.89 73.67 -24.47
CA VAL L 252 -11.37 72.34 -24.77
C VAL L 252 -11.92 71.35 -23.75
N THR L 253 -12.78 70.44 -24.17
CA THR L 253 -13.25 69.37 -23.31
C THR L 253 -13.53 68.14 -24.16
N CYS L 254 -13.47 66.95 -23.51
CA CYS L 254 -13.67 65.65 -24.16
C CYS L 254 -12.50 65.27 -25.07
N THR L 255 -11.58 66.23 -25.35
CA THR L 255 -10.69 66.17 -26.49
C THR L 255 -9.55 65.19 -26.21
N GLU L 256 -8.88 64.71 -27.28
CA GLU L 256 -7.69 63.90 -27.16
C GLU L 256 -6.46 64.85 -27.08
N PHE L 257 -6.08 65.13 -25.82
CA PHE L 257 -4.79 65.77 -25.54
C PHE L 257 -3.66 64.71 -25.56
N VAL L 258 -3.01 64.53 -26.69
CA VAL L 258 -2.07 63.42 -26.87
C VAL L 258 -0.66 63.97 -26.72
N MET L 259 0.22 63.25 -26.00
CA MET L 259 1.66 63.54 -25.95
C MET L 259 2.47 62.27 -26.26
N ASP L 260 2.41 61.89 -27.55
CA ASP L 260 2.87 60.63 -28.05
C ASP L 260 4.22 60.79 -28.75
N GLY L 261 4.80 62.03 -28.78
CA GLY L 261 6.02 62.26 -29.54
C GLY L 261 5.95 61.59 -30.93
N GLY L 262 4.70 61.40 -31.40
CA GLY L 262 4.41 60.85 -32.71
C GLY L 262 4.03 59.38 -32.66
N PHE L 263 3.52 58.92 -31.51
CA PHE L 263 3.11 57.54 -31.33
C PHE L 263 1.88 57.30 -32.20
N SER L 264 0.73 57.84 -31.76
CA SER L 264 -0.58 57.37 -32.19
C SER L 264 -0.95 57.84 -33.55
N GLN L 265 -0.22 58.84 -34.04
CA GLN L 265 -0.61 59.74 -35.12
C GLN L 265 -0.09 59.23 -36.46
N VAL L 266 0.66 58.15 -36.52
CA VAL L 266 1.30 57.64 -37.72
C VAL L 266 1.32 56.10 -37.70
N LEU M 12 -14.14 -82.27 31.51
CA LEU M 12 -12.84 -82.31 30.80
C LEU M 12 -12.94 -83.28 29.59
N ASN M 13 -13.62 -82.78 28.56
CA ASN M 13 -14.11 -83.63 27.47
C ASN M 13 -13.21 -83.53 26.25
N ASN M 14 -12.41 -84.56 25.93
CA ASN M 14 -11.29 -84.41 25.01
C ASN M 14 -10.43 -83.18 25.37
N VAL M 15 -9.87 -83.28 26.56
CA VAL M 15 -8.86 -82.32 27.03
C VAL M 15 -7.54 -83.08 27.21
N VAL M 16 -6.94 -83.41 26.04
CA VAL M 16 -5.74 -84.23 25.99
C VAL M 16 -4.68 -83.49 26.82
N ALA M 17 -4.44 -84.01 28.03
CA ALA M 17 -3.67 -83.29 29.02
C ALA M 17 -2.28 -83.90 29.20
N VAL M 18 -1.46 -83.21 30.01
CA VAL M 18 -0.20 -83.69 30.52
C VAL M 18 -0.22 -83.56 32.05
N VAL M 19 0.37 -84.52 32.73
CA VAL M 19 0.71 -84.42 34.14
C VAL M 19 2.19 -84.77 34.36
N THR M 20 2.93 -83.86 35.01
CA THR M 20 4.31 -84.14 35.39
C THR M 20 4.28 -84.57 36.87
N GLY M 21 5.12 -85.57 37.17
CA GLY M 21 5.26 -86.05 38.54
C GLY M 21 4.01 -86.79 39.01
N ALA M 22 3.76 -87.96 38.39
CA ALA M 22 2.60 -88.77 38.71
C ALA M 22 2.98 -89.90 39.69
N ALA M 23 4.25 -90.33 39.69
CA ALA M 23 4.75 -91.34 40.60
C ALA M 23 5.09 -90.75 42.00
N GLY M 24 4.60 -89.53 42.22
CA GLY M 24 4.51 -88.94 43.53
C GLY M 24 3.05 -88.92 44.01
N GLY M 25 2.86 -88.63 45.29
CA GLY M 25 1.56 -88.62 45.95
C GLY M 25 0.80 -87.40 45.48
N ILE M 26 1.51 -86.45 44.84
CA ILE M 26 0.95 -85.16 44.42
C ILE M 26 0.20 -85.39 43.10
N GLY M 27 0.78 -86.24 42.22
CA GLY M 27 0.39 -86.35 40.82
C GLY M 27 -0.76 -87.32 40.56
N ARG M 28 -0.63 -88.59 41.00
CA ARG M 28 -1.70 -89.58 40.85
C ARG M 28 -3.08 -89.03 41.26
N GLU M 29 -3.05 -88.17 42.28
CA GLU M 29 -4.23 -87.53 42.78
C GLU M 29 -4.84 -86.57 41.75
N LEU M 30 -4.02 -86.03 40.89
CA LEU M 30 -4.50 -85.30 39.74
C LEU M 30 -4.98 -86.28 38.69
N VAL M 31 -4.05 -87.09 38.22
CA VAL M 31 -4.23 -88.12 37.19
C VAL M 31 -5.59 -88.80 37.36
N LYS M 32 -5.92 -89.22 38.60
CA LYS M 32 -7.22 -89.76 38.89
C LYS M 32 -8.25 -88.70 38.45
N ALA M 33 -8.13 -87.52 39.10
CA ALA M 33 -9.19 -86.52 39.07
C ALA M 33 -9.15 -85.74 37.76
N MET M 34 -8.29 -86.15 36.84
CA MET M 34 -8.24 -85.62 35.48
C MET M 34 -8.51 -86.73 34.47
N LYS M 35 -9.07 -87.85 34.93
CA LYS M 35 -9.62 -88.94 34.12
C LYS M 35 -11.04 -89.22 34.56
N ALA M 36 -11.31 -88.97 35.88
CA ALA M 36 -12.63 -89.04 36.45
C ALA M 36 -13.49 -87.93 35.88
N ALA M 37 -12.89 -86.87 35.38
CA ALA M 37 -13.59 -85.85 34.61
C ALA M 37 -13.67 -86.25 33.14
N ASN M 38 -13.10 -87.40 32.80
CA ASN M 38 -13.18 -88.03 31.48
C ASN M 38 -12.16 -87.41 30.54
N ALA M 39 -11.13 -86.68 31.06
CA ALA M 39 -10.05 -86.20 30.26
C ALA M 39 -9.01 -87.32 30.07
N ILE M 40 -8.16 -87.12 29.06
CA ILE M 40 -7.16 -88.07 28.64
C ILE M 40 -5.80 -87.58 29.12
N VAL M 41 -5.12 -88.41 29.93
CA VAL M 41 -3.94 -87.98 30.67
C VAL M 41 -2.70 -88.68 30.11
N ILE M 42 -1.61 -87.91 29.94
CA ILE M 42 -0.30 -88.45 29.66
C ILE M 42 0.64 -88.13 30.83
N ALA M 43 0.80 -89.12 31.72
CA ALA M 43 1.58 -88.98 32.92
C ALA M 43 3.06 -89.14 32.64
N THR M 44 3.89 -88.63 33.53
CA THR M 44 5.35 -88.61 33.40
C THR M 44 5.97 -88.67 34.79
N ASP M 45 7.19 -89.24 34.83
CA ASP M 45 8.02 -89.19 36.03
C ASP M 45 9.39 -89.77 35.73
N MET M 46 10.47 -89.30 36.37
CA MET M 46 11.83 -89.73 36.09
C MET M 46 11.99 -91.26 35.93
N ALA M 47 11.16 -91.99 36.70
CA ALA M 47 11.25 -93.44 36.80
C ALA M 47 10.90 -94.11 35.49
N PRO M 48 11.68 -95.12 35.02
CA PRO M 48 11.59 -95.63 33.65
C PRO M 48 10.30 -96.41 33.41
N SER M 49 9.69 -96.96 34.48
CA SER M 49 8.36 -97.53 34.35
C SER M 49 7.63 -97.48 35.70
N ALA M 50 6.31 -97.46 35.64
CA ALA M 50 5.43 -97.59 36.78
C ALA M 50 4.00 -97.86 36.28
N ASP M 51 3.00 -97.42 37.09
CA ASP M 51 1.65 -97.89 36.86
C ASP M 51 0.65 -96.93 37.46
N VAL M 52 0.55 -95.72 36.89
CA VAL M 52 -0.21 -94.64 37.53
C VAL M 52 -1.71 -94.82 37.28
N GLU M 53 -2.52 -94.83 38.34
CA GLU M 53 -3.96 -94.95 38.16
C GLU M 53 -4.51 -93.69 37.52
N GLY M 54 -5.38 -93.86 36.51
CA GLY M 54 -6.02 -92.81 35.76
C GLY M 54 -5.36 -92.61 34.38
N ALA M 55 -4.05 -92.44 34.38
CA ALA M 55 -3.31 -91.98 33.21
C ALA M 55 -3.61 -92.84 32.02
N ASP M 56 -3.86 -92.22 30.88
CA ASP M 56 -4.07 -92.95 29.63
C ASP M 56 -2.75 -93.10 28.89
N HIS M 57 -1.63 -92.68 29.46
CA HIS M 57 -0.29 -93.12 29.06
C HIS M 57 0.66 -92.82 30.21
N TYR M 58 1.57 -93.76 30.52
CA TYR M 58 2.65 -93.53 31.45
C TYR M 58 3.99 -93.50 30.71
N LEU M 59 4.95 -92.76 31.27
CA LEU M 59 6.24 -92.50 30.66
C LEU M 59 7.31 -92.30 31.73
N GLN M 60 8.56 -92.15 31.26
CA GLN M 60 9.71 -91.73 32.04
C GLN M 60 10.15 -90.32 31.62
N HIS M 61 10.50 -89.48 32.60
CA HIS M 61 10.58 -88.06 32.35
C HIS M 61 11.34 -87.30 33.43
N ASP M 62 12.59 -86.89 33.10
CA ASP M 62 13.32 -85.88 33.86
C ASP M 62 13.22 -84.57 33.06
N VAL M 63 12.40 -83.65 33.60
CA VAL M 63 11.87 -82.50 32.93
C VAL M 63 12.95 -81.46 32.65
N THR M 64 14.23 -81.83 32.77
CA THR M 64 15.32 -80.94 32.40
C THR M 64 15.77 -81.28 30.98
N SER M 65 15.43 -82.51 30.52
CA SER M 65 15.82 -82.98 29.17
C SER M 65 14.76 -82.53 28.18
N GLU M 66 15.23 -81.91 27.11
CA GLU M 66 14.49 -81.54 25.91
C GLU M 66 13.93 -82.80 25.26
N ALA M 67 14.85 -83.77 25.02
CA ALA M 67 14.52 -85.08 24.54
C ALA M 67 13.50 -85.76 25.45
N GLY M 68 13.59 -85.47 26.76
CA GLY M 68 12.55 -85.85 27.70
C GLY M 68 11.18 -85.30 27.29
N TRP M 69 11.16 -84.05 26.86
CA TRP M 69 9.93 -83.33 26.53
C TRP M 69 9.50 -83.67 25.10
N LYS M 70 10.46 -83.62 24.16
CA LYS M 70 10.20 -84.09 22.80
C LYS M 70 9.52 -85.46 22.82
N ALA M 71 9.83 -86.25 23.89
CA ALA M 71 9.14 -87.48 24.23
C ALA M 71 7.65 -87.19 24.38
N VAL M 72 7.34 -86.26 25.28
CA VAL M 72 5.96 -86.02 25.70
C VAL M 72 5.16 -85.33 24.59
N ALA M 73 5.90 -84.64 23.68
CA ALA M 73 5.27 -83.93 22.58
C ALA M 73 4.67 -84.98 21.64
N ALA M 74 5.59 -85.72 21.05
CA ALA M 74 5.27 -86.51 19.84
C ALA M 74 4.23 -87.57 20.16
N LEU M 75 4.19 -88.05 21.40
CA LEU M 75 3.21 -89.05 21.78
C LEU M 75 1.82 -88.44 21.63
N ALA M 76 1.68 -87.20 22.06
CA ALA M 76 0.42 -86.48 21.91
C ALA M 76 0.20 -86.25 20.41
N GLN M 77 1.28 -85.85 19.73
CA GLN M 77 1.26 -85.56 18.30
C GLN M 77 0.74 -86.75 17.46
N GLU M 78 1.34 -87.93 17.69
CA GLU M 78 0.90 -89.19 17.12
C GLU M 78 -0.57 -89.37 17.48
N LYS M 79 -0.81 -89.86 18.70
CA LYS M 79 -2.10 -90.42 19.08
C LYS M 79 -3.17 -89.36 18.92
N TYR M 80 -2.99 -88.19 19.55
CA TYR M 80 -4.07 -87.23 19.68
C TYR M 80 -3.84 -86.07 18.71
N GLY M 81 -2.60 -85.55 18.65
CA GLY M 81 -2.28 -84.42 17.78
C GLY M 81 -2.73 -83.08 18.32
N ARG M 82 -3.32 -83.10 19.53
CA ARG M 82 -3.71 -81.89 20.23
C ARG M 82 -3.20 -81.97 21.66
N VAL M 83 -2.80 -80.79 22.16
CA VAL M 83 -2.43 -80.69 23.56
C VAL M 83 -3.25 -79.56 24.16
N ASP M 84 -4.12 -79.96 25.15
CA ASP M 84 -5.10 -79.04 25.70
C ASP M 84 -4.58 -78.48 27.04
N ALA M 85 -4.51 -79.33 28.05
CA ALA M 85 -4.07 -78.93 29.37
C ALA M 85 -2.53 -79.05 29.45
N LEU M 86 -2.05 -78.80 30.65
CA LEU M 86 -0.69 -79.07 31.05
C LEU M 86 -0.65 -78.65 32.52
N VAL M 87 -0.52 -79.63 33.45
CA VAL M 87 -0.30 -79.34 34.86
C VAL M 87 1.13 -79.70 35.22
N HIS M 88 2.03 -78.72 35.03
CA HIS M 88 3.41 -78.78 35.46
C HIS M 88 3.47 -78.89 37.00
N ASN M 89 3.82 -80.08 37.49
CA ASN M 89 3.57 -80.43 38.89
C ASN M 89 4.85 -80.98 39.55
N ALA M 90 5.81 -81.43 38.72
CA ALA M 90 6.96 -82.14 39.23
C ALA M 90 8.09 -81.17 39.57
N GLY M 91 8.62 -81.32 40.82
CA GLY M 91 9.75 -80.56 41.32
C GLY M 91 10.52 -81.28 42.45
N ILE M 92 11.74 -80.80 42.73
CA ILE M 92 12.54 -81.25 43.88
C ILE M 92 12.78 -80.09 44.85
N SER M 93 12.77 -80.41 46.15
CA SER M 93 12.79 -79.41 47.22
C SER M 93 14.10 -79.47 48.00
N ILE M 94 14.64 -78.31 48.41
CA ILE M 94 15.89 -78.27 49.16
C ILE M 94 15.73 -77.35 50.35
N VAL M 95 16.12 -77.90 51.53
CA VAL M 95 16.34 -77.09 52.73
C VAL M 95 17.84 -77.13 53.07
N THR M 96 18.43 -75.95 53.31
CA THR M 96 19.82 -75.78 53.63
C THR M 96 20.06 -74.29 53.86
N LYS M 97 20.72 -73.88 55.01
CA LYS M 97 21.06 -72.50 55.26
C LYS M 97 21.63 -71.87 53.96
N PHE M 98 21.21 -70.61 53.69
CA PHE M 98 21.66 -69.93 52.49
C PHE M 98 23.21 -69.94 52.39
N GLU M 99 23.84 -69.75 53.54
CA GLU M 99 25.29 -69.77 53.66
C GLU M 99 25.78 -71.19 53.46
N ASP M 100 24.98 -72.20 53.90
CA ASP M 100 25.30 -73.62 53.62
C ASP M 100 24.97 -74.01 52.18
N THR M 101 24.40 -73.08 51.41
CA THR M 101 23.98 -73.33 50.03
C THR M 101 25.06 -72.84 49.08
N PRO M 102 25.70 -73.73 48.28
CA PRO M 102 26.52 -73.30 47.16
C PRO M 102 25.71 -72.64 46.04
N LEU M 103 26.44 -72.00 45.10
CA LEU M 103 25.86 -71.31 43.97
C LEU M 103 25.33 -72.33 42.97
N SER M 104 26.11 -73.42 42.82
CA SER M 104 25.77 -74.52 41.93
C SER M 104 24.51 -75.20 42.45
N ASP M 105 24.45 -75.57 43.75
CA ASP M 105 23.35 -76.36 44.29
C ASP M 105 22.01 -75.65 44.10
N PHE M 106 22.06 -74.34 44.25
CA PHE M 106 20.88 -73.51 44.07
C PHE M 106 20.32 -73.66 42.65
N HIS M 107 21.19 -73.71 41.65
CA HIS M 107 20.83 -73.90 40.24
C HIS M 107 20.06 -75.21 40.01
N ARG M 108 20.33 -76.23 40.86
CA ARG M 108 19.63 -77.48 40.79
C ARG M 108 18.19 -77.27 41.10
N VAL M 109 17.86 -76.28 41.93
CA VAL M 109 16.49 -76.11 42.43
C VAL M 109 15.67 -75.50 41.31
N ASN M 110 16.32 -74.59 40.56
CA ASN M 110 15.68 -73.85 39.48
C ASN M 110 15.24 -74.81 38.38
N THR M 111 16.13 -75.75 38.04
CA THR M 111 16.04 -76.45 36.75
C THR M 111 14.84 -77.39 36.74
N VAL M 112 14.64 -78.16 37.81
CA VAL M 112 13.45 -79.02 37.86
C VAL M 112 12.21 -78.19 38.15
N ASN M 113 12.35 -76.88 38.40
CA ASN M 113 11.26 -76.02 38.79
C ASN M 113 10.93 -75.01 37.69
N VAL M 114 11.94 -74.45 37.02
CA VAL M 114 11.77 -73.30 36.14
C VAL M 114 12.21 -73.67 34.75
N ASP M 115 13.47 -74.10 34.57
CA ASP M 115 13.94 -74.56 33.25
C ASP M 115 13.04 -75.70 32.76
N SER M 116 12.53 -76.49 33.71
CA SER M 116 11.63 -77.59 33.48
C SER M 116 10.24 -77.10 33.08
N ILE M 117 10.04 -75.80 32.91
CA ILE M 117 8.77 -75.25 32.49
C ILE M 117 9.00 -74.41 31.24
N ILE M 118 10.12 -73.73 31.21
CA ILE M 118 10.49 -72.86 30.10
C ILE M 118 10.48 -73.70 28.82
N ILE M 119 11.20 -74.81 28.84
CA ILE M 119 11.25 -75.80 27.79
C ILE M 119 9.94 -76.53 27.77
N GLY M 120 9.55 -77.15 28.90
CA GLY M 120 8.31 -77.91 29.03
C GLY M 120 7.15 -77.37 28.15
N THR M 121 6.83 -76.12 28.42
CA THR M 121 5.75 -75.44 27.72
C THR M 121 6.16 -75.18 26.28
N GLN M 122 7.28 -74.40 26.06
CA GLN M 122 7.80 -74.14 24.72
C GLN M 122 7.61 -75.34 23.77
N VAL M 123 7.86 -76.56 24.35
CA VAL M 123 7.77 -77.80 23.61
C VAL M 123 6.31 -78.12 23.33
N LEU M 124 5.47 -78.12 24.33
CA LEU M 124 4.08 -78.51 24.12
C LEU M 124 3.26 -77.37 23.50
N LEU M 125 3.91 -76.20 23.25
CA LEU M 125 3.18 -74.98 22.90
C LEU M 125 2.51 -75.18 21.52
N PRO M 126 3.29 -75.36 20.43
CA PRO M 126 2.69 -75.49 19.09
C PRO M 126 1.61 -76.57 18.98
N LEU M 127 1.36 -77.30 20.08
CA LEU M 127 0.28 -78.25 20.19
C LEU M 127 -0.77 -77.74 21.17
N LEU M 128 -0.35 -76.94 22.14
CA LEU M 128 -1.28 -76.14 22.93
C LEU M 128 -2.02 -75.18 22.00
N LYS M 129 -1.35 -74.79 20.89
CA LYS M 129 -1.98 -74.06 19.79
C LYS M 129 -3.26 -74.76 19.25
N GLU M 130 -3.21 -76.11 19.24
CA GLU M 130 -4.33 -76.92 18.77
C GLU M 130 -5.43 -76.92 19.81
N GLY M 131 -5.12 -77.36 21.04
CA GLY M 131 -6.12 -77.60 22.09
C GLY M 131 -6.58 -76.29 22.76
N GLY M 132 -6.37 -75.14 22.05
CA GLY M 132 -6.97 -73.90 22.42
C GLY M 132 -7.85 -73.38 21.32
N LYS M 133 -7.36 -73.39 20.05
CA LYS M 133 -8.14 -72.97 18.86
C LYS M 133 -9.38 -73.86 18.64
N ALA M 134 -9.31 -75.04 19.24
CA ALA M 134 -10.35 -76.04 19.17
C ALA M 134 -10.95 -76.30 20.55
N ARG M 135 -11.04 -75.26 21.36
CA ARG M 135 -11.84 -75.30 22.59
C ARG M 135 -12.23 -73.89 22.95
N ALA M 136 -13.56 -73.65 23.10
CA ALA M 136 -14.00 -72.32 23.43
C ALA M 136 -12.84 -71.48 24.05
N GLY M 137 -12.46 -71.81 25.29
CA GLY M 137 -11.52 -71.00 26.05
C GLY M 137 -10.09 -71.17 25.55
N GLY M 138 -9.74 -72.41 25.33
CA GLY M 138 -8.46 -72.81 24.80
C GLY M 138 -7.65 -73.69 25.76
N ALA M 139 -6.34 -73.69 25.54
CA ALA M 139 -5.40 -74.53 26.25
C ALA M 139 -5.04 -73.85 27.57
N SER M 140 -4.62 -74.64 28.56
CA SER M 140 -4.36 -74.12 29.90
C SER M 140 -3.16 -74.87 30.49
N VAL M 141 -2.08 -74.17 30.68
CA VAL M 141 -0.93 -74.72 31.34
C VAL M 141 -1.22 -74.35 32.73
N VAL M 142 -0.82 -75.21 33.70
CA VAL M 142 -0.97 -75.00 35.15
C VAL M 142 0.37 -75.26 35.82
N ASN M 143 1.01 -74.20 36.33
CA ASN M 143 2.36 -74.27 36.88
C ASN M 143 2.34 -74.26 38.39
N PHE M 144 2.54 -75.42 38.97
CA PHE M 144 2.39 -75.55 40.40
C PHE M 144 3.50 -74.74 41.03
N SER M 145 3.20 -74.21 42.22
CA SER M 145 4.18 -73.46 43.00
C SER M 145 4.02 -73.81 44.46
N SER M 146 3.88 -72.78 45.33
CA SER M 146 3.95 -72.96 46.77
C SER M 146 3.96 -71.56 47.39
N VAL M 147 3.42 -71.49 48.65
CA VAL M 147 3.58 -70.30 49.46
C VAL M 147 5.07 -70.04 49.69
N ALA M 148 5.92 -70.84 49.06
CA ALA M 148 7.33 -70.58 48.97
C ALA M 148 7.51 -69.39 48.02
N GLY M 149 6.93 -69.54 46.80
CA GLY M 149 7.09 -68.49 45.80
C GLY M 149 6.10 -67.31 46.00
N LEU M 150 5.27 -67.42 47.07
CA LEU M 150 4.49 -66.30 47.55
C LEU M 150 5.17 -65.61 48.74
N ARG M 151 5.25 -66.36 49.86
CA ARG M 151 5.90 -65.88 51.05
C ARG M 151 7.25 -66.60 51.15
N GLY M 152 8.28 -65.84 51.56
CA GLY M 152 9.56 -66.45 51.83
C GLY M 152 9.53 -67.35 53.08
N ALA M 153 10.69 -67.97 53.31
CA ALA M 153 10.91 -68.64 54.54
C ALA M 153 12.36 -68.56 54.99
N ALA M 154 12.59 -68.86 56.28
CA ALA M 154 13.98 -68.90 56.74
C ALA M 154 14.59 -70.24 56.36
N PHE M 155 15.90 -70.23 56.05
CA PHE M 155 16.67 -71.42 55.71
C PHE M 155 16.44 -71.76 54.23
N ASN M 156 15.24 -71.56 53.66
CA ASN M 156 14.75 -72.14 52.44
C ASN M 156 15.11 -71.28 51.22
N ALA M 157 16.09 -70.36 51.37
CA ALA M 157 16.40 -69.42 50.32
C ALA M 157 16.44 -70.06 48.94
N ALA M 158 16.64 -71.39 48.90
CA ALA M 158 16.80 -72.09 47.66
C ALA M 158 15.45 -72.22 46.94
N TYR M 159 14.47 -72.83 47.63
CA TYR M 159 13.26 -73.29 46.99
C TYR M 159 12.55 -72.13 46.26
N CYS M 160 12.59 -70.94 46.86
CA CYS M 160 11.60 -69.90 46.58
C CYS M 160 11.94 -69.11 45.34
N THR M 161 13.21 -68.71 45.14
CA THR M 161 13.53 -67.87 43.98
C THR M 161 13.42 -68.70 42.70
N SER M 162 12.80 -69.87 42.77
CA SER M 162 12.34 -70.65 41.64
C SER M 162 10.85 -70.93 41.79
N LYS M 163 10.37 -71.20 43.01
CA LYS M 163 8.95 -71.17 43.32
C LYS M 163 8.36 -69.78 42.99
N ALA M 164 9.03 -68.73 43.46
CA ALA M 164 8.65 -67.38 43.09
C ALA M 164 8.90 -67.17 41.58
N ALA M 165 9.98 -67.73 41.07
CA ALA M 165 10.20 -67.70 39.64
C ALA M 165 9.08 -68.44 38.92
N VAL M 166 8.37 -69.33 39.63
CA VAL M 166 7.17 -69.96 39.11
C VAL M 166 6.04 -68.94 39.02
N LYS M 167 5.99 -68.07 40.00
CA LYS M 167 4.90 -67.12 40.15
C LYS M 167 4.74 -66.26 38.88
N MET M 168 5.81 -65.57 38.56
CA MET M 168 5.83 -64.52 37.55
C MET M 168 5.85 -65.11 36.14
N LEU M 169 6.30 -66.36 35.97
CA LEU M 169 6.28 -66.99 34.65
C LEU M 169 4.82 -67.21 34.25
N SER M 170 4.05 -67.85 35.17
CA SER M 170 2.62 -68.08 35.03
C SER M 170 1.78 -66.82 34.77
N LYS M 171 2.30 -65.67 35.18
CA LYS M 171 1.72 -64.35 34.95
C LYS M 171 2.22 -63.86 33.63
N CYS M 172 3.51 -63.99 33.35
CA CYS M 172 4.09 -63.36 32.18
C CYS M 172 3.51 -64.05 30.94
N LEU M 173 3.66 -65.38 30.87
CA LEU M 173 3.39 -66.12 29.64
C LEU M 173 1.93 -65.93 29.29
N GLY M 174 1.08 -65.96 30.41
CA GLY M 174 -0.36 -65.76 30.27
C GLY M 174 -0.68 -64.48 29.47
N ALA M 175 -0.20 -63.38 30.08
CA ALA M 175 -0.19 -62.09 29.41
C ALA M 175 0.36 -62.21 27.99
N GLU M 176 1.34 -63.08 27.75
CA GLU M 176 2.02 -63.12 26.48
C GLU M 176 1.16 -63.74 25.42
N PHE M 177 0.61 -64.91 25.71
CA PHE M 177 -0.24 -65.61 24.73
C PHE M 177 -1.56 -64.87 24.56
N ALA M 178 -1.97 -64.15 25.64
CA ALA M 178 -3.05 -63.20 25.60
C ALA M 178 -2.76 -62.08 24.59
N ALA M 179 -1.55 -61.54 24.60
CA ALA M 179 -1.10 -60.57 23.61
C ALA M 179 -1.18 -61.16 22.18
N LEU M 180 -0.95 -62.48 22.11
CA LEU M 180 -0.80 -63.19 20.86
C LEU M 180 -1.99 -64.14 20.73
N GLY M 181 -3.16 -63.75 21.28
CA GLY M 181 -4.40 -64.42 20.97
C GLY M 181 -4.22 -65.91 20.58
N TYR M 182 -3.23 -66.61 21.17
CA TYR M 182 -3.42 -68.03 21.48
C TYR M 182 -4.57 -68.19 22.46
N ASN M 183 -5.12 -69.38 22.52
CA ASN M 183 -6.37 -69.52 23.31
C ASN M 183 -6.07 -70.13 24.71
N ILE M 184 -5.03 -69.67 25.38
CA ILE M 184 -4.29 -70.49 26.33
C ILE M 184 -3.92 -69.71 27.58
N ARG M 185 -4.42 -70.10 28.75
CA ARG M 185 -4.38 -69.22 29.94
C ARG M 185 -3.44 -69.78 30.99
N VAL M 186 -2.36 -69.11 31.24
CA VAL M 186 -1.25 -69.59 32.08
C VAL M 186 -1.43 -69.14 33.54
N ASN M 187 -1.16 -70.03 34.47
CA ASN M 187 -1.54 -69.86 35.85
C ASN M 187 -0.65 -70.65 36.79
N SER M 188 -0.55 -70.17 38.04
CA SER M 188 0.31 -70.66 39.08
C SER M 188 -0.56 -71.13 40.25
N VAL M 189 -0.37 -72.37 40.70
CA VAL M 189 -1.14 -72.91 41.80
C VAL M 189 -0.17 -73.22 42.91
N HIS M 190 -0.41 -72.64 44.07
CA HIS M 190 0.57 -72.61 45.13
C HIS M 190 0.08 -73.65 46.13
N PRO M 191 0.79 -74.79 46.27
CA PRO M 191 0.84 -75.54 47.54
C PRO M 191 0.93 -74.78 48.87
N GLY M 192 0.14 -75.22 49.86
CA GLY M 192 0.46 -74.98 51.29
C GLY M 192 1.01 -76.26 51.86
N GLY M 193 0.86 -76.56 53.12
CA GLY M 193 1.47 -77.73 53.74
C GLY M 193 0.88 -79.02 53.18
N ILE M 194 1.64 -79.77 52.37
CA ILE M 194 1.16 -80.99 51.76
C ILE M 194 1.58 -82.23 52.56
N ASP M 195 0.59 -83.05 52.91
CA ASP M 195 0.77 -84.22 53.75
C ASP M 195 1.28 -85.38 52.90
N THR M 196 2.58 -85.44 52.74
CA THR M 196 3.25 -86.36 51.83
C THR M 196 4.63 -86.72 52.37
N PRO M 197 5.22 -87.86 51.95
CA PRO M 197 6.56 -88.24 52.39
C PRO M 197 7.66 -87.22 52.08
N MET M 198 7.54 -86.59 50.89
CA MET M 198 8.39 -85.45 50.49
C MET M 198 8.45 -84.39 51.59
N LEU M 199 7.30 -84.10 52.24
CA LEU M 199 7.21 -83.08 53.25
C LEU M 199 7.65 -83.68 54.60
N GLY M 200 7.14 -84.89 54.93
CA GLY M 200 7.61 -85.66 56.05
C GLY M 200 9.14 -85.73 56.05
N SER M 201 9.73 -85.77 54.87
CA SER M 201 11.18 -85.89 54.71
C SER M 201 11.90 -84.57 55.03
N LEU M 202 11.28 -83.48 54.61
CA LEU M 202 11.86 -82.13 54.69
C LEU M 202 12.03 -81.72 56.14
N MET M 203 11.37 -82.46 57.07
CA MET M 203 11.42 -82.08 58.47
C MET M 203 12.61 -82.73 59.15
N ASP M 204 13.33 -83.62 58.46
CA ASP M 204 14.59 -84.09 59.01
C ASP M 204 15.55 -82.90 58.95
N LYS M 205 15.88 -82.47 57.71
CA LYS M 205 16.77 -81.32 57.47
C LYS M 205 16.54 -80.28 58.59
N TYR M 206 15.24 -80.00 58.84
CA TYR M 206 14.84 -78.81 59.56
C TYR M 206 15.30 -78.86 61.02
N VAL M 207 15.34 -80.07 61.58
CA VAL M 207 15.71 -80.25 62.97
C VAL M 207 17.21 -80.16 63.09
N GLU M 208 17.93 -80.49 62.02
CA GLU M 208 19.40 -80.48 61.96
C GLU M 208 19.87 -79.04 62.03
N LEU M 209 19.08 -78.07 61.56
CA LEU M 209 19.45 -76.68 61.60
C LEU M 209 19.05 -76.03 62.90
N GLY M 210 18.25 -76.70 63.72
CA GLY M 210 18.11 -76.33 65.14
C GLY M 210 17.14 -75.17 65.36
N ALA M 211 16.05 -75.20 64.57
CA ALA M 211 14.97 -74.22 64.70
C ALA M 211 13.99 -74.68 65.78
N ALA M 212 13.82 -75.99 65.92
CA ALA M 212 12.89 -76.63 66.80
C ALA M 212 13.51 -77.92 67.35
N PRO M 213 13.05 -78.40 68.52
CA PRO M 213 13.68 -79.54 69.20
C PRO M 213 13.72 -80.82 68.34
N SER M 214 12.57 -81.18 67.75
CA SER M 214 12.37 -82.54 67.27
C SER M 214 11.49 -82.56 66.02
N ARG M 215 11.31 -83.76 65.46
CA ARG M 215 10.43 -83.98 64.33
C ARG M 215 9.00 -84.24 64.79
N GLU M 216 8.78 -84.28 66.10
CA GLU M 216 7.50 -84.49 66.77
C GLU M 216 6.87 -83.15 67.14
N VAL M 217 7.59 -82.02 66.95
CA VAL M 217 7.13 -80.67 67.21
C VAL M 217 7.08 -79.88 65.88
N ALA M 218 7.94 -80.23 64.93
CA ALA M 218 8.05 -79.56 63.66
C ALA M 218 6.81 -79.84 62.80
N GLN M 219 6.21 -81.03 62.99
CA GLN M 219 5.08 -81.45 62.19
C GLN M 219 3.89 -80.53 62.43
N ALA M 220 3.55 -80.33 63.71
CA ALA M 220 2.45 -79.47 64.11
C ALA M 220 2.86 -78.00 64.10
N ALA M 221 4.14 -77.71 63.97
CA ALA M 221 4.62 -76.36 63.74
C ALA M 221 4.26 -75.91 62.33
N MET M 222 4.32 -76.86 61.40
CA MET M 222 3.88 -76.64 60.02
C MET M 222 2.35 -76.48 59.99
N GLU M 223 1.67 -77.37 60.73
CA GLU M 223 0.22 -77.46 60.74
C GLU M 223 -0.42 -76.14 61.19
N MET M 224 0.10 -75.55 62.26
CA MET M 224 -0.56 -74.43 62.90
C MET M 224 -0.56 -73.21 61.97
N ARG M 225 0.44 -73.11 61.05
CA ARG M 225 0.52 -71.92 60.19
C ARG M 225 -0.67 -71.81 59.25
N HIS M 226 -1.42 -72.89 59.17
CA HIS M 226 -2.69 -72.89 58.45
C HIS M 226 -3.81 -72.84 59.50
N PRO M 227 -4.41 -71.65 59.77
CA PRO M 227 -5.60 -71.53 60.61
C PRO M 227 -6.70 -72.57 60.38
N ILE M 228 -6.77 -73.11 59.16
CA ILE M 228 -7.68 -74.20 58.87
C ILE M 228 -7.48 -75.34 59.87
N GLY M 229 -6.20 -75.55 60.27
CA GLY M 229 -5.85 -76.41 61.39
C GLY M 229 -5.24 -77.74 60.97
N ARG M 230 -4.45 -77.76 59.88
CA ARG M 230 -3.74 -78.95 59.48
C ARG M 230 -3.01 -78.68 58.17
N MET M 231 -2.30 -79.69 57.69
CA MET M 231 -1.73 -79.71 56.36
C MET M 231 -2.71 -80.33 55.34
N GLY M 232 -2.53 -79.96 54.09
CA GLY M 232 -3.37 -80.29 52.97
C GLY M 232 -2.97 -81.66 52.46
N ARG M 233 -3.98 -82.52 52.31
CA ARG M 233 -3.80 -83.83 51.72
C ARG M 233 -3.82 -83.66 50.21
N PRO M 234 -2.92 -84.36 49.46
CA PRO M 234 -2.99 -84.43 48.00
C PRO M 234 -4.38 -84.62 47.39
N ALA M 235 -5.26 -85.27 48.14
CA ALA M 235 -6.66 -85.43 47.75
C ALA M 235 -7.46 -84.15 47.90
N GLU M 236 -6.77 -82.99 48.01
CA GLU M 236 -7.38 -81.69 48.19
C GLU M 236 -6.69 -80.63 47.33
N MET M 237 -5.77 -81.07 46.46
CA MET M 237 -5.18 -80.25 45.45
C MET M 237 -5.87 -80.51 44.11
N GLY M 238 -6.98 -81.28 44.11
CA GLY M 238 -7.59 -81.84 42.89
C GLY M 238 -8.61 -80.93 42.20
N GLY M 239 -9.54 -80.39 42.99
CA GLY M 239 -10.59 -79.47 42.53
C GLY M 239 -10.11 -78.34 41.61
N GLY M 240 -9.26 -77.51 42.23
CA GLY M 240 -8.57 -76.42 41.55
C GLY M 240 -7.88 -76.90 40.26
N VAL M 241 -7.18 -78.04 40.34
CA VAL M 241 -6.47 -78.57 39.18
C VAL M 241 -7.47 -78.87 38.08
N VAL M 242 -8.59 -79.52 38.47
CA VAL M 242 -9.58 -79.90 37.49
C VAL M 242 -10.10 -78.60 36.81
N TYR M 243 -10.48 -77.61 37.64
CA TYR M 243 -11.17 -76.42 37.17
C TYR M 243 -10.31 -75.60 36.22
N LEU M 244 -9.06 -75.31 36.60
CA LEU M 244 -8.31 -74.26 35.89
C LEU M 244 -8.05 -74.70 34.45
N CYS M 245 -8.82 -75.68 33.91
CA CYS M 245 -8.66 -76.17 32.54
C CYS M 245 -9.99 -76.26 31.77
N SER M 246 -10.88 -75.26 31.95
CA SER M 246 -12.24 -75.37 31.43
C SER M 246 -12.85 -74.02 31.02
N ASP M 247 -13.92 -74.07 30.22
CA ASP M 247 -14.75 -72.92 29.89
C ASP M 247 -15.40 -72.32 31.16
N ALA M 248 -15.47 -73.14 32.21
CA ALA M 248 -15.87 -72.69 33.53
C ALA M 248 -14.82 -71.77 34.11
N ALA M 249 -13.58 -71.89 33.55
CA ALA M 249 -12.43 -71.12 33.99
C ALA M 249 -12.03 -70.12 32.90
N SER M 250 -13.02 -69.47 32.30
CA SER M 250 -12.82 -68.65 31.11
C SER M 250 -12.14 -67.35 31.51
N PHE M 251 -12.60 -66.75 32.67
CA PHE M 251 -12.18 -65.37 32.87
C PHE M 251 -10.89 -65.22 33.68
N VAL M 252 -10.13 -66.30 33.78
CA VAL M 252 -8.97 -66.39 34.63
C VAL M 252 -7.70 -66.60 33.79
N THR M 253 -6.70 -65.72 33.93
CA THR M 253 -5.34 -66.06 33.65
C THR M 253 -4.40 -65.32 34.59
N CYS M 254 -3.15 -65.83 34.66
CA CYS M 254 -2.05 -65.16 35.37
C CYS M 254 -2.26 -65.25 36.88
N THR M 255 -3.34 -65.91 37.33
CA THR M 255 -3.86 -65.79 38.66
C THR M 255 -2.84 -66.24 39.72
N GLU M 256 -3.26 -66.00 40.98
CA GLU M 256 -2.66 -66.57 42.16
C GLU M 256 -3.70 -67.49 42.77
N PHE M 257 -3.82 -68.70 42.22
CA PHE M 257 -4.73 -69.69 42.78
C PHE M 257 -4.08 -70.34 43.97
N VAL M 258 -4.62 -70.10 45.16
CA VAL M 258 -4.02 -70.54 46.43
C VAL M 258 -4.79 -71.76 46.90
N MET M 259 -4.06 -72.81 47.26
CA MET M 259 -4.60 -73.96 48.01
C MET M 259 -3.67 -74.23 49.19
N ASP M 260 -3.93 -73.48 50.29
CA ASP M 260 -3.02 -73.33 51.40
C ASP M 260 -3.75 -73.38 52.73
N GLY M 261 -5.05 -73.58 52.77
CA GLY M 261 -5.80 -73.67 54.02
C GLY M 261 -5.78 -72.39 54.86
N GLY M 262 -5.55 -71.28 54.12
CA GLY M 262 -5.51 -69.94 54.67
C GLY M 262 -4.19 -69.67 55.39
N PHE M 263 -3.12 -70.21 54.80
CA PHE M 263 -1.76 -70.03 55.32
C PHE M 263 -1.32 -68.58 55.07
N SER M 264 -0.83 -68.33 53.84
CA SER M 264 -0.19 -67.07 53.52
C SER M 264 -1.13 -65.91 53.81
N GLN M 265 -2.37 -66.11 53.43
CA GLN M 265 -3.42 -65.11 53.56
C GLN M 265 -3.22 -64.43 54.93
N VAL M 266 -3.24 -65.20 56.01
CA VAL M 266 -3.36 -64.60 57.34
C VAL M 266 -2.41 -65.30 58.35
N ALA N 11 5.76 80.77 -21.50
CA ALA N 11 6.90 81.56 -21.98
C ALA N 11 7.21 81.15 -23.42
N LEU N 12 7.62 82.14 -24.21
CA LEU N 12 8.19 81.89 -25.52
C LEU N 12 9.51 82.67 -25.58
N ASN N 13 10.44 82.37 -24.65
CA ASN N 13 11.57 83.23 -24.41
C ASN N 13 12.67 83.02 -25.43
N ASN N 14 13.11 84.08 -26.11
CA ASN N 14 14.01 83.97 -27.27
C ASN N 14 13.35 83.08 -28.33
N VAL N 15 12.26 83.57 -28.91
CA VAL N 15 11.48 82.85 -29.93
C VAL N 15 11.34 83.67 -31.24
N VAL N 16 11.69 83.03 -32.33
CA VAL N 16 11.52 83.59 -33.66
C VAL N 16 10.18 83.12 -34.20
N ALA N 17 9.21 84.03 -34.24
CA ALA N 17 7.83 83.63 -34.58
C ALA N 17 7.33 84.34 -35.81
N VAL N 18 6.88 83.56 -36.81
CA VAL N 18 6.46 84.10 -38.10
C VAL N 18 5.03 83.64 -38.35
N VAL N 19 4.07 84.55 -38.19
CA VAL N 19 2.65 84.26 -38.25
C VAL N 19 2.11 84.66 -39.61
N THR N 20 1.18 83.89 -40.15
CA THR N 20 0.59 84.16 -41.45
C THR N 20 -0.90 84.50 -41.29
N GLY N 21 -1.43 85.26 -42.27
CA GLY N 21 -2.82 85.68 -42.29
C GLY N 21 -3.23 86.40 -41.00
N ALA N 22 -2.32 87.24 -40.46
CA ALA N 22 -2.34 87.68 -39.08
C ALA N 22 -3.18 88.96 -38.91
N ALA N 23 -3.87 89.40 -39.98
CA ALA N 23 -4.97 90.33 -39.87
C ALA N 23 -6.30 89.60 -39.65
N GLY N 24 -6.22 88.27 -39.47
CA GLY N 24 -7.36 87.44 -39.19
C GLY N 24 -7.82 87.58 -37.74
N GLY N 25 -9.01 87.01 -37.46
CA GLY N 25 -9.59 87.06 -36.11
C GLY N 25 -8.66 86.39 -35.09
N ILE N 26 -8.67 85.07 -35.16
CA ILE N 26 -7.72 84.20 -34.43
C ILE N 26 -6.31 84.71 -34.73
N GLY N 27 -6.04 85.09 -36.01
CA GLY N 27 -4.78 85.63 -36.43
C GLY N 27 -4.08 86.51 -35.36
N ARG N 28 -4.73 87.66 -35.07
CA ARG N 28 -4.15 88.62 -34.15
C ARG N 28 -4.10 88.02 -32.76
N GLU N 29 -5.19 87.35 -32.34
CA GLU N 29 -5.31 86.76 -31.00
C GLU N 29 -4.09 85.91 -30.58
N LEU N 30 -3.44 85.38 -31.60
CA LEU N 30 -2.27 84.55 -31.45
C LEU N 30 -1.08 85.47 -31.24
N VAL N 31 -0.99 86.55 -32.05
CA VAL N 31 0.12 87.48 -32.01
C VAL N 31 0.14 88.15 -30.64
N LYS N 32 -1.06 88.58 -30.16
CA LYS N 32 -1.18 89.34 -28.94
C LYS N 32 -0.64 88.54 -27.78
N ALA N 33 -1.11 87.28 -27.67
CA ALA N 33 -0.80 86.42 -26.53
C ALA N 33 0.68 86.03 -26.50
N MET N 34 1.32 86.03 -27.66
CA MET N 34 2.72 85.69 -27.82
C MET N 34 3.61 86.85 -27.37
N LYS N 35 3.09 88.09 -27.30
CA LYS N 35 3.85 89.27 -26.94
C LYS N 35 3.54 89.72 -25.53
N ALA N 36 2.61 89.07 -24.81
CA ALA N 36 2.64 89.11 -23.35
C ALA N 36 3.31 87.86 -22.79
N ALA N 37 4.09 87.19 -23.68
CA ALA N 37 4.86 86.02 -23.35
C ALA N 37 6.37 86.33 -23.44
N ASN N 38 6.70 87.28 -24.32
CA ASN N 38 8.04 87.76 -24.59
C ASN N 38 8.64 87.10 -25.83
N ALA N 39 7.81 86.53 -26.72
CA ALA N 39 8.23 86.03 -28.00
C ALA N 39 8.54 87.19 -28.98
N ILE N 40 8.89 86.82 -30.23
CA ILE N 40 9.28 87.82 -31.21
C ILE N 40 8.52 87.56 -32.52
N VAL N 41 7.36 88.24 -32.66
CA VAL N 41 6.36 87.92 -33.66
C VAL N 41 6.65 88.61 -34.98
N ILE N 42 6.32 87.97 -36.09
CA ILE N 42 6.27 88.58 -37.41
C ILE N 42 4.88 88.31 -38.03
N ALA N 43 4.07 89.38 -38.19
CA ALA N 43 2.73 89.25 -38.74
C ALA N 43 2.75 89.54 -40.25
N THR N 44 1.90 88.83 -41.03
CA THR N 44 1.91 88.90 -42.47
C THR N 44 0.52 88.68 -43.01
N ASP N 45 0.06 89.62 -43.88
CA ASP N 45 -1.17 89.52 -44.65
C ASP N 45 -1.01 90.41 -45.90
N MET N 46 -1.77 90.13 -46.97
CA MET N 46 -1.51 90.73 -48.28
C MET N 46 -2.04 92.17 -48.34
N ALA N 47 -2.82 92.61 -47.35
CA ALA N 47 -3.22 94.01 -47.31
C ALA N 47 -2.00 94.81 -46.85
N PRO N 48 -1.63 95.93 -47.58
CA PRO N 48 -0.33 96.56 -47.44
C PRO N 48 0.12 96.91 -46.04
N SER N 49 -0.81 97.26 -45.14
CA SER N 49 -0.43 97.69 -43.80
C SER N 49 -1.46 97.20 -42.79
N ALA N 50 -0.95 96.82 -41.59
CA ALA N 50 -1.84 96.22 -40.61
C ALA N 50 -1.64 96.79 -39.21
N ASP N 51 -2.79 96.96 -38.56
CA ASP N 51 -2.96 97.38 -37.18
C ASP N 51 -2.82 96.12 -36.30
N VAL N 52 -1.58 95.67 -36.13
CA VAL N 52 -1.29 94.42 -35.44
C VAL N 52 -0.53 94.69 -34.14
N GLU N 53 -1.26 94.57 -33.02
CA GLU N 53 -0.73 94.99 -31.74
C GLU N 53 0.13 93.91 -31.14
N GLY N 54 1.43 93.94 -31.46
CA GLY N 54 2.41 93.02 -30.93
C GLY N 54 3.58 92.84 -31.93
N ALA N 55 3.22 92.56 -33.19
CA ALA N 55 4.15 92.06 -34.19
C ALA N 55 5.44 92.89 -34.28
N ASP N 56 6.59 92.26 -34.09
CA ASP N 56 7.87 92.93 -34.19
C ASP N 56 8.15 93.35 -35.63
N HIS N 57 7.31 92.94 -36.59
CA HIS N 57 7.46 93.28 -37.97
C HIS N 57 6.07 93.38 -38.63
N TYR N 58 6.04 93.95 -39.84
CA TYR N 58 5.03 93.55 -40.82
C TYR N 58 5.67 93.28 -42.19
N LEU N 59 5.25 92.20 -42.83
CA LEU N 59 5.55 91.96 -44.25
C LEU N 59 4.29 91.61 -45.03
N GLN N 60 3.95 92.46 -45.97
CA GLN N 60 2.86 92.22 -46.90
C GLN N 60 3.27 91.00 -47.71
N HIS N 61 2.52 89.92 -47.54
CA HIS N 61 2.98 88.57 -47.87
C HIS N 61 1.81 87.77 -48.44
N ASP N 62 2.06 87.23 -49.61
CA ASP N 62 1.19 86.26 -50.23
C ASP N 62 1.61 84.86 -49.81
N VAL N 63 0.75 84.21 -49.01
CA VAL N 63 1.03 82.88 -48.50
C VAL N 63 0.97 81.84 -49.62
N THR N 64 0.33 82.16 -50.75
CA THR N 64 0.32 81.31 -51.93
C THR N 64 1.62 81.57 -52.71
N SER N 65 2.26 82.76 -52.49
CA SER N 65 3.47 83.16 -53.18
C SER N 65 4.71 82.60 -52.53
N GLU N 66 5.56 81.93 -53.33
CA GLU N 66 6.93 81.65 -52.93
C GLU N 66 7.75 82.93 -52.94
N ALA N 67 7.39 83.87 -53.82
CA ALA N 67 8.07 85.15 -53.91
C ALA N 67 7.89 85.89 -52.58
N GLY N 68 6.66 85.91 -52.07
CA GLY N 68 6.35 86.54 -50.79
C GLY N 68 7.14 85.94 -49.64
N TRP N 69 7.35 84.61 -49.68
CA TRP N 69 7.87 83.88 -48.53
C TRP N 69 9.37 84.10 -48.44
N LYS N 70 10.07 83.95 -49.57
CA LYS N 70 11.50 84.22 -49.60
C LYS N 70 11.76 85.65 -49.09
N ALA N 71 10.75 86.54 -49.16
CA ALA N 71 10.86 87.90 -48.68
C ALA N 71 11.12 87.89 -47.17
N VAL N 72 10.20 87.30 -46.43
CA VAL N 72 10.19 87.36 -44.97
C VAL N 72 11.38 86.59 -44.42
N ALA N 73 11.70 85.47 -45.10
CA ALA N 73 12.84 84.62 -44.77
C ALA N 73 14.13 85.42 -44.70
N ALA N 74 14.38 86.16 -45.79
CA ALA N 74 15.62 86.90 -45.96
C ALA N 74 15.77 87.97 -44.88
N LEU N 75 14.66 88.49 -44.34
CA LEU N 75 14.68 89.36 -43.19
C LEU N 75 15.16 88.58 -41.98
N ALA N 76 14.50 87.43 -41.70
CA ALA N 76 14.85 86.67 -40.51
C ALA N 76 16.33 86.20 -40.58
N GLN N 77 17.03 86.49 -41.67
CA GLN N 77 18.40 86.10 -41.89
C GLN N 77 19.38 87.12 -41.30
N GLU N 78 18.94 88.38 -41.13
CA GLU N 78 19.75 89.46 -40.58
C GLU N 78 19.32 89.82 -39.15
N LYS N 79 17.99 89.87 -38.92
CA LYS N 79 17.42 90.28 -37.66
C LYS N 79 17.64 89.21 -36.58
N TYR N 80 17.49 87.91 -36.97
CA TYR N 80 17.53 86.82 -35.99
C TYR N 80 18.40 85.65 -36.45
N GLY N 81 18.53 85.42 -37.77
CA GLY N 81 19.49 84.48 -38.31
C GLY N 81 19.06 83.00 -38.24
N ARG N 82 17.77 82.80 -37.97
CA ARG N 82 17.18 81.50 -37.71
C ARG N 82 15.68 81.71 -37.66
N VAL N 83 14.91 80.64 -37.44
CA VAL N 83 13.49 80.74 -37.13
C VAL N 83 13.17 79.70 -36.07
N ASP N 84 12.41 80.10 -35.04
CA ASP N 84 11.95 79.22 -34.00
C ASP N 84 10.52 78.75 -34.27
N ALA N 85 9.72 79.71 -34.72
CA ALA N 85 8.29 79.43 -34.87
C ALA N 85 7.84 79.83 -36.29
N LEU N 86 7.29 78.84 -37.00
CA LEU N 86 6.66 79.12 -38.26
C LEU N 86 5.20 78.81 -38.08
N VAL N 87 4.37 79.86 -38.03
CA VAL N 87 2.95 79.74 -37.69
C VAL N 87 2.11 79.85 -38.96
N HIS N 88 1.64 78.69 -39.44
CA HIS N 88 0.72 78.67 -40.56
C HIS N 88 -0.67 79.01 -40.03
N ASN N 89 -1.31 80.07 -40.59
CA ASN N 89 -2.63 80.47 -40.11
C ASN N 89 -3.53 80.82 -41.30
N ALA N 90 -2.93 81.42 -42.33
CA ALA N 90 -3.66 81.82 -43.51
C ALA N 90 -4.22 80.60 -44.22
N GLY N 91 -5.52 80.68 -44.58
CA GLY N 91 -6.24 79.67 -45.34
C GLY N 91 -7.75 79.81 -45.20
N ILE N 92 -8.49 79.95 -46.35
CA ILE N 92 -9.89 80.29 -46.28
C ILE N 92 -10.80 79.08 -46.61
N SER N 93 -12.06 79.21 -46.20
CA SER N 93 -13.11 78.23 -46.23
C SER N 93 -14.18 78.69 -47.21
N ILE N 94 -14.90 77.75 -47.83
CA ILE N 94 -16.01 78.04 -48.71
C ILE N 94 -17.16 77.17 -48.26
N VAL N 95 -18.32 77.53 -48.77
CA VAL N 95 -19.52 76.67 -48.78
C VAL N 95 -19.98 76.57 -50.26
N THR N 96 -20.25 75.37 -50.74
CA THR N 96 -20.82 75.16 -52.05
C THR N 96 -21.35 73.72 -52.23
N LYS N 97 -22.36 73.61 -53.09
CA LYS N 97 -23.06 72.42 -53.47
C LYS N 97 -22.14 71.61 -54.39
N PHE N 98 -22.21 70.27 -54.31
CA PHE N 98 -21.06 69.53 -54.78
C PHE N 98 -20.88 69.69 -56.31
N GLU N 99 -22.02 69.52 -57.04
CA GLU N 99 -21.91 69.32 -58.47
C GLU N 99 -21.84 70.67 -59.21
N ASP N 100 -22.05 71.79 -58.48
CA ASP N 100 -21.98 73.11 -59.07
C ASP N 100 -20.62 73.76 -58.80
N THR N 101 -19.61 72.96 -58.42
CA THR N 101 -18.28 73.45 -58.10
C THR N 101 -17.35 73.25 -59.28
N PRO N 102 -16.86 74.35 -59.91
CA PRO N 102 -15.70 74.23 -60.81
C PRO N 102 -14.58 73.65 -59.97
N LEU N 103 -13.82 72.71 -60.57
CA LEU N 103 -12.66 72.16 -59.86
C LEU N 103 -11.62 73.23 -59.56
N SER N 104 -11.63 74.25 -60.41
CA SER N 104 -10.92 75.49 -60.24
C SER N 104 -11.11 76.04 -58.84
N ASP N 105 -12.32 75.90 -58.30
CA ASP N 105 -12.62 76.46 -56.97
C ASP N 105 -11.84 75.65 -55.94
N PHE N 106 -11.75 74.33 -56.16
CA PHE N 106 -10.99 73.44 -55.33
C PHE N 106 -9.52 73.87 -55.29
N HIS N 107 -8.92 74.10 -56.44
CA HIS N 107 -7.47 74.37 -56.54
C HIS N 107 -7.15 75.75 -55.97
N ARG N 108 -8.13 76.65 -55.93
CA ARG N 108 -7.91 77.95 -55.29
C ARG N 108 -7.78 77.75 -53.77
N VAL N 109 -8.21 76.61 -53.24
CA VAL N 109 -8.23 76.32 -51.82
C VAL N 109 -6.94 75.60 -51.47
N ASN N 110 -6.48 74.69 -52.35
CA ASN N 110 -5.27 73.93 -52.12
C ASN N 110 -4.07 74.87 -51.99
N THR N 111 -4.01 75.91 -52.85
CA THR N 111 -2.87 76.81 -52.85
C THR N 111 -2.89 77.65 -51.58
N VAL N 112 -4.02 78.27 -51.28
CA VAL N 112 -4.20 78.99 -50.01
C VAL N 112 -4.01 78.04 -48.82
N ASN N 113 -4.97 77.11 -48.61
CA ASN N 113 -5.04 76.44 -47.30
C ASN N 113 -3.85 75.50 -47.13
N VAL N 114 -3.32 74.93 -48.25
CA VAL N 114 -2.37 73.85 -48.18
C VAL N 114 -1.04 74.28 -48.75
N ASP N 115 -0.97 74.69 -50.05
CA ASP N 115 0.31 74.96 -50.70
C ASP N 115 1.17 75.85 -49.79
N SER N 116 0.52 76.88 -49.23
CA SER N 116 1.18 77.84 -48.37
C SER N 116 2.31 77.19 -47.61
N ILE N 117 2.00 76.06 -46.98
CA ILE N 117 2.95 75.34 -46.12
C ILE N 117 4.02 74.65 -46.99
N ILE N 118 3.59 74.10 -48.10
CA ILE N 118 4.49 73.50 -49.08
C ILE N 118 5.39 74.61 -49.62
N ILE N 119 4.99 75.84 -49.34
CA ILE N 119 5.72 77.03 -49.74
C ILE N 119 6.52 77.47 -48.54
N GLY N 120 5.85 78.10 -47.59
CA GLY N 120 6.50 78.64 -46.40
C GLY N 120 7.52 77.68 -45.78
N THR N 121 7.21 76.37 -45.84
CA THR N 121 8.00 75.36 -45.19
C THR N 121 9.25 75.09 -46.04
N GLN N 122 9.04 74.89 -47.38
CA GLN N 122 10.14 74.67 -48.28
C GLN N 122 11.07 75.88 -48.34
N VAL N 123 10.72 77.00 -47.67
CA VAL N 123 11.38 78.26 -47.73
C VAL N 123 11.95 78.63 -46.38
N LEU N 124 11.20 78.40 -45.32
CA LEU N 124 11.64 78.90 -43.99
C LEU N 124 12.49 77.82 -43.27
N LEU N 125 12.83 76.74 -43.99
CA LEU N 125 13.45 75.57 -43.38
C LEU N 125 14.89 75.84 -43.00
N PRO N 126 15.75 76.43 -43.90
CA PRO N 126 17.16 76.71 -43.57
C PRO N 126 17.31 77.43 -42.24
N LEU N 127 16.28 78.21 -41.93
CA LEU N 127 16.09 78.90 -40.67
C LEU N 127 15.48 77.96 -39.64
N LEU N 128 14.43 77.19 -40.01
CA LEU N 128 13.78 76.29 -39.07
C LEU N 128 14.74 75.22 -38.57
N LYS N 129 15.53 74.65 -39.50
CA LYS N 129 16.67 73.83 -39.13
C LYS N 129 17.47 74.56 -38.06
N GLU N 130 17.83 75.84 -38.30
CA GLU N 130 18.60 76.65 -37.39
C GLU N 130 17.79 76.91 -36.14
N GLY N 131 16.53 77.25 -36.32
CA GLY N 131 15.60 77.39 -35.19
C GLY N 131 15.68 76.10 -34.34
N GLY N 132 15.60 74.94 -35.05
CA GLY N 132 15.67 73.65 -34.43
C GLY N 132 17.04 73.35 -33.81
N LYS N 133 17.93 74.36 -33.76
CA LYS N 133 19.14 74.32 -32.99
C LYS N 133 18.95 74.89 -31.57
N ALA N 134 19.14 76.16 -31.34
CA ALA N 134 19.16 76.67 -29.96
C ALA N 134 17.74 76.68 -29.32
N ARG N 135 17.09 75.52 -29.47
CA ARG N 135 15.92 75.15 -28.65
C ARG N 135 16.20 73.73 -28.10
N ALA N 136 15.75 73.45 -26.86
CA ALA N 136 15.93 72.16 -26.23
C ALA N 136 15.02 71.12 -26.96
N GLY N 137 13.68 71.33 -26.83
CA GLY N 137 12.71 70.43 -27.40
C GLY N 137 12.60 70.61 -28.90
N GLY N 138 13.32 71.59 -29.47
CA GLY N 138 13.29 71.84 -30.89
C GLY N 138 12.30 72.94 -31.25
N ALA N 139 12.35 73.35 -32.53
CA ALA N 139 11.40 74.30 -33.10
C ALA N 139 10.03 73.64 -33.30
N SER N 140 8.95 74.41 -33.45
CA SER N 140 7.67 73.81 -33.82
C SER N 140 6.94 74.64 -34.89
N VAL N 141 6.08 73.92 -35.63
CA VAL N 141 5.33 74.43 -36.77
C VAL N 141 3.90 74.02 -36.56
N VAL N 142 3.00 75.00 -36.45
CA VAL N 142 1.59 74.79 -36.06
C VAL N 142 0.62 75.16 -37.21
N ASN N 143 0.24 74.17 -38.01
CA ASN N 143 -0.62 74.33 -39.17
C ASN N 143 -2.07 74.41 -38.73
N PHE N 144 -2.79 75.44 -39.19
CA PHE N 144 -4.17 75.62 -38.74
C PHE N 144 -5.09 74.81 -39.66
N SER N 145 -5.34 73.57 -39.26
CA SER N 145 -6.35 72.74 -39.88
C SER N 145 -7.70 73.12 -39.30
N SER N 146 -8.49 72.15 -38.78
CA SER N 146 -9.76 72.38 -38.14
C SER N 146 -10.49 71.05 -38.08
N VAL N 147 -11.61 71.01 -37.32
CA VAL N 147 -12.57 69.91 -37.37
C VAL N 147 -13.14 69.78 -38.79
N ALA N 148 -12.51 70.39 -39.76
CA ALA N 148 -12.76 70.22 -41.16
C ALA N 148 -12.19 68.91 -41.63
N GLY N 149 -11.36 68.28 -40.78
CA GLY N 149 -10.73 67.00 -41.13
C GLY N 149 -10.86 65.99 -39.99
N LEU N 150 -12.01 66.05 -39.31
CA LEU N 150 -12.29 65.24 -38.11
C LEU N 150 -13.76 64.74 -38.12
N ARG N 151 -14.58 65.52 -38.84
CA ARG N 151 -15.94 65.19 -39.13
C ARG N 151 -16.40 66.08 -40.30
N GLY N 152 -16.95 65.39 -41.34
CA GLY N 152 -17.52 66.03 -42.50
C GLY N 152 -18.83 66.78 -42.27
N ALA N 153 -19.24 67.51 -43.28
CA ALA N 153 -20.36 68.44 -43.21
C ALA N 153 -20.90 68.69 -44.60
N ALA N 154 -22.25 68.76 -44.77
CA ALA N 154 -22.73 68.89 -46.13
C ALA N 154 -22.23 70.23 -46.72
N PHE N 155 -21.88 70.21 -48.02
CA PHE N 155 -21.53 71.40 -48.79
C PHE N 155 -20.21 71.97 -48.30
N ASN N 156 -19.26 71.08 -47.96
CA ASN N 156 -17.97 71.49 -47.45
C ASN N 156 -16.86 70.68 -48.10
N ALA N 157 -17.13 69.91 -49.15
CA ALA N 157 -16.12 69.09 -49.80
C ALA N 157 -14.82 69.86 -49.95
N ALA N 158 -14.97 71.12 -50.42
CA ALA N 158 -13.86 71.93 -50.85
C ALA N 158 -12.87 72.11 -49.71
N TYR N 159 -13.46 72.59 -48.61
CA TYR N 159 -12.65 73.04 -47.47
C TYR N 159 -12.35 71.82 -46.61
N CYS N 160 -13.36 70.93 -46.38
CA CYS N 160 -13.22 69.78 -45.53
C CYS N 160 -12.03 68.90 -45.88
N THR N 161 -11.48 69.10 -47.08
CA THR N 161 -10.40 68.28 -47.64
C THR N 161 -9.05 68.98 -47.51
N SER N 162 -9.08 70.33 -47.52
CA SER N 162 -7.85 71.13 -47.52
C SER N 162 -7.19 71.15 -46.15
N LYS N 163 -7.97 71.53 -45.13
CA LYS N 163 -7.49 71.46 -43.75
C LYS N 163 -7.23 70.01 -43.35
N ALA N 164 -7.81 69.08 -44.07
CA ALA N 164 -7.70 67.65 -43.82
C ALA N 164 -6.30 67.17 -44.21
N ALA N 165 -5.94 67.41 -45.46
CA ALA N 165 -4.58 67.13 -45.91
C ALA N 165 -3.61 67.87 -44.97
N VAL N 166 -3.77 69.22 -44.85
CA VAL N 166 -2.80 70.00 -44.12
C VAL N 166 -2.42 69.23 -42.86
N LYS N 167 -3.47 68.74 -42.22
CA LYS N 167 -3.36 67.85 -41.07
C LYS N 167 -2.33 66.73 -41.35
N MET N 168 -2.76 65.78 -42.20
CA MET N 168 -1.90 64.66 -42.55
C MET N 168 -0.52 65.22 -42.86
N LEU N 169 -0.50 66.30 -43.66
CA LEU N 169 0.71 66.91 -44.17
C LEU N 169 1.65 67.15 -42.99
N SER N 170 1.07 67.68 -41.89
CA SER N 170 1.83 68.00 -40.71
C SER N 170 2.42 66.73 -40.14
N LYS N 171 1.57 65.74 -39.91
CA LYS N 171 1.96 64.43 -39.33
C LYS N 171 3.18 63.86 -40.07
N CYS N 172 3.19 64.00 -41.39
CA CYS N 172 4.33 63.61 -42.18
C CYS N 172 5.54 64.48 -41.81
N LEU N 173 5.32 65.76 -41.53
CA LEU N 173 6.40 66.66 -41.12
C LEU N 173 7.06 66.20 -39.82
N GLY N 174 6.24 65.94 -38.81
CA GLY N 174 6.70 65.29 -37.60
C GLY N 174 7.51 64.00 -37.87
N ALA N 175 7.22 63.31 -38.98
CA ALA N 175 7.86 62.07 -39.29
C ALA N 175 9.18 62.28 -40.04
N GLU N 176 9.18 63.15 -41.04
CA GLU N 176 10.31 63.29 -41.97
C GLU N 176 11.38 64.11 -41.27
N PHE N 177 10.98 65.16 -40.55
CA PHE N 177 11.94 66.10 -39.98
C PHE N 177 12.87 65.36 -39.01
N ALA N 178 12.25 64.71 -38.04
CA ALA N 178 12.96 64.01 -36.97
C ALA N 178 13.75 62.86 -37.54
N ALA N 179 13.48 62.50 -38.79
CA ALA N 179 14.13 61.41 -39.47
C ALA N 179 15.42 61.91 -40.12
N LEU N 180 15.57 63.24 -40.24
CA LEU N 180 16.68 63.78 -41.01
C LEU N 180 17.73 64.40 -40.09
N GLY N 181 17.50 64.40 -38.82
CA GLY N 181 18.43 64.92 -37.86
C GLY N 181 18.01 66.29 -37.32
N TYR N 182 16.91 66.85 -37.85
CA TYR N 182 16.48 68.17 -37.43
C TYR N 182 15.60 68.03 -36.18
N ASN N 183 15.70 69.01 -35.28
CA ASN N 183 14.69 69.13 -34.23
C ASN N 183 13.75 70.20 -34.75
N ILE N 184 12.69 69.74 -35.46
CA ILE N 184 11.63 70.64 -35.93
C ILE N 184 10.31 69.93 -35.83
N ARG N 185 9.50 70.27 -34.83
CA ARG N 185 8.21 69.69 -34.55
C ARG N 185 7.15 70.28 -35.46
N VAL N 186 6.02 69.59 -35.58
CA VAL N 186 4.84 70.07 -36.29
C VAL N 186 3.60 69.48 -35.64
N ASN N 187 2.64 70.33 -35.28
CA ASN N 187 1.40 69.89 -34.65
C ASN N 187 0.18 70.44 -35.41
N SER N 188 -0.93 69.70 -35.41
CA SER N 188 -2.13 70.10 -36.13
C SER N 188 -3.25 70.43 -35.12
N VAL N 189 -3.86 71.61 -35.34
CA VAL N 189 -4.87 72.14 -34.45
C VAL N 189 -6.22 72.00 -35.12
N HIS N 190 -7.28 71.88 -34.32
CA HIS N 190 -8.62 71.63 -34.82
C HIS N 190 -9.67 72.45 -34.08
N PRO N 191 -9.79 73.78 -34.28
CA PRO N 191 -10.93 74.55 -33.73
C PRO N 191 -12.16 74.40 -34.64
N GLY N 192 -13.29 74.90 -34.17
CA GLY N 192 -14.58 74.70 -34.83
C GLY N 192 -14.89 75.81 -35.83
N GLY N 193 -16.20 76.06 -36.01
CA GLY N 193 -16.66 77.22 -36.75
C GLY N 193 -16.50 78.48 -35.91
N ILE N 194 -15.38 79.19 -36.07
CA ILE N 194 -14.97 80.22 -35.15
C ILE N 194 -15.74 81.53 -35.43
N ASP N 195 -15.56 82.47 -34.49
CA ASP N 195 -16.33 83.73 -34.41
C ASP N 195 -15.54 84.81 -35.13
N THR N 196 -14.97 84.52 -36.31
CA THR N 196 -14.51 85.58 -37.22
C THR N 196 -15.75 86.20 -37.87
N PRO N 197 -15.83 87.55 -38.05
CA PRO N 197 -16.91 88.12 -38.86
C PRO N 197 -16.79 87.68 -40.34
N MET N 198 -15.71 86.97 -40.68
CA MET N 198 -15.55 86.20 -41.91
C MET N 198 -16.57 85.06 -41.93
N LEU N 199 -16.44 84.14 -40.94
CA LEU N 199 -17.29 82.96 -40.88
C LEU N 199 -18.63 83.31 -40.23
N GLY N 200 -18.78 84.54 -39.74
CA GLY N 200 -19.99 85.06 -39.14
C GLY N 200 -21.14 85.07 -40.13
N SER N 201 -20.86 85.49 -41.39
CA SER N 201 -21.92 85.60 -42.40
C SER N 201 -21.89 84.44 -43.40
N LEU N 202 -21.22 83.33 -43.03
CA LEU N 202 -21.13 82.17 -43.87
C LEU N 202 -22.38 81.32 -43.78
N MET N 203 -23.23 81.59 -42.80
CA MET N 203 -24.42 80.79 -42.58
C MET N 203 -25.58 81.35 -43.38
N ASP N 204 -25.49 82.60 -43.79
CA ASP N 204 -26.33 83.20 -44.83
C ASP N 204 -26.29 82.29 -46.07
N LYS N 205 -25.15 81.63 -46.30
CA LYS N 205 -24.97 80.60 -47.31
C LYS N 205 -25.89 79.39 -47.04
N TYR N 206 -26.08 79.03 -45.74
CA TYR N 206 -26.97 77.94 -45.42
C TYR N 206 -28.42 78.34 -45.63
N VAL N 207 -28.65 79.47 -46.32
CA VAL N 207 -29.98 79.96 -46.65
C VAL N 207 -30.18 79.74 -48.14
N GLU N 208 -29.28 80.28 -48.97
CA GLU N 208 -29.26 80.04 -50.41
C GLU N 208 -29.47 78.53 -50.66
N LEU N 209 -28.60 77.79 -50.01
CA LEU N 209 -28.58 76.32 -50.03
C LEU N 209 -29.76 75.84 -49.20
N GLY N 210 -30.01 76.55 -48.07
CA GLY N 210 -31.13 76.26 -47.20
C GLY N 210 -30.84 75.01 -46.36
N ALA N 211 -29.59 74.92 -45.85
CA ALA N 211 -29.28 73.92 -44.83
C ALA N 211 -29.89 74.34 -43.50
N ALA N 212 -30.32 75.62 -43.36
CA ALA N 212 -31.10 76.10 -42.23
C ALA N 212 -32.15 77.09 -42.72
N PRO N 213 -32.97 77.70 -41.83
CA PRO N 213 -33.85 78.81 -42.22
C PRO N 213 -33.08 80.04 -42.74
N SER N 214 -33.01 81.12 -41.94
CA SER N 214 -32.21 82.28 -42.31
C SER N 214 -30.86 82.17 -41.60
N ARG N 215 -30.45 83.18 -40.81
CA ARG N 215 -29.12 83.22 -40.26
C ARG N 215 -29.18 82.79 -38.79
N GLU N 216 -30.32 83.07 -38.11
CA GLU N 216 -30.34 82.94 -36.65
C GLU N 216 -30.06 81.49 -36.23
N VAL N 217 -30.78 80.60 -36.88
CA VAL N 217 -30.80 79.16 -36.60
C VAL N 217 -29.71 78.44 -37.41
N ALA N 218 -29.28 79.10 -38.49
CA ALA N 218 -28.12 78.70 -39.26
C ALA N 218 -26.85 78.76 -38.41
N GLN N 219 -26.88 79.60 -37.35
CA GLN N 219 -25.80 79.67 -36.40
C GLN N 219 -26.08 78.84 -35.15
N ALA N 220 -27.37 78.69 -34.85
CA ALA N 220 -27.83 78.13 -33.60
C ALA N 220 -27.71 76.61 -33.59
N ALA N 221 -27.81 76.01 -34.79
CA ALA N 221 -27.66 74.57 -34.91
C ALA N 221 -26.20 74.19 -34.67
N MET N 222 -25.34 74.99 -35.27
CA MET N 222 -23.89 74.84 -35.33
C MET N 222 -23.36 74.84 -33.91
N GLU N 223 -23.76 75.84 -33.14
CA GLU N 223 -23.34 76.00 -31.75
C GLU N 223 -23.98 74.91 -30.90
N MET N 224 -25.20 74.48 -31.22
CA MET N 224 -25.88 73.46 -30.46
C MET N 224 -24.99 72.21 -30.47
N ARG N 225 -24.46 71.89 -31.68
CA ARG N 225 -23.77 70.63 -31.89
C ARG N 225 -22.35 70.71 -31.36
N HIS N 226 -21.87 71.90 -30.95
CA HIS N 226 -20.85 71.96 -29.93
C HIS N 226 -21.53 71.41 -28.68
N PRO N 227 -20.90 70.43 -27.97
CA PRO N 227 -21.33 70.08 -26.61
C PRO N 227 -21.34 71.27 -25.65
N ILE N 228 -20.32 72.15 -25.75
CA ILE N 228 -20.24 73.31 -24.91
C ILE N 228 -21.46 74.20 -25.15
N GLY N 229 -22.09 74.10 -26.34
CA GLY N 229 -23.39 74.70 -26.63
C GLY N 229 -23.28 76.10 -27.22
N ARG N 230 -22.31 76.88 -26.73
CA ARG N 230 -21.94 78.16 -27.32
C ARG N 230 -20.95 77.89 -28.46
N MET N 231 -20.46 78.99 -29.07
CA MET N 231 -19.45 78.95 -30.12
C MET N 231 -18.05 78.84 -29.48
N GLY N 232 -17.02 79.22 -30.26
CA GLY N 232 -15.74 79.58 -29.65
C GLY N 232 -15.23 80.97 -30.00
N ARG N 233 -14.92 81.79 -29.00
CA ARG N 233 -14.21 83.06 -29.25
C ARG N 233 -12.89 82.86 -30.02
N PRO N 234 -12.41 83.84 -30.78
CA PRO N 234 -11.14 83.70 -31.49
C PRO N 234 -9.94 83.55 -30.52
N ALA N 235 -10.06 84.18 -29.33
CA ALA N 235 -8.92 84.32 -28.43
C ALA N 235 -8.70 83.09 -27.54
N GLU N 236 -9.46 82.02 -27.80
CA GLU N 236 -9.40 80.75 -27.06
C GLU N 236 -8.25 79.90 -27.56
N MET N 237 -7.79 80.22 -28.78
CA MET N 237 -6.98 79.36 -29.60
C MET N 237 -5.50 79.62 -29.36
N GLY N 238 -5.17 80.54 -28.45
CA GLY N 238 -3.82 81.07 -28.25
C GLY N 238 -2.96 80.31 -27.26
N GLY N 239 -3.52 80.02 -26.09
CA GLY N 239 -2.88 79.24 -25.01
C GLY N 239 -2.41 77.87 -25.47
N GLY N 240 -2.79 77.48 -26.71
CA GLY N 240 -2.53 76.17 -27.26
C GLY N 240 -1.43 76.22 -28.30
N VAL N 241 -1.53 77.18 -29.20
CA VAL N 241 -0.49 77.42 -30.20
C VAL N 241 0.80 77.86 -29.51
N VAL N 242 0.70 78.60 -28.40
CA VAL N 242 1.83 78.99 -27.60
C VAL N 242 2.45 77.76 -26.94
N TYR N 243 1.58 76.84 -26.47
CA TYR N 243 2.03 75.54 -25.96
C TYR N 243 2.84 74.79 -27.04
N LEU N 244 2.26 74.63 -28.22
CA LEU N 244 2.94 74.08 -29.38
C LEU N 244 4.11 74.98 -29.78
N CYS N 245 4.36 76.10 -29.06
CA CYS N 245 5.45 77.01 -29.34
C CYS N 245 6.46 77.05 -28.17
N SER N 246 5.96 76.85 -26.92
CA SER N 246 6.86 76.66 -25.81
C SER N 246 7.64 75.37 -25.93
N ASP N 247 8.74 75.22 -25.20
CA ASP N 247 9.51 74.00 -25.15
C ASP N 247 8.80 72.92 -24.32
N ALA N 248 7.79 73.34 -23.50
CA ALA N 248 7.14 72.37 -22.63
C ALA N 248 6.56 71.20 -23.48
N ALA N 249 6.14 71.62 -24.72
CA ALA N 249 5.61 70.70 -25.70
C ALA N 249 6.74 70.08 -26.48
N SER N 250 7.77 69.65 -25.76
CA SER N 250 8.98 69.05 -26.33
C SER N 250 8.67 67.67 -26.90
N PHE N 251 7.57 67.04 -26.38
CA PHE N 251 7.20 65.71 -26.80
C PHE N 251 6.06 65.74 -27.80
N VAL N 252 5.56 66.97 -28.10
CA VAL N 252 4.29 67.10 -28.81
C VAL N 252 4.59 67.39 -30.26
N THR N 253 4.34 66.37 -31.08
CA THR N 253 4.70 66.49 -32.50
C THR N 253 4.05 65.36 -33.24
N CYS N 254 3.58 65.61 -34.48
CA CYS N 254 2.61 64.72 -35.19
C CYS N 254 1.22 64.77 -34.55
N THR N 255 1.13 65.40 -33.39
CA THR N 255 0.05 65.20 -32.45
C THR N 255 -1.15 65.98 -33.03
N GLU N 256 -2.37 65.44 -32.71
CA GLU N 256 -3.60 66.11 -33.08
C GLU N 256 -4.12 66.95 -31.92
N PHE N 257 -3.55 68.19 -31.86
CA PHE N 257 -3.96 69.18 -30.88
C PHE N 257 -5.25 69.82 -31.35
N VAL N 258 -6.33 69.55 -30.60
CA VAL N 258 -7.70 69.94 -30.96
C VAL N 258 -8.21 70.97 -29.96
N MET N 259 -9.10 71.86 -30.42
CA MET N 259 -9.64 72.97 -29.62
C MET N 259 -11.12 73.11 -29.91
N ASP N 260 -11.92 72.10 -29.47
CA ASP N 260 -13.24 71.87 -30.08
C ASP N 260 -14.41 72.19 -29.11
N GLY N 261 -14.20 72.02 -27.83
CA GLY N 261 -15.33 72.03 -26.87
C GLY N 261 -16.21 70.80 -27.05
N GLY N 262 -15.58 69.73 -27.54
CA GLY N 262 -16.19 68.41 -27.69
C GLY N 262 -16.74 68.15 -29.09
N PHE N 263 -16.57 69.10 -30.01
CA PHE N 263 -17.23 69.06 -31.29
C PHE N 263 -16.88 67.77 -32.02
N SER N 264 -15.60 67.54 -32.09
CA SER N 264 -15.08 66.31 -32.69
C SER N 264 -15.38 65.07 -31.84
N GLN N 265 -15.48 65.22 -30.55
CA GLN N 265 -15.49 64.07 -29.62
C GLN N 265 -16.86 63.47 -29.48
N VAL N 266 -17.90 64.11 -30.00
CA VAL N 266 -19.28 63.61 -30.05
C VAL N 266 -19.80 63.64 -31.52
N LEU O 12 23.02 -41.58 56.78
CA LEU O 12 23.84 -42.82 56.79
C LEU O 12 25.11 -42.52 57.54
N ASN O 13 24.98 -42.39 58.88
CA ASN O 13 26.11 -42.00 59.69
C ASN O 13 26.93 -43.22 60.07
N ASN O 14 28.25 -43.11 59.86
CA ASN O 14 29.17 -44.20 60.18
C ASN O 14 28.91 -45.41 59.28
N VAL O 15 28.19 -45.25 58.15
CA VAL O 15 27.79 -46.38 57.35
C VAL O 15 28.80 -46.59 56.25
N VAL O 16 29.68 -47.57 56.41
CA VAL O 16 30.49 -48.10 55.33
C VAL O 16 29.61 -49.08 54.55
N ALA O 17 29.49 -48.82 53.25
CA ALA O 17 28.64 -49.67 52.42
C ALA O 17 29.27 -49.95 51.05
N VAL O 18 28.94 -51.10 50.47
CA VAL O 18 29.35 -51.41 49.10
C VAL O 18 28.25 -50.89 48.19
N VAL O 19 28.61 -50.33 47.02
CA VAL O 19 27.60 -49.97 46.02
C VAL O 19 27.98 -50.60 44.67
N THR O 20 27.12 -51.51 44.19
CA THR O 20 27.32 -52.12 42.90
C THR O 20 26.68 -51.27 41.78
N GLY O 21 27.32 -51.32 40.61
CA GLY O 21 26.81 -50.58 39.46
C GLY O 21 26.80 -49.08 39.69
N ALA O 22 27.84 -48.55 40.39
CA ALA O 22 27.89 -47.20 40.84
C ALA O 22 28.13 -46.22 39.70
N ALA O 23 28.34 -46.72 38.46
CA ALA O 23 28.50 -45.91 37.27
C ALA O 23 27.38 -46.25 36.28
N GLY O 24 26.21 -46.56 36.82
CA GLY O 24 25.01 -46.66 36.00
C GLY O 24 24.02 -45.52 36.30
N GLY O 25 23.00 -45.38 35.43
CA GLY O 25 21.87 -44.53 35.70
C GLY O 25 21.67 -44.25 37.21
N ILE O 26 21.02 -45.22 37.79
CA ILE O 26 20.59 -45.17 39.21
C ILE O 26 21.82 -45.29 40.13
N GLY O 27 22.73 -46.22 39.79
CA GLY O 27 23.95 -46.43 40.59
C GLY O 27 24.64 -45.12 40.96
N ARG O 28 25.06 -44.38 39.91
CA ARG O 28 25.71 -43.09 40.03
C ARG O 28 24.89 -42.17 40.96
N GLU O 29 23.56 -42.26 40.85
CA GLU O 29 22.66 -41.42 41.57
C GLU O 29 22.53 -41.88 43.01
N LEU O 30 22.55 -43.20 43.23
CA LEU O 30 22.56 -43.74 44.58
C LEU O 30 23.82 -43.19 45.25
N VAL O 31 24.98 -43.27 44.55
CA VAL O 31 26.27 -42.96 45.12
C VAL O 31 26.26 -41.54 45.72
N LYS O 32 25.72 -40.57 44.95
CA LYS O 32 25.50 -39.23 45.43
C LYS O 32 24.60 -39.28 46.65
N ALA O 33 23.45 -39.94 46.47
CA ALA O 33 22.42 -40.01 47.51
C ALA O 33 22.92 -40.66 48.79
N MET O 34 23.85 -41.58 48.65
CA MET O 34 24.50 -42.28 49.76
C MET O 34 25.74 -41.51 50.24
N LYS O 35 26.19 -40.50 49.45
CA LYS O 35 27.26 -39.60 49.89
C LYS O 35 26.70 -38.26 50.36
N ALA O 36 25.53 -37.89 49.90
CA ALA O 36 24.72 -36.86 50.57
C ALA O 36 24.47 -37.25 52.04
N ALA O 37 24.41 -38.56 52.26
CA ALA O 37 24.10 -39.13 53.54
C ALA O 37 25.34 -39.32 54.38
N ASN O 38 26.50 -38.98 53.80
CA ASN O 38 27.78 -38.98 54.51
C ASN O 38 28.20 -40.42 54.84
N ALA O 39 27.73 -41.38 54.02
CA ALA O 39 28.24 -42.72 54.11
C ALA O 39 29.56 -42.82 53.32
N ILE O 40 30.40 -43.77 53.71
CA ILE O 40 31.55 -44.21 52.92
C ILE O 40 31.05 -45.28 51.92
N VAL O 41 31.41 -45.07 50.65
CA VAL O 41 30.94 -45.93 49.58
C VAL O 41 32.08 -46.77 49.05
N ILE O 42 31.95 -48.11 49.17
CA ILE O 42 32.86 -49.04 48.49
C ILE O 42 32.31 -49.34 47.08
N ALA O 43 32.66 -48.51 46.12
CA ALA O 43 31.93 -48.45 44.83
C ALA O 43 32.46 -49.51 43.92
N THR O 44 31.57 -50.15 43.13
CA THR O 44 31.98 -51.19 42.19
C THR O 44 31.19 -51.02 40.92
N ASP O 45 31.79 -51.39 39.76
CA ASP O 45 31.05 -51.36 38.50
C ASP O 45 31.88 -52.03 37.43
N MET O 46 31.20 -52.83 36.56
CA MET O 46 31.90 -53.62 35.54
C MET O 46 32.87 -52.79 34.71
N ALA O 47 32.51 -51.50 34.53
CA ALA O 47 33.30 -50.57 33.75
C ALA O 47 34.77 -50.55 34.20
N PRO O 48 35.71 -50.22 33.29
CA PRO O 48 37.13 -50.12 33.67
C PRO O 48 37.47 -49.15 34.82
N SER O 49 37.40 -47.84 34.59
CA SER O 49 37.31 -46.85 35.64
C SER O 49 36.48 -45.68 35.10
N ALA O 50 35.44 -45.34 35.83
CA ALA O 50 34.45 -44.34 35.44
C ALA O 50 34.44 -43.19 36.44
N ASP O 51 33.67 -42.15 36.09
CA ASP O 51 33.57 -40.93 36.88
C ASP O 51 32.39 -41.12 37.85
N VAL O 52 32.72 -41.11 39.16
CA VAL O 52 31.74 -41.29 40.19
C VAL O 52 32.01 -40.24 41.25
N GLU O 53 30.98 -39.40 41.49
CA GLU O 53 31.04 -38.32 42.42
C GLU O 53 30.67 -38.93 43.76
N GLY O 54 31.66 -38.99 44.66
CA GLY O 54 31.44 -39.28 46.09
C GLY O 54 31.97 -40.67 46.46
N ALA O 55 32.37 -41.47 45.48
CA ALA O 55 32.77 -42.84 45.74
C ALA O 55 34.11 -42.86 46.46
N ASP O 56 34.06 -43.10 47.76
CA ASP O 56 35.25 -43.20 48.61
C ASP O 56 36.28 -44.21 48.07
N HIS O 57 35.76 -45.30 47.47
CA HIS O 57 36.54 -46.23 46.68
C HIS O 57 35.75 -46.64 45.45
N TYR O 58 36.47 -47.20 44.46
CA TYR O 58 35.81 -47.80 43.30
C TYR O 58 36.58 -49.04 42.83
N LEU O 59 35.88 -50.18 42.68
CA LEU O 59 36.47 -51.36 42.11
C LEU O 59 35.74 -51.76 40.83
N GLN O 60 36.55 -51.89 39.77
CA GLN O 60 36.16 -52.64 38.60
C GLN O 60 35.95 -54.07 39.11
N HIS O 61 34.76 -54.55 38.78
CA HIS O 61 34.20 -55.73 39.43
C HIS O 61 33.09 -56.23 38.51
N ASP O 62 33.37 -57.24 37.65
CA ASP O 62 32.27 -58.02 37.08
C ASP O 62 31.68 -58.77 38.27
N VAL O 63 30.47 -58.31 38.64
CA VAL O 63 29.84 -58.71 39.90
C VAL O 63 29.95 -60.23 40.06
N THR O 64 29.88 -60.98 38.93
CA THR O 64 29.87 -62.44 38.95
C THR O 64 31.17 -62.99 39.54
N SER O 65 32.34 -62.41 39.15
CA SER O 65 33.64 -62.89 39.67
C SER O 65 33.67 -62.91 41.21
N GLU O 66 33.55 -64.10 41.79
CA GLU O 66 33.59 -64.23 43.27
C GLU O 66 34.97 -63.74 43.73
N ALA O 67 36.01 -64.01 42.93
CA ALA O 67 37.35 -63.48 43.26
C ALA O 67 37.25 -61.96 43.33
N GLY O 68 36.24 -61.40 42.66
CA GLY O 68 36.01 -59.95 42.68
C GLY O 68 35.24 -59.56 43.92
N TRP O 69 34.47 -60.50 44.47
CA TRP O 69 33.80 -60.19 45.76
C TRP O 69 34.84 -60.29 46.87
N LYS O 70 35.66 -61.35 46.87
CA LYS O 70 36.74 -61.41 47.87
C LYS O 70 37.53 -60.10 47.79
N ALA O 71 37.71 -59.57 46.58
CA ALA O 71 38.46 -58.30 46.38
C ALA O 71 37.78 -57.16 47.13
N VAL O 72 36.51 -56.89 46.81
CA VAL O 72 35.82 -55.74 47.45
C VAL O 72 35.85 -56.05 48.95
N ALA O 73 35.68 -57.32 49.31
CA ALA O 73 35.74 -57.73 50.72
C ALA O 73 37.15 -57.52 51.26
N ALA O 74 38.15 -57.88 50.46
CA ALA O 74 39.55 -57.62 50.87
C ALA O 74 39.68 -56.12 51.14
N LEU O 75 39.30 -55.31 50.15
CA LEU O 75 39.31 -53.85 50.36
C LEU O 75 38.47 -53.55 51.59
N ALA O 76 37.27 -54.11 51.67
CA ALA O 76 36.40 -53.79 52.79
C ALA O 76 37.03 -54.10 54.14
N GLN O 77 37.53 -55.32 54.23
CA GLN O 77 38.21 -55.85 55.42
C GLN O 77 39.42 -54.99 55.83
N GLU O 78 40.30 -54.63 54.87
CA GLU O 78 41.56 -53.98 55.15
C GLU O 78 41.33 -52.52 55.43
N LYS O 79 40.37 -51.91 54.73
CA LYS O 79 40.16 -50.46 54.80
C LYS O 79 39.33 -50.11 56.04
N TYR O 80 38.20 -50.85 56.27
CA TYR O 80 37.22 -50.43 57.27
C TYR O 80 36.95 -51.52 58.34
N GLY O 81 36.96 -52.79 57.92
CA GLY O 81 36.80 -53.91 58.82
C GLY O 81 35.33 -54.26 59.06
N ARG O 82 34.39 -53.64 58.31
CA ARG O 82 32.97 -53.79 58.52
C ARG O 82 32.21 -53.48 57.19
N VAL O 83 31.06 -54.14 56.96
CA VAL O 83 30.08 -53.70 56.01
C VAL O 83 28.73 -53.50 56.66
N ASP O 84 28.18 -52.29 56.46
CA ASP O 84 27.05 -51.79 57.24
C ASP O 84 25.82 -51.80 56.37
N ALA O 85 25.97 -51.53 55.08
CA ALA O 85 24.86 -51.58 54.14
C ALA O 85 25.38 -52.24 52.90
N LEU O 86 24.53 -52.88 52.10
CA LEU O 86 24.96 -53.61 50.93
C LEU O 86 23.93 -53.50 49.83
N VAL O 87 24.25 -52.74 48.80
CA VAL O 87 23.33 -52.42 47.69
C VAL O 87 23.67 -53.20 46.40
N HIS O 88 23.12 -54.39 46.29
CA HIS O 88 23.20 -55.23 45.12
C HIS O 88 22.43 -54.62 43.92
N ASN O 89 22.80 -53.37 43.59
CA ASN O 89 21.99 -52.51 42.76
C ASN O 89 22.17 -52.88 41.30
N ALA O 90 23.31 -53.42 40.91
CA ALA O 90 23.52 -53.75 39.49
C ALA O 90 22.40 -54.67 38.98
N GLY O 91 21.98 -54.42 37.74
CA GLY O 91 21.09 -55.36 37.03
C GLY O 91 21.13 -55.11 35.50
N ILE O 92 20.42 -55.98 34.77
CA ILE O 92 20.39 -55.85 33.32
C ILE O 92 18.97 -56.10 32.87
N SER O 93 18.72 -55.52 31.64
CA SER O 93 17.39 -55.78 31.05
C SER O 93 17.51 -56.32 29.63
N ILE O 94 16.76 -57.41 29.39
CA ILE O 94 16.54 -58.05 28.11
C ILE O 94 15.04 -58.03 27.78
N VAL O 95 14.79 -57.82 26.46
CA VAL O 95 13.44 -57.81 25.96
C VAL O 95 13.32 -58.76 24.78
N THR O 96 12.43 -59.78 24.82
CA THR O 96 12.50 -60.82 23.82
C THR O 96 11.30 -61.76 23.87
N LYS O 97 10.69 -62.06 22.69
CA LYS O 97 9.66 -63.05 22.54
C LYS O 97 10.17 -64.44 22.96
N PHE O 98 9.40 -65.08 23.87
CA PHE O 98 9.85 -66.18 24.69
C PHE O 98 10.02 -67.47 23.88
N GLU O 99 9.24 -67.62 22.80
CA GLU O 99 9.38 -68.67 21.83
C GLU O 99 10.69 -68.56 21.05
N ASP O 100 11.49 -67.58 21.36
CA ASP O 100 12.80 -67.35 20.70
C ASP O 100 13.88 -67.04 21.76
N THR O 101 13.50 -66.55 22.96
CA THR O 101 14.40 -66.48 24.10
C THR O 101 14.83 -67.86 24.50
N PRO O 102 16.06 -68.28 24.13
CA PRO O 102 16.46 -69.69 24.27
C PRO O 102 16.64 -69.93 25.76
N LEU O 103 17.03 -71.16 26.08
CA LEU O 103 17.44 -71.48 27.44
C LEU O 103 18.67 -70.65 27.82
N SER O 104 19.52 -70.36 26.83
CA SER O 104 20.77 -69.65 27.10
C SER O 104 20.49 -68.26 27.69
N ASP O 105 19.48 -67.53 27.17
CA ASP O 105 19.28 -66.16 27.60
C ASP O 105 18.80 -66.15 29.04
N PHE O 106 18.00 -67.16 29.43
CA PHE O 106 17.70 -67.39 30.84
C PHE O 106 18.99 -67.39 31.68
N HIS O 107 20.06 -68.07 31.20
CA HIS O 107 21.30 -68.11 31.98
C HIS O 107 21.90 -66.72 32.11
N ARG O 108 22.06 -66.05 30.98
CA ARG O 108 22.87 -64.84 30.94
C ARG O 108 22.42 -63.87 32.04
N VAL O 109 21.10 -63.64 32.10
CA VAL O 109 20.57 -62.56 32.92
C VAL O 109 20.48 -63.04 34.36
N ASN O 110 19.91 -64.22 34.59
CA ASN O 110 19.91 -64.81 35.91
C ASN O 110 21.35 -64.83 36.42
N THR O 111 22.30 -65.09 35.51
CA THR O 111 23.71 -65.08 35.88
C THR O 111 24.16 -63.64 36.19
N VAL O 112 23.51 -62.60 35.63
CA VAL O 112 23.90 -61.22 35.87
C VAL O 112 23.20 -60.64 37.10
N ASN O 113 21.96 -60.97 37.41
CA ASN O 113 21.14 -60.11 38.30
C ASN O 113 20.77 -60.79 39.60
N VAL O 114 20.73 -62.12 39.65
CA VAL O 114 20.39 -62.84 40.87
C VAL O 114 21.58 -63.64 41.39
N ASP O 115 22.27 -64.40 40.51
CA ASP O 115 23.61 -64.90 40.86
C ASP O 115 24.47 -63.85 41.58
N SER O 116 24.72 -62.74 40.91
CA SER O 116 25.39 -61.56 41.47
C SER O 116 25.03 -61.31 42.93
N ILE O 117 23.72 -61.18 43.15
CA ILE O 117 23.22 -60.85 44.48
C ILE O 117 23.64 -62.00 45.40
N ILE O 118 23.42 -63.22 44.93
CA ILE O 118 23.62 -64.42 45.71
C ILE O 118 25.14 -64.55 46.00
N ILE O 119 26.02 -64.19 45.06
CA ILE O 119 27.42 -64.35 45.18
C ILE O 119 27.97 -63.30 46.14
N GLY O 120 27.25 -62.21 46.36
CA GLY O 120 27.71 -61.13 47.23
C GLY O 120 27.35 -61.26 48.74
N THR O 121 26.32 -62.07 49.08
CA THR O 121 25.87 -62.24 50.43
C THR O 121 26.35 -63.62 50.94
N GLN O 122 27.53 -64.08 50.51
CA GLN O 122 28.31 -65.14 51.13
C GLN O 122 29.80 -64.79 51.03
N VAL O 123 30.14 -63.53 50.73
CA VAL O 123 31.49 -63.02 50.60
C VAL O 123 31.66 -61.92 51.63
N LEU O 124 30.56 -61.18 51.84
CA LEU O 124 30.54 -59.99 52.69
C LEU O 124 29.75 -60.28 53.97
N LEU O 125 29.21 -61.49 54.13
CA LEU O 125 28.26 -61.80 55.19
C LEU O 125 28.94 -61.64 56.55
N PRO O 126 30.22 -62.07 56.71
CA PRO O 126 31.00 -61.72 57.91
C PRO O 126 31.02 -60.22 58.15
N LEU O 127 31.42 -59.46 57.13
CA LEU O 127 31.55 -58.00 57.26
C LEU O 127 30.17 -57.36 57.51
N LEU O 128 29.15 -57.96 56.89
CA LEU O 128 27.76 -57.58 57.12
C LEU O 128 27.42 -57.87 58.57
N LYS O 129 27.94 -58.98 59.08
CA LYS O 129 27.67 -59.41 60.46
C LYS O 129 28.50 -58.59 61.41
N GLU O 130 29.53 -57.87 60.94
CA GLU O 130 30.43 -57.07 61.79
C GLU O 130 30.14 -55.59 61.62
N GLY O 131 29.81 -55.19 60.39
CA GLY O 131 29.13 -53.90 60.21
C GLY O 131 27.72 -53.96 60.80
N GLY O 132 27.29 -55.16 61.24
CA GLY O 132 26.14 -55.35 62.08
C GLY O 132 26.51 -55.58 63.53
N LYS O 133 27.81 -55.75 63.83
CA LYS O 133 28.33 -55.59 65.18
C LYS O 133 28.70 -54.13 65.39
N ALA O 134 29.00 -53.43 64.31
CA ALA O 134 29.29 -52.00 64.39
C ALA O 134 28.00 -51.19 64.37
N ARG O 135 26.94 -51.73 63.79
CA ARG O 135 25.66 -51.05 63.74
C ARG O 135 24.57 -51.75 64.60
N ALA O 136 24.32 -51.14 65.77
CA ALA O 136 23.14 -51.44 66.54
C ALA O 136 21.98 -51.57 65.52
N GLY O 137 21.80 -50.52 64.70
CA GLY O 137 20.61 -50.36 63.89
C GLY O 137 20.52 -51.40 62.78
N GLY O 138 21.41 -52.42 62.82
CA GLY O 138 21.22 -53.59 61.99
C GLY O 138 21.64 -53.26 60.57
N ALA O 139 22.56 -54.09 60.02
CA ALA O 139 23.28 -53.75 58.81
C ALA O 139 22.42 -54.01 57.53
N SER O 140 22.17 -52.94 56.78
CA SER O 140 21.19 -53.00 55.73
C SER O 140 21.77 -53.70 54.52
N VAL O 141 20.89 -54.35 53.76
CA VAL O 141 21.17 -54.95 52.46
C VAL O 141 20.06 -54.49 51.54
N VAL O 142 20.45 -54.14 50.29
CA VAL O 142 19.57 -53.50 49.32
C VAL O 142 19.65 -54.24 47.99
N ASN O 143 18.49 -54.63 47.47
CA ASN O 143 18.40 -55.48 46.29
C ASN O 143 17.48 -54.84 45.24
N PHE O 144 18.00 -54.74 44.02
CA PHE O 144 17.26 -54.14 42.94
C PHE O 144 16.46 -55.21 42.20
N SER O 145 15.11 -55.15 42.32
CA SER O 145 14.24 -55.76 41.34
C SER O 145 13.51 -54.68 40.54
N SER O 146 12.19 -54.83 40.35
CA SER O 146 11.41 -54.09 39.39
C SER O 146 9.94 -54.27 39.67
N VAL O 147 9.11 -53.39 39.08
CA VAL O 147 7.66 -53.48 39.08
C VAL O 147 7.25 -54.75 38.36
N ALA O 148 8.12 -55.19 37.42
CA ALA O 148 7.95 -56.41 36.66
C ALA O 148 8.34 -57.66 37.43
N GLY O 149 8.85 -57.50 38.62
CA GLY O 149 8.95 -58.60 39.61
C GLY O 149 7.80 -58.58 40.61
N LEU O 150 6.83 -57.71 40.42
CA LEU O 150 5.55 -57.70 41.12
C LEU O 150 4.41 -58.11 40.18
N ARG O 151 4.73 -58.24 38.87
CA ARG O 151 3.72 -58.55 37.87
C ARG O 151 4.33 -58.81 36.51
N GLY O 152 3.77 -59.83 35.87
CA GLY O 152 4.33 -60.34 34.60
C GLY O 152 3.92 -59.44 33.45
N ALA O 153 4.72 -59.50 32.39
CA ALA O 153 4.58 -58.64 31.22
C ALA O 153 4.72 -59.46 29.94
N ALA O 154 5.02 -58.75 28.87
CA ALA O 154 5.21 -59.37 27.55
C ALA O 154 6.68 -59.26 27.12
N PHE O 155 7.18 -60.34 26.53
CA PHE O 155 8.49 -60.41 25.94
C PHE O 155 9.55 -60.41 27.03
N ASN O 156 9.33 -59.66 28.12
CA ASN O 156 10.47 -59.50 29.04
C ASN O 156 10.86 -60.83 29.61
N ALA O 157 10.33 -61.92 29.06
CA ALA O 157 10.40 -63.27 29.61
C ALA O 157 11.75 -63.53 30.24
N ALA O 158 12.80 -63.06 29.60
CA ALA O 158 14.13 -63.11 30.18
C ALA O 158 14.17 -62.27 31.48
N TYR O 159 13.64 -61.05 31.40
CA TYR O 159 13.73 -60.08 32.49
C TYR O 159 12.85 -60.46 33.68
N CYS O 160 11.54 -60.44 33.49
CA CYS O 160 10.57 -60.33 34.56
C CYS O 160 10.90 -61.27 35.75
N THR O 161 11.12 -62.58 35.45
CA THR O 161 11.02 -63.54 36.55
C THR O 161 12.38 -63.60 37.24
N SER O 162 13.46 -63.21 36.52
CA SER O 162 14.80 -63.08 37.14
C SER O 162 14.84 -61.93 38.14
N LYS O 163 14.22 -60.82 37.75
CA LYS O 163 13.90 -59.75 38.68
C LYS O 163 13.00 -60.22 39.82
N ALA O 164 12.06 -61.12 39.49
CA ALA O 164 11.18 -61.68 40.48
C ALA O 164 12.01 -62.43 41.53
N ALA O 165 12.89 -63.33 41.05
CA ALA O 165 13.60 -64.20 42.00
C ALA O 165 14.51 -63.38 42.92
N VAL O 166 14.69 -62.07 42.56
CA VAL O 166 15.42 -61.15 43.40
C VAL O 166 14.57 -60.79 44.61
N LYS O 167 13.35 -60.37 44.34
CA LYS O 167 12.35 -59.99 45.33
C LYS O 167 12.35 -61.02 46.45
N MET O 168 12.01 -62.29 46.06
CA MET O 168 11.72 -63.37 47.00
C MET O 168 13.03 -63.93 47.56
N LEU O 169 14.21 -63.59 47.00
CA LEU O 169 15.49 -63.88 47.60
C LEU O 169 15.72 -63.01 48.87
N SER O 170 15.29 -61.75 48.72
CA SER O 170 15.44 -60.74 49.74
C SER O 170 14.55 -61.00 50.99
N LYS O 171 13.26 -61.26 50.74
CA LYS O 171 12.32 -61.70 51.77
C LYS O 171 12.76 -62.98 52.48
N CYS O 172 13.73 -63.70 51.90
CA CYS O 172 14.31 -64.88 52.47
C CYS O 172 15.68 -64.60 53.09
N LEU O 173 16.51 -63.83 52.37
CA LEU O 173 17.81 -63.45 52.95
C LEU O 173 17.59 -62.78 54.33
N GLY O 174 16.72 -61.74 54.34
CA GLY O 174 16.45 -60.98 55.55
C GLY O 174 15.64 -61.77 56.54
N ALA O 175 14.95 -62.82 56.08
CA ALA O 175 14.10 -63.65 56.91
C ALA O 175 14.94 -64.59 57.78
N GLU O 176 15.97 -65.17 57.15
CA GLU O 176 16.84 -66.15 57.76
C GLU O 176 17.64 -65.49 58.87
N PHE O 177 18.07 -64.23 58.64
CA PHE O 177 19.07 -63.55 59.43
C PHE O 177 18.49 -63.01 60.74
N ALA O 178 17.19 -63.13 60.94
CA ALA O 178 16.50 -62.72 62.14
C ALA O 178 15.85 -63.89 62.91
N ALA O 179 15.78 -65.07 62.30
CA ALA O 179 15.59 -66.32 63.04
C ALA O 179 16.93 -66.83 63.61
N LEU O 180 18.06 -66.36 63.00
CA LEU O 180 19.36 -66.81 63.38
C LEU O 180 20.13 -65.90 64.39
N GLY O 181 20.31 -64.62 64.01
CA GLY O 181 21.12 -63.72 64.80
C GLY O 181 21.72 -62.58 63.97
N TYR O 182 22.19 -62.92 62.77
CA TYR O 182 22.96 -62.05 61.90
C TYR O 182 22.34 -60.71 61.83
N ASN O 183 23.04 -59.65 62.26
CA ASN O 183 22.39 -58.37 62.59
C ASN O 183 22.05 -57.62 61.28
N ILE O 184 21.40 -58.32 60.38
CA ILE O 184 21.40 -58.01 58.94
C ILE O 184 19.94 -57.87 58.48
N ARG O 185 19.55 -56.61 58.16
CA ARG O 185 18.30 -56.37 57.46
C ARG O 185 18.52 -56.52 55.97
N VAL O 186 17.50 -57.07 55.28
CA VAL O 186 17.59 -57.37 53.86
C VAL O 186 16.31 -56.88 53.19
N ASN O 187 16.49 -56.00 52.19
CA ASN O 187 15.37 -55.23 51.67
C ASN O 187 15.49 -55.11 50.16
N SER O 188 14.32 -55.05 49.50
CA SER O 188 14.20 -54.82 48.08
C SER O 188 13.76 -53.36 47.80
N VAL O 189 14.03 -52.94 46.59
CA VAL O 189 13.36 -51.80 45.98
C VAL O 189 12.78 -52.23 44.63
N HIS O 190 11.61 -51.69 44.28
CA HIS O 190 10.87 -52.08 43.09
C HIS O 190 10.68 -50.84 42.21
N PRO O 191 11.67 -50.45 41.39
CA PRO O 191 11.56 -49.22 40.61
C PRO O 191 10.50 -49.31 39.50
N GLY O 192 9.79 -48.19 39.27
CA GLY O 192 8.95 -48.06 38.09
C GLY O 192 9.80 -47.83 36.86
N GLY O 193 9.25 -47.23 35.80
CA GLY O 193 10.00 -46.84 34.62
C GLY O 193 11.10 -45.81 34.94
N ILE O 194 12.39 -46.14 34.60
CA ILE O 194 13.50 -45.24 34.93
C ILE O 194 14.16 -44.73 33.64
N ASP O 195 14.41 -43.40 33.60
CA ASP O 195 14.97 -42.73 32.40
C ASP O 195 16.49 -43.01 32.25
N THR O 196 16.82 -43.84 31.26
CA THR O 196 18.19 -44.12 30.89
C THR O 196 18.19 -44.43 29.39
N PRO O 197 19.36 -44.27 28.71
CA PRO O 197 19.48 -44.70 27.32
C PRO O 197 19.20 -46.21 27.16
N MET O 198 19.63 -47.01 28.18
CA MET O 198 19.28 -48.42 28.21
C MET O 198 17.76 -48.58 27.96
N LEU O 199 16.95 -47.92 28.81
CA LEU O 199 15.50 -48.00 28.73
C LEU O 199 15.01 -47.40 27.40
N GLY O 200 15.75 -46.37 26.94
CA GLY O 200 15.60 -45.87 25.59
C GLY O 200 15.56 -47.02 24.57
N SER O 201 16.54 -47.92 24.68
CA SER O 201 16.78 -48.94 23.67
C SER O 201 16.06 -50.25 23.99
N LEU O 202 15.54 -50.39 25.22
CA LEU O 202 14.58 -51.45 25.53
C LEU O 202 13.28 -51.25 24.73
N MET O 203 12.97 -49.97 24.45
CA MET O 203 11.86 -49.57 23.62
C MET O 203 12.10 -50.02 22.18
N ASP O 204 13.38 -50.25 21.82
CA ASP O 204 13.73 -50.64 20.47
C ASP O 204 13.31 -52.07 20.27
N LYS O 205 13.59 -52.92 21.27
CA LYS O 205 13.38 -54.38 21.16
C LYS O 205 11.91 -54.72 20.87
N TYR O 206 11.01 -53.90 21.43
CA TYR O 206 9.59 -54.02 21.20
C TYR O 206 9.26 -53.61 19.75
N VAL O 207 9.96 -52.61 19.20
CA VAL O 207 9.70 -52.16 17.86
C VAL O 207 10.10 -53.25 16.85
N GLU O 208 11.19 -53.97 17.18
CA GLU O 208 11.63 -55.13 16.41
C GLU O 208 10.51 -56.17 16.39
N LEU O 209 9.76 -56.23 17.50
CA LEU O 209 8.70 -57.19 17.70
C LEU O 209 7.40 -56.68 17.04
N GLY O 210 7.14 -55.37 17.11
CA GLY O 210 5.86 -54.81 16.71
C GLY O 210 4.88 -54.72 17.88
N ALA O 211 5.39 -54.64 19.12
CA ALA O 211 4.56 -54.65 20.31
C ALA O 211 3.39 -53.62 20.29
N ALA O 212 3.76 -52.36 20.38
CA ALA O 212 2.90 -51.22 20.09
C ALA O 212 3.56 -50.50 18.91
N PRO O 213 2.80 -49.64 18.18
CA PRO O 213 3.37 -48.91 17.03
C PRO O 213 4.86 -48.57 16.89
N SER O 214 5.42 -47.51 17.53
CA SER O 214 6.82 -47.16 17.38
C SER O 214 7.46 -46.75 18.69
N ARG O 215 8.65 -46.12 18.66
CA ARG O 215 9.47 -45.92 19.83
C ARG O 215 8.82 -44.94 20.80
N GLU O 216 8.06 -43.99 20.24
CA GLU O 216 7.38 -42.95 21.01
C GLU O 216 5.96 -43.38 21.37
N VAL O 217 5.53 -44.50 20.80
CA VAL O 217 4.27 -45.17 21.14
C VAL O 217 4.63 -46.28 22.11
N ALA O 218 5.95 -46.56 22.27
CA ALA O 218 6.47 -47.28 23.44
C ALA O 218 6.84 -46.26 24.53
N GLN O 219 7.05 -45.00 24.12
CA GLN O 219 7.26 -43.91 25.05
C GLN O 219 5.90 -43.54 25.64
N ALA O 220 4.99 -43.09 24.78
CA ALA O 220 3.67 -42.63 25.19
C ALA O 220 2.92 -43.67 26.05
N ALA O 221 2.91 -44.91 25.56
CA ALA O 221 2.24 -46.02 26.22
C ALA O 221 3.04 -46.53 27.42
N MET O 222 4.25 -46.07 27.61
CA MET O 222 4.98 -46.16 28.88
C MET O 222 4.28 -45.30 29.92
N GLU O 223 3.67 -44.18 29.50
CA GLU O 223 3.22 -43.15 30.40
C GLU O 223 1.98 -43.59 31.15
N MET O 224 0.82 -43.58 30.49
CA MET O 224 -0.46 -43.74 31.21
C MET O 224 -0.45 -44.97 32.13
N ARG O 225 0.71 -45.66 32.18
CA ARG O 225 0.91 -46.88 32.93
C ARG O 225 1.22 -46.57 34.38
N HIS O 226 1.87 -45.43 34.61
CA HIS O 226 2.25 -45.07 35.97
C HIS O 226 1.31 -43.99 36.43
N PRO O 227 0.30 -44.29 37.29
CA PRO O 227 -0.67 -43.28 37.75
C PRO O 227 -0.05 -41.88 37.76
N ILE O 228 1.11 -41.75 38.36
CA ILE O 228 1.82 -40.47 38.49
C ILE O 228 1.89 -39.82 37.09
N GLY O 229 2.25 -40.66 36.11
CA GLY O 229 2.25 -40.31 34.70
C GLY O 229 3.65 -39.95 34.19
N ARG O 230 4.73 -40.36 34.88
CA ARG O 230 6.04 -39.97 34.42
C ARG O 230 7.09 -40.99 34.81
N MET O 231 8.28 -40.80 34.26
CA MET O 231 9.40 -41.73 34.37
C MET O 231 10.36 -41.23 35.45
N GLY O 232 10.37 -41.94 36.60
CA GLY O 232 11.31 -41.60 37.67
C GLY O 232 12.74 -41.46 37.13
N ARG O 233 13.28 -40.24 37.10
CA ARG O 233 14.73 -40.08 36.91
C ARG O 233 15.47 -41.02 37.88
N PRO O 234 16.52 -41.74 37.43
CA PRO O 234 17.34 -42.56 38.33
C PRO O 234 17.68 -41.88 39.65
N ALA O 235 17.72 -40.52 39.57
CA ALA O 235 17.97 -39.68 40.73
C ALA O 235 16.94 -39.93 41.83
N GLU O 236 15.65 -40.17 41.45
CA GLU O 236 14.56 -40.12 42.42
C GLU O 236 14.48 -41.40 43.25
N MET O 237 15.42 -42.32 42.98
CA MET O 237 15.39 -43.65 43.58
C MET O 237 16.14 -43.69 44.92
N GLY O 238 17.37 -43.15 44.92
CA GLY O 238 18.27 -43.19 46.07
C GLY O 238 17.65 -42.89 47.43
N GLY O 239 16.69 -41.96 47.47
CA GLY O 239 15.90 -41.61 48.66
C GLY O 239 15.42 -42.81 49.49
N GLY O 240 14.88 -43.82 48.76
CA GLY O 240 14.37 -45.03 49.41
C GLY O 240 15.45 -45.99 49.84
N VAL O 241 16.65 -45.83 49.36
CA VAL O 241 17.80 -46.67 49.66
C VAL O 241 18.73 -46.01 50.71
N VAL O 242 18.53 -44.68 50.91
CA VAL O 242 19.25 -44.02 51.96
C VAL O 242 18.52 -44.39 53.26
N TYR O 243 17.18 -44.44 53.14
CA TYR O 243 16.31 -44.80 54.26
C TYR O 243 16.58 -46.23 54.70
N LEU O 244 16.45 -47.19 53.75
CA LEU O 244 16.59 -48.59 54.01
C LEU O 244 17.90 -48.94 54.75
N CYS O 245 18.96 -48.10 54.54
CA CYS O 245 20.26 -48.36 55.08
C CYS O 245 20.51 -47.60 56.39
N SER O 246 19.79 -46.50 56.64
CA SER O 246 19.91 -45.79 57.90
C SER O 246 19.32 -46.59 59.06
N ASP O 247 19.65 -46.18 60.28
CA ASP O 247 19.05 -46.62 61.54
C ASP O 247 17.53 -46.40 61.52
N ALA O 248 17.06 -45.42 60.73
CA ALA O 248 15.67 -45.03 60.71
C ALA O 248 14.81 -46.07 60.06
N ALA O 249 15.40 -47.18 59.59
CA ALA O 249 14.70 -48.32 59.04
C ALA O 249 14.96 -49.58 59.84
N SER O 250 15.35 -49.40 61.12
CA SER O 250 15.77 -50.49 61.99
C SER O 250 14.72 -51.60 62.03
N PHE O 251 13.50 -51.25 61.59
CA PHE O 251 12.34 -52.12 61.70
C PHE O 251 11.84 -52.51 60.31
N VAL O 252 12.75 -52.46 59.32
CA VAL O 252 12.38 -52.70 57.92
C VAL O 252 13.32 -53.73 57.31
N THR O 253 12.85 -54.99 57.31
CA THR O 253 13.55 -56.06 56.59
C THR O 253 12.51 -56.97 55.93
N CYS O 254 12.86 -57.39 54.69
CA CYS O 254 12.05 -58.24 53.84
C CYS O 254 10.93 -57.46 53.18
N THR O 255 11.03 -56.12 53.24
CA THR O 255 10.05 -55.22 52.67
C THR O 255 10.05 -55.29 51.15
N GLU O 256 9.00 -54.67 50.61
CA GLU O 256 8.93 -54.30 49.19
C GLU O 256 8.96 -52.78 49.17
N PHE O 257 10.18 -52.22 49.03
CA PHE O 257 10.28 -50.77 48.94
C PHE O 257 9.96 -50.27 47.52
N VAL O 258 8.67 -50.14 47.17
CA VAL O 258 8.27 -50.11 45.76
C VAL O 258 8.23 -48.65 45.24
N MET O 259 9.22 -48.34 44.39
CA MET O 259 9.43 -46.98 43.88
C MET O 259 8.87 -46.92 42.45
N ASP O 260 7.54 -47.02 42.35
CA ASP O 260 6.84 -47.35 41.12
C ASP O 260 6.09 -46.14 40.56
N GLY O 261 5.86 -45.12 41.40
CA GLY O 261 4.96 -44.03 41.06
C GLY O 261 3.54 -44.52 40.92
N GLY O 262 3.21 -45.62 41.61
CA GLY O 262 1.86 -46.19 41.63
C GLY O 262 1.59 -47.16 40.50
N PHE O 263 2.55 -47.31 39.58
CA PHE O 263 2.41 -48.20 38.43
C PHE O 263 1.88 -49.58 38.83
N SER O 264 2.51 -50.11 39.87
CA SER O 264 2.23 -51.43 40.38
C SER O 264 0.90 -51.47 41.05
N GLN O 265 0.44 -50.30 41.50
CA GLN O 265 -0.56 -50.21 42.56
C GLN O 265 -1.95 -50.18 41.98
N VAL O 266 -2.14 -49.54 40.78
CA VAL O 266 -3.43 -49.64 40.09
C VAL O 266 -3.24 -50.38 38.76
N LEU P 12 -23.68 41.49 -56.75
CA LEU P 12 -23.56 42.70 -57.59
C LEU P 12 -24.34 42.55 -58.90
N ASN P 13 -25.64 42.33 -58.79
CA ASN P 13 -26.48 41.95 -59.88
C ASN P 13 -27.08 43.18 -60.49
N ASN P 14 -27.28 43.13 -61.80
CA ASN P 14 -27.87 44.24 -62.56
C ASN P 14 -26.92 45.44 -62.51
N VAL P 15 -25.84 45.38 -61.70
CA VAL P 15 -25.05 46.53 -61.36
C VAL P 15 -24.06 46.86 -62.47
N VAL P 16 -24.14 48.11 -62.97
CA VAL P 16 -23.26 48.54 -64.04
C VAL P 16 -22.09 49.28 -63.40
N ALA P 17 -20.88 48.71 -63.55
CA ALA P 17 -19.74 49.17 -62.80
C ALA P 17 -18.89 50.16 -63.63
N VAL P 18 -18.38 51.18 -62.86
CA VAL P 18 -17.33 52.04 -63.36
C VAL P 18 -16.08 51.88 -62.48
N VAL P 19 -14.91 51.68 -63.10
CA VAL P 19 -13.69 51.35 -62.37
C VAL P 19 -12.49 51.97 -63.08
N THR P 20 -12.00 53.11 -62.58
CA THR P 20 -10.72 53.64 -63.03
C THR P 20 -9.58 52.81 -62.44
N GLY P 21 -8.45 52.85 -63.11
CA GLY P 21 -7.27 52.09 -62.67
C GLY P 21 -7.49 50.58 -62.74
N ALA P 22 -8.26 50.12 -63.73
CA ALA P 22 -8.67 48.72 -63.81
C ALA P 22 -7.51 47.82 -64.31
N ALA P 23 -6.46 48.42 -64.90
CA ALA P 23 -5.23 47.71 -65.22
C ALA P 23 -4.14 48.17 -64.24
N GLY P 24 -4.28 47.65 -63.03
CA GLY P 24 -3.29 47.87 -61.97
C GLY P 24 -3.13 46.65 -61.08
N GLY P 25 -2.67 46.88 -59.82
CA GLY P 25 -2.45 45.82 -58.86
C GLY P 25 -3.76 45.23 -58.44
N ILE P 26 -4.57 46.09 -57.88
CA ILE P 26 -5.95 45.76 -57.37
C ILE P 26 -6.86 45.82 -58.57
N GLY P 27 -6.52 46.66 -59.59
CA GLY P 27 -7.42 46.98 -60.68
C GLY P 27 -7.97 45.74 -61.38
N ARG P 28 -7.06 44.99 -62.05
CA ARG P 28 -7.42 43.84 -62.87
C ARG P 28 -8.21 42.82 -62.05
N GLU P 29 -8.07 42.89 -60.71
CA GLU P 29 -8.61 41.96 -59.74
C GLU P 29 -10.00 42.39 -59.27
N LEU P 30 -10.19 43.68 -58.99
CA LEU P 30 -11.48 44.23 -58.60
C LEU P 30 -12.52 43.92 -59.71
N VAL P 31 -12.08 43.84 -60.98
CA VAL P 31 -12.94 43.61 -62.12
C VAL P 31 -13.47 42.16 -62.13
N LYS P 32 -12.55 41.21 -61.92
CA LYS P 32 -12.84 39.78 -61.99
C LYS P 32 -13.85 39.43 -60.90
N ALA P 33 -13.65 40.01 -59.72
CA ALA P 33 -14.35 39.66 -58.50
C ALA P 33 -15.79 40.20 -58.50
N MET P 34 -16.07 41.19 -59.34
CA MET P 34 -17.40 41.76 -59.48
C MET P 34 -18.13 41.01 -60.59
N LYS P 35 -17.42 40.46 -61.57
CA LYS P 35 -17.99 39.63 -62.62
C LYS P 35 -18.45 38.32 -62.02
N ALA P 36 -17.69 37.80 -61.06
CA ALA P 36 -18.03 36.57 -60.38
C ALA P 36 -19.23 36.81 -59.47
N ALA P 37 -19.49 38.06 -59.12
CA ALA P 37 -20.74 38.44 -58.47
C ALA P 37 -21.80 38.72 -59.52
N ASN P 38 -21.36 38.85 -60.78
CA ASN P 38 -22.21 38.93 -61.96
C ASN P 38 -22.70 40.35 -62.07
N ALA P 39 -21.74 41.24 -62.35
CA ALA P 39 -22.00 42.66 -62.58
C ALA P 39 -21.44 43.08 -63.94
N ILE P 40 -22.10 44.04 -64.57
CA ILE P 40 -21.66 44.62 -65.83
C ILE P 40 -20.42 45.46 -65.58
N VAL P 41 -19.37 45.23 -66.40
CA VAL P 41 -18.06 45.81 -66.08
C VAL P 41 -17.48 46.58 -67.27
N ILE P 42 -16.99 47.80 -66.95
CA ILE P 42 -16.30 48.70 -67.84
C ILE P 42 -14.93 49.00 -67.26
N ALA P 43 -13.87 48.80 -68.00
CA ALA P 43 -12.51 49.05 -67.53
C ALA P 43 -12.01 50.36 -68.09
N THR P 44 -11.63 51.28 -67.20
CA THR P 44 -11.13 52.62 -67.61
C THR P 44 -9.78 52.89 -66.93
N ASP P 45 -8.74 52.96 -67.75
CA ASP P 45 -7.37 52.90 -67.27
C ASP P 45 -6.43 53.38 -68.38
N MET P 46 -5.27 53.97 -67.96
CA MET P 46 -4.49 54.75 -68.92
C MET P 46 -3.93 53.96 -70.10
N ALA P 47 -3.66 52.68 -69.79
CA ALA P 47 -3.21 51.70 -70.78
C ALA P 47 -4.08 51.75 -72.05
N PRO P 48 -3.50 51.49 -73.23
CA PRO P 48 -4.27 51.59 -74.49
C PRO P 48 -5.34 50.52 -74.68
N SER P 49 -4.92 49.23 -74.72
CA SER P 49 -5.83 48.12 -74.96
C SER P 49 -5.62 47.01 -73.91
N ALA P 50 -6.09 47.28 -72.70
CA ALA P 50 -5.82 46.41 -71.55
C ALA P 50 -6.62 45.13 -71.74
N ASP P 51 -5.97 44.00 -71.43
CA ASP P 51 -6.62 42.73 -71.15
C ASP P 51 -6.95 42.74 -69.65
N VAL P 52 -8.27 42.80 -69.37
CA VAL P 52 -8.74 43.00 -68.01
C VAL P 52 -9.86 42.00 -67.75
N GLU P 53 -9.56 40.98 -67.00
CA GLU P 53 -10.30 39.72 -67.01
C GLU P 53 -11.57 40.03 -66.28
N GLY P 54 -12.69 40.11 -67.00
CA GLY P 54 -14.02 40.40 -66.44
C GLY P 54 -14.72 41.53 -67.23
N ALA P 55 -13.90 42.39 -67.81
CA ALA P 55 -14.40 43.52 -68.58
C ALA P 55 -15.37 43.04 -69.63
N ASP P 56 -16.63 43.42 -69.57
CA ASP P 56 -17.46 43.28 -70.76
C ASP P 56 -16.84 43.96 -71.99
N HIS P 57 -16.31 45.16 -71.79
CA HIS P 57 -15.69 45.98 -72.83
C HIS P 57 -14.42 46.60 -72.22
N TYR P 58 -13.90 47.65 -72.84
CA TYR P 58 -12.81 48.40 -72.25
C TYR P 58 -12.95 49.88 -72.59
N LEU P 59 -12.41 50.74 -71.70
CA LEU P 59 -12.20 52.17 -71.97
C LEU P 59 -10.76 52.57 -71.60
N GLN P 60 -10.20 53.48 -72.35
CA GLN P 60 -8.99 54.20 -72.02
C GLN P 60 -9.38 55.43 -71.22
N HIS P 61 -8.62 55.72 -70.16
CA HIS P 61 -9.05 56.74 -69.21
C HIS P 61 -7.93 57.32 -68.36
N ASP P 62 -7.37 58.45 -68.85
CA ASP P 62 -6.60 59.38 -68.03
C ASP P 62 -7.60 60.00 -67.06
N VAL P 63 -7.34 59.76 -65.72
CA VAL P 63 -8.31 60.02 -64.64
C VAL P 63 -8.06 61.42 -64.06
N THR P 64 -7.86 62.36 -64.98
CA THR P 64 -7.66 63.77 -64.75
C THR P 64 -8.43 64.55 -65.82
N SER P 65 -8.45 63.99 -67.06
CA SER P 65 -9.21 64.51 -68.20
C SER P 65 -10.70 64.42 -67.97
N GLU P 66 -11.34 65.59 -67.85
CA GLU P 66 -12.80 65.74 -67.87
C GLU P 66 -13.32 65.29 -69.22
N ALA P 67 -12.57 65.60 -70.28
CA ALA P 67 -12.87 65.10 -71.61
C ALA P 67 -12.79 63.56 -71.59
N GLY P 68 -11.76 63.02 -70.99
CA GLY P 68 -11.62 61.60 -70.84
C GLY P 68 -12.72 60.97 -69.96
N TRP P 69 -13.08 61.63 -68.85
CA TRP P 69 -14.22 61.21 -68.07
C TRP P 69 -15.50 61.36 -68.93
N LYS P 70 -15.62 62.44 -69.70
CA LYS P 70 -16.71 62.61 -70.64
C LYS P 70 -16.80 61.35 -71.54
N ALA P 71 -15.69 60.72 -71.78
CA ALA P 71 -15.62 59.54 -72.63
C ALA P 71 -16.12 58.35 -71.85
N VAL P 72 -16.30 58.52 -70.52
CA VAL P 72 -16.79 57.41 -69.66
C VAL P 72 -18.22 57.67 -69.20
N ALA P 73 -18.89 58.67 -69.79
CA ALA P 73 -20.26 59.03 -69.50
C ALA P 73 -21.22 58.57 -70.61
N ALA P 74 -20.66 58.26 -71.77
CA ALA P 74 -21.49 57.87 -72.93
C ALA P 74 -21.80 56.39 -72.87
N LEU P 75 -20.78 55.56 -72.67
CA LEU P 75 -20.96 54.15 -72.42
C LEU P 75 -21.79 53.92 -71.16
N ALA P 76 -21.83 54.93 -70.29
CA ALA P 76 -22.68 54.95 -69.13
C ALA P 76 -24.13 55.31 -69.47
N GLN P 77 -24.33 56.27 -70.38
CA GLN P 77 -25.66 56.81 -70.67
C GLN P 77 -26.35 56.06 -71.80
N GLU P 78 -25.63 55.84 -72.90
CA GLU P 78 -26.12 55.07 -74.06
C GLU P 78 -26.42 53.64 -73.56
N LYS P 79 -25.41 52.91 -73.05
CA LYS P 79 -25.47 51.45 -73.03
C LYS P 79 -26.44 50.91 -71.98
N TYR P 80 -26.47 51.60 -70.83
CA TYR P 80 -27.23 51.21 -69.66
C TYR P 80 -28.11 52.39 -69.22
N GLY P 81 -27.68 53.63 -69.53
CA GLY P 81 -28.29 54.83 -68.96
C GLY P 81 -27.86 55.05 -67.53
N ARG P 82 -27.59 53.94 -66.83
CA ARG P 82 -27.26 53.91 -65.43
C ARG P 82 -25.74 53.76 -65.27
N VAL P 83 -25.28 54.14 -64.09
CA VAL P 83 -24.02 53.71 -63.49
C VAL P 83 -24.37 53.43 -62.02
N ASP P 84 -23.89 52.28 -61.53
CA ASP P 84 -24.14 51.90 -60.15
C ASP P 84 -22.85 52.06 -59.36
N ALA P 85 -21.80 51.35 -59.78
CA ALA P 85 -20.55 51.34 -59.00
C ALA P 85 -19.53 52.23 -59.72
N LEU P 86 -18.87 53.10 -58.91
CA LEU P 86 -17.84 53.97 -59.42
C LEU P 86 -16.61 53.86 -58.51
N VAL P 87 -15.59 53.13 -58.97
CA VAL P 87 -14.42 52.80 -58.17
C VAL P 87 -13.24 53.64 -58.63
N HIS P 88 -12.69 54.50 -57.77
CA HIS P 88 -11.73 55.51 -58.16
C HIS P 88 -10.27 55.07 -57.99
N ASN P 89 -10.00 53.79 -58.26
CA ASN P 89 -8.83 53.07 -57.80
C ASN P 89 -7.51 53.77 -58.19
N ALA P 90 -7.60 54.46 -59.34
CA ALA P 90 -6.43 55.04 -59.97
C ALA P 90 -5.90 56.18 -59.08
N GLY P 91 -4.78 55.88 -58.37
CA GLY P 91 -3.93 56.87 -57.72
C GLY P 91 -2.49 56.79 -58.18
N ILE P 92 -1.56 57.34 -57.39
CA ILE P 92 -0.13 57.22 -57.72
C ILE P 92 0.67 56.94 -56.47
N SER P 93 1.98 57.27 -56.48
CA SER P 93 2.81 57.14 -55.27
C SER P 93 4.12 57.94 -55.41
N ILE P 94 4.41 58.84 -54.47
CA ILE P 94 5.65 59.61 -54.47
C ILE P 94 6.28 59.53 -53.09
N VAL P 95 7.62 59.30 -53.07
CA VAL P 95 8.41 59.36 -51.86
C VAL P 95 9.63 60.30 -52.02
N THR P 96 9.69 61.36 -51.24
CA THR P 96 10.74 62.35 -51.28
C THR P 96 10.89 63.12 -49.96
N LYS P 97 12.07 63.68 -49.76
CA LYS P 97 12.42 64.71 -48.79
C LYS P 97 11.50 65.90 -49.03
N PHE P 98 10.86 66.38 -47.97
CA PHE P 98 9.86 67.42 -48.11
C PHE P 98 10.50 68.76 -48.49
N GLU P 99 11.74 68.98 -48.02
CA GLU P 99 12.54 70.15 -48.35
C GLU P 99 13.04 70.06 -49.79
N ASP P 100 12.80 68.92 -50.41
CA ASP P 100 13.16 68.70 -51.78
C ASP P 100 11.91 68.35 -52.59
N THR P 101 10.77 68.00 -51.94
CA THR P 101 9.57 67.59 -52.63
C THR P 101 9.01 68.79 -53.38
N PRO P 102 8.88 68.73 -54.71
CA PRO P 102 8.26 69.80 -55.50
C PRO P 102 6.81 70.02 -55.09
N LEU P 103 6.36 71.28 -55.25
CA LEU P 103 4.93 71.55 -55.21
C LEU P 103 4.26 70.90 -56.42
N SER P 104 4.96 70.93 -57.57
CA SER P 104 4.55 70.24 -58.77
C SER P 104 4.36 68.76 -58.48
N ASP P 105 5.04 68.29 -57.41
CA ASP P 105 4.87 66.90 -56.95
C ASP P 105 3.55 66.81 -56.23
N PHE P 106 3.25 67.80 -55.36
CA PHE P 106 2.11 67.70 -54.47
C PHE P 106 0.79 67.85 -55.25
N HIS P 107 0.75 68.83 -56.19
CA HIS P 107 -0.46 69.08 -56.97
C HIS P 107 -0.83 67.86 -57.82
N ARG P 108 0.21 67.28 -58.44
CA ARG P 108 0.04 66.21 -59.42
C ARG P 108 -0.67 65.01 -58.77
N VAL P 109 -0.58 64.86 -57.43
CA VAL P 109 -1.00 63.69 -56.71
C VAL P 109 -2.52 63.75 -56.45
N ASN P 110 -2.99 64.89 -56.00
CA ASN P 110 -4.42 65.13 -55.81
C ASN P 110 -5.10 65.08 -57.20
N THR P 111 -4.35 65.14 -58.31
CA THR P 111 -4.89 65.22 -59.64
C THR P 111 -5.47 63.87 -60.01
N VAL P 112 -4.64 62.84 -59.96
CA VAL P 112 -5.05 61.46 -60.19
C VAL P 112 -5.85 60.95 -58.98
N ASN P 113 -5.94 61.72 -57.91
CA ASN P 113 -6.53 61.26 -56.65
C ASN P 113 -7.77 62.09 -56.27
N VAL P 114 -7.61 63.36 -55.85
CA VAL P 114 -8.69 64.20 -55.37
C VAL P 114 -9.45 64.90 -56.51
N ASP P 115 -8.87 64.97 -57.71
CA ASP P 115 -9.55 65.46 -58.91
C ASP P 115 -10.23 64.26 -59.53
N SER P 116 -9.53 63.09 -59.57
CA SER P 116 -9.98 61.93 -60.30
C SER P 116 -11.27 61.38 -59.77
N ILE P 117 -11.85 62.09 -58.73
CA ILE P 117 -13.01 61.66 -57.95
C ILE P 117 -14.10 62.71 -58.06
N ILE P 118 -13.72 63.96 -57.71
CA ILE P 118 -14.63 65.07 -57.80
C ILE P 118 -15.22 65.08 -59.21
N ILE P 119 -14.32 65.21 -60.21
CA ILE P 119 -14.82 65.50 -61.57
C ILE P 119 -15.65 64.29 -62.03
N GLY P 120 -14.97 63.16 -62.11
CA GLY P 120 -15.60 61.93 -62.56
C GLY P 120 -16.94 61.61 -61.89
N THR P 121 -17.06 61.90 -60.58
CA THR P 121 -18.31 61.71 -59.87
C THR P 121 -19.29 62.79 -60.35
N GLN P 122 -18.77 64.01 -60.58
CA GLN P 122 -19.55 65.09 -61.16
C GLN P 122 -20.09 64.71 -62.55
N VAL P 123 -19.21 64.15 -63.38
CA VAL P 123 -19.45 63.81 -64.78
C VAL P 123 -20.31 62.53 -64.89
N LEU P 124 -20.24 61.63 -63.93
CA LEU P 124 -21.19 60.55 -63.82
C LEU P 124 -22.30 60.89 -62.86
N LEU P 125 -22.34 62.12 -62.37
CA LEU P 125 -23.36 62.57 -61.43
C LEU P 125 -24.72 62.62 -62.11
N PRO P 126 -24.83 62.87 -63.45
CA PRO P 126 -26.05 62.56 -64.20
C PRO P 126 -26.44 61.09 -63.94
N LEU P 127 -25.38 60.25 -64.11
CA LEU P 127 -25.54 58.86 -64.43
C LEU P 127 -25.72 57.98 -63.19
N LEU P 128 -25.48 58.55 -61.99
CA LEU P 128 -25.73 57.80 -60.78
C LEU P 128 -27.24 57.81 -60.45
N LYS P 129 -27.91 58.92 -60.84
CA LYS P 129 -29.17 59.30 -60.24
C LYS P 129 -30.16 58.18 -60.42
N GLU P 130 -30.29 57.71 -61.66
CA GLU P 130 -31.33 56.74 -62.10
C GLU P 130 -31.20 55.40 -61.39
N GLY P 131 -29.99 54.90 -61.26
CA GLY P 131 -29.73 53.60 -60.62
C GLY P 131 -29.73 53.79 -59.12
N GLY P 132 -29.35 55.00 -58.61
CA GLY P 132 -29.64 55.39 -57.24
C GLY P 132 -31.15 55.35 -56.96
N LYS P 133 -31.98 55.63 -57.97
CA LYS P 133 -33.42 55.47 -57.90
C LYS P 133 -33.90 54.04 -58.28
N ALA P 134 -33.12 53.32 -59.06
CA ALA P 134 -33.37 51.92 -59.35
C ALA P 134 -33.18 51.05 -58.10
N ARG P 135 -32.16 51.42 -57.27
CA ARG P 135 -31.64 50.53 -56.25
C ARG P 135 -31.89 51.10 -54.83
N ALA P 136 -32.34 50.21 -53.96
CA ALA P 136 -32.89 50.49 -52.66
C ALA P 136 -31.76 50.93 -51.76
N GLY P 137 -30.59 50.30 -51.87
CA GLY P 137 -29.38 50.75 -51.17
C GLY P 137 -28.80 52.01 -51.83
N GLY P 138 -29.15 52.20 -53.09
CA GLY P 138 -28.62 53.24 -53.91
C GLY P 138 -27.39 52.76 -54.64
N ALA P 139 -26.52 53.76 -54.99
CA ALA P 139 -25.24 53.55 -55.62
C ALA P 139 -24.15 53.70 -54.55
N SER P 140 -22.95 53.18 -54.86
CA SER P 140 -21.80 53.41 -54.00
C SER P 140 -20.64 53.96 -54.82
N VAL P 141 -20.11 55.14 -54.43
CA VAL P 141 -18.81 55.60 -54.90
C VAL P 141 -17.79 55.27 -53.82
N VAL P 142 -16.72 54.53 -54.22
CA VAL P 142 -15.74 54.07 -53.22
C VAL P 142 -14.37 54.68 -53.48
N ASN P 143 -14.08 55.73 -52.68
CA ASN P 143 -12.88 56.52 -52.87
C ASN P 143 -11.77 55.83 -52.10
N PHE P 144 -10.74 55.36 -52.84
CA PHE P 144 -9.72 54.52 -52.20
C PHE P 144 -8.65 55.39 -51.53
N SER P 145 -8.83 55.60 -50.23
CA SER P 145 -7.83 56.18 -49.37
C SER P 145 -6.75 55.16 -49.08
N SER P 146 -6.00 55.41 -48.03
CA SER P 146 -4.91 54.54 -47.58
C SER P 146 -4.70 54.75 -46.08
N VAL P 147 -4.04 53.79 -45.41
CA VAL P 147 -3.43 54.04 -44.11
C VAL P 147 -2.46 55.22 -44.25
N ALA P 148 -2.01 55.47 -45.46
CA ALA P 148 -1.38 56.74 -45.80
C ALA P 148 -2.36 57.85 -45.53
N GLY P 149 -3.62 57.61 -45.91
CA GLY P 149 -4.72 58.55 -45.68
C GLY P 149 -5.11 58.60 -44.21
N LEU P 150 -4.76 57.55 -43.46
CA LEU P 150 -5.25 57.34 -42.09
C LEU P 150 -4.20 57.82 -41.07
N ARG P 151 -2.94 57.44 -41.30
CA ARG P 151 -1.86 57.88 -40.51
C ARG P 151 -0.72 58.19 -41.46
N GLY P 152 0.20 59.05 -40.94
CA GLY P 152 1.26 59.64 -41.73
C GLY P 152 2.49 58.77 -41.71
N ALA P 153 3.53 59.22 -42.42
CA ALA P 153 4.76 58.47 -42.60
C ALA P 153 5.85 59.48 -42.89
N ALA P 154 7.11 59.10 -42.65
CA ALA P 154 8.23 59.89 -43.12
C ALA P 154 8.22 59.99 -44.65
N PHE P 155 8.56 61.18 -45.18
CA PHE P 155 8.62 61.44 -46.60
C PHE P 155 7.22 61.59 -47.12
N ASN P 156 6.37 60.49 -47.06
CA ASN P 156 5.12 60.30 -47.80
C ASN P 156 4.14 61.48 -47.75
N ALA P 157 4.49 62.70 -47.51
CA ALA P 157 3.33 63.62 -47.43
C ALA P 157 2.09 63.17 -48.25
N ALA P 158 1.94 63.93 -49.35
CA ALA P 158 0.81 63.76 -50.29
C ALA P 158 0.39 62.32 -50.47
N TYR P 159 1.32 61.45 -50.86
CA TYR P 159 0.80 60.07 -50.96
C TYR P 159 0.00 59.94 -49.67
N CYS P 160 0.28 60.79 -48.67
CA CYS P 160 -0.55 60.62 -47.49
C CYS P 160 -1.57 61.76 -47.50
N THR P 161 -1.08 62.94 -47.86
CA THR P 161 -1.92 64.12 -47.93
C THR P 161 -3.22 63.83 -48.71
N SER P 162 -2.98 63.30 -49.92
CA SER P 162 -4.03 63.02 -50.88
C SER P 162 -5.00 61.92 -50.57
N LYS P 163 -4.49 60.91 -49.84
CA LYS P 163 -5.36 59.83 -49.38
C LYS P 163 -6.23 60.31 -48.22
N ALA P 164 -5.66 61.20 -47.38
CA ALA P 164 -6.40 61.81 -46.29
C ALA P 164 -7.45 62.79 -46.81
N ALA P 165 -7.12 63.48 -47.84
CA ALA P 165 -8.11 64.26 -48.55
C ALA P 165 -9.28 63.30 -48.88
N VAL P 166 -8.95 62.22 -49.65
CA VAL P 166 -9.95 61.35 -50.21
C VAL P 166 -10.76 60.69 -49.12
N LYS P 167 -10.10 60.29 -48.00
CA LYS P 167 -10.74 59.95 -46.74
C LYS P 167 -11.94 60.87 -46.52
N MET P 168 -11.68 62.18 -46.25
CA MET P 168 -12.72 63.07 -45.75
C MET P 168 -13.62 63.52 -46.91
N LEU P 169 -13.06 63.88 -48.07
CA LEU P 169 -13.90 64.15 -49.25
C LEU P 169 -14.91 63.01 -49.38
N SER P 170 -14.41 61.75 -49.40
CA SER P 170 -15.29 60.62 -49.53
C SER P 170 -16.52 61.00 -48.74
N LYS P 171 -16.25 61.39 -47.45
CA LYS P 171 -17.28 61.61 -46.44
C LYS P 171 -18.16 62.78 -46.84
N CYS P 172 -17.52 63.97 -47.06
CA CYS P 172 -18.18 65.18 -47.48
C CYS P 172 -19.33 64.92 -48.43
N LEU P 173 -19.08 64.02 -49.41
CA LEU P 173 -19.93 63.81 -50.59
C LEU P 173 -21.15 62.96 -50.25
N GLY P 174 -20.93 61.78 -49.71
CA GLY P 174 -21.99 60.83 -49.32
C GLY P 174 -22.79 61.35 -48.14
N ALA P 175 -22.28 62.38 -47.45
CA ALA P 175 -23.11 63.27 -46.66
C ALA P 175 -23.94 64.14 -47.60
N GLU P 176 -23.29 65.02 -48.36
CA GLU P 176 -23.98 66.03 -49.16
C GLU P 176 -24.93 65.33 -50.08
N PHE P 177 -24.50 64.20 -50.68
CA PHE P 177 -25.25 63.57 -51.74
C PHE P 177 -26.58 63.04 -51.25
N ALA P 178 -26.53 62.30 -50.15
CA ALA P 178 -27.79 61.92 -49.46
C ALA P 178 -28.59 63.16 -49.07
N ALA P 179 -27.87 64.17 -48.58
CA ALA P 179 -28.40 65.47 -48.20
C ALA P 179 -28.95 66.22 -49.43
N LEU P 180 -28.43 65.90 -50.60
CA LEU P 180 -28.96 66.43 -51.85
C LEU P 180 -30.08 65.54 -52.36
N GLY P 181 -30.72 64.80 -51.43
CA GLY P 181 -31.82 63.90 -51.75
C GLY P 181 -31.34 62.67 -52.54
N TYR P 182 -30.20 62.84 -53.26
CA TYR P 182 -29.69 61.79 -54.13
C TYR P 182 -29.21 60.60 -53.30
N ASN P 183 -30.10 59.64 -53.01
CA ASN P 183 -29.73 58.40 -52.40
C ASN P 183 -28.50 57.81 -53.12
N ILE P 184 -27.31 58.28 -52.70
CA ILE P 184 -26.03 57.80 -53.17
C ILE P 184 -25.11 57.65 -51.96
N ARG P 185 -24.36 56.54 -51.99
CA ARG P 185 -23.43 56.19 -50.95
C ARG P 185 -22.02 56.48 -51.42
N VAL P 186 -21.24 57.22 -50.58
CA VAL P 186 -19.88 57.54 -50.96
C VAL P 186 -18.99 57.08 -49.82
N ASN P 187 -18.11 56.13 -50.17
CA ASN P 187 -17.30 55.43 -49.16
C ASN P 187 -15.81 55.58 -49.47
N SER P 188 -15.00 55.13 -48.50
CA SER P 188 -13.57 55.29 -48.51
C SER P 188 -12.88 54.03 -48.04
N VAL P 189 -12.23 53.31 -48.92
CA VAL P 189 -11.44 52.15 -48.62
C VAL P 189 -9.99 52.58 -48.53
N HIS P 190 -9.19 51.85 -47.77
CA HIS P 190 -7.83 52.29 -47.47
C HIS P 190 -6.88 51.11 -47.52
N PRO P 191 -6.64 50.50 -48.68
CA PRO P 191 -5.76 49.32 -48.76
C PRO P 191 -4.43 49.55 -48.05
N GLY P 192 -4.08 48.58 -47.17
CA GLY P 192 -2.88 48.67 -46.39
C GLY P 192 -1.67 48.32 -47.24
N GLY P 193 -0.55 47.89 -46.63
CA GLY P 193 0.62 47.50 -47.37
C GLY P 193 0.32 46.35 -48.33
N ILE P 194 0.15 46.69 -49.63
CA ILE P 194 -0.39 45.81 -50.64
C ILE P 194 0.73 45.31 -51.59
N ASP P 195 0.80 43.98 -51.73
CA ASP P 195 1.83 43.33 -52.51
C ASP P 195 1.35 43.26 -53.96
N THR P 196 1.58 44.36 -54.67
CA THR P 196 1.34 44.46 -56.09
C THR P 196 2.59 45.10 -56.71
N PRO P 197 2.68 45.21 -58.05
CA PRO P 197 3.61 46.15 -58.69
C PRO P 197 3.73 47.53 -58.04
N MET P 198 2.64 48.07 -57.46
CA MET P 198 2.64 49.43 -56.93
C MET P 198 3.43 49.62 -55.64
N LEU P 199 3.59 48.56 -54.84
CA LEU P 199 4.27 48.67 -53.56
C LEU P 199 5.47 47.74 -53.54
N GLY P 200 6.15 47.65 -54.69
CA GLY P 200 7.34 46.82 -54.84
C GLY P 200 8.61 47.63 -54.56
N SER P 201 9.21 48.17 -55.64
CA SER P 201 10.48 48.90 -55.51
C SER P 201 10.25 50.36 -55.11
N LEU P 202 9.00 50.66 -54.59
CA LEU P 202 8.70 51.90 -53.94
C LEU P 202 9.84 52.27 -52.99
N MET P 203 10.49 51.21 -52.45
CA MET P 203 11.34 51.33 -51.28
C MET P 203 12.75 51.66 -51.69
N ASP P 204 13.04 51.69 -53.02
CA ASP P 204 14.30 52.14 -53.55
C ASP P 204 14.53 53.58 -53.15
N LYS P 205 13.43 54.36 -53.01
CA LYS P 205 13.52 55.77 -52.65
C LYS P 205 13.92 55.96 -51.20
N TYR P 206 13.59 54.97 -50.36
CA TYR P 206 14.12 54.88 -49.01
C TYR P 206 15.64 54.63 -49.07
N VAL P 207 16.07 53.80 -50.04
CA VAL P 207 17.46 53.45 -50.26
C VAL P 207 18.27 54.68 -50.65
N GLU P 208 17.59 55.61 -51.39
CA GLU P 208 18.21 56.86 -51.80
C GLU P 208 18.38 57.79 -50.61
N LEU P 209 17.30 58.44 -50.17
CA LEU P 209 17.39 59.71 -49.43
C LEU P 209 18.16 59.53 -48.15
N GLY P 210 17.83 58.43 -47.42
CA GLY P 210 18.64 57.98 -46.29
C GLY P 210 17.84 57.17 -45.25
N ALA P 211 16.83 56.46 -45.77
CA ALA P 211 15.86 55.76 -44.93
C ALA P 211 16.23 54.27 -44.79
N ALA P 212 16.51 53.63 -45.95
CA ALA P 212 16.76 52.18 -45.97
C ALA P 212 18.07 51.84 -46.66
N PRO P 213 19.02 51.16 -45.95
CA PRO P 213 20.25 50.67 -46.59
C PRO P 213 19.97 49.90 -47.89
N SER P 214 19.01 48.98 -47.85
CA SER P 214 18.52 48.37 -49.07
C SER P 214 17.01 48.15 -48.99
N ARG P 215 16.48 47.67 -50.13
CA ARG P 215 15.06 47.42 -50.27
C ARG P 215 14.65 46.23 -49.44
N GLU P 216 15.58 45.27 -49.18
CA GLU P 216 15.30 44.17 -48.26
C GLU P 216 15.52 44.63 -46.80
N VAL P 217 15.44 45.95 -46.57
CA VAL P 217 15.40 46.50 -45.24
C VAL P 217 14.01 47.09 -45.04
N ALA P 218 13.58 47.92 -46.02
CA ALA P 218 12.22 48.46 -46.05
C ALA P 218 11.18 47.33 -46.14
N GLN P 219 11.62 46.22 -46.72
CA GLN P 219 10.86 44.98 -46.74
C GLN P 219 10.56 44.52 -45.33
N ALA P 220 11.56 44.21 -44.55
CA ALA P 220 11.36 43.77 -43.16
C ALA P 220 10.76 44.91 -42.33
N ALA P 221 10.96 46.16 -42.77
CA ALA P 221 10.34 47.31 -42.16
C ALA P 221 8.82 47.34 -42.46
N MET P 222 8.44 46.97 -43.70
CA MET P 222 7.04 46.97 -44.08
C MET P 222 6.25 45.86 -43.41
N GLU P 223 6.92 44.79 -42.97
CA GLU P 223 6.37 43.74 -42.12
C GLU P 223 5.97 44.33 -40.76
N MET P 224 6.84 45.18 -40.20
CA MET P 224 6.92 45.42 -38.76
C MET P 224 5.95 46.52 -38.38
N ARG P 225 4.90 46.81 -39.23
CA ARG P 225 3.66 47.42 -38.72
C ARG P 225 2.44 46.70 -39.26
N HIS P 226 2.62 45.50 -39.82
CA HIS P 226 1.47 44.65 -40.14
C HIS P 226 1.33 43.54 -39.12
N PRO P 227 0.38 43.66 -38.15
CA PRO P 227 0.06 42.57 -37.23
C PRO P 227 -0.12 41.20 -37.85
N ILE P 228 -0.78 41.18 -38.97
CA ILE P 228 -1.25 39.97 -39.65
C ILE P 228 -0.07 39.28 -40.34
N GLY P 229 1.11 39.91 -40.42
CA GLY P 229 2.37 39.27 -40.78
C GLY P 229 2.87 39.67 -42.16
N ARG P 230 2.09 39.32 -43.17
CA ARG P 230 2.38 39.55 -44.58
C ARG P 230 1.80 40.88 -45.02
N MET P 231 1.77 41.15 -46.32
CA MET P 231 1.11 42.29 -46.90
C MET P 231 -0.25 41.87 -47.42
N GLY P 232 -0.99 42.82 -48.01
CA GLY P 232 -2.24 42.55 -48.71
C GLY P 232 -1.96 41.95 -50.09
N ARG P 233 -2.93 41.14 -50.57
CA ARG P 233 -2.96 40.66 -51.94
C ARG P 233 -3.65 41.70 -52.83
N PRO P 234 -3.54 41.56 -54.18
CA PRO P 234 -4.45 42.25 -55.08
C PRO P 234 -5.89 41.76 -54.83
N ALA P 235 -5.99 40.44 -54.56
CA ALA P 235 -7.25 39.76 -54.39
C ALA P 235 -8.02 40.30 -53.19
N GLU P 236 -7.31 40.65 -52.11
CA GLU P 236 -7.91 40.85 -50.78
C GLU P 236 -8.67 42.17 -50.69
N MET P 237 -8.63 43.03 -51.75
CA MET P 237 -9.40 44.27 -51.68
C MET P 237 -10.79 44.08 -52.20
N GLY P 238 -10.89 43.35 -53.30
CA GLY P 238 -12.16 42.93 -53.94
C GLY P 238 -13.28 42.56 -52.92
N GLY P 239 -12.89 41.76 -51.88
CA GLY P 239 -13.87 41.11 -51.03
C GLY P 239 -15.00 42.05 -50.50
N GLY P 240 -14.56 42.95 -49.61
CA GLY P 240 -15.46 43.92 -49.00
C GLY P 240 -15.76 45.09 -49.93
N VAL P 241 -15.01 45.25 -51.05
CA VAL P 241 -15.35 46.20 -52.06
C VAL P 241 -16.72 45.83 -52.64
N VAL P 242 -16.80 44.59 -53.11
CA VAL P 242 -18.05 44.11 -53.68
C VAL P 242 -19.15 44.34 -52.65
N TYR P 243 -18.81 44.15 -51.38
CA TYR P 243 -19.72 44.38 -50.26
C TYR P 243 -20.24 45.81 -50.28
N LEU P 244 -19.31 46.77 -50.39
CA LEU P 244 -19.63 48.20 -50.38
C LEU P 244 -20.61 48.49 -51.52
N CYS P 245 -20.32 47.90 -52.70
CA CYS P 245 -21.03 48.20 -53.93
C CYS P 245 -22.48 47.66 -53.89
N SER P 246 -22.64 46.54 -53.15
CA SER P 246 -23.91 45.89 -53.03
C SER P 246 -24.80 46.59 -52.02
N ASP P 247 -26.07 46.19 -52.04
CA ASP P 247 -27.08 46.74 -51.15
C ASP P 247 -26.89 46.27 -49.71
N ALA P 248 -25.98 45.28 -49.50
CA ALA P 248 -25.55 44.93 -48.15
C ALA P 248 -25.23 46.22 -47.37
N ALA P 249 -24.49 47.05 -48.10
CA ALA P 249 -24.22 48.44 -47.73
C ALA P 249 -25.42 49.30 -48.12
N SER P 250 -26.61 48.95 -47.58
CA SER P 250 -27.78 49.81 -47.66
C SER P 250 -27.81 50.74 -46.43
N PHE P 251 -26.72 50.75 -45.62
CA PHE P 251 -26.65 51.61 -44.48
C PHE P 251 -25.24 52.16 -44.29
N VAL P 252 -24.39 52.16 -45.31
CA VAL P 252 -22.95 52.34 -45.02
C VAL P 252 -22.31 53.50 -45.76
N THR P 253 -22.39 54.73 -45.22
CA THR P 253 -21.88 55.91 -45.90
C THR P 253 -20.91 56.68 -45.00
N CYS P 254 -20.06 57.48 -45.63
CA CYS P 254 -19.14 58.41 -44.95
C CYS P 254 -18.02 57.64 -44.23
N THR P 255 -17.99 56.30 -44.47
CA THR P 255 -17.35 55.35 -43.54
C THR P 255 -15.96 55.01 -44.04
N GLU P 256 -15.09 54.73 -43.05
CA GLU P 256 -13.68 54.39 -43.24
C GLU P 256 -13.59 52.85 -43.32
N PHE P 257 -13.42 52.36 -44.55
CA PHE P 257 -13.37 50.94 -44.83
C PHE P 257 -11.93 50.47 -44.67
N VAL P 258 -11.62 49.78 -43.54
CA VAL P 258 -10.27 49.46 -43.17
C VAL P 258 -10.09 47.96 -43.43
N MET P 259 -9.01 47.69 -44.18
CA MET P 259 -8.58 46.35 -44.56
C MET P 259 -7.06 46.42 -44.58
N ASP P 260 -6.44 46.65 -43.40
CA ASP P 260 -5.02 47.04 -43.40
C ASP P 260 -4.14 46.04 -42.68
N GLY P 261 -4.64 44.84 -42.42
CA GLY P 261 -3.89 43.80 -41.72
C GLY P 261 -3.52 44.23 -40.28
N GLY P 262 -4.23 45.21 -39.72
CA GLY P 262 -3.92 45.80 -38.45
C GLY P 262 -2.81 46.87 -38.55
N PHE P 263 -2.63 47.41 -39.76
CA PHE P 263 -1.61 48.43 -39.98
C PHE P 263 -1.71 49.54 -38.95
N SER P 264 -2.85 50.20 -38.95
CA SER P 264 -3.02 51.47 -38.28
C SER P 264 -3.49 51.23 -36.86
N GLN P 265 -4.57 50.44 -36.69
CA GLN P 265 -5.38 50.52 -35.48
C GLN P 265 -4.71 49.75 -34.34
N VAL P 266 -3.50 49.27 -34.51
CA VAL P 266 -2.73 48.80 -33.37
C VAL P 266 -1.26 49.10 -33.69
#